data_3MQ6
#
_entry.id   3MQ6
#
_cell.length_a   130.384
_cell.length_b   134.949
_cell.length_c   237.485
_cell.angle_alpha   90.00
_cell.angle_beta   90.00
_cell.angle_gamma   90.00
#
_symmetry.space_group_name_H-M   'P 21 21 21'
#
loop_
_entity.id
_entity.type
_entity.pdbx_description
1 polymer 'SgraIR restriction enzyme'
2 polymer "DNA (5'-D(*AP*AP*GP*TP*CP*CP*AP*CP*CP*GP*GP*TP*GP*GP*AP*CP*T)-3')"
3 non-polymer 'CALCIUM ION'
4 water water
#
loop_
_entity_poly.entity_id
_entity_poly.type
_entity_poly.pdbx_seq_one_letter_code
_entity_poly.pdbx_strand_id
1 'polypeptide(L)'
;PFTYSIEATRNLATTERCIQDIRNAPVRNRSTQFQLAQQNMLAYTFGEVIPGFASAGINGMDYRDVIGRPVENAVTEGTH
FFRDDFRVDSNAKAKVAGDIFEIVSSAVMWNCAARWNSLMVGEGWRSQPRYSRPTLSPSPRRQVAVLNLPRSFDWVSLLV
PESQEVIEEFRAGLRKDGLGLPTSTPDLAVVVLPEEFQNDEMWREEIAGLTRPNQILLSGAYQRLQGRVQPGEISLAVAF
KRSLRSDRLYQPLYEANVMQLLLEGKLGAPKVEFEVHTLAPEGTNAFVTYEAASLYGLAEGRSAVHRAIRELYVPPTAAD
LARRFFAFLNERMELVNG
;
A,B,C,D,E,F,G,H
2 'polydeoxyribonucleotide' (DA)(DA)(DG)(DT)(DC)(DC)(DA)(DC)(DC)(DG)(DG)(DT)(DG)(DG)(DA)(DC)(DT) L,K,N,M,P,O,R,Q
#
loop_
_chem_comp.id
_chem_comp.type
_chem_comp.name
_chem_comp.formula
CA non-polymer 'CALCIUM ION' 'Ca 2'
DA DNA linking 2'-DEOXYADENOSINE-5'-MONOPHOSPHATE 'C10 H14 N5 O6 P'
DC DNA linking 2'-DEOXYCYTIDINE-5'-MONOPHOSPHATE 'C9 H14 N3 O7 P'
DG DNA linking 2'-DEOXYGUANOSINE-5'-MONOPHOSPHATE 'C10 H14 N5 O7 P'
DT DNA linking THYMIDINE-5'-MONOPHOSPHATE 'C10 H15 N2 O8 P'
#
# COMPACT_ATOMS: atom_id res chain seq x y z
N PRO A 1 28.71 -47.19 -8.04
CA PRO A 1 29.25 -48.05 -9.10
C PRO A 1 28.26 -48.10 -10.28
N PHE A 2 28.64 -48.77 -11.37
CA PHE A 2 27.80 -48.77 -12.58
C PHE A 2 26.50 -49.52 -12.30
N THR A 3 26.62 -50.76 -11.83
CA THR A 3 25.48 -51.42 -11.23
C THR A 3 25.21 -50.79 -9.86
N TYR A 4 23.96 -50.45 -9.59
CA TYR A 4 23.60 -49.82 -8.33
C TYR A 4 23.97 -50.71 -7.13
N SER A 5 24.33 -50.09 -6.03
CA SER A 5 24.71 -50.83 -4.82
C SER A 5 24.33 -50.13 -3.52
N ILE A 6 23.51 -50.78 -2.72
CA ILE A 6 23.07 -50.23 -1.44
C ILE A 6 24.25 -49.97 -0.51
N GLU A 7 25.22 -50.88 -0.53
CA GLU A 7 26.39 -50.73 0.34
C GLU A 7 27.15 -49.45 -0.03
N ALA A 8 27.47 -49.32 -1.30
CA ALA A 8 28.16 -48.15 -1.82
C ALA A 8 27.41 -46.86 -1.47
N THR A 9 26.08 -46.90 -1.63
CA THR A 9 25.26 -45.72 -1.38
C THR A 9 25.26 -45.34 0.11
N ARG A 10 25.19 -46.35 0.96
CA ARG A 10 25.17 -46.11 2.40
C ARG A 10 26.48 -45.48 2.89
N ASN A 11 27.55 -45.71 2.13
CA ASN A 11 28.88 -45.24 2.49
C ASN A 11 29.23 -43.83 2.00
N LEU A 12 28.37 -43.23 1.20
CA LEU A 12 28.66 -41.88 0.73
C LEU A 12 28.45 -40.89 1.85
N ALA A 13 29.30 -39.88 1.90
CA ALA A 13 29.05 -38.75 2.78
C ALA A 13 27.75 -38.11 2.33
N THR A 14 27.15 -37.32 3.21
CA THR A 14 25.89 -36.68 2.90
C THR A 14 26.00 -35.84 1.62
N THR A 15 27.13 -35.17 1.44
CA THR A 15 27.29 -34.23 0.34
C THR A 15 27.73 -34.88 -0.97
N GLU A 16 27.93 -36.21 -0.94
CA GLU A 16 28.33 -36.97 -2.11
C GLU A 16 27.16 -37.74 -2.69
N ARG A 17 26.00 -37.66 -2.06
CA ARG A 17 24.87 -38.43 -2.56
C ARG A 17 24.32 -37.87 -3.88
N CYS A 18 23.82 -38.77 -4.74
CA CYS A 18 23.30 -38.40 -6.06
C CYS A 18 22.08 -37.49 -6.00
N ILE A 19 21.24 -37.69 -4.98
CA ILE A 19 20.12 -36.79 -4.75
C ILE A 19 20.37 -35.90 -3.54
N GLN A 20 20.30 -34.60 -3.74
CA GLN A 20 20.49 -33.66 -2.66
C GLN A 20 19.14 -33.08 -2.22
N ASP A 21 18.83 -33.26 -0.93
CA ASP A 21 17.56 -32.76 -0.37
C ASP A 21 17.64 -31.27 -0.13
N ILE A 22 16.82 -30.50 -0.85
CA ILE A 22 16.81 -29.06 -0.70
C ILE A 22 15.40 -28.54 -0.40
N ARG A 23 14.63 -29.33 0.35
CA ARG A 23 13.26 -28.97 0.72
C ARG A 23 13.25 -27.95 1.85
N ARG A 30 6.05 -29.43 10.31
CA ARG A 30 5.07 -30.08 9.44
C ARG A 30 5.28 -29.74 7.95
N SER A 31 4.64 -30.52 7.09
CA SER A 31 4.81 -30.40 5.65
C SER A 31 3.66 -29.64 5.00
N THR A 32 2.65 -29.32 5.79
CA THR A 32 1.49 -28.56 5.34
C THR A 32 1.87 -27.37 4.48
N GLN A 33 1.10 -27.15 3.41
CA GLN A 33 1.36 -26.07 2.46
C GLN A 33 0.35 -24.96 2.60
N PHE A 34 -0.92 -25.32 2.60
CA PHE A 34 -1.99 -24.34 2.76
C PHE A 34 -2.84 -24.68 3.98
N GLN A 35 -2.94 -23.72 4.88
CA GLN A 35 -3.66 -23.96 6.12
C GLN A 35 -5.11 -23.56 5.90
N LEU A 36 -6.04 -24.41 6.30
CA LEU A 36 -7.44 -24.01 6.37
C LEU A 36 -7.62 -23.14 7.61
N ALA A 37 -7.82 -21.83 7.44
CA ALA A 37 -7.97 -20.94 8.60
C ALA A 37 -9.43 -20.95 9.10
N GLN A 38 -9.73 -21.88 10.00
CA GLN A 38 -11.12 -22.19 10.30
C GLN A 38 -11.86 -21.02 10.94
N GLN A 39 -11.19 -20.27 11.81
CA GLN A 39 -11.81 -19.11 12.42
C GLN A 39 -12.11 -18.03 11.37
N ASN A 40 -11.17 -17.78 10.47
CA ASN A 40 -11.45 -16.93 9.32
C ASN A 40 -12.62 -17.47 8.48
N MET A 41 -12.71 -18.79 8.40
CA MET A 41 -13.70 -19.39 7.53
C MET A 41 -15.07 -19.18 8.09
N LEU A 42 -15.20 -19.37 9.41
CA LEU A 42 -16.46 -19.08 10.08
C LEU A 42 -16.85 -17.59 9.90
N ALA A 43 -15.90 -16.68 10.08
CA ALA A 43 -16.22 -15.26 9.94
C ALA A 43 -16.70 -14.93 8.53
N TYR A 44 -16.08 -15.57 7.54
CA TYR A 44 -16.45 -15.35 6.14
C TYR A 44 -17.83 -15.92 5.78
N THR A 45 -18.05 -17.21 6.01
CA THR A 45 -19.33 -17.83 5.64
C THR A 45 -20.47 -17.50 6.59
N PHE A 46 -20.17 -17.40 7.88
CA PHE A 46 -21.22 -17.16 8.84
C PHE A 46 -21.11 -15.81 9.57
N GLY A 47 -20.35 -14.89 8.99
CA GLY A 47 -20.22 -13.54 9.55
C GLY A 47 -21.55 -12.89 9.86
N GLU A 48 -22.56 -13.17 9.05
CA GLU A 48 -23.83 -12.49 9.19
C GLU A 48 -25.02 -13.43 9.18
N VAL A 49 -24.76 -14.72 9.39
CA VAL A 49 -25.80 -15.72 9.38
C VAL A 49 -25.62 -16.74 10.50
N ILE A 50 -26.63 -16.90 11.32
CA ILE A 50 -26.62 -18.02 12.24
C ILE A 50 -27.74 -18.92 11.72
N PRO A 51 -27.37 -20.09 11.17
CA PRO A 51 -28.41 -20.96 10.63
C PRO A 51 -29.56 -21.14 11.63
N GLY A 52 -30.79 -21.07 11.15
CA GLY A 52 -31.95 -21.24 12.00
C GLY A 52 -32.47 -19.90 12.50
N PHE A 53 -31.71 -18.83 12.26
CA PHE A 53 -32.09 -17.48 12.67
C PHE A 53 -31.91 -16.49 11.51
N ALA A 54 -31.87 -17.02 10.30
CA ALA A 54 -31.58 -16.19 9.15
C ALA A 54 -32.71 -16.31 8.15
N SER A 55 -32.42 -16.16 6.87
CA SER A 55 -33.43 -16.36 5.84
C SER A 55 -34.05 -17.76 5.97
N ALA A 56 -35.32 -17.86 5.63
CA ALA A 56 -36.01 -19.14 5.61
C ALA A 56 -35.26 -20.14 4.72
N GLY A 57 -34.56 -19.64 3.71
CA GLY A 57 -33.76 -20.48 2.84
C GLY A 57 -32.65 -21.21 3.59
N ILE A 58 -31.83 -20.46 4.33
CA ILE A 58 -30.78 -21.07 5.13
C ILE A 58 -31.37 -21.93 6.26
N ASN A 59 -32.44 -21.46 6.90
CA ASN A 59 -33.00 -22.22 8.01
C ASN A 59 -33.53 -23.58 7.58
N GLY A 60 -34.04 -23.66 6.35
CA GLY A 60 -34.70 -24.87 5.89
C GLY A 60 -33.78 -25.78 5.09
N MET A 61 -32.60 -25.28 4.77
CA MET A 61 -31.65 -25.99 3.92
C MET A 61 -31.05 -27.25 4.61
N ASP A 62 -30.69 -28.24 3.81
CA ASP A 62 -30.02 -29.46 4.26
C ASP A 62 -28.85 -29.09 5.17
N TYR A 63 -28.94 -29.46 6.45
CA TYR A 63 -27.95 -29.02 7.41
C TYR A 63 -26.54 -29.43 6.95
N ARG A 64 -26.40 -30.63 6.40
CA ARG A 64 -25.11 -31.06 5.84
C ARG A 64 -24.56 -30.05 4.85
N ASP A 65 -25.43 -29.44 4.04
CA ASP A 65 -24.98 -28.43 3.08
C ASP A 65 -24.49 -27.16 3.80
N VAL A 66 -25.19 -26.79 4.86
CA VAL A 66 -24.80 -25.61 5.64
C VAL A 66 -23.41 -25.80 6.27
N ILE A 67 -23.28 -26.85 7.06
CA ILE A 67 -22.00 -27.15 7.70
C ILE A 67 -20.86 -27.30 6.70
N GLY A 68 -21.18 -27.72 5.48
CA GLY A 68 -20.15 -27.94 4.46
C GLY A 68 -19.76 -26.67 3.71
N ARG A 69 -20.59 -25.64 3.82
CA ARG A 69 -20.36 -24.41 3.05
C ARG A 69 -18.98 -23.74 3.27
N PRO A 70 -18.51 -23.60 4.52
CA PRO A 70 -17.21 -22.96 4.77
C PRO A 70 -15.99 -23.68 4.13
N VAL A 71 -15.92 -25.00 4.23
CA VAL A 71 -14.84 -25.68 3.52
C VAL A 71 -14.97 -25.46 2.01
N GLU A 72 -16.19 -25.48 1.51
CA GLU A 72 -16.44 -25.23 0.08
C GLU A 72 -16.00 -23.82 -0.34
N ASN A 73 -16.37 -22.83 0.48
CA ASN A 73 -15.97 -21.44 0.23
C ASN A 73 -14.46 -21.27 0.33
N ALA A 74 -13.83 -22.00 1.24
CA ALA A 74 -12.39 -21.93 1.40
C ALA A 74 -11.66 -22.59 0.23
N VAL A 75 -12.26 -23.63 -0.34
CA VAL A 75 -11.66 -24.35 -1.46
C VAL A 75 -11.70 -23.45 -2.69
N THR A 76 -12.86 -22.83 -2.91
CA THR A 76 -13.05 -21.82 -3.94
C THR A 76 -12.06 -20.66 -3.78
N GLU A 77 -11.85 -20.20 -2.54
CA GLU A 77 -10.89 -19.12 -2.33
C GLU A 77 -9.48 -19.59 -2.69
N GLY A 78 -9.08 -20.75 -2.17
CA GLY A 78 -7.76 -21.30 -2.44
C GLY A 78 -7.48 -21.45 -3.93
N THR A 79 -8.47 -21.95 -4.66
CA THR A 79 -8.36 -22.16 -6.11
C THR A 79 -8.16 -20.83 -6.83
N HIS A 80 -8.84 -19.80 -6.37
CA HIS A 80 -8.72 -18.48 -6.99
C HIS A 80 -7.28 -18.00 -6.90
N PHE A 81 -6.74 -18.03 -5.68
CA PHE A 81 -5.45 -17.42 -5.40
C PHE A 81 -4.25 -18.27 -5.79
N PHE A 82 -4.40 -19.59 -5.74
CA PHE A 82 -3.25 -20.47 -5.89
C PHE A 82 -3.39 -21.47 -7.04
N ARG A 83 -4.55 -21.43 -7.69
CA ARG A 83 -4.76 -22.17 -8.93
C ARG A 83 -4.48 -23.66 -8.80
N ASP A 84 -3.71 -24.19 -9.75
CA ASP A 84 -3.45 -25.61 -9.80
C ASP A 84 -2.37 -26.01 -8.80
N ASP A 85 -1.87 -25.05 -8.05
CA ASP A 85 -0.98 -25.36 -6.92
C ASP A 85 -1.77 -25.70 -5.64
N PHE A 86 -3.05 -25.35 -5.61
CA PHE A 86 -3.85 -25.50 -4.39
C PHE A 86 -4.17 -26.95 -4.08
N ARG A 87 -3.96 -27.33 -2.82
CA ARG A 87 -4.09 -28.71 -2.37
C ARG A 87 -4.20 -28.71 -0.85
N VAL A 88 -5.26 -29.30 -0.31
CA VAL A 88 -5.29 -29.58 1.13
C VAL A 88 -5.62 -31.05 1.41
N ASP A 89 -5.01 -31.58 2.46
CA ASP A 89 -5.18 -32.97 2.89
C ASP A 89 -6.60 -33.25 3.43
N SER A 90 -7.09 -34.47 3.21
CA SER A 90 -8.41 -34.83 3.71
C SER A 90 -8.47 -34.75 5.24
N ASN A 91 -7.33 -34.91 5.91
CA ASN A 91 -7.29 -34.80 7.37
C ASN A 91 -7.49 -33.37 7.86
N ALA A 92 -7.14 -32.38 7.02
CA ALA A 92 -7.38 -30.97 7.32
C ALA A 92 -8.86 -30.68 7.23
N LYS A 93 -9.42 -31.02 6.09
CA LYS A 93 -10.83 -30.85 5.85
C LYS A 93 -11.62 -31.57 6.93
N ALA A 94 -11.13 -32.73 7.36
CA ALA A 94 -11.85 -33.54 8.34
C ALA A 94 -11.84 -32.81 9.68
N LYS A 95 -10.67 -32.37 10.08
CA LYS A 95 -10.52 -31.66 11.35
C LYS A 95 -11.37 -30.40 11.38
N VAL A 96 -11.29 -29.58 10.32
CA VAL A 96 -12.02 -28.32 10.31
C VAL A 96 -13.54 -28.53 10.20
N ALA A 97 -13.95 -29.49 9.37
CA ALA A 97 -15.38 -29.76 9.22
C ALA A 97 -16.03 -30.11 10.54
N GLY A 98 -15.30 -30.88 11.34
CA GLY A 98 -15.77 -31.28 12.65
C GLY A 98 -15.89 -30.07 13.55
N ASP A 99 -14.84 -29.27 13.67
CA ASP A 99 -14.91 -28.11 14.55
C ASP A 99 -16.06 -27.19 14.11
N ILE A 100 -16.18 -27.03 12.80
CA ILE A 100 -17.23 -26.20 12.26
C ILE A 100 -18.62 -26.74 12.62
N PHE A 101 -18.83 -28.05 12.46
CA PHE A 101 -20.09 -28.67 12.84
C PHE A 101 -20.42 -28.35 14.30
N GLU A 102 -19.39 -28.43 15.14
CA GLU A 102 -19.59 -28.21 16.56
C GLU A 102 -19.83 -26.75 16.86
N ILE A 103 -18.99 -25.86 16.31
CA ILE A 103 -19.10 -24.43 16.61
C ILE A 103 -20.41 -23.85 16.12
N VAL A 104 -20.83 -24.23 14.92
CA VAL A 104 -22.04 -23.68 14.35
C VAL A 104 -23.30 -24.14 15.09
N SER A 105 -23.42 -25.44 15.34
CA SER A 105 -24.58 -25.95 16.08
C SER A 105 -24.63 -25.31 17.47
N SER A 106 -23.48 -25.11 18.10
CA SER A 106 -23.46 -24.49 19.43
C SER A 106 -23.92 -23.04 19.36
N ALA A 107 -23.76 -22.43 18.20
CA ALA A 107 -24.23 -21.06 18.02
C ALA A 107 -25.75 -21.04 17.81
N VAL A 108 -26.26 -21.99 17.03
CA VAL A 108 -27.70 -22.12 16.94
C VAL A 108 -28.21 -22.21 18.36
N MET A 109 -27.63 -23.10 19.15
CA MET A 109 -28.17 -23.32 20.50
C MET A 109 -28.02 -22.07 21.40
N TRP A 110 -26.93 -21.33 21.24
CA TRP A 110 -26.77 -20.05 21.92
C TRP A 110 -27.94 -19.09 21.64
N ASN A 111 -28.29 -18.94 20.36
CA ASN A 111 -29.41 -18.06 20.03
C ASN A 111 -30.77 -18.54 20.51
N CYS A 112 -31.00 -19.85 20.50
CA CYS A 112 -32.21 -20.36 21.14
C CYS A 112 -32.22 -19.98 22.62
N ALA A 113 -31.07 -20.12 23.26
CA ALA A 113 -30.94 -19.80 24.68
C ALA A 113 -31.23 -18.33 24.96
N ALA A 114 -30.72 -17.46 24.10
CA ALA A 114 -30.97 -16.02 24.23
C ALA A 114 -32.44 -15.72 24.07
N ARG A 115 -33.06 -16.25 23.02
CA ARG A 115 -34.49 -16.03 22.78
C ARG A 115 -35.35 -16.61 23.89
N TRP A 116 -34.89 -17.70 24.49
CA TRP A 116 -35.61 -18.34 25.58
C TRP A 116 -35.43 -17.57 26.87
N ASN A 117 -34.22 -17.07 27.11
CA ASN A 117 -33.96 -16.26 28.29
C ASN A 117 -34.79 -14.97 28.24
N SER A 118 -34.74 -14.29 27.10
CA SER A 118 -35.53 -13.08 26.89
C SER A 118 -37.03 -13.28 27.25
N LEU A 119 -37.54 -14.50 27.08
CA LEU A 119 -38.95 -14.80 27.42
C LEU A 119 -39.12 -15.16 28.89
N MET A 120 -38.13 -15.84 29.46
CA MET A 120 -38.14 -16.21 30.87
C MET A 120 -38.17 -14.96 31.75
N VAL A 121 -37.64 -13.86 31.20
CA VAL A 121 -37.42 -12.65 31.98
C VAL A 121 -38.54 -11.65 31.74
N GLY A 122 -39.45 -11.99 30.83
CA GLY A 122 -40.66 -11.21 30.62
C GLY A 122 -40.66 -10.22 29.47
N GLU A 123 -39.74 -10.38 28.53
CA GLU A 123 -39.71 -9.52 27.35
C GLU A 123 -40.48 -10.11 26.17
N GLY A 124 -41.33 -11.10 26.41
CA GLY A 124 -42.10 -11.68 25.31
C GLY A 124 -41.32 -12.65 24.41
N TRP A 125 -41.90 -12.97 23.25
CA TRP A 125 -41.32 -14.00 22.38
C TRP A 125 -41.05 -13.49 20.97
N ARG A 126 -39.78 -13.26 20.66
CA ARG A 126 -39.33 -12.81 19.33
C ARG A 126 -39.96 -13.66 18.25
N SER A 127 -40.36 -13.04 17.16
CA SER A 127 -41.21 -13.68 16.16
C SER A 127 -40.51 -13.96 14.81
N GLN A 128 -39.25 -13.55 14.71
CA GLN A 128 -38.49 -13.73 13.47
C GLN A 128 -37.14 -14.42 13.75
N PRO A 129 -36.97 -15.64 13.22
CA PRO A 129 -37.99 -16.36 12.46
C PRO A 129 -39.08 -16.89 13.39
N ARG A 130 -40.21 -17.29 12.82
CA ARG A 130 -41.32 -17.80 13.61
C ARG A 130 -41.00 -19.20 14.17
N TYR A 131 -41.03 -19.32 15.49
CA TYR A 131 -40.94 -20.62 16.17
C TYR A 131 -42.05 -20.64 17.21
N SER A 132 -42.62 -21.82 17.47
CA SER A 132 -43.73 -21.92 18.42
C SER A 132 -43.32 -21.46 19.81
N ARG A 133 -44.13 -20.58 20.39
CA ARG A 133 -43.86 -20.02 21.71
C ARG A 133 -43.94 -21.08 22.79
N PRO A 134 -42.85 -21.28 23.52
CA PRO A 134 -42.85 -22.22 24.65
C PRO A 134 -44.08 -21.99 25.54
N THR A 135 -44.54 -23.05 26.20
CA THR A 135 -45.72 -22.92 27.07
C THR A 135 -45.39 -22.86 28.54
N LEU A 136 -44.19 -23.28 28.91
CA LEU A 136 -43.77 -23.23 30.31
C LEU A 136 -44.05 -21.81 30.82
N SER A 137 -44.44 -21.69 32.09
CA SER A 137 -44.65 -20.36 32.63
C SER A 137 -43.30 -19.68 32.86
N PRO A 138 -43.14 -18.45 32.37
CA PRO A 138 -41.85 -17.77 32.42
C PRO A 138 -41.34 -17.52 33.84
N SER A 139 -40.03 -17.45 33.98
CA SER A 139 -39.41 -17.11 35.24
C SER A 139 -37.94 -16.87 35.01
N PRO A 140 -37.40 -15.82 35.65
CA PRO A 140 -35.96 -15.55 35.64
C PRO A 140 -35.13 -16.76 36.04
N ARG A 141 -35.66 -17.64 36.90
CA ARG A 141 -34.87 -18.77 37.40
C ARG A 141 -34.79 -19.94 36.42
N ARG A 142 -35.52 -19.84 35.32
CA ARG A 142 -35.50 -20.86 34.30
C ARG A 142 -34.61 -20.47 33.11
N GLN A 143 -33.74 -19.47 33.30
CA GLN A 143 -32.79 -19.06 32.26
C GLN A 143 -31.66 -20.07 32.14
N VAL A 144 -31.09 -20.20 30.94
CA VAL A 144 -29.96 -21.11 30.77
C VAL A 144 -28.81 -20.45 30.05
N ALA A 145 -27.62 -21.03 30.21
CA ALA A 145 -26.45 -20.65 29.45
C ALA A 145 -25.97 -21.85 28.62
N VAL A 146 -25.71 -21.61 27.34
CA VAL A 146 -25.10 -22.62 26.47
C VAL A 146 -23.59 -22.47 26.50
N LEU A 147 -22.90 -23.54 26.91
CA LEU A 147 -21.46 -23.49 27.08
C LEU A 147 -20.74 -24.46 26.16
N ASN A 148 -20.17 -23.90 25.09
CA ASN A 148 -19.26 -24.64 24.23
C ASN A 148 -17.95 -24.81 24.97
N LEU A 149 -17.63 -26.06 25.31
CA LEU A 149 -16.50 -26.33 26.20
C LEU A 149 -15.23 -26.53 25.38
N PRO A 150 -14.12 -25.96 25.85
CA PRO A 150 -12.87 -25.90 25.08
C PRO A 150 -12.14 -27.21 25.11
N ARG A 151 -11.16 -27.34 24.21
CA ARG A 151 -10.29 -28.49 24.21
C ARG A 151 -9.56 -28.52 25.53
N SER A 152 -9.42 -29.73 26.08
CA SER A 152 -8.68 -29.92 27.33
C SER A 152 -9.50 -29.65 28.59
N PHE A 153 -10.77 -29.28 28.45
CA PHE A 153 -11.63 -28.98 29.62
C PHE A 153 -11.84 -30.17 30.55
N ASP A 154 -12.12 -29.88 31.81
CA ASP A 154 -12.65 -30.87 32.75
C ASP A 154 -14.01 -30.35 33.24
N TRP A 155 -15.09 -31.03 32.87
CA TRP A 155 -16.43 -30.56 33.21
C TRP A 155 -16.62 -30.36 34.72
N VAL A 156 -15.90 -31.11 35.53
CA VAL A 156 -16.05 -30.94 36.97
C VAL A 156 -15.76 -29.48 37.38
N SER A 157 -14.92 -28.78 36.61
CA SER A 157 -14.58 -27.41 36.97
C SER A 157 -15.76 -26.44 36.89
N LEU A 158 -16.88 -26.87 36.32
CA LEU A 158 -18.12 -26.08 36.34
C LEU A 158 -18.79 -26.07 37.72
N LEU A 159 -18.56 -27.12 38.48
CA LEU A 159 -19.28 -27.28 39.73
C LEU A 159 -18.85 -26.27 40.79
N VAL A 160 -19.83 -25.72 41.49
CA VAL A 160 -19.56 -24.99 42.72
C VAL A 160 -18.49 -25.74 43.51
N PRO A 161 -17.63 -25.01 44.23
CA PRO A 161 -16.48 -25.62 44.90
C PRO A 161 -16.85 -26.75 45.86
N GLU A 162 -17.97 -26.62 46.59
CA GLU A 162 -18.36 -27.67 47.52
C GLU A 162 -18.54 -29.02 46.82
N SER A 163 -19.09 -29.00 45.60
CA SER A 163 -19.29 -30.23 44.85
C SER A 163 -17.96 -30.80 44.36
N GLN A 164 -17.04 -29.93 43.96
CA GLN A 164 -15.72 -30.40 43.58
C GLN A 164 -15.05 -31.14 44.73
N GLU A 165 -15.22 -30.62 45.95
CA GLU A 165 -14.66 -31.28 47.13
C GLU A 165 -15.22 -32.69 47.26
N VAL A 166 -16.54 -32.80 47.18
CA VAL A 166 -17.17 -34.10 47.31
C VAL A 166 -16.52 -35.08 46.34
N ILE A 167 -16.42 -34.66 45.08
CA ILE A 167 -15.83 -35.51 44.05
C ILE A 167 -14.36 -35.75 44.34
N GLU A 168 -13.64 -34.68 44.69
CA GLU A 168 -12.21 -34.79 44.99
C GLU A 168 -11.95 -35.79 46.11
N GLU A 169 -12.75 -35.72 47.17
CA GLU A 169 -12.54 -36.62 48.28
C GLU A 169 -12.65 -38.05 47.77
N PHE A 170 -13.73 -38.30 47.02
CA PHE A 170 -14.02 -39.61 46.46
C PHE A 170 -12.84 -40.14 45.66
N ARG A 171 -12.23 -39.27 44.87
CA ARG A 171 -11.04 -39.63 44.09
C ARG A 171 -9.84 -39.95 44.98
N ALA A 172 -9.66 -39.17 46.05
CA ALA A 172 -8.56 -39.42 46.98
C ALA A 172 -8.55 -40.89 47.40
N GLY A 173 -9.70 -41.37 47.87
CA GLY A 173 -9.84 -42.76 48.25
C GLY A 173 -9.33 -43.70 47.19
N LEU A 174 -9.50 -43.31 45.93
CA LEU A 174 -9.09 -44.15 44.81
C LEU A 174 -7.60 -44.00 44.52
N ARG A 175 -7.15 -42.76 44.35
CA ARG A 175 -5.75 -42.52 44.00
C ARG A 175 -4.80 -43.17 44.99
N LYS A 176 -5.26 -43.35 46.23
CA LYS A 176 -4.46 -43.99 47.25
C LYS A 176 -4.12 -45.43 46.85
N ASP A 177 -4.96 -46.03 46.01
CA ASP A 177 -4.80 -47.44 45.67
C ASP A 177 -4.41 -47.65 44.22
N GLY A 178 -3.97 -46.59 43.55
CA GLY A 178 -3.51 -46.69 42.18
C GLY A 178 -4.61 -46.57 41.15
N LEU A 179 -5.82 -46.28 41.62
CA LEU A 179 -6.94 -46.05 40.75
C LEU A 179 -7.20 -44.55 40.70
N GLY A 180 -8.03 -44.15 39.75
CA GLY A 180 -8.50 -42.79 39.67
C GLY A 180 -9.84 -42.83 38.98
N LEU A 181 -10.49 -41.69 38.80
CA LEU A 181 -11.64 -41.62 37.92
C LEU A 181 -11.63 -40.27 37.21
N PRO A 182 -10.68 -40.10 36.28
CA PRO A 182 -10.56 -38.86 35.53
C PRO A 182 -11.86 -38.52 34.83
N THR A 183 -12.19 -37.24 34.77
CA THR A 183 -13.29 -36.75 33.96
C THR A 183 -12.69 -35.94 32.82
N SER A 184 -13.26 -36.08 31.62
CA SER A 184 -12.90 -35.20 30.51
C SER A 184 -14.00 -34.19 30.25
N THR A 185 -14.74 -34.37 29.16
CA THR A 185 -15.65 -33.31 28.76
C THR A 185 -16.54 -33.64 27.55
N PRO A 186 -17.82 -33.27 27.63
CA PRO A 186 -18.68 -33.23 26.44
C PRO A 186 -18.25 -32.03 25.62
N ASP A 187 -18.76 -31.86 24.40
CA ASP A 187 -18.46 -30.69 23.58
C ASP A 187 -19.14 -29.48 24.13
N LEU A 188 -20.32 -29.72 24.69
CA LEU A 188 -21.22 -28.67 25.12
C LEU A 188 -22.00 -29.05 26.37
N ALA A 189 -22.28 -28.05 27.20
CA ALA A 189 -23.17 -28.19 28.33
C ALA A 189 -24.12 -26.99 28.41
N VAL A 190 -25.41 -27.25 28.53
CA VAL A 190 -26.38 -26.22 28.88
C VAL A 190 -26.57 -26.30 30.40
N VAL A 191 -26.46 -25.17 31.09
CA VAL A 191 -26.63 -25.14 32.54
C VAL A 191 -27.66 -24.10 32.91
N VAL A 192 -28.41 -24.33 33.99
CA VAL A 192 -29.28 -23.30 34.52
C VAL A 192 -28.39 -22.12 34.89
N LEU A 193 -28.81 -20.94 34.48
CA LEU A 193 -28.04 -19.74 34.76
C LEU A 193 -28.02 -19.52 36.26
N PRO A 194 -26.82 -19.29 36.82
CA PRO A 194 -26.61 -19.08 38.25
C PRO A 194 -27.42 -17.89 38.74
N GLU A 195 -27.95 -17.98 39.95
CA GLU A 195 -28.87 -16.96 40.46
C GLU A 195 -28.28 -15.56 40.34
N GLU A 196 -27.00 -15.44 40.65
CA GLU A 196 -26.28 -14.17 40.63
C GLU A 196 -26.18 -13.51 39.25
N PHE A 197 -26.49 -14.26 38.19
CA PHE A 197 -26.35 -13.71 36.84
C PHE A 197 -27.70 -13.45 36.21
N GLN A 198 -28.76 -13.71 36.95
CA GLN A 198 -30.07 -13.76 36.32
C GLN A 198 -30.60 -12.43 35.81
N ASN A 199 -29.98 -11.33 36.19
CA ASN A 199 -30.31 -10.06 35.55
C ASN A 199 -29.26 -9.50 34.60
N ASP A 200 -28.27 -10.32 34.24
CA ASP A 200 -27.24 -9.87 33.30
C ASP A 200 -27.78 -9.86 31.87
N GLU A 201 -27.64 -8.74 31.19
CA GLU A 201 -28.18 -8.59 29.84
C GLU A 201 -27.59 -9.55 28.80
N MET A 202 -26.31 -9.87 28.92
CA MET A 202 -25.65 -10.59 27.82
C MET A 202 -26.36 -11.90 27.46
N TRP A 203 -26.80 -12.65 28.47
CA TRP A 203 -27.44 -13.94 28.23
C TRP A 203 -28.76 -13.89 27.44
N ARG A 204 -29.27 -12.70 27.14
CA ARG A 204 -30.52 -12.62 26.40
C ARG A 204 -30.34 -12.11 24.99
N GLU A 205 -29.10 -11.82 24.62
CA GLU A 205 -28.84 -11.23 23.31
C GLU A 205 -28.45 -12.28 22.29
N GLU A 206 -29.23 -12.36 21.21
CA GLU A 206 -28.90 -13.24 20.10
C GLU A 206 -27.80 -12.59 19.28
N ILE A 207 -26.91 -13.40 18.71
CA ILE A 207 -25.81 -12.86 17.89
C ILE A 207 -26.15 -12.91 16.41
N ALA A 208 -25.54 -12.01 15.65
CA ALA A 208 -25.89 -11.85 14.24
C ALA A 208 -25.11 -12.79 13.35
N GLY A 209 -23.91 -13.15 13.78
CA GLY A 209 -23.08 -14.07 12.99
C GLY A 209 -21.82 -14.42 13.74
N LEU A 210 -21.09 -15.41 13.24
CA LEU A 210 -19.85 -15.82 13.86
C LEU A 210 -18.65 -14.95 13.48
N THR A 211 -18.75 -13.65 13.74
CA THR A 211 -17.61 -12.76 13.60
C THR A 211 -16.58 -13.23 14.59
N ARG A 212 -15.35 -12.73 14.50
CA ARG A 212 -14.36 -13.18 15.46
C ARG A 212 -14.70 -12.80 16.92
N PRO A 213 -15.17 -11.56 17.14
CA PRO A 213 -15.63 -11.18 18.47
C PRO A 213 -16.73 -12.10 19.03
N ASN A 214 -17.75 -12.40 18.23
CA ASN A 214 -18.75 -13.36 18.65
C ASN A 214 -18.21 -14.79 18.84
N GLN A 215 -17.21 -15.18 18.07
CA GLN A 215 -16.63 -16.51 18.23
C GLN A 215 -16.02 -16.59 19.62
N ILE A 216 -15.26 -15.57 19.99
CA ILE A 216 -14.61 -15.50 21.30
C ILE A 216 -15.66 -15.48 22.43
N LEU A 217 -16.72 -14.72 22.21
CA LEU A 217 -17.80 -14.66 23.20
C LEU A 217 -18.34 -16.05 23.52
N LEU A 218 -18.75 -16.80 22.49
CA LEU A 218 -19.27 -18.17 22.66
C LEU A 218 -18.27 -19.17 23.20
N SER A 219 -17.03 -19.06 22.75
CA SER A 219 -16.00 -20.04 23.08
C SER A 219 -15.38 -19.81 24.47
N GLY A 220 -15.61 -18.62 25.03
CA GLY A 220 -15.10 -18.28 26.36
C GLY A 220 -16.17 -18.10 27.43
N ALA A 221 -17.43 -18.30 27.06
CA ALA A 221 -18.54 -18.16 28.02
C ALA A 221 -18.42 -19.11 29.23
N TYR A 222 -17.79 -20.26 29.04
CA TYR A 222 -17.66 -21.26 30.11
C TYR A 222 -16.84 -20.68 31.26
N GLN A 223 -15.83 -19.87 30.91
CA GLN A 223 -14.97 -19.25 31.92
C GLN A 223 -15.78 -18.49 32.97
N ARG A 224 -16.92 -17.94 32.57
CA ARG A 224 -17.72 -17.10 33.46
C ARG A 224 -18.57 -17.89 34.42
N LEU A 225 -18.81 -19.15 34.11
CA LEU A 225 -19.63 -20.02 34.94
C LEU A 225 -18.83 -21.06 35.71
N GLN A 226 -17.53 -21.16 35.44
CA GLN A 226 -16.72 -22.12 36.16
C GLN A 226 -16.89 -21.91 37.65
N GLY A 227 -17.00 -23.01 38.40
CA GLY A 227 -17.14 -22.95 39.83
C GLY A 227 -18.43 -22.30 40.31
N ARG A 228 -19.51 -22.40 39.52
CA ARG A 228 -20.77 -21.74 39.85
C ARG A 228 -22.02 -22.59 39.61
N VAL A 229 -21.86 -23.77 39.04
CA VAL A 229 -22.99 -24.61 38.68
C VAL A 229 -23.29 -25.65 39.76
N GLN A 230 -24.55 -25.74 40.17
CA GLN A 230 -25.01 -26.79 41.07
C GLN A 230 -25.15 -28.09 40.28
N PRO A 231 -24.79 -29.22 40.89
CA PRO A 231 -24.75 -30.52 40.21
C PRO A 231 -26.06 -30.80 39.49
N GLY A 232 -27.17 -30.38 40.07
CA GLY A 232 -28.46 -30.58 39.45
C GLY A 232 -28.75 -29.63 38.30
N GLU A 233 -27.98 -28.56 38.18
CA GLU A 233 -28.27 -27.51 37.21
C GLU A 233 -27.61 -27.73 35.84
N ILE A 234 -26.85 -28.81 35.70
CA ILE A 234 -26.34 -29.23 34.39
C ILE A 234 -27.47 -29.94 33.65
N SER A 235 -28.06 -29.24 32.70
CA SER A 235 -29.36 -29.62 32.13
C SER A 235 -29.27 -30.48 30.89
N LEU A 236 -28.22 -30.28 30.11
CA LEU A 236 -28.01 -31.04 28.88
C LEU A 236 -26.53 -31.07 28.52
N ALA A 237 -26.03 -32.26 28.18
CA ALA A 237 -24.70 -32.38 27.65
C ALA A 237 -24.82 -32.85 26.21
N VAL A 238 -24.03 -32.29 25.30
CA VAL A 238 -24.06 -32.71 23.91
C VAL A 238 -22.68 -33.07 23.39
N ALA A 239 -22.59 -34.17 22.66
CA ALA A 239 -21.37 -34.50 21.92
C ALA A 239 -21.72 -34.43 20.45
N PHE A 240 -20.93 -33.67 19.69
CA PHE A 240 -21.09 -33.56 18.26
C PHE A 240 -20.05 -34.39 17.54
N LYS A 241 -20.49 -35.23 16.60
CA LYS A 241 -19.58 -35.95 15.73
C LYS A 241 -20.16 -35.87 14.33
N ARG A 242 -19.49 -35.21 13.39
CA ARG A 242 -20.14 -34.92 12.12
C ARG A 242 -20.54 -36.21 11.37
N SER A 243 -19.67 -37.23 11.42
CA SER A 243 -20.03 -38.57 10.94
C SER A 243 -19.59 -39.61 11.97
N LEU A 244 -20.17 -40.81 11.94
CA LEU A 244 -19.76 -41.86 12.87
C LEU A 244 -18.95 -42.97 12.21
N ARG A 245 -18.14 -43.65 12.99
CA ARG A 245 -17.57 -44.94 12.64
C ARG A 245 -17.75 -45.74 13.92
N SER A 246 -17.72 -47.08 13.85
CA SER A 246 -18.11 -47.88 15.01
C SER A 246 -17.14 -47.70 16.18
N ASP A 247 -15.86 -47.47 15.87
CA ASP A 247 -14.84 -47.24 16.91
C ASP A 247 -14.89 -45.82 17.48
N ARG A 248 -15.51 -44.91 16.75
CA ARG A 248 -15.54 -43.53 17.22
C ARG A 248 -16.75 -43.18 18.12
N LEU A 249 -17.45 -44.18 18.64
CA LEU A 249 -18.70 -43.85 19.36
C LEU A 249 -18.53 -43.68 20.87
N TYR A 250 -17.41 -44.11 21.40
CA TYR A 250 -17.35 -44.45 22.84
C TYR A 250 -16.98 -43.37 23.84
N GLN A 251 -16.32 -42.31 23.39
CA GLN A 251 -15.95 -41.25 24.31
C GLN A 251 -17.18 -40.62 24.93
N PRO A 252 -18.21 -40.34 24.12
CA PRO A 252 -19.40 -39.76 24.74
C PRO A 252 -20.14 -40.78 25.59
N LEU A 253 -20.20 -42.03 25.15
CA LEU A 253 -20.87 -43.06 25.96
C LEU A 253 -20.17 -43.25 27.31
N TYR A 254 -18.86 -43.42 27.27
CA TYR A 254 -18.06 -43.50 28.50
C TYR A 254 -18.22 -42.26 29.40
N GLU A 255 -18.16 -41.08 28.81
CA GLU A 255 -18.13 -39.90 29.65
C GLU A 255 -19.49 -39.67 30.30
N ALA A 256 -20.56 -40.03 29.59
CA ALA A 256 -21.91 -39.89 30.10
C ALA A 256 -22.08 -40.82 31.30
N ASN A 257 -21.52 -42.02 31.17
CA ASN A 257 -21.49 -42.96 32.27
C ASN A 257 -20.79 -42.38 33.48
N VAL A 258 -19.62 -41.78 33.26
CA VAL A 258 -18.88 -41.15 34.36
C VAL A 258 -19.64 -39.97 34.97
N MET A 259 -20.22 -39.12 34.12
CA MET A 259 -21.06 -38.02 34.58
C MET A 259 -22.26 -38.48 35.40
N GLN A 260 -22.89 -39.58 34.98
CA GLN A 260 -24.03 -40.05 35.75
C GLN A 260 -23.57 -40.57 37.10
N LEU A 261 -22.45 -41.28 37.11
CA LEU A 261 -21.93 -41.85 38.35
C LEU A 261 -21.66 -40.75 39.37
N LEU A 262 -21.01 -39.68 38.93
CA LEU A 262 -20.63 -38.62 39.85
C LEU A 262 -21.81 -37.72 40.20
N LEU A 263 -22.54 -37.29 39.19
CA LEU A 263 -23.64 -36.35 39.41
C LEU A 263 -24.88 -37.02 40.01
N GLU A 264 -25.27 -38.17 39.48
CA GLU A 264 -26.42 -38.88 40.04
C GLU A 264 -26.02 -39.64 41.30
N GLY A 265 -24.98 -40.45 41.21
CA GLY A 265 -24.55 -41.29 42.31
C GLY A 265 -23.95 -40.57 43.50
N LYS A 266 -22.97 -39.71 43.26
CA LYS A 266 -22.22 -39.08 44.35
C LYS A 266 -22.77 -37.74 44.82
N LEU A 267 -23.55 -37.07 43.98
CA LEU A 267 -24.06 -35.74 44.33
C LEU A 267 -25.60 -35.67 44.30
N GLY A 268 -26.24 -36.82 44.06
CA GLY A 268 -27.68 -36.92 44.14
C GLY A 268 -28.45 -36.01 43.21
N ALA A 269 -27.98 -35.86 41.96
CA ALA A 269 -28.67 -35.02 40.98
C ALA A 269 -29.67 -35.88 40.21
N PRO A 270 -30.66 -35.25 39.54
CA PRO A 270 -31.58 -36.00 38.68
C PRO A 270 -30.86 -36.63 37.50
N LYS A 271 -31.57 -37.46 36.77
CA LYS A 271 -31.08 -38.09 35.56
C LYS A 271 -30.35 -37.06 34.69
N VAL A 272 -29.08 -37.35 34.36
CA VAL A 272 -28.25 -36.48 33.55
C VAL A 272 -28.55 -36.74 32.08
N GLU A 273 -28.98 -35.69 31.36
CA GLU A 273 -29.33 -35.79 29.94
C GLU A 273 -28.11 -35.57 29.05
N PHE A 274 -27.79 -36.55 28.21
CA PHE A 274 -26.58 -36.50 27.40
C PHE A 274 -26.95 -37.10 26.05
N GLU A 275 -26.90 -36.29 25.00
CA GLU A 275 -27.26 -36.76 23.67
C GLU A 275 -26.11 -36.57 22.67
N VAL A 276 -26.15 -37.31 21.56
CA VAL A 276 -25.14 -37.19 20.50
C VAL A 276 -25.78 -36.69 19.21
N HIS A 277 -25.07 -35.81 18.50
CA HIS A 277 -25.53 -35.22 17.25
C HIS A 277 -24.60 -35.64 16.12
N THR A 278 -25.16 -36.09 15.01
CA THR A 278 -24.33 -36.43 13.87
C THR A 278 -25.10 -36.13 12.59
N LEU A 279 -24.37 -35.88 11.51
CA LEU A 279 -24.97 -35.67 10.20
C LEU A 279 -24.85 -36.93 9.33
N ALA A 280 -24.10 -37.92 9.80
CA ALA A 280 -23.89 -39.14 9.01
C ALA A 280 -23.56 -40.33 9.87
N PRO A 281 -24.60 -41.01 10.36
CA PRO A 281 -24.51 -42.21 11.20
C PRO A 281 -23.98 -43.41 10.42
N GLU A 282 -23.79 -43.25 9.11
CA GLU A 282 -23.17 -44.30 8.28
C GLU A 282 -23.67 -45.70 8.64
N GLY A 283 -24.96 -45.94 8.40
CA GLY A 283 -25.57 -47.19 8.82
C GLY A 283 -26.26 -47.03 10.17
N THR A 284 -26.74 -48.14 10.73
CA THR A 284 -27.66 -48.03 11.84
C THR A 284 -27.11 -48.55 13.18
N ASN A 285 -25.89 -49.07 13.20
CA ASN A 285 -25.45 -49.69 14.44
C ASN A 285 -25.28 -48.73 15.61
N ALA A 286 -24.83 -47.51 15.35
CA ALA A 286 -24.73 -46.55 16.45
C ALA A 286 -26.05 -46.42 17.20
N PHE A 287 -27.18 -46.56 16.50
CA PHE A 287 -28.47 -46.42 17.20
C PHE A 287 -28.64 -47.53 18.24
N VAL A 288 -28.16 -48.73 17.93
CA VAL A 288 -28.21 -49.82 18.89
C VAL A 288 -27.22 -49.55 20.00
N THR A 289 -26.01 -49.13 19.61
CA THR A 289 -24.94 -48.89 20.57
C THR A 289 -25.38 -47.96 21.69
N TYR A 290 -26.00 -46.85 21.32
CA TYR A 290 -26.37 -45.84 22.28
C TYR A 290 -27.68 -46.14 23.02
N GLU A 291 -28.18 -47.37 22.91
CA GLU A 291 -29.26 -47.78 23.78
C GLU A 291 -28.73 -48.25 25.13
N ALA A 292 -27.41 -48.31 25.27
CA ALA A 292 -26.80 -48.87 26.48
C ALA A 292 -27.28 -48.21 27.77
N ALA A 293 -27.71 -49.04 28.72
CA ALA A 293 -28.12 -48.57 30.03
C ALA A 293 -26.93 -47.96 30.75
N SER A 294 -27.19 -46.95 31.57
CA SER A 294 -26.16 -46.36 32.42
C SER A 294 -25.66 -47.40 33.41
N LEU A 295 -24.36 -47.67 33.36
CA LEU A 295 -23.74 -48.75 34.12
C LEU A 295 -23.84 -48.54 35.62
N TYR A 296 -23.69 -47.29 36.05
CA TYR A 296 -23.78 -46.98 37.47
C TYR A 296 -25.16 -47.39 38.00
N GLY A 297 -26.20 -46.88 37.35
CA GLY A 297 -27.57 -47.19 37.73
C GLY A 297 -27.87 -48.67 37.79
N LEU A 298 -27.31 -49.43 36.85
CA LEU A 298 -27.42 -50.88 36.84
C LEU A 298 -26.75 -51.52 38.04
N ALA A 299 -25.45 -51.28 38.17
CA ALA A 299 -24.62 -51.96 39.17
C ALA A 299 -25.13 -51.77 40.60
N GLU A 300 -25.77 -50.64 40.87
CA GLU A 300 -26.36 -50.43 42.18
C GLU A 300 -27.89 -50.51 42.09
N GLY A 301 -28.53 -50.90 43.19
CA GLY A 301 -29.96 -51.21 43.14
C GLY A 301 -30.92 -50.10 43.49
N ARG A 302 -30.43 -49.08 44.21
CA ARG A 302 -31.30 -48.05 44.76
C ARG A 302 -31.94 -47.14 43.71
N SER A 303 -31.36 -47.08 42.52
CA SER A 303 -31.79 -46.10 41.53
C SER A 303 -32.48 -46.72 40.32
N ALA A 304 -33.46 -45.99 39.80
CA ALA A 304 -34.09 -46.36 38.53
C ALA A 304 -33.04 -46.25 37.45
N VAL A 305 -33.02 -47.23 36.54
CA VAL A 305 -32.00 -47.28 35.51
C VAL A 305 -32.49 -46.62 34.23
N HIS A 306 -31.61 -45.85 33.60
CA HIS A 306 -31.94 -45.18 32.36
C HIS A 306 -30.76 -45.27 31.40
N ARG A 307 -30.96 -44.77 30.19
CA ARG A 307 -29.93 -44.76 29.17
C ARG A 307 -28.81 -43.78 29.51
N ALA A 308 -27.56 -44.18 29.24
CA ALA A 308 -26.43 -43.26 29.32
C ALA A 308 -26.61 -42.09 28.35
N ILE A 309 -26.95 -42.44 27.10
CA ILE A 309 -27.17 -41.48 26.02
C ILE A 309 -28.63 -41.49 25.64
N ARG A 310 -29.28 -40.34 25.81
CA ARG A 310 -30.72 -40.26 25.67
C ARG A 310 -31.15 -40.49 24.22
N GLU A 311 -30.35 -40.01 23.27
CA GLU A 311 -30.73 -40.07 21.87
C GLU A 311 -29.53 -39.83 20.98
N LEU A 312 -29.51 -40.50 19.83
CA LEU A 312 -28.60 -40.11 18.76
C LEU A 312 -29.43 -39.32 17.75
N TYR A 313 -29.16 -38.02 17.65
CA TYR A 313 -29.94 -37.09 16.84
C TYR A 313 -29.24 -36.65 15.55
N VAL A 314 -29.98 -36.77 14.44
CA VAL A 314 -29.51 -36.32 13.13
C VAL A 314 -30.28 -35.10 12.64
N PRO A 315 -29.79 -33.89 12.95
CA PRO A 315 -30.45 -32.66 12.50
C PRO A 315 -30.64 -32.60 10.99
N PRO A 316 -31.89 -32.50 10.51
CA PRO A 316 -32.10 -32.43 9.06
C PRO A 316 -31.79 -31.02 8.57
N THR A 317 -32.26 -30.04 9.35
CA THR A 317 -32.11 -28.63 9.03
C THR A 317 -31.73 -27.88 10.31
N ALA A 318 -31.25 -26.66 10.17
CA ALA A 318 -30.86 -25.88 11.34
C ALA A 318 -32.11 -25.53 12.14
N ALA A 319 -33.18 -25.18 11.43
CA ALA A 319 -34.44 -24.90 12.09
C ALA A 319 -34.94 -26.09 12.91
N ASP A 320 -34.68 -27.32 12.44
CA ASP A 320 -35.18 -28.47 13.21
C ASP A 320 -34.37 -28.66 14.49
N LEU A 321 -33.07 -28.40 14.40
CA LEU A 321 -32.22 -28.33 15.58
C LEU A 321 -32.72 -27.26 16.57
N ALA A 322 -33.09 -26.10 16.06
CA ALA A 322 -33.55 -25.01 16.92
C ALA A 322 -34.85 -25.39 17.61
N ARG A 323 -35.74 -26.01 16.85
CA ARG A 323 -37.03 -26.44 17.34
C ARG A 323 -36.89 -27.49 18.43
N ARG A 324 -35.97 -28.41 18.21
CA ARG A 324 -35.79 -29.52 19.15
C ARG A 324 -35.24 -29.05 20.50
N PHE A 325 -34.37 -28.06 20.46
CA PHE A 325 -33.80 -27.54 21.71
C PHE A 325 -34.90 -26.83 22.47
N PHE A 326 -35.65 -25.98 21.77
CA PHE A 326 -36.74 -25.24 22.39
C PHE A 326 -37.69 -26.18 23.14
N ALA A 327 -38.06 -27.29 22.49
CA ALA A 327 -39.02 -28.23 23.05
C ALA A 327 -38.42 -28.95 24.23
N PHE A 328 -37.10 -29.13 24.19
CA PHE A 328 -36.40 -29.74 25.30
C PHE A 328 -36.41 -28.81 26.49
N LEU A 329 -36.05 -27.56 26.25
CA LEU A 329 -36.08 -26.56 27.30
C LEU A 329 -37.48 -26.48 27.89
N ASN A 330 -38.47 -26.30 27.03
CA ASN A 330 -39.85 -26.21 27.47
C ASN A 330 -40.18 -27.34 28.43
N GLU A 331 -39.54 -28.50 28.24
CA GLU A 331 -39.81 -29.65 29.10
C GLU A 331 -38.88 -29.76 30.31
N ARG A 332 -37.58 -29.72 30.06
CA ARG A 332 -36.60 -29.95 31.11
C ARG A 332 -36.63 -28.86 32.19
N MET A 333 -37.00 -27.64 31.80
CA MET A 333 -36.95 -26.53 32.75
C MET A 333 -38.13 -26.53 33.72
N GLU A 334 -39.14 -27.34 33.42
CA GLU A 334 -40.26 -27.52 34.33
C GLU A 334 -39.77 -28.10 35.66
N LEU A 335 -38.67 -28.84 35.61
CA LEU A 335 -38.04 -29.38 36.81
C LEU A 335 -37.44 -28.29 37.69
N VAL A 336 -37.54 -27.04 37.26
CA VAL A 336 -36.97 -25.93 38.02
C VAL A 336 -38.06 -24.97 38.48
N ASN A 337 -38.18 -24.79 39.79
CA ASN A 337 -39.16 -23.87 40.36
C ASN A 337 -38.96 -22.45 39.85
N GLY A 338 -40.02 -21.83 39.37
CA GLY A 338 -39.97 -20.48 38.85
C GLY A 338 -39.93 -19.42 39.94
N PRO B 1 -14.53 -15.75 -22.56
CA PRO B 1 -14.21 -14.37 -22.89
C PRO B 1 -12.84 -14.03 -22.32
N PHE B 2 -12.30 -12.84 -22.60
CA PHE B 2 -10.97 -12.52 -22.11
C PHE B 2 -10.94 -12.56 -20.58
N THR B 3 -11.90 -11.91 -19.94
CA THR B 3 -12.06 -12.09 -18.51
C THR B 3 -12.84 -13.36 -18.31
N TYR B 4 -12.28 -14.26 -17.50
CA TYR B 4 -12.92 -15.55 -17.27
C TYR B 4 -14.35 -15.36 -16.77
N SER B 5 -15.24 -16.16 -17.34
CA SER B 5 -16.64 -16.14 -16.93
C SER B 5 -17.11 -17.55 -16.62
N ILE B 6 -17.71 -17.74 -15.45
CA ILE B 6 -18.18 -19.06 -15.06
C ILE B 6 -19.37 -19.51 -15.91
N GLU B 7 -20.18 -18.57 -16.35
CA GLU B 7 -21.35 -18.92 -17.14
C GLU B 7 -20.97 -19.33 -18.56
N ALA B 8 -20.14 -18.52 -19.21
CA ALA B 8 -19.63 -18.86 -20.54
C ALA B 8 -19.07 -20.28 -20.57
N THR B 9 -18.36 -20.65 -19.51
CA THR B 9 -17.71 -21.95 -19.43
C THR B 9 -18.75 -23.05 -19.26
N ARG B 10 -19.77 -22.77 -18.45
CA ARG B 10 -20.86 -23.72 -18.25
C ARG B 10 -21.54 -23.98 -19.58
N ASN B 11 -21.72 -22.92 -20.37
CA ASN B 11 -22.40 -23.04 -21.65
C ASN B 11 -21.60 -23.81 -22.70
N LEU B 12 -20.29 -23.98 -22.45
CA LEU B 12 -19.46 -24.65 -23.44
C LEU B 12 -19.90 -26.11 -23.61
N ALA B 13 -20.08 -26.52 -24.86
CA ALA B 13 -20.22 -27.95 -25.15
C ALA B 13 -18.94 -28.64 -24.68
N THR B 14 -19.01 -29.94 -24.39
CA THR B 14 -17.85 -30.65 -23.87
C THR B 14 -16.66 -30.63 -24.84
N THR B 15 -16.94 -30.71 -26.15
CA THR B 15 -15.86 -30.67 -27.13
C THR B 15 -15.26 -29.27 -27.30
N GLU B 16 -15.88 -28.27 -26.68
CA GLU B 16 -15.38 -26.90 -26.75
C GLU B 16 -14.62 -26.50 -25.50
N ARG B 17 -14.59 -27.38 -24.51
CA ARG B 17 -13.94 -27.04 -23.24
C ARG B 17 -12.42 -26.89 -23.43
N CYS B 18 -11.80 -26.10 -22.56
CA CYS B 18 -10.38 -25.76 -22.68
C CYS B 18 -9.52 -26.87 -22.14
N ILE B 19 -10.02 -27.53 -21.10
CA ILE B 19 -9.37 -28.72 -20.62
C ILE B 19 -10.10 -29.95 -21.15
N GLN B 20 -9.34 -30.88 -21.69
CA GLN B 20 -9.95 -32.09 -22.22
C GLN B 20 -9.52 -33.25 -21.34
N ASP B 21 -10.43 -33.77 -20.54
CA ASP B 21 -10.10 -34.92 -19.71
C ASP B 21 -9.87 -36.09 -20.65
N ILE B 22 -8.69 -36.71 -20.59
CA ILE B 22 -8.44 -37.87 -21.44
C ILE B 22 -7.95 -39.06 -20.64
N ARG B 23 -8.33 -39.11 -19.37
CA ARG B 23 -7.93 -40.21 -18.51
C ARG B 23 -8.64 -41.50 -18.90
N ASN B 24 -9.89 -41.39 -19.33
CA ASN B 24 -10.78 -42.54 -19.45
C ASN B 24 -10.88 -43.24 -18.09
N ALA B 25 -11.02 -42.44 -17.05
CA ALA B 25 -11.06 -42.93 -15.68
C ALA B 25 -12.40 -43.57 -15.38
N PRO B 26 -12.39 -44.89 -15.13
CA PRO B 26 -13.61 -45.58 -14.70
C PRO B 26 -14.19 -44.91 -13.46
N VAL B 27 -15.45 -44.51 -13.53
CA VAL B 27 -16.09 -43.82 -12.41
C VAL B 27 -16.50 -44.79 -11.30
N ARG B 28 -15.97 -44.55 -10.09
CA ARG B 28 -16.26 -45.41 -8.95
C ARG B 28 -16.72 -44.61 -7.75
N ASN B 29 -17.17 -45.33 -6.72
CA ASN B 29 -17.53 -44.68 -5.46
C ASN B 29 -16.31 -44.10 -4.77
N ARG B 30 -15.21 -44.84 -4.79
CA ARG B 30 -13.95 -44.39 -4.21
C ARG B 30 -12.97 -43.93 -5.28
N SER B 31 -12.05 -43.05 -4.89
CA SER B 31 -11.06 -42.53 -5.83
C SER B 31 -9.69 -43.23 -5.71
N THR B 32 -9.63 -44.31 -4.93
CA THR B 32 -8.39 -45.05 -4.75
C THR B 32 -7.79 -45.49 -6.10
N GLN B 33 -6.47 -45.43 -6.22
CA GLN B 33 -5.78 -45.79 -7.46
C GLN B 33 -4.89 -47.02 -7.29
N PHE B 34 -4.27 -47.12 -6.12
CA PHE B 34 -3.49 -48.31 -5.77
C PHE B 34 -3.93 -48.81 -4.41
N GLN B 35 -4.20 -50.11 -4.32
CA GLN B 35 -4.51 -50.67 -3.02
C GLN B 35 -3.29 -51.27 -2.36
N LEU B 36 -3.13 -51.01 -1.06
CA LEU B 36 -2.16 -51.75 -0.27
C LEU B 36 -2.79 -53.09 0.04
N ALA B 37 -2.25 -54.15 -0.54
CA ALA B 37 -2.83 -55.47 -0.35
C ALA B 37 -2.29 -56.08 0.93
N GLN B 38 -2.98 -55.86 2.03
CA GLN B 38 -2.40 -56.18 3.33
C GLN B 38 -2.11 -57.65 3.59
N GLN B 39 -2.99 -58.55 3.20
CA GLN B 39 -2.67 -59.97 3.38
C GLN B 39 -1.45 -60.33 2.54
N ASN B 40 -1.33 -59.73 1.37
CA ASN B 40 -0.17 -59.92 0.51
C ASN B 40 1.10 -59.36 1.15
N MET B 41 0.96 -58.26 1.86
CA MET B 41 2.13 -57.63 2.48
C MET B 41 2.58 -58.45 3.67
N LEU B 42 1.62 -58.94 4.46
CA LEU B 42 1.95 -59.86 5.55
C LEU B 42 2.70 -61.08 5.03
N ALA B 43 2.20 -61.66 3.94
CA ALA B 43 2.81 -62.83 3.36
C ALA B 43 4.21 -62.54 2.84
N TYR B 44 4.39 -61.42 2.15
CA TYR B 44 5.70 -61.08 1.60
C TYR B 44 6.72 -60.76 2.70
N THR B 45 6.35 -59.83 3.57
CA THR B 45 7.22 -59.39 4.63
C THR B 45 7.43 -60.41 5.76
N PHE B 46 6.37 -61.09 6.19
CA PHE B 46 6.50 -62.02 7.30
C PHE B 46 6.24 -63.48 6.93
N GLY B 47 6.31 -63.78 5.63
CA GLY B 47 6.09 -65.13 5.16
C GLY B 47 6.93 -66.11 5.95
N GLU B 48 8.21 -65.79 6.15
CA GLU B 48 9.09 -66.67 6.91
C GLU B 48 9.53 -66.12 8.27
N VAL B 49 8.83 -65.10 8.77
CA VAL B 49 9.20 -64.48 10.04
C VAL B 49 8.04 -64.17 10.98
N ILE B 50 8.14 -64.70 12.18
CA ILE B 50 7.32 -64.24 13.31
C ILE B 50 8.25 -63.56 14.32
N PRO B 51 8.17 -62.23 14.42
CA PRO B 51 9.10 -61.46 15.27
C PRO B 51 9.04 -61.99 16.69
N GLY B 52 10.19 -62.14 17.33
CA GLY B 52 10.23 -62.72 18.67
C GLY B 52 10.50 -64.21 18.59
N PHE B 53 10.40 -64.77 17.39
CA PHE B 53 10.68 -66.18 17.13
C PHE B 53 11.50 -66.35 15.87
N ALA B 54 12.25 -65.30 15.51
CA ALA B 54 13.05 -65.28 14.30
C ALA B 54 14.51 -65.05 14.65
N SER B 55 15.16 -64.13 13.95
CA SER B 55 16.58 -63.87 14.19
C SER B 55 16.80 -62.92 15.35
N ALA B 56 17.97 -63.04 15.98
CA ALA B 56 18.37 -62.13 17.04
C ALA B 56 18.12 -60.71 16.59
N GLY B 57 18.52 -60.41 15.36
CA GLY B 57 18.32 -59.08 14.81
C GLY B 57 16.86 -58.65 14.79
N ILE B 58 15.96 -59.56 14.44
CA ILE B 58 14.55 -59.22 14.38
C ILE B 58 13.91 -59.12 15.77
N ASN B 59 14.10 -60.13 16.59
CA ASN B 59 13.55 -60.17 17.95
C ASN B 59 13.90 -58.97 18.83
N GLY B 60 15.09 -58.39 18.62
CA GLY B 60 15.56 -57.30 19.44
C GLY B 60 15.43 -55.94 18.77
N MET B 61 14.97 -55.94 17.52
CA MET B 61 14.79 -54.70 16.78
C MET B 61 13.65 -53.87 17.37
N ASP B 62 13.76 -52.55 17.27
CA ASP B 62 12.70 -51.64 17.63
C ASP B 62 11.40 -52.09 16.97
N TYR B 63 10.39 -52.40 17.78
CA TYR B 63 9.15 -53.01 17.30
C TYR B 63 8.40 -52.08 16.35
N ARG B 64 8.55 -50.78 16.53
CA ARG B 64 8.01 -49.82 15.58
C ARG B 64 8.50 -50.12 14.17
N ASP B 65 9.78 -50.44 14.06
CA ASP B 65 10.42 -50.67 12.77
C ASP B 65 9.96 -51.99 12.14
N VAL B 66 9.84 -53.02 12.97
CA VAL B 66 9.30 -54.29 12.52
C VAL B 66 7.87 -54.10 12.00
N ILE B 67 7.02 -53.50 12.82
CA ILE B 67 5.63 -53.28 12.42
C ILE B 67 5.54 -52.40 11.17
N GLY B 68 6.46 -51.44 11.04
CA GLY B 68 6.42 -50.57 9.88
C GLY B 68 7.06 -51.11 8.61
N ARG B 69 7.55 -52.34 8.65
CA ARG B 69 8.31 -52.92 7.54
C ARG B 69 7.44 -53.35 6.33
N PRO B 70 6.29 -53.99 6.59
CA PRO B 70 5.43 -54.31 5.45
C PRO B 70 5.00 -53.08 4.62
N VAL B 71 4.57 -52.00 5.27
CA VAL B 71 4.18 -50.81 4.50
C VAL B 71 5.37 -50.23 3.73
N GLU B 72 6.56 -50.29 4.33
CA GLU B 72 7.78 -49.82 3.68
C GLU B 72 8.16 -50.67 2.47
N ASN B 73 8.11 -51.99 2.59
CA ASN B 73 8.30 -52.86 1.43
C ASN B 73 7.26 -52.54 0.35
N ALA B 74 5.99 -52.51 0.76
CA ALA B 74 4.94 -52.14 -0.15
C ALA B 74 5.24 -50.83 -0.90
N VAL B 75 5.73 -49.82 -0.21
CA VAL B 75 5.97 -48.55 -0.88
C VAL B 75 7.11 -48.70 -1.88
N THR B 76 8.09 -49.53 -1.53
CA THR B 76 9.20 -49.81 -2.44
C THR B 76 8.71 -50.45 -3.73
N GLU B 77 7.95 -51.54 -3.61
CA GLU B 77 7.38 -52.19 -4.79
C GLU B 77 6.62 -51.17 -5.62
N GLY B 78 5.80 -50.38 -4.95
CA GLY B 78 4.94 -49.40 -5.59
C GLY B 78 5.66 -48.36 -6.42
N THR B 79 6.75 -47.82 -5.88
CA THR B 79 7.51 -46.82 -6.62
C THR B 79 8.38 -47.49 -7.71
N HIS B 80 8.72 -48.76 -7.51
CA HIS B 80 9.42 -49.51 -8.54
C HIS B 80 8.57 -49.65 -9.80
N PHE B 81 7.39 -50.22 -9.65
CA PHE B 81 6.51 -50.53 -10.77
C PHE B 81 5.79 -49.32 -11.34
N PHE B 82 5.49 -48.33 -10.51
CA PHE B 82 4.62 -47.25 -10.96
C PHE B 82 5.25 -45.86 -10.89
N ARG B 83 6.49 -45.82 -10.42
CA ARG B 83 7.28 -44.60 -10.45
C ARG B 83 6.49 -43.37 -9.99
N ASP B 84 6.40 -42.37 -10.86
CA ASP B 84 5.77 -41.10 -10.48
C ASP B 84 4.27 -41.20 -10.27
N ASP B 85 3.65 -42.24 -10.83
CA ASP B 85 2.21 -42.43 -10.71
C ASP B 85 1.78 -42.94 -9.34
N PHE B 86 2.70 -43.54 -8.59
CA PHE B 86 2.34 -44.17 -7.32
C PHE B 86 2.03 -43.16 -6.21
N ARG B 87 0.77 -43.16 -5.79
CA ARG B 87 0.31 -42.41 -4.63
C ARG B 87 -0.70 -43.25 -3.85
N VAL B 88 -0.54 -43.30 -2.54
CA VAL B 88 -1.64 -43.75 -1.68
C VAL B 88 -1.87 -42.77 -0.56
N ASP B 89 -3.13 -42.63 -0.18
CA ASP B 89 -3.53 -41.70 0.87
C ASP B 89 -2.96 -42.12 2.22
N SER B 90 -2.72 -41.16 3.10
CA SER B 90 -2.24 -41.49 4.44
C SER B 90 -3.27 -42.38 5.18
N ASN B 91 -4.54 -42.24 4.79
CA ASN B 91 -5.61 -43.06 5.37
C ASN B 91 -5.54 -44.56 5.03
N ALA B 92 -5.01 -44.88 3.85
CA ALA B 92 -4.71 -46.28 3.53
C ALA B 92 -3.57 -46.78 4.42
N LYS B 93 -2.49 -46.01 4.52
CA LYS B 93 -1.36 -46.43 5.37
C LYS B 93 -1.84 -46.62 6.82
N ALA B 94 -2.75 -45.78 7.27
CA ALA B 94 -3.24 -45.86 8.64
C ALA B 94 -4.01 -47.16 8.87
N LYS B 95 -4.92 -47.46 7.95
CA LYS B 95 -5.70 -48.67 8.01
C LYS B 95 -4.80 -49.91 8.04
N VAL B 96 -3.90 -50.01 7.07
CA VAL B 96 -3.10 -51.22 6.95
C VAL B 96 -2.07 -51.35 8.07
N ALA B 97 -1.45 -50.23 8.44
CA ALA B 97 -0.53 -50.24 9.58
C ALA B 97 -1.24 -50.69 10.88
N GLY B 98 -2.49 -50.28 11.08
CA GLY B 98 -3.23 -50.73 12.23
C GLY B 98 -3.47 -52.24 12.23
N ASP B 99 -3.99 -52.77 11.13
CA ASP B 99 -4.29 -54.20 11.07
C ASP B 99 -3.02 -55.04 11.21
N ILE B 100 -1.94 -54.57 10.60
CA ILE B 100 -0.65 -55.26 10.65
C ILE B 100 -0.09 -55.31 12.09
N PHE B 101 -0.26 -54.22 12.83
CA PHE B 101 0.18 -54.16 14.23
C PHE B 101 -0.57 -55.21 15.05
N GLU B 102 -1.87 -55.30 14.83
CA GLU B 102 -2.69 -56.23 15.56
C GLU B 102 -2.46 -57.68 15.12
N ILE B 103 -2.44 -57.92 13.82
CA ILE B 103 -2.22 -59.27 13.29
C ILE B 103 -0.83 -59.82 13.66
N VAL B 104 0.21 -59.05 13.41
CA VAL B 104 1.55 -59.46 13.84
C VAL B 104 1.61 -59.78 15.34
N SER B 105 1.25 -58.83 16.19
CA SER B 105 1.34 -59.03 17.63
C SER B 105 0.55 -60.25 18.08
N SER B 106 -0.60 -60.47 17.46
CA SER B 106 -1.44 -61.61 17.83
C SER B 106 -0.75 -62.90 17.42
N ALA B 107 0.04 -62.84 16.36
CA ALA B 107 0.77 -64.01 15.91
C ALA B 107 1.94 -64.30 16.86
N VAL B 108 2.57 -63.25 17.37
CA VAL B 108 3.61 -63.47 18.40
C VAL B 108 2.96 -64.19 19.58
N MET B 109 1.77 -63.75 19.97
CA MET B 109 1.12 -64.37 21.13
C MET B 109 0.65 -65.80 20.86
N TRP B 110 0.29 -66.08 19.61
CA TRP B 110 -0.09 -67.42 19.22
C TRP B 110 1.11 -68.36 19.39
N ASN B 111 2.26 -67.96 18.88
CA ASN B 111 3.48 -68.75 19.13
C ASN B 111 3.82 -68.93 20.60
N CYS B 112 3.70 -67.86 21.39
CA CYS B 112 3.87 -67.99 22.84
C CYS B 112 2.96 -69.08 23.39
N ALA B 113 1.68 -69.00 23.05
CA ALA B 113 0.69 -69.93 23.59
C ALA B 113 1.05 -71.35 23.21
N ALA B 114 1.55 -71.53 22.00
CA ALA B 114 1.91 -72.85 21.51
C ALA B 114 3.06 -73.39 22.33
N ARG B 115 4.10 -72.58 22.50
CA ARG B 115 5.27 -72.96 23.28
C ARG B 115 4.86 -73.22 24.72
N TRP B 116 4.00 -72.38 25.27
CA TRP B 116 3.42 -72.58 26.59
C TRP B 116 2.64 -73.89 26.69
N ASN B 117 1.72 -74.10 25.74
CA ASN B 117 0.89 -75.29 25.72
C ASN B 117 1.77 -76.54 25.61
N SER B 118 2.79 -76.46 24.78
CA SER B 118 3.70 -77.58 24.62
C SER B 118 4.25 -77.99 25.99
N LEU B 119 4.71 -77.00 26.76
CA LEU B 119 5.21 -77.26 28.10
C LEU B 119 4.13 -77.84 29.01
N MET B 120 2.91 -77.32 28.92
CA MET B 120 1.83 -77.72 29.83
C MET B 120 1.40 -79.17 29.64
N VAL B 121 1.50 -79.69 28.42
CA VAL B 121 1.15 -81.09 28.16
C VAL B 121 2.34 -82.03 28.35
N GLY B 122 3.44 -81.48 28.85
CA GLY B 122 4.59 -82.29 29.22
C GLY B 122 5.57 -82.57 28.10
N GLU B 123 5.62 -81.70 27.10
CA GLU B 123 6.54 -81.89 25.99
C GLU B 123 7.77 -80.99 26.09
N GLY B 124 7.98 -80.44 27.28
CA GLY B 124 9.15 -79.62 27.56
C GLY B 124 9.11 -78.21 27.00
N TRP B 125 10.21 -77.48 27.19
CA TRP B 125 10.30 -76.07 26.89
C TRP B 125 11.30 -75.82 25.76
N ARG B 126 10.84 -75.18 24.68
CA ARG B 126 11.70 -74.94 23.52
C ARG B 126 12.74 -73.87 23.82
N SER B 127 13.77 -73.80 22.99
CA SER B 127 14.91 -72.95 23.30
C SER B 127 15.27 -71.93 22.22
N GLN B 128 14.59 -72.00 21.07
CA GLN B 128 14.93 -71.08 19.99
C GLN B 128 13.77 -70.16 19.61
N PRO B 129 13.87 -68.88 19.98
CA PRO B 129 14.94 -68.28 20.80
C PRO B 129 14.76 -68.62 22.26
N ARG B 130 15.61 -68.06 23.11
CA ARG B 130 15.66 -68.42 24.53
C ARG B 130 14.75 -67.54 25.36
N TYR B 131 13.75 -68.15 26.01
CA TYR B 131 12.88 -67.44 26.96
C TYR B 131 12.93 -68.16 28.27
N SER B 132 12.78 -67.42 29.36
CA SER B 132 12.89 -67.98 30.69
C SER B 132 11.86 -69.06 30.87
N ARG B 133 12.31 -70.22 31.31
CA ARG B 133 11.41 -71.33 31.55
C ARG B 133 10.41 -70.99 32.66
N PRO B 134 9.12 -71.23 32.41
CA PRO B 134 8.01 -71.07 33.36
C PRO B 134 8.08 -71.98 34.60
N THR B 135 7.81 -71.41 35.77
CA THR B 135 7.96 -72.15 37.02
C THR B 135 6.66 -72.78 37.47
N LEU B 136 5.57 -72.53 36.75
CA LEU B 136 4.27 -73.05 37.13
C LEU B 136 4.15 -74.53 36.75
N SER B 137 3.56 -75.31 37.66
CA SER B 137 3.43 -76.75 37.47
C SER B 137 2.69 -77.09 36.19
N PRO B 138 3.39 -77.73 35.24
CA PRO B 138 2.75 -78.12 33.99
C PRO B 138 1.43 -78.87 34.21
N SER B 139 0.43 -78.56 33.40
CA SER B 139 -0.81 -79.31 33.36
C SER B 139 -1.57 -78.97 32.08
N PRO B 140 -2.26 -79.97 31.51
CA PRO B 140 -2.94 -79.81 30.21
C PRO B 140 -4.18 -78.96 30.33
N ARG B 141 -4.64 -78.73 31.54
CA ARG B 141 -5.81 -77.91 31.80
C ARG B 141 -5.42 -76.47 32.04
N ARG B 142 -4.15 -76.17 31.79
CA ARG B 142 -3.65 -74.82 31.89
C ARG B 142 -3.16 -74.36 30.52
N GLN B 143 -3.58 -75.09 29.48
CA GLN B 143 -3.34 -74.66 28.12
C GLN B 143 -4.23 -73.46 27.82
N VAL B 144 -3.83 -72.67 26.84
CA VAL B 144 -4.63 -71.51 26.46
C VAL B 144 -4.73 -71.40 24.95
N ALA B 145 -5.74 -70.68 24.51
CA ALA B 145 -5.90 -70.41 23.10
C ALA B 145 -5.84 -68.90 22.90
N VAL B 146 -5.00 -68.45 21.96
CA VAL B 146 -4.97 -67.06 21.57
C VAL B 146 -5.92 -66.87 20.37
N LEU B 147 -6.94 -66.03 20.56
CA LEU B 147 -7.96 -65.82 19.54
C LEU B 147 -7.93 -64.40 18.99
N ASN B 148 -7.40 -64.23 17.79
CA ASN B 148 -7.56 -62.98 17.09
C ASN B 148 -9.00 -62.90 16.64
N LEU B 149 -9.75 -61.96 17.20
CA LEU B 149 -11.20 -61.84 16.97
C LEU B 149 -11.56 -61.01 15.74
N PRO B 150 -12.62 -61.41 15.02
CA PRO B 150 -12.93 -60.80 13.72
C PRO B 150 -13.64 -59.46 13.82
N ARG B 151 -13.59 -58.66 12.76
CA ARG B 151 -14.42 -57.48 12.69
C ARG B 151 -15.89 -57.93 12.78
N SER B 152 -16.68 -57.21 13.58
CA SER B 152 -18.10 -57.50 13.76
C SER B 152 -18.36 -58.47 14.92
N PHE B 153 -17.31 -59.06 15.46
CA PHE B 153 -17.46 -60.05 16.51
C PHE B 153 -18.24 -59.58 17.74
N ASP B 154 -18.90 -60.52 18.40
CA ASP B 154 -19.50 -60.25 19.70
C ASP B 154 -18.93 -61.23 20.74
N TRP B 155 -18.14 -60.72 21.68
CA TRP B 155 -17.39 -61.60 22.57
C TRP B 155 -18.30 -62.56 23.36
N VAL B 156 -19.55 -62.17 23.60
CA VAL B 156 -20.47 -63.02 24.36
C VAL B 156 -20.68 -64.38 23.66
N SER B 157 -20.41 -64.41 22.36
CA SER B 157 -20.56 -65.65 21.61
C SER B 157 -19.49 -66.71 21.93
N LEU B 158 -18.43 -66.34 22.64
CA LEU B 158 -17.45 -67.33 23.06
C LEU B 158 -18.01 -68.21 24.18
N LEU B 159 -18.88 -67.61 25.00
CA LEU B 159 -19.34 -68.24 26.22
C LEU B 159 -20.17 -69.49 26.00
N VAL B 160 -20.07 -70.44 26.93
CA VAL B 160 -20.91 -71.62 26.91
C VAL B 160 -22.37 -71.18 26.98
N PRO B 161 -23.27 -71.91 26.32
CA PRO B 161 -24.69 -71.54 26.24
C PRO B 161 -25.31 -71.25 27.61
N GLU B 162 -24.95 -72.04 28.62
CA GLU B 162 -25.49 -71.79 29.93
C GLU B 162 -25.25 -70.33 30.34
N SER B 163 -24.08 -69.80 30.03
CA SER B 163 -23.75 -68.42 30.42
C SER B 163 -24.41 -67.39 29.53
N GLN B 164 -24.60 -67.73 28.25
CA GLN B 164 -25.23 -66.78 27.34
C GLN B 164 -26.69 -66.55 27.69
N GLU B 165 -27.32 -67.57 28.28
CA GLU B 165 -28.73 -67.47 28.65
C GLU B 165 -28.89 -66.49 29.80
N VAL B 166 -27.96 -66.52 30.74
CA VAL B 166 -27.99 -65.59 31.87
C VAL B 166 -27.96 -64.17 31.34
N ILE B 167 -27.09 -63.93 30.37
CA ILE B 167 -26.94 -62.61 29.79
C ILE B 167 -28.21 -62.21 29.04
N GLU B 168 -28.70 -63.08 28.16
CA GLU B 168 -29.91 -62.76 27.42
C GLU B 168 -31.10 -62.47 28.34
N GLU B 169 -31.22 -63.22 29.43
CA GLU B 169 -32.34 -63.06 30.35
C GLU B 169 -32.20 -61.75 31.12
N PHE B 170 -30.95 -61.37 31.36
CA PHE B 170 -30.62 -60.07 31.93
C PHE B 170 -30.98 -58.93 30.94
N ARG B 171 -30.64 -59.11 29.68
CA ARG B 171 -30.95 -58.09 28.68
C ARG B 171 -32.46 -57.96 28.43
N ALA B 172 -33.15 -59.10 28.48
CA ALA B 172 -34.61 -59.11 28.32
C ALA B 172 -35.25 -58.25 29.38
N GLY B 173 -34.77 -58.37 30.62
CA GLY B 173 -35.24 -57.51 31.69
C GLY B 173 -35.04 -56.04 31.33
N LEU B 174 -33.85 -55.74 30.82
CA LEU B 174 -33.52 -54.36 30.47
C LEU B 174 -34.45 -53.83 29.39
N ARG B 175 -34.74 -54.68 28.41
CA ARG B 175 -35.54 -54.26 27.26
C ARG B 175 -36.97 -53.89 27.64
N LYS B 176 -37.53 -54.57 28.63
CA LYS B 176 -38.89 -54.25 29.08
C LYS B 176 -38.91 -52.82 29.60
N ASP B 177 -37.73 -52.24 29.81
CA ASP B 177 -37.65 -50.85 30.22
C ASP B 177 -37.09 -49.96 29.12
N GLY B 178 -37.02 -50.48 27.89
CA GLY B 178 -36.45 -49.72 26.80
C GLY B 178 -34.93 -49.49 26.90
N LEU B 179 -34.23 -50.44 27.50
CA LEU B 179 -32.78 -50.37 27.61
C LEU B 179 -32.12 -51.55 26.95
N GLY B 180 -30.81 -51.47 26.78
CA GLY B 180 -30.04 -52.62 26.31
C GLY B 180 -28.68 -52.58 27.00
N LEU B 181 -27.86 -53.58 26.71
CA LEU B 181 -26.46 -53.54 27.10
C LEU B 181 -25.68 -54.31 26.08
N PRO B 182 -25.52 -53.74 24.88
CA PRO B 182 -24.75 -54.42 23.85
C PRO B 182 -23.32 -54.64 24.32
N THR B 183 -22.71 -55.66 23.74
CA THR B 183 -21.30 -55.96 23.92
C THR B 183 -20.67 -55.93 22.55
N SER B 184 -19.43 -55.48 22.50
CA SER B 184 -18.68 -55.47 21.26
C SER B 184 -17.62 -56.57 21.30
N THR B 185 -16.36 -56.19 21.19
CA THR B 185 -15.26 -57.14 21.20
C THR B 185 -13.95 -56.40 21.45
N PRO B 186 -12.99 -57.07 22.10
CA PRO B 186 -11.59 -56.62 22.11
C PRO B 186 -10.96 -57.13 20.83
N ASP B 187 -9.74 -56.74 20.53
CA ASP B 187 -9.08 -57.31 19.37
C ASP B 187 -8.74 -58.77 19.55
N LEU B 188 -8.56 -59.17 20.79
CA LEU B 188 -7.96 -60.47 21.04
C LEU B 188 -8.42 -61.00 22.37
N ALA B 189 -8.64 -62.29 22.41
CA ALA B 189 -8.99 -62.94 23.64
C ALA B 189 -8.13 -64.18 23.85
N VAL B 190 -7.56 -64.27 25.03
CA VAL B 190 -6.83 -65.45 25.43
C VAL B 190 -7.75 -66.21 26.34
N VAL B 191 -8.05 -67.45 25.97
CA VAL B 191 -8.94 -68.24 26.80
C VAL B 191 -8.31 -69.58 27.14
N VAL B 192 -8.70 -70.10 28.30
CA VAL B 192 -8.30 -71.43 28.70
C VAL B 192 -8.80 -72.43 27.65
N LEU B 193 -7.95 -73.37 27.26
CA LEU B 193 -8.34 -74.35 26.27
C LEU B 193 -9.41 -75.27 26.85
N PRO B 194 -10.56 -75.35 26.18
CA PRO B 194 -11.62 -76.26 26.64
C PRO B 194 -11.12 -77.70 26.70
N GLU B 195 -11.60 -78.46 27.69
CA GLU B 195 -11.24 -79.86 27.86
C GLU B 195 -11.12 -80.63 26.55
N GLU B 196 -12.19 -80.60 25.76
CA GLU B 196 -12.29 -81.40 24.55
C GLU B 196 -11.14 -81.17 23.57
N PHE B 197 -10.42 -80.07 23.72
CA PHE B 197 -9.35 -79.74 22.78
C PHE B 197 -7.97 -79.90 23.40
N GLN B 198 -7.93 -80.26 24.68
CA GLN B 198 -6.67 -80.25 25.42
C GLN B 198 -5.65 -81.30 24.96
N ASN B 199 -6.07 -82.17 24.05
CA ASN B 199 -5.19 -83.16 23.47
C ASN B 199 -5.01 -82.91 21.98
N ASP B 200 -5.43 -81.74 21.51
CA ASP B 200 -5.30 -81.38 20.12
C ASP B 200 -3.97 -80.69 19.85
N GLU B 201 -3.18 -81.28 18.96
CA GLU B 201 -1.84 -80.81 18.70
C GLU B 201 -1.79 -79.41 18.07
N MET B 202 -2.87 -78.99 17.43
CA MET B 202 -2.85 -77.72 16.71
C MET B 202 -2.61 -76.53 17.65
N TRP B 203 -2.80 -76.74 18.94
CA TRP B 203 -2.62 -75.64 19.87
C TRP B 203 -1.19 -75.60 20.39
N ARG B 204 -0.39 -76.59 19.98
CA ARG B 204 0.98 -76.68 20.48
C ARG B 204 1.99 -76.37 19.40
N GLU B 205 1.52 -76.23 18.17
CA GLU B 205 2.39 -75.94 17.03
C GLU B 205 2.68 -74.45 16.91
N GLU B 206 3.95 -74.09 16.78
CA GLU B 206 4.34 -72.71 16.49
C GLU B 206 4.35 -72.54 14.98
N ILE B 207 4.00 -71.35 14.50
CA ILE B 207 3.96 -71.10 13.06
C ILE B 207 5.24 -70.45 12.58
N ALA B 208 5.59 -70.73 11.34
CA ALA B 208 6.86 -70.29 10.81
C ALA B 208 6.76 -68.88 10.25
N GLY B 209 5.55 -68.48 9.86
CA GLY B 209 5.37 -67.19 9.21
C GLY B 209 3.92 -66.90 8.92
N LEU B 210 3.65 -65.68 8.44
CA LEU B 210 2.29 -65.32 8.12
C LEU B 210 2.03 -65.52 6.64
N THR B 211 2.31 -66.71 6.14
CA THR B 211 1.82 -67.11 4.83
C THR B 211 0.30 -67.04 4.90
N ARG B 212 -0.38 -67.11 3.76
CA ARG B 212 -1.85 -66.96 3.78
C ARG B 212 -2.60 -68.08 4.54
N PRO B 213 -2.16 -69.34 4.43
CA PRO B 213 -2.79 -70.40 5.24
C PRO B 213 -2.59 -70.20 6.75
N ASN B 214 -1.45 -69.69 7.15
CA ASN B 214 -1.22 -69.35 8.56
C ASN B 214 -2.07 -68.17 9.02
N GLN B 215 -2.13 -67.13 8.20
CA GLN B 215 -3.02 -66.01 8.49
C GLN B 215 -4.42 -66.54 8.79
N ILE B 216 -4.88 -67.45 7.92
CA ILE B 216 -6.24 -67.97 8.01
C ILE B 216 -6.44 -68.89 9.19
N LEU B 217 -5.44 -69.71 9.48
CA LEU B 217 -5.45 -70.50 10.70
C LEU B 217 -5.65 -69.59 11.93
N LEU B 218 -4.83 -68.55 12.04
CA LEU B 218 -4.92 -67.65 13.18
C LEU B 218 -6.25 -66.88 13.21
N SER B 219 -6.62 -66.28 12.09
CA SER B 219 -7.79 -65.42 12.09
C SER B 219 -9.11 -66.20 12.22
N GLY B 220 -9.09 -67.47 11.84
CA GLY B 220 -10.27 -68.31 11.93
C GLY B 220 -10.39 -69.14 13.21
N ALA B 221 -9.34 -69.09 14.04
CA ALA B 221 -9.32 -69.92 15.24
C ALA B 221 -10.51 -69.73 16.18
N TYR B 222 -11.03 -68.52 16.28
CA TYR B 222 -12.10 -68.22 17.22
C TYR B 222 -13.32 -69.10 16.98
N GLN B 223 -13.59 -69.45 15.72
CA GLN B 223 -14.76 -70.26 15.41
C GLN B 223 -14.77 -71.56 16.20
N ARG B 224 -13.63 -72.24 16.24
CA ARG B 224 -13.51 -73.52 16.92
C ARG B 224 -13.96 -73.40 18.38
N LEU B 225 -13.81 -72.21 18.94
CA LEU B 225 -14.04 -72.03 20.37
C LEU B 225 -15.38 -71.44 20.71
N GLN B 226 -16.09 -70.91 19.72
CA GLN B 226 -17.38 -70.30 19.98
C GLN B 226 -18.31 -71.18 20.79
N GLY B 227 -18.84 -70.61 21.87
CA GLY B 227 -19.78 -71.30 22.73
C GLY B 227 -19.19 -72.38 23.61
N ARG B 228 -17.88 -72.33 23.87
CA ARG B 228 -17.24 -73.38 24.64
C ARG B 228 -16.43 -72.89 25.84
N VAL B 229 -16.42 -71.57 26.06
CA VAL B 229 -15.61 -70.98 27.12
C VAL B 229 -16.46 -70.65 28.35
N GLN B 230 -16.00 -71.05 29.53
CA GLN B 230 -16.65 -70.65 30.76
C GLN B 230 -16.29 -69.21 31.03
N PRO B 231 -17.18 -68.48 31.72
CA PRO B 231 -16.98 -67.05 32.00
C PRO B 231 -15.60 -66.76 32.60
N GLY B 232 -15.23 -67.51 33.63
CA GLY B 232 -13.96 -67.33 34.30
C GLY B 232 -12.75 -67.84 33.53
N GLU B 233 -12.95 -68.36 32.32
CA GLU B 233 -11.84 -68.88 31.52
C GLU B 233 -11.37 -67.87 30.49
N ILE B 234 -12.00 -66.70 30.50
CA ILE B 234 -11.53 -65.60 29.69
C ILE B 234 -10.43 -64.92 30.48
N SER B 235 -9.19 -65.22 30.11
CA SER B 235 -8.02 -64.90 30.94
C SER B 235 -7.36 -63.56 30.65
N LEU B 236 -7.33 -63.16 29.38
CA LEU B 236 -6.77 -61.86 28.98
C LEU B 236 -7.46 -61.33 27.72
N ALA B 237 -7.85 -60.05 27.76
CA ALA B 237 -8.35 -59.36 26.58
C ALA B 237 -7.39 -58.23 26.23
N VAL B 238 -7.08 -58.10 24.93
CA VAL B 238 -6.17 -57.08 24.47
C VAL B 238 -6.80 -56.23 23.35
N ALA B 239 -6.64 -54.91 23.47
CA ALA B 239 -6.89 -54.00 22.36
C ALA B 239 -5.56 -53.45 21.90
N PHE B 240 -5.31 -53.51 20.59
CA PHE B 240 -4.12 -52.95 19.98
C PHE B 240 -4.44 -51.62 19.33
N LYS B 241 -3.64 -50.60 19.59
CA LYS B 241 -3.84 -49.30 18.96
C LYS B 241 -2.47 -48.84 18.59
N ARG B 242 -2.15 -48.85 17.30
CA ARG B 242 -0.77 -48.57 16.92
C ARG B 242 -0.29 -47.22 17.48
N SER B 243 -1.14 -46.22 17.42
CA SER B 243 -0.84 -44.94 18.07
C SER B 243 -2.08 -44.49 18.82
N LEU B 244 -1.93 -43.51 19.70
CA LEU B 244 -3.07 -42.97 20.45
C LEU B 244 -3.42 -41.55 20.04
N ARG B 245 -4.70 -41.22 20.17
CA ARG B 245 -5.20 -39.86 20.23
C ARG B 245 -6.15 -39.84 21.42
N SER B 246 -6.33 -38.68 22.02
CA SER B 246 -7.08 -38.62 23.28
C SER B 246 -8.53 -39.06 23.06
N ASP B 247 -9.02 -38.92 21.83
CA ASP B 247 -10.40 -39.32 21.52
C ASP B 247 -10.51 -40.81 21.15
N ARG B 248 -9.39 -41.48 20.92
CA ARG B 248 -9.42 -42.89 20.51
C ARG B 248 -9.07 -43.84 21.66
N LEU B 249 -9.28 -43.42 22.89
CA LEU B 249 -8.89 -44.26 24.01
C LEU B 249 -10.05 -45.11 24.52
N TYR B 250 -11.25 -44.76 24.10
CA TYR B 250 -12.46 -45.13 24.85
C TYR B 250 -13.22 -46.41 24.54
N GLN B 251 -13.08 -46.94 23.33
CA GLN B 251 -13.76 -48.22 23.05
C GLN B 251 -13.29 -49.35 23.98
N PRO B 252 -11.95 -49.50 24.15
CA PRO B 252 -11.46 -50.56 25.06
C PRO B 252 -11.79 -50.26 26.53
N LEU B 253 -11.83 -48.99 26.90
CA LEU B 253 -12.15 -48.63 28.28
C LEU B 253 -13.60 -48.99 28.55
N TYR B 254 -14.46 -48.59 27.62
CA TYR B 254 -15.88 -48.89 27.78
C TYR B 254 -16.17 -50.38 27.75
N GLU B 255 -15.66 -51.06 26.73
CA GLU B 255 -15.89 -52.49 26.60
C GLU B 255 -15.35 -53.27 27.79
N ALA B 256 -14.22 -52.85 28.36
CA ALA B 256 -13.67 -53.55 29.51
C ALA B 256 -14.61 -53.41 30.69
N ASN B 257 -15.17 -52.21 30.85
CA ASN B 257 -16.23 -51.99 31.81
C ASN B 257 -17.43 -52.90 31.61
N VAL B 258 -17.85 -53.10 30.37
CA VAL B 258 -19.01 -53.95 30.13
C VAL B 258 -18.65 -55.41 30.41
N MET B 259 -17.47 -55.83 29.98
CA MET B 259 -17.00 -57.19 30.25
C MET B 259 -17.00 -57.45 31.76
N GLN B 260 -16.63 -56.44 32.54
CA GLN B 260 -16.52 -56.65 33.98
C GLN B 260 -17.89 -56.66 34.65
N LEU B 261 -18.79 -55.80 34.19
CA LEU B 261 -20.15 -55.81 34.72
C LEU B 261 -20.76 -57.19 34.53
N LEU B 262 -20.76 -57.69 33.29
CA LEU B 262 -21.36 -58.98 32.98
C LEU B 262 -20.61 -60.20 33.55
N LEU B 263 -19.32 -60.30 33.26
CA LEU B 263 -18.52 -61.44 33.70
C LEU B 263 -18.35 -61.53 35.23
N GLU B 264 -17.88 -60.45 35.84
CA GLU B 264 -17.68 -60.44 37.29
C GLU B 264 -18.98 -60.24 38.04
N GLY B 265 -19.78 -59.28 37.57
CA GLY B 265 -21.02 -58.93 38.25
C GLY B 265 -22.10 -59.99 38.15
N LYS B 266 -22.28 -60.56 36.97
CA LYS B 266 -23.41 -61.44 36.73
C LYS B 266 -23.02 -62.91 36.71
N LEU B 267 -21.80 -63.20 36.26
CA LEU B 267 -21.37 -64.59 36.12
C LEU B 267 -20.35 -65.03 37.19
N GLY B 268 -20.11 -64.16 38.16
CA GLY B 268 -19.26 -64.51 39.29
C GLY B 268 -17.78 -64.69 38.97
N ALA B 269 -17.41 -64.44 37.72
CA ALA B 269 -16.01 -64.54 37.32
C ALA B 269 -15.11 -63.65 38.18
N PRO B 270 -13.83 -64.03 38.29
CA PRO B 270 -12.77 -63.24 38.95
C PRO B 270 -12.34 -62.07 38.07
N LYS B 271 -11.55 -61.14 38.62
CA LYS B 271 -11.13 -59.95 37.91
C LYS B 271 -10.85 -60.22 36.44
N VAL B 272 -11.43 -59.39 35.57
CA VAL B 272 -11.23 -59.52 34.13
C VAL B 272 -10.05 -58.68 33.74
N GLU B 273 -9.06 -59.33 33.16
CA GLU B 273 -7.82 -58.70 32.78
C GLU B 273 -7.90 -58.17 31.36
N PHE B 274 -7.64 -56.88 31.19
CA PHE B 274 -7.84 -56.24 29.90
C PHE B 274 -6.82 -55.14 29.73
N GLU B 275 -6.05 -55.21 28.65
CA GLU B 275 -4.93 -54.29 28.44
C GLU B 275 -4.84 -53.71 27.02
N VAL B 276 -4.25 -52.53 26.93
CA VAL B 276 -4.01 -51.87 25.65
C VAL B 276 -2.53 -51.91 25.27
N HIS B 277 -2.27 -52.21 24.00
CA HIS B 277 -0.91 -52.13 23.46
C HIS B 277 -0.83 -50.97 22.47
N THR B 278 0.20 -50.15 22.60
CA THR B 278 0.41 -49.11 21.61
C THR B 278 1.91 -49.02 21.36
N LEU B 279 2.26 -48.39 20.25
CA LEU B 279 3.65 -48.13 19.94
C LEU B 279 3.93 -46.62 20.05
N ALA B 280 2.87 -45.84 20.22
CA ALA B 280 2.98 -44.37 20.25
C ALA B 280 1.95 -43.70 21.16
N PRO B 281 2.23 -43.63 22.46
CA PRO B 281 1.28 -43.04 23.39
C PRO B 281 1.12 -41.51 23.28
N GLU B 282 2.07 -40.81 22.66
CA GLU B 282 1.97 -39.35 22.53
C GLU B 282 1.70 -38.68 23.88
N GLY B 283 2.61 -38.89 24.81
CA GLY B 283 2.52 -38.26 26.12
C GLY B 283 2.10 -39.20 27.22
N THR B 284 1.69 -38.62 28.35
CA THR B 284 1.32 -39.38 29.54
C THR B 284 -0.20 -39.39 29.73
N ASN B 285 -0.86 -38.65 28.85
CA ASN B 285 -2.31 -38.54 28.80
C ASN B 285 -3.03 -39.88 28.98
N ALA B 286 -2.66 -40.84 28.13
CA ALA B 286 -3.42 -42.08 28.10
C ALA B 286 -3.10 -42.96 29.30
N PHE B 287 -1.88 -42.83 29.84
CA PHE B 287 -1.52 -43.62 31.02
C PHE B 287 -2.39 -43.19 32.20
N VAL B 288 -2.75 -41.91 32.24
CA VAL B 288 -3.64 -41.41 33.28
C VAL B 288 -5.07 -41.85 33.04
N THR B 289 -5.53 -41.69 31.80
CA THR B 289 -6.87 -42.12 31.43
C THR B 289 -7.12 -43.56 31.86
N TYR B 290 -6.16 -44.43 31.62
CA TYR B 290 -6.35 -45.85 31.86
C TYR B 290 -6.11 -46.30 33.31
N GLU B 291 -6.06 -45.36 34.24
CA GLU B 291 -6.01 -45.70 35.66
C GLU B 291 -7.43 -45.79 36.18
N ALA B 292 -8.36 -45.46 35.31
CA ALA B 292 -9.77 -45.42 35.64
C ALA B 292 -10.19 -46.72 36.33
N ALA B 293 -10.94 -46.57 37.42
CA ALA B 293 -11.51 -47.71 38.12
C ALA B 293 -12.69 -48.30 37.36
N SER B 294 -12.85 -49.61 37.46
CA SER B 294 -14.01 -50.28 36.86
C SER B 294 -15.29 -49.70 37.45
N LEU B 295 -16.15 -49.16 36.59
CA LEU B 295 -17.36 -48.45 37.03
C LEU B 295 -18.29 -49.36 37.84
N TYR B 296 -18.47 -50.58 37.36
CA TYR B 296 -19.28 -51.58 38.05
C TYR B 296 -18.80 -51.73 39.49
N GLY B 297 -17.55 -52.13 39.66
CA GLY B 297 -16.94 -52.26 40.97
C GLY B 297 -17.27 -51.11 41.90
N LEU B 298 -17.14 -49.89 41.39
CA LEU B 298 -17.40 -48.70 42.18
C LEU B 298 -18.86 -48.63 42.60
N ALA B 299 -19.70 -48.25 41.66
CA ALA B 299 -21.10 -47.95 41.93
C ALA B 299 -21.71 -48.88 42.98
N GLU B 300 -21.56 -50.18 42.79
CA GLU B 300 -22.12 -51.15 43.72
C GLU B 300 -21.60 -50.95 45.14
N GLY B 301 -20.30 -50.96 45.31
CA GLY B 301 -19.69 -50.63 46.58
C GLY B 301 -19.22 -51.82 47.39
N ARG B 302 -18.36 -52.64 46.78
CA ARG B 302 -17.63 -53.67 47.52
C ARG B 302 -16.16 -53.31 47.52
N SER B 303 -15.37 -54.01 48.31
CA SER B 303 -13.96 -53.67 48.41
C SER B 303 -13.22 -54.09 47.15
N ALA B 304 -11.91 -53.95 47.17
CA ALA B 304 -11.06 -54.46 46.10
C ALA B 304 -11.53 -54.01 44.72
N VAL B 305 -11.87 -52.73 44.61
CA VAL B 305 -12.14 -52.12 43.31
C VAL B 305 -10.84 -52.11 42.51
N HIS B 306 -10.90 -52.53 41.25
CA HIS B 306 -9.69 -52.50 40.40
C HIS B 306 -9.85 -51.62 39.16
N ARG B 307 -8.75 -51.43 38.44
CA ARG B 307 -8.77 -50.67 37.18
C ARG B 307 -9.58 -51.40 36.13
N ALA B 308 -10.16 -50.66 35.19
CA ALA B 308 -10.81 -51.31 34.06
C ALA B 308 -9.75 -51.87 33.14
N ILE B 309 -8.75 -51.04 32.84
CA ILE B 309 -7.63 -51.46 32.02
C ILE B 309 -6.42 -51.65 32.91
N ARG B 310 -5.86 -52.86 32.89
CA ARG B 310 -4.83 -53.21 33.86
C ARG B 310 -3.55 -52.48 33.59
N GLU B 311 -3.28 -52.22 32.31
CA GLU B 311 -2.04 -51.60 31.90
C GLU B 311 -2.14 -51.06 30.48
N LEU B 312 -1.53 -49.90 30.24
CA LEU B 312 -1.22 -49.47 28.88
C LEU B 312 0.22 -49.92 28.61
N TYR B 313 0.40 -50.85 27.68
CA TYR B 313 1.71 -51.43 27.41
C TYR B 313 2.33 -50.96 26.09
N VAL B 314 3.59 -50.53 26.15
CA VAL B 314 4.31 -50.07 24.96
C VAL B 314 5.50 -50.99 24.66
N PRO B 315 5.29 -52.01 23.81
CA PRO B 315 6.29 -53.01 23.42
C PRO B 315 7.53 -52.41 22.77
N PRO B 316 8.67 -52.51 23.45
CA PRO B 316 9.94 -52.01 22.91
C PRO B 316 10.40 -52.87 21.74
N THR B 317 10.28 -54.18 21.91
CA THR B 317 10.65 -55.13 20.87
C THR B 317 9.71 -56.33 20.95
N ALA B 318 9.71 -57.16 19.91
CA ALA B 318 8.88 -58.36 19.91
C ALA B 318 9.30 -59.33 21.00
N ALA B 319 10.59 -59.35 21.29
CA ALA B 319 11.10 -60.23 22.33
C ALA B 319 10.41 -59.87 23.65
N ASP B 320 10.34 -58.58 23.95
CA ASP B 320 9.78 -58.12 25.21
C ASP B 320 8.29 -58.46 25.28
N LEU B 321 7.65 -58.42 24.12
CA LEU B 321 6.23 -58.76 24.05
C LEU B 321 6.00 -60.20 24.47
N ALA B 322 6.81 -61.11 23.92
CA ALA B 322 6.74 -62.52 24.29
C ALA B 322 7.06 -62.75 25.77
N ARG B 323 8.11 -62.11 26.27
CA ARG B 323 8.49 -62.28 27.67
C ARG B 323 7.33 -61.93 28.58
N ARG B 324 6.81 -60.73 28.37
CA ARG B 324 5.69 -60.24 29.17
C ARG B 324 4.53 -61.24 29.19
N PHE B 325 4.11 -61.68 28.02
CA PHE B 325 3.00 -62.62 27.90
C PHE B 325 3.30 -63.92 28.65
N PHE B 326 4.55 -64.39 28.56
CA PHE B 326 4.96 -65.59 29.27
C PHE B 326 4.87 -65.33 30.76
N ALA B 327 5.40 -64.17 31.17
CA ALA B 327 5.33 -63.78 32.56
C ALA B 327 3.88 -63.74 33.03
N PHE B 328 2.99 -63.20 32.18
CA PHE B 328 1.57 -63.11 32.54
C PHE B 328 0.97 -64.51 32.73
N LEU B 329 1.11 -65.37 31.73
CA LEU B 329 0.60 -66.72 31.81
C LEU B 329 1.09 -67.43 33.07
N ASN B 330 2.39 -67.31 33.33
CA ASN B 330 2.98 -67.93 34.50
C ASN B 330 2.23 -67.56 35.78
N GLU B 331 1.88 -66.28 35.92
CA GLU B 331 1.13 -65.84 37.09
C GLU B 331 -0.38 -66.11 37.00
N ARG B 332 -0.98 -65.80 35.86
CA ARG B 332 -2.43 -65.94 35.68
C ARG B 332 -2.96 -67.38 35.70
N MET B 333 -2.18 -68.31 35.16
CA MET B 333 -2.68 -69.69 35.05
C MET B 333 -2.62 -70.50 36.34
N GLU B 334 -2.06 -69.92 37.39
CA GLU B 334 -2.10 -70.59 38.68
C GLU B 334 -3.50 -70.53 39.30
N LEU B 335 -4.36 -69.68 38.74
CA LEU B 335 -5.74 -69.59 39.18
C LEU B 335 -6.54 -70.79 38.67
N VAL B 336 -5.88 -71.62 37.86
CA VAL B 336 -6.53 -72.77 37.23
C VAL B 336 -5.97 -74.07 37.80
N ASN B 337 -6.85 -74.93 38.30
CA ASN B 337 -6.41 -76.20 38.86
C ASN B 337 -5.75 -77.08 37.82
N GLY B 338 -4.60 -77.66 38.18
CA GLY B 338 -3.91 -78.59 37.30
C GLY B 338 -4.73 -79.84 37.04
N PRO C 1 5.40 61.82 2.75
CA PRO C 1 6.50 62.20 1.86
C PRO C 1 6.92 61.01 0.99
N PHE C 2 7.84 61.24 0.06
CA PHE C 2 8.36 60.15 -0.78
C PHE C 2 9.06 59.07 0.05
N THR C 3 9.88 59.48 1.02
CA THR C 3 10.42 58.52 1.97
C THR C 3 9.42 58.40 3.11
N TYR C 4 9.11 57.17 3.51
CA TYR C 4 8.07 56.97 4.51
C TYR C 4 8.41 57.73 5.80
N SER C 5 7.38 58.28 6.43
CA SER C 5 7.54 59.03 7.68
C SER C 5 6.47 58.70 8.71
N ILE C 6 6.89 58.13 9.83
CA ILE C 6 5.98 57.78 10.92
C ILE C 6 5.16 58.99 11.39
N GLU C 7 5.86 60.08 11.66
CA GLU C 7 5.21 61.32 12.09
C GLU C 7 4.19 61.80 11.07
N ALA C 8 4.61 61.92 9.81
CA ALA C 8 3.71 62.33 8.75
C ALA C 8 2.40 61.50 8.72
N THR C 9 2.55 60.18 8.82
CA THR C 9 1.39 59.29 8.78
C THR C 9 0.50 59.52 10.01
N ARG C 10 1.14 59.77 11.14
CA ARG C 10 0.44 60.10 12.38
C ARG C 10 -0.43 61.33 12.19
N ASN C 11 0.18 62.39 11.67
CA ASN C 11 -0.48 63.69 11.51
C ASN C 11 -1.65 63.70 10.54
N LEU C 12 -1.82 62.61 9.78
CA LEU C 12 -2.89 62.53 8.78
C LEU C 12 -4.25 62.35 9.42
N ALA C 13 -5.25 63.03 8.88
CA ALA C 13 -6.65 62.78 9.25
C ALA C 13 -7.06 61.39 8.77
N THR C 14 -7.96 60.75 9.51
CA THR C 14 -8.36 59.40 9.15
C THR C 14 -8.66 59.27 7.64
N THR C 15 -9.39 60.23 7.10
CA THR C 15 -9.78 60.16 5.70
C THR C 15 -8.63 60.45 4.70
N GLU C 16 -7.48 60.86 5.22
CA GLU C 16 -6.35 61.21 4.37
C GLU C 16 -5.33 60.08 4.32
N ARG C 17 -5.59 59.05 5.10
CA ARG C 17 -4.69 57.91 5.16
C ARG C 17 -4.74 57.05 3.92
N CYS C 18 -3.62 56.39 3.66
CA CYS C 18 -3.42 55.58 2.48
C CYS C 18 -4.22 54.30 2.51
N ILE C 19 -4.38 53.74 3.72
CA ILE C 19 -5.18 52.55 3.91
C ILE C 19 -6.49 52.92 4.61
N GLN C 20 -7.61 52.52 4.04
CA GLN C 20 -8.92 52.84 4.59
C GLN C 20 -9.58 51.58 5.09
N ASP C 21 -9.60 51.39 6.40
CA ASP C 21 -10.26 50.24 7.02
C ASP C 21 -11.76 50.28 6.71
N ILE C 22 -12.30 49.24 6.10
CA ILE C 22 -13.71 49.24 5.73
C ILE C 22 -14.52 48.03 6.20
N ARG C 23 -13.98 47.26 7.12
CA ARG C 23 -14.73 46.11 7.58
C ARG C 23 -15.76 46.52 8.63
N ASN C 24 -15.70 47.79 9.05
CA ASN C 24 -16.47 48.28 10.19
C ASN C 24 -16.59 47.21 11.28
N ALA C 25 -15.49 47.01 11.99
CA ALA C 25 -15.39 45.96 13.00
C ALA C 25 -15.55 46.49 14.42
N PRO C 26 -16.14 45.68 15.32
CA PRO C 26 -16.34 46.05 16.71
C PRO C 26 -15.00 46.31 17.40
N VAL C 27 -14.91 47.36 18.19
CA VAL C 27 -13.73 47.57 19.03
C VAL C 27 -13.89 46.76 20.31
N ARG C 28 -13.16 45.64 20.39
CA ARG C 28 -13.23 44.79 21.57
C ARG C 28 -11.85 44.54 22.15
N ASN C 29 -11.80 43.91 23.30
CA ASN C 29 -10.53 43.56 23.91
C ASN C 29 -9.82 42.44 23.17
N ARG C 30 -10.58 41.42 22.77
CA ARG C 30 -10.02 40.33 22.00
C ARG C 30 -10.20 40.62 20.51
N SER C 31 -9.44 39.93 19.69
CA SER C 31 -9.56 40.11 18.25
C SER C 31 -10.18 38.86 17.64
N THR C 32 -10.82 38.04 18.47
CA THR C 32 -11.42 36.81 17.97
C THR C 32 -12.48 37.14 16.92
N GLN C 33 -12.60 36.29 15.91
CA GLN C 33 -13.52 36.52 14.81
C GLN C 33 -14.57 35.44 14.76
N PHE C 34 -14.11 34.21 14.95
CA PHE C 34 -14.99 33.08 15.03
C PHE C 34 -14.74 32.40 16.36
N GLN C 35 -15.82 32.00 17.04
CA GLN C 35 -15.67 31.31 18.31
C GLN C 35 -15.95 29.85 18.15
N LEU C 36 -15.12 29.03 18.76
CA LEU C 36 -15.37 27.61 18.81
C LEU C 36 -16.36 27.36 19.94
N ALA C 37 -17.56 26.94 19.59
CA ALA C 37 -18.60 26.73 20.60
C ALA C 37 -18.50 25.34 21.18
N GLN C 38 -17.67 25.18 22.20
CA GLN C 38 -17.41 23.83 22.70
C GLN C 38 -18.64 23.06 23.14
N GLN C 39 -19.59 23.73 23.77
CA GLN C 39 -20.79 23.04 24.25
C GLN C 39 -21.65 22.56 23.06
N ASN C 40 -21.78 23.42 22.06
CA ASN C 40 -22.44 23.04 20.80
C ASN C 40 -21.67 21.90 20.13
N MET C 41 -20.34 21.97 20.14
CA MET C 41 -19.54 20.96 19.47
C MET C 41 -19.67 19.61 20.15
N LEU C 42 -19.85 19.63 21.45
CA LEU C 42 -20.03 18.39 22.19
C LEU C 42 -21.36 17.78 21.82
N ALA C 43 -22.39 18.60 21.73
CA ALA C 43 -23.72 18.06 21.51
C ALA C 43 -23.82 17.52 20.08
N TYR C 44 -23.09 18.17 19.18
CA TYR C 44 -23.07 17.80 17.79
C TYR C 44 -22.34 16.47 17.56
N THR C 45 -21.10 16.42 18.00
CA THR C 45 -20.25 15.27 17.75
C THR C 45 -20.62 14.11 18.67
N PHE C 46 -21.06 14.42 19.88
CA PHE C 46 -21.29 13.39 20.88
C PHE C 46 -22.71 13.40 21.44
N GLY C 47 -23.62 14.09 20.78
CA GLY C 47 -25.00 14.14 21.22
C GLY C 47 -25.64 12.76 21.38
N GLU C 48 -25.16 11.77 20.63
CA GLU C 48 -25.69 10.42 20.72
C GLU C 48 -24.61 9.36 20.92
N VAL C 49 -23.41 9.80 21.27
CA VAL C 49 -22.28 8.90 21.41
C VAL C 49 -21.48 9.20 22.67
N ILE C 50 -21.46 8.28 23.63
CA ILE C 50 -20.40 8.26 24.63
C ILE C 50 -19.39 7.17 24.28
N PRO C 51 -18.18 7.58 23.86
CA PRO C 51 -17.12 6.63 23.48
C PRO C 51 -16.93 5.61 24.58
N GLY C 52 -16.73 4.35 24.21
CA GLY C 52 -16.64 3.28 25.19
C GLY C 52 -17.98 2.62 25.45
N PHE C 53 -19.05 3.34 25.15
CA PHE C 53 -20.42 2.84 25.33
C PHE C 53 -21.22 2.97 24.02
N ALA C 54 -20.49 3.05 22.92
CA ALA C 54 -21.06 3.24 21.59
C ALA C 54 -20.82 1.97 20.77
N SER C 55 -20.64 2.12 19.46
CA SER C 55 -20.33 0.98 18.59
C SER C 55 -18.87 0.58 18.77
N ALA C 56 -18.55 -0.67 18.39
CA ALA C 56 -17.19 -1.17 18.60
C ALA C 56 -16.20 -0.28 17.88
N GLY C 57 -16.62 0.22 16.72
CA GLY C 57 -15.81 1.13 15.95
C GLY C 57 -15.27 2.24 16.82
N ILE C 58 -16.18 3.00 17.40
CA ILE C 58 -15.79 4.13 18.24
C ILE C 58 -15.12 3.65 19.53
N ASN C 59 -15.69 2.65 20.20
CA ASN C 59 -15.07 2.17 21.44
C ASN C 59 -13.61 1.78 21.27
N GLY C 60 -13.25 1.32 20.08
CA GLY C 60 -11.92 0.78 19.85
C GLY C 60 -11.03 1.66 19.00
N MET C 61 -11.57 2.80 18.60
CA MET C 61 -10.81 3.77 17.82
C MET C 61 -9.70 4.44 18.66
N ASP C 62 -8.62 4.89 18.03
CA ASP C 62 -7.58 5.64 18.73
C ASP C 62 -8.24 6.79 19.48
N TYR C 63 -8.11 6.78 20.80
CA TYR C 63 -8.78 7.78 21.61
C TYR C 63 -8.41 9.19 21.14
N ARG C 64 -7.18 9.35 20.65
CA ARG C 64 -6.75 10.66 20.11
C ARG C 64 -7.62 11.15 18.97
N ASP C 65 -8.09 10.24 18.13
CA ASP C 65 -8.93 10.65 17.01
C ASP C 65 -10.35 10.95 17.51
N VAL C 66 -10.79 10.23 18.54
CA VAL C 66 -12.12 10.47 19.09
C VAL C 66 -12.17 11.88 19.72
N ILE C 67 -11.13 12.23 20.46
CA ILE C 67 -11.06 13.50 21.16
C ILE C 67 -10.85 14.65 20.17
N GLY C 68 -10.12 14.39 19.10
CA GLY C 68 -9.98 15.38 18.03
C GLY C 68 -11.19 15.58 17.14
N ARG C 69 -12.13 14.63 17.14
CA ARG C 69 -13.29 14.74 16.22
C ARG C 69 -14.10 16.04 16.33
N PRO C 70 -14.41 16.49 17.56
CA PRO C 70 -15.21 17.72 17.61
C PRO C 70 -14.54 18.92 16.94
N VAL C 71 -13.24 19.15 17.14
CA VAL C 71 -12.60 20.30 16.46
C VAL C 71 -12.53 20.11 14.92
N GLU C 72 -12.20 18.92 14.47
CA GLU C 72 -12.23 18.64 13.04
C GLU C 72 -13.63 18.87 12.48
N ASN C 73 -14.64 18.40 13.21
CA ASN C 73 -16.02 18.71 12.85
C ASN C 73 -16.29 20.22 12.81
N ALA C 74 -15.75 20.97 13.77
CA ALA C 74 -16.01 22.41 13.80
C ALA C 74 -15.32 23.16 12.68
N VAL C 75 -14.12 22.72 12.32
CA VAL C 75 -13.40 23.31 11.20
C VAL C 75 -14.15 23.00 9.90
N THR C 76 -14.59 21.75 9.74
CA THR C 76 -15.43 21.38 8.60
C THR C 76 -16.61 22.34 8.48
N GLU C 77 -17.41 22.46 9.53
CA GLU C 77 -18.49 23.45 9.51
C GLU C 77 -17.97 24.83 9.16
N GLY C 78 -16.86 25.21 9.79
CA GLY C 78 -16.31 26.54 9.61
C GLY C 78 -15.94 26.84 8.16
N THR C 79 -15.22 25.91 7.54
CA THR C 79 -14.77 26.10 6.17
C THR C 79 -15.94 26.08 5.19
N HIS C 80 -16.87 25.16 5.42
N HIS C 80 -16.91 25.21 5.46
CA HIS C 80 -18.06 25.07 4.60
CA HIS C 80 -18.06 25.04 4.57
C HIS C 80 -18.69 26.44 4.49
C HIS C 80 -19.07 26.18 4.61
N PHE C 81 -19.00 27.02 5.65
CA PHE C 81 -19.84 28.21 5.73
C PHE C 81 -19.10 29.51 5.45
N PHE C 82 -17.80 29.52 5.68
CA PHE C 82 -17.07 30.79 5.65
C PHE C 82 -15.86 30.69 4.74
N ARG C 83 -15.63 29.50 4.22
CA ARG C 83 -14.53 29.25 3.31
C ARG C 83 -13.23 29.96 3.71
N ASP C 84 -12.82 30.95 2.93
CA ASP C 84 -11.52 31.60 3.13
C ASP C 84 -11.42 32.47 4.38
N ASP C 85 -12.55 32.99 4.84
CA ASP C 85 -12.53 33.93 5.96
C ASP C 85 -12.32 33.24 7.31
N PHE C 86 -12.58 31.93 7.36
CA PHE C 86 -12.50 31.21 8.62
C PHE C 86 -11.07 31.09 9.13
N ARG C 87 -10.76 31.80 10.21
CA ARG C 87 -9.49 31.62 10.92
C ARG C 87 -9.73 31.55 12.43
N VAL C 88 -9.30 30.46 13.06
CA VAL C 88 -9.24 30.40 14.52
C VAL C 88 -7.81 30.19 14.99
N ASP C 89 -7.40 30.97 15.99
CA ASP C 89 -6.07 30.86 16.56
C ASP C 89 -5.87 29.46 17.15
N SER C 90 -4.66 28.92 17.05
CA SER C 90 -4.38 27.60 17.62
C SER C 90 -4.61 27.58 19.13
N ASN C 91 -4.59 28.74 19.76
CA ASN C 91 -4.92 28.83 21.19
C ASN C 91 -6.40 28.55 21.47
N ALA C 92 -7.28 28.89 20.53
CA ALA C 92 -8.67 28.50 20.67
C ALA C 92 -8.78 26.99 20.58
N LYS C 93 -8.03 26.42 19.64
CA LYS C 93 -8.10 24.97 19.43
C LYS C 93 -7.52 24.26 20.65
N ALA C 94 -6.48 24.86 21.22
CA ALA C 94 -5.86 24.33 22.42
C ALA C 94 -6.86 24.31 23.57
N LYS C 95 -7.49 25.46 23.85
CA LYS C 95 -8.45 25.56 24.96
C LYS C 95 -9.59 24.54 24.83
N VAL C 96 -10.18 24.44 23.64
CA VAL C 96 -11.35 23.59 23.43
C VAL C 96 -10.98 22.11 23.50
N ALA C 97 -9.93 21.75 22.79
CA ALA C 97 -9.45 20.38 22.79
C ALA C 97 -9.25 19.88 24.22
N GLY C 98 -8.65 20.71 25.09
CA GLY C 98 -8.45 20.27 26.47
C GLY C 98 -9.74 20.05 27.25
N ASP C 99 -10.63 21.04 27.20
CA ASP C 99 -11.95 20.89 27.80
C ASP C 99 -12.67 19.65 27.23
N ILE C 100 -12.58 19.43 25.92
CA ILE C 100 -13.25 18.24 25.33
C ILE C 100 -12.70 16.94 25.92
N PHE C 101 -11.38 16.88 26.09
CA PHE C 101 -10.74 15.67 26.59
C PHE C 101 -11.17 15.43 28.02
N GLU C 102 -11.15 16.49 28.80
CA GLU C 102 -11.66 16.39 30.15
C GLU C 102 -13.15 16.04 30.17
N ILE C 103 -13.95 16.75 29.40
CA ILE C 103 -15.39 16.53 29.52
C ILE C 103 -15.83 15.14 29.06
N VAL C 104 -15.27 14.66 27.95
CA VAL C 104 -15.60 13.35 27.42
C VAL C 104 -15.11 12.20 28.29
N SER C 105 -13.85 12.25 28.73
CA SER C 105 -13.33 11.21 29.60
C SER C 105 -14.18 11.11 30.86
N SER C 106 -14.50 12.26 31.45
CA SER C 106 -15.39 12.29 32.63
C SER C 106 -16.74 11.66 32.36
N ALA C 107 -17.25 11.85 31.14
CA ALA C 107 -18.54 11.28 30.78
C ALA C 107 -18.45 9.79 30.55
N VAL C 108 -17.31 9.31 30.06
CA VAL C 108 -17.10 7.86 29.99
C VAL C 108 -17.17 7.29 31.41
N MET C 109 -16.41 7.88 32.32
CA MET C 109 -16.38 7.42 33.70
C MET C 109 -17.76 7.50 34.38
N TRP C 110 -18.49 8.59 34.17
CA TRP C 110 -19.87 8.66 34.62
C TRP C 110 -20.65 7.40 34.19
N ASN C 111 -20.58 7.08 32.90
CA ASN C 111 -21.25 5.87 32.45
C ASN C 111 -20.74 4.60 33.09
N CYS C 112 -19.43 4.55 33.43
CA CYS C 112 -18.87 3.39 34.14
C CYS C 112 -19.47 3.30 35.54
N ALA C 113 -19.49 4.46 36.21
CA ALA C 113 -20.12 4.59 37.51
C ALA C 113 -21.57 4.11 37.48
N ALA C 114 -22.31 4.54 36.48
CA ALA C 114 -23.71 4.18 36.37
C ALA C 114 -23.87 2.66 36.31
N ARG C 115 -23.12 2.03 35.41
CA ARG C 115 -23.19 0.60 35.18
C ARG C 115 -22.77 -0.15 36.43
N TRP C 116 -21.73 0.37 37.07
CA TRP C 116 -21.22 -0.19 38.29
C TRP C 116 -22.23 -0.09 39.44
N ASN C 117 -22.95 1.04 39.52
CA ASN C 117 -23.85 1.26 40.64
C ASN C 117 -25.08 0.36 40.50
N SER C 118 -25.55 0.22 39.27
CA SER C 118 -26.63 -0.67 38.93
C SER C 118 -26.37 -2.09 39.42
N LEU C 119 -25.15 -2.57 39.19
CA LEU C 119 -24.73 -3.89 39.67
C LEU C 119 -24.62 -3.94 41.20
N MET C 120 -24.07 -2.89 41.81
CA MET C 120 -23.99 -2.81 43.28
C MET C 120 -25.35 -2.91 43.95
N VAL C 121 -26.39 -2.40 43.28
CA VAL C 121 -27.70 -2.38 43.92
C VAL C 121 -28.52 -3.62 43.59
N GLY C 122 -27.98 -4.48 42.72
CA GLY C 122 -28.58 -5.78 42.47
C GLY C 122 -29.37 -5.91 41.19
N GLU C 123 -29.13 -5.02 40.23
CA GLU C 123 -29.84 -5.02 38.96
C GLU C 123 -29.03 -5.67 37.84
N GLY C 124 -27.98 -6.40 38.23
CA GLY C 124 -27.13 -7.10 37.29
C GLY C 124 -26.13 -6.24 36.54
N TRP C 125 -25.43 -6.89 35.62
CA TRP C 125 -24.37 -6.30 34.84
C TRP C 125 -24.85 -6.10 33.41
N ARG C 126 -24.82 -4.87 32.90
CA ARG C 126 -25.25 -4.59 31.52
C ARG C 126 -24.24 -5.08 30.48
N SER C 127 -24.59 -5.00 29.20
CA SER C 127 -23.85 -5.74 28.17
C SER C 127 -23.63 -5.03 26.84
N GLN C 128 -24.08 -3.79 26.72
CA GLN C 128 -23.95 -3.06 25.46
C GLN C 128 -23.05 -1.85 25.63
N PRO C 129 -21.74 -2.02 25.43
CA PRO C 129 -21.04 -3.23 25.02
C PRO C 129 -20.64 -4.07 26.21
N ARG C 130 -19.96 -5.19 25.98
CA ARG C 130 -19.58 -6.08 27.08
C ARG C 130 -18.27 -5.71 27.72
N TYR C 131 -18.25 -5.72 29.05
CA TYR C 131 -17.05 -5.48 29.81
C TYR C 131 -16.96 -6.58 30.83
N SER C 132 -15.75 -6.95 31.19
CA SER C 132 -15.57 -8.01 32.15
C SER C 132 -16.29 -7.63 33.43
N ARG C 133 -17.01 -8.59 33.99
CA ARG C 133 -17.90 -8.37 35.13
C ARG C 133 -17.13 -8.24 36.44
N PRO C 134 -17.42 -7.19 37.21
CA PRO C 134 -16.77 -7.09 38.52
C PRO C 134 -17.02 -8.32 39.37
N THR C 135 -16.04 -8.68 40.21
CA THR C 135 -16.11 -9.86 41.06
C THR C 135 -16.36 -9.51 42.51
N LEU C 136 -16.08 -8.26 42.87
CA LEU C 136 -16.39 -7.74 44.20
C LEU C 136 -17.82 -8.11 44.57
N SER C 137 -18.04 -8.38 45.85
CA SER C 137 -19.39 -8.61 46.36
C SER C 137 -20.19 -7.31 46.29
N PRO C 138 -21.31 -7.35 45.56
CA PRO C 138 -22.19 -6.18 45.38
C PRO C 138 -22.75 -5.65 46.70
N SER C 139 -22.94 -4.34 46.78
CA SER C 139 -23.57 -3.69 47.92
C SER C 139 -23.90 -2.25 47.58
N PRO C 140 -25.10 -1.78 47.96
CA PRO C 140 -25.38 -0.37 47.73
C PRO C 140 -24.32 0.52 48.36
N ARG C 141 -23.63 0.04 49.39
CA ARG C 141 -22.63 0.85 50.11
C ARG C 141 -21.36 1.06 49.29
N ARG C 142 -21.28 0.42 48.12
CA ARG C 142 -20.08 0.50 47.31
C ARG C 142 -20.33 1.23 45.99
N GLN C 143 -21.43 1.96 45.94
CA GLN C 143 -21.69 2.81 44.81
C GLN C 143 -20.76 4.00 44.89
N VAL C 144 -20.42 4.57 43.75
CA VAL C 144 -19.52 5.70 43.73
C VAL C 144 -20.18 6.77 42.91
N ALA C 145 -19.76 8.02 43.11
CA ALA C 145 -20.22 9.10 42.26
C ALA C 145 -19.01 9.68 41.55
N VAL C 146 -19.17 9.97 40.27
CA VAL C 146 -18.10 10.54 39.46
C VAL C 146 -18.39 12.03 39.25
N LEU C 147 -17.57 12.90 39.87
CA LEU C 147 -17.76 14.34 39.84
C LEU C 147 -16.72 15.11 39.03
N ASN C 148 -17.16 15.59 37.88
CA ASN C 148 -16.41 16.57 37.14
C ASN C 148 -16.48 17.88 37.93
N LEU C 149 -15.34 18.33 38.43
CA LEU C 149 -15.28 19.50 39.30
C LEU C 149 -15.16 20.77 38.48
N PRO C 150 -15.81 21.85 38.91
CA PRO C 150 -15.85 23.05 38.08
C PRO C 150 -14.60 23.92 38.18
N ARG C 151 -14.39 24.75 37.17
CA ARG C 151 -13.38 25.78 37.25
C ARG C 151 -13.57 26.58 38.54
N SER C 152 -12.48 26.82 39.28
CA SER C 152 -12.53 27.63 40.50
C SER C 152 -12.86 26.87 41.78
N PHE C 153 -12.97 25.56 41.70
CA PHE C 153 -13.50 24.77 42.82
C PHE C 153 -12.46 24.66 43.93
N ASP C 154 -12.92 24.43 45.16
CA ASP C 154 -12.02 24.04 46.24
C ASP C 154 -12.44 22.65 46.69
N TRP C 155 -11.57 21.67 46.48
CA TRP C 155 -11.93 20.30 46.80
C TRP C 155 -12.31 20.08 48.26
N VAL C 156 -11.83 20.94 49.16
CA VAL C 156 -12.22 20.81 50.56
C VAL C 156 -13.75 20.96 50.74
N SER C 157 -14.38 21.73 49.86
CA SER C 157 -15.84 21.91 49.86
C SER C 157 -16.65 20.64 49.74
N LEU C 158 -15.97 19.55 49.38
CA LEU C 158 -16.65 18.26 49.26
C LEU C 158 -16.85 17.64 50.64
N LEU C 159 -15.94 17.95 51.55
CA LEU C 159 -15.86 17.28 52.85
C LEU C 159 -17.01 17.62 53.79
N VAL C 160 -17.31 16.69 54.71
CA VAL C 160 -18.31 16.89 55.74
C VAL C 160 -17.86 18.04 56.65
N PRO C 161 -18.82 18.74 57.29
CA PRO C 161 -18.57 19.89 58.17
C PRO C 161 -17.47 19.66 59.20
N GLU C 162 -17.45 18.50 59.84
CA GLU C 162 -16.46 18.29 60.90
C GLU C 162 -15.05 18.18 60.33
N SER C 163 -14.94 17.83 59.05
CA SER C 163 -13.64 17.78 58.41
C SER C 163 -13.22 19.15 57.87
N GLN C 164 -14.16 19.92 57.31
CA GLN C 164 -13.79 21.27 56.90
C GLN C 164 -13.38 22.09 58.13
N GLU C 165 -13.92 21.73 59.29
CA GLU C 165 -13.58 22.44 60.52
C GLU C 165 -12.14 22.14 60.95
N VAL C 166 -11.78 20.87 60.98
CA VAL C 166 -10.43 20.44 61.31
C VAL C 166 -9.40 21.12 60.41
N ILE C 167 -9.73 21.21 59.12
CA ILE C 167 -8.87 21.91 58.18
C ILE C 167 -8.84 23.42 58.46
N GLU C 168 -10.01 24.03 58.61
CA GLU C 168 -10.05 25.48 58.87
C GLU C 168 -9.30 25.92 60.15
N GLU C 169 -9.31 25.07 61.16
CA GLU C 169 -8.58 25.37 62.39
C GLU C 169 -7.07 25.28 62.15
N PHE C 170 -6.65 24.23 61.45
CA PHE C 170 -5.26 24.06 61.05
C PHE C 170 -4.77 25.29 60.32
N ARG C 171 -5.63 25.84 59.48
CA ARG C 171 -5.27 27.01 58.70
C ARG C 171 -5.24 28.30 59.50
N ALA C 172 -6.23 28.50 60.35
CA ALA C 172 -6.27 29.69 61.19
C ALA C 172 -4.95 29.75 61.97
N GLY C 173 -4.54 28.60 62.48
CA GLY C 173 -3.26 28.49 63.18
C GLY C 173 -2.06 28.91 62.35
N LEU C 174 -2.20 28.80 61.03
CA LEU C 174 -1.10 29.14 60.11
C LEU C 174 -1.12 30.60 59.72
N ARG C 175 -2.30 31.17 59.55
CA ARG C 175 -2.37 32.59 59.22
C ARG C 175 -1.89 33.45 60.39
N LYS C 176 -1.72 32.82 61.54
CA LYS C 176 -1.18 33.50 62.72
C LYS C 176 0.33 33.64 62.61
N ASP C 177 0.91 33.06 61.58
CA ASP C 177 2.32 33.25 61.28
C ASP C 177 2.47 33.89 59.92
N GLY C 178 1.36 34.39 59.38
CA GLY C 178 1.35 35.00 58.06
C GLY C 178 1.46 33.99 56.94
N LEU C 179 1.03 32.77 57.21
CA LEU C 179 1.16 31.69 56.23
C LEU C 179 -0.20 31.22 55.75
N GLY C 180 -0.19 30.33 54.77
CA GLY C 180 -1.40 29.70 54.30
C GLY C 180 -1.19 28.26 53.88
N LEU C 181 -2.26 27.64 53.43
CA LEU C 181 -2.19 26.37 52.75
C LEU C 181 -3.41 26.25 51.88
N PRO C 182 -3.46 27.07 50.82
CA PRO C 182 -4.60 27.02 49.90
C PRO C 182 -4.73 25.63 49.27
N THR C 183 -5.96 25.26 48.94
CA THR C 183 -6.22 24.03 48.21
C THR C 183 -6.98 24.42 46.94
N SER C 184 -6.65 23.75 45.84
CA SER C 184 -7.31 24.04 44.57
C SER C 184 -8.27 22.90 44.27
N THR C 185 -7.99 22.14 43.22
CA THR C 185 -8.85 21.02 42.87
C THR C 185 -8.29 20.14 41.75
N PRO C 186 -8.55 18.83 41.80
CA PRO C 186 -8.27 18.10 40.57
C PRO C 186 -9.42 18.37 39.61
N ASP C 187 -9.34 17.85 38.40
CA ASP C 187 -10.40 17.96 37.42
C ASP C 187 -11.61 17.15 37.82
N LEU C 188 -11.35 16.05 38.51
CA LEU C 188 -12.38 15.07 38.73
C LEU C 188 -12.10 14.32 39.99
N ALA C 189 -13.17 13.95 40.68
CA ALA C 189 -13.04 13.12 41.87
C ALA C 189 -14.08 12.02 41.80
N VAL C 190 -13.68 10.81 42.15
CA VAL C 190 -14.62 9.72 42.34
C VAL C 190 -14.74 9.58 43.84
N VAL C 191 -15.96 9.66 44.35
CA VAL C 191 -16.21 9.44 45.78
C VAL C 191 -17.25 8.36 45.99
N VAL C 192 -17.16 7.67 47.11
CA VAL C 192 -18.21 6.77 47.55
C VAL C 192 -19.49 7.57 47.67
N LEU C 193 -20.57 7.03 47.14
CA LEU C 193 -21.85 7.75 47.16
C LEU C 193 -22.35 7.90 48.60
N PRO C 194 -22.65 9.15 49.02
CA PRO C 194 -23.16 9.28 50.40
C PRO C 194 -24.41 8.42 50.61
N GLU C 195 -24.54 7.85 51.80
CA GLU C 195 -25.58 6.84 52.06
C GLU C 195 -26.99 7.32 51.80
N GLU C 196 -27.23 8.61 52.06
CA GLU C 196 -28.55 9.16 51.86
C GLU C 196 -29.00 9.03 50.41
N PHE C 197 -28.05 8.97 49.47
CA PHE C 197 -28.36 8.94 48.03
C PHE C 197 -28.27 7.55 47.39
N GLN C 198 -28.03 6.52 48.20
CA GLN C 198 -27.76 5.19 47.68
C GLN C 198 -28.98 4.44 47.16
N ASN C 199 -30.13 5.12 47.12
CA ASN C 199 -31.31 4.61 46.44
C ASN C 199 -31.80 5.56 45.37
N ASP C 200 -31.04 6.61 45.12
CA ASP C 200 -31.39 7.55 44.07
C ASP C 200 -30.94 7.00 42.73
N GLU C 201 -31.88 6.82 41.84
CA GLU C 201 -31.59 6.11 40.60
C GLU C 201 -30.80 6.96 39.62
N MET C 202 -30.60 8.26 39.90
CA MET C 202 -29.88 9.08 38.93
C MET C 202 -28.44 8.62 38.75
N TRP C 203 -27.89 8.02 39.80
CA TRP C 203 -26.49 7.63 39.86
C TRP C 203 -26.27 6.30 39.16
N ARG C 204 -27.36 5.73 38.66
CA ARG C 204 -27.38 4.40 38.07
C ARG C 204 -27.71 4.42 36.58
N GLU C 205 -28.06 5.59 36.05
CA GLU C 205 -28.51 5.71 34.67
C GLU C 205 -27.38 6.18 33.77
N GLU C 206 -27.14 5.45 32.69
CA GLU C 206 -26.13 5.87 31.74
C GLU C 206 -26.74 6.92 30.83
N ILE C 207 -25.95 7.91 30.43
CA ILE C 207 -26.43 8.91 29.47
C ILE C 207 -26.15 8.43 28.05
N ALA C 208 -27.04 8.76 27.11
CA ALA C 208 -26.88 8.34 25.71
C ALA C 208 -25.88 9.19 24.96
N GLY C 209 -25.62 10.39 25.47
CA GLY C 209 -24.69 11.29 24.81
C GLY C 209 -24.55 12.62 25.51
N LEU C 210 -23.58 13.42 25.05
CA LEU C 210 -23.34 14.73 25.63
C LEU C 210 -24.25 15.83 25.06
N THR C 211 -25.56 15.57 25.05
CA THR C 211 -26.52 16.64 24.78
C THR C 211 -26.34 17.70 25.85
N ARG C 212 -26.84 18.91 25.61
CA ARG C 212 -26.62 19.97 26.59
C ARG C 212 -27.26 19.68 27.96
N PRO C 213 -28.48 19.09 27.99
CA PRO C 213 -29.03 18.74 29.30
C PRO C 213 -28.18 17.72 30.04
N ASN C 214 -27.60 16.75 29.34
CA ASN C 214 -26.68 15.82 29.96
C ASN C 214 -25.34 16.44 30.40
N GLN C 215 -24.77 17.33 29.58
CA GLN C 215 -23.57 18.05 29.99
C GLN C 215 -23.84 18.70 31.35
N ILE C 216 -25.00 19.34 31.46
CA ILE C 216 -25.36 20.04 32.69
C ILE C 216 -25.47 19.06 33.86
N LEU C 217 -26.13 17.93 33.63
CA LEU C 217 -26.30 16.92 34.66
C LEU C 217 -24.94 16.53 35.25
N LEU C 218 -23.98 16.28 34.37
CA LEU C 218 -22.69 15.80 34.78
C LEU C 218 -21.85 16.89 35.43
N SER C 219 -21.90 18.11 34.89
CA SER C 219 -21.06 19.18 35.42
C SER C 219 -21.61 19.76 36.75
N GLY C 220 -22.89 19.56 36.99
CA GLY C 220 -23.54 20.05 38.21
C GLY C 220 -23.66 19.02 39.31
N ALA C 221 -23.38 17.76 39.00
CA ALA C 221 -23.46 16.69 39.99
C ALA C 221 -22.77 17.00 41.31
N TYR C 222 -21.58 17.61 41.26
CA TYR C 222 -20.82 17.91 42.49
C TYR C 222 -21.64 18.71 43.51
N GLN C 223 -22.49 19.60 43.02
CA GLN C 223 -23.33 20.40 43.92
C GLN C 223 -24.16 19.53 44.85
N ARG C 224 -24.58 18.38 44.35
CA ARG C 224 -25.40 17.46 45.11
C ARG C 224 -24.65 16.87 46.29
N LEU C 225 -23.32 16.76 46.16
CA LEU C 225 -22.54 16.02 47.15
C LEU C 225 -21.67 16.89 48.07
N GLN C 226 -21.53 18.17 47.71
CA GLN C 226 -20.70 19.10 48.49
C GLN C 226 -21.11 19.05 49.94
N GLY C 227 -20.13 18.93 50.82
CA GLY C 227 -20.40 18.93 52.24
C GLY C 227 -20.84 17.58 52.77
N ARG C 228 -20.82 16.55 51.93
CA ARG C 228 -21.37 15.26 52.34
C ARG C 228 -20.38 14.10 52.22
N VAL C 229 -19.17 14.39 51.78
CA VAL C 229 -18.17 13.36 51.58
C VAL C 229 -17.24 13.22 52.78
N GLN C 230 -17.14 12.01 53.31
CA GLN C 230 -16.19 11.74 54.38
C GLN C 230 -14.79 11.75 53.78
N PRO C 231 -13.77 12.12 54.58
CA PRO C 231 -12.37 12.24 54.10
C PRO C 231 -11.81 10.93 53.52
N GLY C 232 -12.18 9.80 54.12
CA GLY C 232 -11.74 8.50 53.65
C GLY C 232 -12.45 8.05 52.39
N GLU C 233 -13.43 8.84 51.96
CA GLU C 233 -14.30 8.43 50.88
C GLU C 233 -14.00 9.07 49.54
N ILE C 234 -12.94 9.89 49.47
CA ILE C 234 -12.49 10.38 48.17
C ILE C 234 -11.60 9.30 47.58
N SER C 235 -12.16 8.50 46.67
CA SER C 235 -11.50 7.26 46.27
C SER C 235 -10.52 7.44 45.13
N LEU C 236 -10.76 8.41 44.25
CA LEU C 236 -9.84 8.67 43.15
C LEU C 236 -9.90 10.11 42.72
N ALA C 237 -8.74 10.74 42.54
CA ALA C 237 -8.69 12.04 41.87
C ALA C 237 -8.02 11.90 40.52
N VAL C 238 -8.46 12.69 39.53
CA VAL C 238 -7.86 12.63 38.22
C VAL C 238 -7.61 14.01 37.67
N ALA C 239 -6.43 14.20 37.10
CA ALA C 239 -6.13 15.40 36.33
C ALA C 239 -5.97 14.98 34.90
N PHE C 240 -6.63 15.70 33.99
CA PHE C 240 -6.55 15.43 32.57
C PHE C 240 -5.69 16.49 31.91
N LYS C 241 -4.80 16.06 31.05
CA LYS C 241 -3.96 16.98 30.31
C LYS C 241 -3.78 16.32 28.97
N ARG C 242 -4.35 16.91 27.93
CA ARG C 242 -4.37 16.25 26.63
C ARG C 242 -2.96 15.95 26.18
N SER C 243 -2.07 16.91 26.38
CA SER C 243 -0.63 16.70 26.14
C SER C 243 0.18 17.27 27.29
N LEU C 244 1.46 16.92 27.34
CA LEU C 244 2.32 17.37 28.42
C LEU C 244 3.46 18.24 27.89
N ARG C 245 3.88 19.20 28.71
CA ARG C 245 5.18 19.90 28.54
C ARG C 245 5.89 19.84 29.89
N SER C 246 7.21 19.83 29.90
CA SER C 246 7.91 19.69 31.19
C SER C 246 7.44 20.68 32.28
N ASP C 247 6.91 21.83 31.86
CA ASP C 247 6.52 22.88 32.81
C ASP C 247 5.06 22.82 33.25
N ARG C 248 4.24 22.05 32.55
CA ARG C 248 2.79 21.98 32.80
C ARG C 248 2.41 20.74 33.60
N LEU C 249 3.39 20.15 34.26
CA LEU C 249 3.22 18.91 35.02
C LEU C 249 2.87 19.15 36.49
N TYR C 250 3.14 20.35 37.00
CA TYR C 250 3.24 20.53 38.45
C TYR C 250 1.96 20.77 39.26
N GLN C 251 0.94 21.34 38.64
CA GLN C 251 -0.31 21.54 39.34
C GLN C 251 -0.75 20.26 40.05
N PRO C 252 -0.93 19.16 39.30
CA PRO C 252 -1.45 17.94 39.94
C PRO C 252 -0.51 17.34 40.97
N LEU C 253 0.79 17.46 40.72
CA LEU C 253 1.79 16.97 41.64
C LEU C 253 1.72 17.76 42.93
N TYR C 254 1.69 19.09 42.82
CA TYR C 254 1.56 19.90 44.02
C TYR C 254 0.23 19.66 44.71
N GLU C 255 -0.86 19.63 43.93
CA GLU C 255 -2.17 19.42 44.56
C GLU C 255 -2.32 18.05 45.21
N ALA C 256 -1.76 17.00 44.60
CA ALA C 256 -1.84 15.68 45.21
C ALA C 256 -1.06 15.69 46.53
N ASN C 257 0.07 16.39 46.56
CA ASN C 257 0.86 16.54 47.76
C ASN C 257 0.06 17.17 48.87
N VAL C 258 -0.66 18.24 48.55
CA VAL C 258 -1.49 18.93 49.52
C VAL C 258 -2.67 18.06 49.95
N MET C 259 -3.26 17.31 49.03
CA MET C 259 -4.41 16.48 49.37
C MET C 259 -4.01 15.41 50.37
N GLN C 260 -2.77 14.91 50.25
CA GLN C 260 -2.35 13.84 51.10
C GLN C 260 -1.95 14.35 52.48
N LEU C 261 -1.37 15.55 52.52
CA LEU C 261 -1.04 16.16 53.80
C LEU C 261 -2.33 16.34 54.62
N LEU C 262 -3.31 17.00 54.03
CA LEU C 262 -4.56 17.28 54.71
C LEU C 262 -5.43 16.04 54.98
N LEU C 263 -5.63 15.20 53.96
CA LEU C 263 -6.49 14.02 54.12
C LEU C 263 -5.83 12.89 54.93
N GLU C 264 -4.62 12.49 54.56
CA GLU C 264 -3.92 11.43 55.29
C GLU C 264 -3.41 11.94 56.63
N GLY C 265 -2.70 13.08 56.59
CA GLY C 265 -2.06 13.59 57.79
C GLY C 265 -3.00 14.14 58.83
N LYS C 266 -4.01 14.90 58.40
CA LYS C 266 -4.86 15.60 59.35
C LYS C 266 -6.22 14.96 59.57
N LEU C 267 -6.57 13.96 58.76
CA LEU C 267 -7.93 13.42 58.79
C LEU C 267 -7.97 11.89 58.78
N GLY C 268 -6.78 11.28 58.78
CA GLY C 268 -6.68 9.85 58.95
C GLY C 268 -7.16 8.99 57.80
N ALA C 269 -7.35 9.60 56.64
CA ALA C 269 -7.80 8.87 55.46
C ALA C 269 -6.70 7.93 54.96
N PRO C 270 -7.09 6.88 54.23
CA PRO C 270 -6.10 5.99 53.60
C PRO C 270 -5.34 6.71 52.50
N LYS C 271 -4.43 6.00 51.84
CA LYS C 271 -3.65 6.59 50.76
C LYS C 271 -4.57 7.26 49.74
N VAL C 272 -4.35 8.54 49.50
CA VAL C 272 -5.12 9.26 48.50
C VAL C 272 -4.64 8.91 47.11
N GLU C 273 -5.53 8.36 46.30
CA GLU C 273 -5.16 7.91 44.96
C GLU C 273 -5.38 9.04 43.97
N PHE C 274 -4.30 9.54 43.37
CA PHE C 274 -4.39 10.64 42.43
C PHE C 274 -3.65 10.25 41.13
N GLU C 275 -4.35 10.23 39.99
CA GLU C 275 -3.67 9.88 38.75
C GLU C 275 -3.77 10.97 37.69
N VAL C 276 -2.85 10.95 36.71
CA VAL C 276 -2.88 11.91 35.60
C VAL C 276 -3.11 11.16 34.29
N HIS C 277 -4.02 11.66 33.47
CA HIS C 277 -4.31 11.09 32.16
C HIS C 277 -3.82 12.01 31.07
N THR C 278 -3.13 11.46 30.07
CA THR C 278 -2.75 12.25 28.91
C THR C 278 -2.85 11.43 27.63
N LEU C 279 -2.95 12.13 26.50
CA LEU C 279 -2.95 11.54 25.16
C LEU C 279 -1.56 11.67 24.52
N ALA C 280 -0.72 12.57 25.04
CA ALA C 280 0.59 12.83 24.45
C ALA C 280 1.70 13.22 25.43
N PRO C 281 2.36 12.21 26.04
CA PRO C 281 3.44 12.43 27.01
C PRO C 281 4.74 13.01 26.45
N GLU C 282 4.93 12.99 25.14
CA GLU C 282 6.09 13.68 24.55
C GLU C 282 7.43 13.27 25.16
N GLY C 283 7.72 11.97 25.10
CA GLY C 283 8.92 11.44 25.69
C GLY C 283 8.64 10.77 27.03
N THR C 284 9.67 10.68 27.85
CA THR C 284 9.62 9.89 29.07
C THR C 284 9.83 10.71 30.33
N ASN C 285 10.10 12.01 30.18
CA ASN C 285 10.36 12.87 31.33
C ASN C 285 9.24 12.71 32.36
N ALA C 286 8.01 12.95 31.91
CA ALA C 286 6.90 13.03 32.83
C ALA C 286 6.77 11.77 33.67
N PHE C 287 7.05 10.62 33.06
CA PHE C 287 6.92 9.37 33.77
C PHE C 287 7.92 9.31 34.90
N VAL C 288 9.11 9.84 34.69
CA VAL C 288 10.08 9.94 35.78
C VAL C 288 9.61 10.96 36.81
N THR C 289 9.09 12.10 36.34
CA THR C 289 8.65 13.17 37.24
C THR C 289 7.60 12.70 38.23
N TYR C 290 6.64 11.92 37.74
CA TYR C 290 5.50 11.54 38.55
C TYR C 290 5.78 10.29 39.36
N GLU C 291 7.06 9.97 39.50
CA GLU C 291 7.52 8.92 40.39
C GLU C 291 7.85 9.54 41.73
N ALA C 292 7.67 10.86 41.85
CA ALA C 292 8.05 11.55 43.08
C ALA C 292 7.34 10.99 44.31
N ALA C 293 8.11 10.83 45.38
CA ALA C 293 7.52 10.45 46.66
C ALA C 293 6.64 11.57 47.16
N SER C 294 5.58 11.21 47.86
CA SER C 294 4.72 12.17 48.51
C SER C 294 5.50 12.90 49.60
N LEU C 295 5.53 14.23 49.55
CA LEU C 295 6.36 15.02 50.46
C LEU C 295 5.98 14.82 51.92
N TYR C 296 4.67 14.84 52.17
CA TYR C 296 4.14 14.56 53.50
C TYR C 296 4.71 13.24 54.00
N GLY C 297 4.56 12.20 53.18
CA GLY C 297 5.05 10.87 53.51
C GLY C 297 6.50 10.85 53.95
N LEU C 298 7.33 11.66 53.30
CA LEU C 298 8.74 11.70 53.63
C LEU C 298 9.02 12.30 55.00
N ALA C 299 7.98 12.77 55.70
CA ALA C 299 8.15 13.22 57.08
C ALA C 299 7.10 12.65 58.05
N SER C 303 7.40 8.13 57.98
CA SER C 303 6.44 7.03 57.95
C SER C 303 6.72 6.06 56.81
N ALA C 304 5.67 5.35 56.36
CA ALA C 304 5.72 4.53 55.14
C ALA C 304 5.33 5.40 53.96
N VAL C 305 5.94 5.16 52.80
CA VAL C 305 5.85 6.14 51.73
C VAL C 305 5.34 5.60 50.39
N HIS C 306 4.44 6.37 49.77
CA HIS C 306 3.94 6.08 48.43
C HIS C 306 4.16 7.30 47.52
N ARG C 307 3.94 7.12 46.23
CA ARG C 307 4.01 8.23 45.28
C ARG C 307 2.92 9.26 45.52
N ALA C 308 3.17 10.50 45.12
CA ALA C 308 2.11 11.50 45.18
C ALA C 308 1.09 11.19 44.09
N ILE C 309 1.60 10.86 42.90
CA ILE C 309 0.78 10.57 41.76
C ILE C 309 0.89 9.09 41.42
N ARG C 310 -0.21 8.34 41.55
CA ARG C 310 -0.14 6.88 41.44
C ARG C 310 0.32 6.38 40.06
N GLU C 311 -0.08 7.05 38.99
CA GLU C 311 0.25 6.61 37.65
C GLU C 311 0.00 7.72 36.63
N LEU C 312 0.82 7.77 35.59
CA LEU C 312 0.52 8.62 34.45
C LEU C 312 -0.04 7.68 33.40
N TYR C 313 -1.33 7.84 33.08
CA TYR C 313 -2.05 6.95 32.15
C TYR C 313 -2.29 7.55 30.76
N VAL C 314 -1.94 6.78 29.74
CA VAL C 314 -2.17 7.20 28.37
C VAL C 314 -3.22 6.25 27.75
N PRO C 315 -4.49 6.69 27.68
CA PRO C 315 -5.49 5.72 27.19
C PRO C 315 -5.45 5.59 25.67
N PRO C 316 -5.37 4.36 25.18
CA PRO C 316 -5.30 4.04 23.75
C PRO C 316 -6.65 4.28 23.11
N THR C 317 -7.70 3.80 23.80
CA THR C 317 -9.07 3.85 23.30
C THR C 317 -10.00 4.15 24.46
N ALA C 318 -11.20 4.63 24.14
CA ALA C 318 -12.22 4.87 25.17
C ALA C 318 -12.51 3.59 25.94
N ALA C 319 -12.47 2.44 25.27
CA ALA C 319 -12.85 1.19 25.94
C ALA C 319 -11.80 0.82 26.95
N ASP C 320 -10.56 1.15 26.62
CA ASP C 320 -9.50 0.86 27.57
C ASP C 320 -9.67 1.71 28.84
N LEU C 321 -10.09 2.96 28.66
CA LEU C 321 -10.31 3.86 29.79
C LEU C 321 -11.43 3.30 30.68
N ALA C 322 -12.49 2.82 30.04
CA ALA C 322 -13.58 2.16 30.74
C ALA C 322 -13.10 0.89 31.47
N ARG C 323 -12.30 0.08 30.79
N ARG C 323 -12.30 0.09 30.78
CA ARG C 323 -11.77 -1.15 31.37
CA ARG C 323 -11.74 -1.14 31.34
C ARG C 323 -10.89 -0.88 32.59
C ARG C 323 -10.91 -0.87 32.57
N ARG C 324 -10.01 0.10 32.46
CA ARG C 324 -9.14 0.46 33.55
C ARG C 324 -9.97 0.94 34.75
N PHE C 325 -11.02 1.72 34.52
CA PHE C 325 -11.78 2.29 35.63
C PHE C 325 -12.58 1.20 36.37
N PHE C 326 -13.24 0.33 35.61
CA PHE C 326 -13.93 -0.82 36.20
C PHE C 326 -12.98 -1.63 37.07
N ALA C 327 -11.77 -1.87 36.57
CA ALA C 327 -10.78 -2.68 37.30
C ALA C 327 -10.35 -2.00 38.58
N PHE C 328 -10.14 -0.70 38.51
CA PHE C 328 -9.81 0.09 39.68
C PHE C 328 -10.91 -0.03 40.75
N LEU C 329 -12.18 0.08 40.34
CA LEU C 329 -13.28 0.02 41.31
C LEU C 329 -13.33 -1.36 41.96
N ASN C 330 -13.19 -2.40 41.13
CA ASN C 330 -13.18 -3.77 41.61
C ASN C 330 -12.18 -3.97 42.75
N GLU C 331 -10.99 -3.40 42.60
CA GLU C 331 -9.99 -3.47 43.65
C GLU C 331 -10.24 -2.44 44.77
N ARG C 332 -10.36 -1.17 44.40
CA ARG C 332 -10.50 -0.10 45.39
C ARG C 332 -11.71 -0.23 46.33
N MET C 333 -12.88 -0.60 45.78
CA MET C 333 -14.10 -0.61 46.60
C MET C 333 -14.16 -1.81 47.52
N GLU C 334 -13.14 -2.65 47.45
CA GLU C 334 -12.97 -3.74 48.39
C GLU C 334 -12.83 -3.16 49.79
N LEU C 335 -12.22 -1.98 49.85
CA LEU C 335 -11.94 -1.32 51.13
C LEU C 335 -13.19 -0.84 51.86
N VAL C 336 -14.32 -0.81 51.16
CA VAL C 336 -15.58 -0.41 51.78
C VAL C 336 -16.38 -1.61 52.22
N ASN C 337 -16.87 -1.58 53.46
CA ASN C 337 -17.68 -2.66 54.00
C ASN C 337 -19.00 -2.81 53.26
N GLY C 338 -19.33 -4.04 52.91
CA GLY C 338 -20.59 -4.33 52.23
C GLY C 338 -21.79 -3.92 53.05
N PRO D 1 -16.78 12.73 -10.98
CA PRO D 1 -18.06 12.80 -11.71
C PRO D 1 -18.58 14.23 -11.73
N PHE D 2 -19.62 14.50 -12.50
CA PHE D 2 -20.14 15.85 -12.57
C PHE D 2 -20.59 16.32 -11.20
N THR D 3 -21.29 15.45 -10.48
CA THR D 3 -21.66 15.71 -9.10
C THR D 3 -20.59 15.09 -8.22
N TYR D 4 -20.10 15.86 -7.27
CA TYR D 4 -18.98 15.44 -6.45
C TYR D 4 -19.28 14.11 -5.76
N SER D 5 -18.24 13.29 -5.59
CA SER D 5 -18.37 11.97 -4.96
C SER D 5 -17.18 11.65 -4.07
N ILE D 6 -17.40 11.65 -2.76
CA ILE D 6 -16.40 11.24 -1.80
C ILE D 6 -15.77 9.91 -2.20
N GLU D 7 -16.62 8.95 -2.55
CA GLU D 7 -16.14 7.65 -2.98
C GLU D 7 -15.26 7.82 -4.22
N ALA D 8 -15.77 8.54 -5.21
CA ALA D 8 -14.98 8.79 -6.41
C ALA D 8 -13.64 9.37 -6.01
N THR D 9 -13.66 10.48 -5.29
CA THR D 9 -12.44 11.20 -4.96
C THR D 9 -11.48 10.31 -4.20
N ARG D 10 -11.98 9.60 -3.19
CA ARG D 10 -11.17 8.69 -2.40
C ARG D 10 -10.36 7.74 -3.28
N ASN D 11 -10.97 7.29 -4.38
CA ASN D 11 -10.34 6.27 -5.23
C ASN D 11 -9.31 6.79 -6.24
N LEU D 12 -9.18 8.11 -6.34
CA LEU D 12 -8.18 8.71 -7.22
C LEU D 12 -6.77 8.45 -6.69
N ALA D 13 -5.86 8.09 -7.57
CA ALA D 13 -4.43 8.16 -7.26
C ALA D 13 -4.13 9.60 -6.85
N THR D 14 -3.11 9.79 -6.02
CA THR D 14 -2.75 11.13 -5.56
C THR D 14 -2.47 12.07 -6.74
N THR D 15 -1.78 11.55 -7.76
CA THR D 15 -1.41 12.36 -8.93
C THR D 15 -2.61 12.75 -9.79
N GLU D 16 -3.79 12.23 -9.45
CA GLU D 16 -4.97 12.46 -10.26
C GLU D 16 -5.96 13.34 -9.49
N ARG D 17 -5.62 13.66 -8.25
CA ARG D 17 -6.46 14.53 -7.45
C ARG D 17 -6.61 15.90 -8.12
N CYS D 18 -7.73 16.56 -7.86
CA CYS D 18 -7.97 17.89 -8.39
C CYS D 18 -7.10 18.96 -7.72
N ILE D 19 -6.89 18.82 -6.42
CA ILE D 19 -5.93 19.70 -5.74
C ILE D 19 -4.61 18.97 -5.58
N GLN D 20 -3.52 19.57 -6.06
CA GLN D 20 -2.19 19.01 -5.81
C GLN D 20 -1.53 19.84 -4.72
N ASP D 21 -1.06 19.16 -3.67
CA ASP D 21 -0.35 19.83 -2.58
C ASP D 21 1.05 20.17 -3.06
N ILE D 22 1.37 21.45 -3.04
CA ILE D 22 2.62 21.89 -3.62
C ILE D 22 3.53 22.49 -2.56
N ARG D 23 3.16 22.27 -1.30
CA ARG D 23 4.02 22.59 -0.17
C ARG D 23 5.08 21.49 -0.08
N ASN D 29 9.97 19.46 10.07
CA ASN D 29 8.72 18.92 10.60
C ASN D 29 7.80 20.01 11.13
N ARG D 30 8.16 21.26 10.83
CA ARG D 30 7.38 22.43 11.26
C ARG D 30 6.94 23.30 10.09
N SER D 31 5.83 23.99 10.28
CA SER D 31 5.29 24.89 9.25
C SER D 31 5.79 26.34 9.38
N THR D 32 6.82 26.56 10.18
CA THR D 32 7.30 27.91 10.46
C THR D 32 7.84 28.63 9.21
N GLN D 33 7.38 29.85 8.98
CA GLN D 33 7.82 30.60 7.82
C GLN D 33 8.96 31.52 8.19
N PHE D 34 8.77 32.24 9.29
CA PHE D 34 9.74 33.23 9.73
C PHE D 34 10.12 32.98 11.18
N GLN D 35 11.41 32.92 11.43
CA GLN D 35 11.92 32.62 12.75
C GLN D 35 12.31 33.90 13.48
N LEU D 36 11.88 34.01 14.74
CA LEU D 36 12.29 35.12 15.60
C LEU D 36 13.63 34.76 16.23
N ALA D 37 14.74 35.19 15.66
CA ALA D 37 16.03 34.80 16.21
C ALA D 37 16.29 35.57 17.50
N GLN D 38 16.04 34.93 18.65
CA GLN D 38 16.00 35.65 19.91
C GLN D 38 17.39 36.14 20.35
N GLN D 39 18.42 35.33 20.13
CA GLN D 39 19.79 35.77 20.42
C GLN D 39 20.19 36.98 19.59
N ASN D 40 19.86 36.99 18.30
CA ASN D 40 20.10 38.15 17.44
C ASN D 40 19.33 39.37 17.92
N MET D 41 18.13 39.14 18.47
CA MET D 41 17.27 40.23 18.90
C MET D 41 17.76 40.88 20.19
N LEU D 42 18.16 40.07 21.16
CA LEU D 42 18.84 40.62 22.34
C LEU D 42 20.07 41.43 21.90
N ALA D 43 20.84 40.85 20.99
CA ALA D 43 22.05 41.51 20.50
C ALA D 43 21.70 42.83 19.81
N TYR D 44 20.60 42.85 19.07
CA TYR D 44 20.24 44.07 18.35
C TYR D 44 19.68 45.10 19.32
N THR D 45 18.77 44.67 20.18
CA THR D 45 18.04 45.61 21.01
C THR D 45 18.83 46.03 22.26
N PHE D 46 19.60 45.11 22.82
CA PHE D 46 20.28 45.39 24.06
C PHE D 46 21.79 45.31 23.96
N GLY D 47 22.30 45.43 22.73
CA GLY D 47 23.72 45.32 22.48
C GLY D 47 24.56 46.25 23.37
N GLU D 48 24.02 47.43 23.65
CA GLU D 48 24.74 48.47 24.39
C GLU D 48 23.94 48.96 25.60
N VAL D 49 22.94 48.19 25.97
CA VAL D 49 22.05 48.57 27.04
C VAL D 49 21.79 47.38 27.98
N ILE D 50 22.09 47.57 29.25
CA ILE D 50 21.54 46.72 30.30
C ILE D 50 20.62 47.60 31.09
N PRO D 51 19.30 47.37 30.96
CA PRO D 51 18.27 48.19 31.62
C PRO D 51 18.61 48.32 33.09
N GLY D 52 18.53 49.52 33.63
CA GLY D 52 18.92 49.75 35.01
C GLY D 52 20.35 50.28 35.11
N PHE D 53 21.14 50.02 34.07
CA PHE D 53 22.52 50.45 34.04
C PHE D 53 22.77 51.25 32.76
N ALA D 54 21.70 51.77 32.18
CA ALA D 54 21.78 52.53 30.94
C ALA D 54 21.29 53.97 31.15
N SER D 55 20.71 54.57 30.12
CA SER D 55 20.19 55.94 30.25
C SER D 55 19.05 56.02 31.27
N ALA D 56 18.91 57.17 31.92
CA ALA D 56 17.82 57.35 32.88
C ALA D 56 16.46 57.06 32.23
N GLY D 57 16.31 57.40 30.95
CA GLY D 57 15.09 57.06 30.24
C GLY D 57 14.80 55.57 30.34
N ILE D 58 15.68 54.76 29.78
CA ILE D 58 15.50 53.31 29.82
C ILE D 58 15.40 52.77 31.26
N ASN D 59 16.24 53.28 32.15
CA ASN D 59 16.24 52.83 33.56
C ASN D 59 14.90 52.99 34.24
N GLY D 60 14.20 54.08 33.92
CA GLY D 60 12.93 54.38 34.54
C GLY D 60 11.72 54.01 33.70
N MET D 61 11.96 53.50 32.50
CA MET D 61 10.86 53.15 31.61
C MET D 61 10.06 51.99 32.21
N ASP D 62 8.78 51.91 31.88
CA ASP D 62 7.94 50.79 32.32
C ASP D 62 8.62 49.49 31.88
N TYR D 63 8.84 48.56 32.81
CA TYR D 63 9.65 47.37 32.49
C TYR D 63 9.00 46.48 31.42
N ARG D 64 7.68 46.58 31.27
CA ARG D 64 6.97 45.87 30.20
C ARG D 64 7.37 46.38 28.83
N ASP D 65 7.56 47.69 28.71
CA ASP D 65 7.94 48.27 27.42
C ASP D 65 9.37 47.93 27.06
N VAL D 66 10.23 47.88 28.06
CA VAL D 66 11.61 47.45 27.88
C VAL D 66 11.65 45.99 27.43
N ILE D 67 10.96 45.13 28.18
CA ILE D 67 10.95 43.71 27.86
C ILE D 67 10.29 43.43 26.53
N GLY D 68 9.36 44.28 26.12
CA GLY D 68 8.69 44.08 24.86
C GLY D 68 9.41 44.72 23.67
N ARG D 69 10.47 45.48 23.92
CA ARG D 69 11.13 46.16 22.82
C ARG D 69 11.74 45.21 21.78
N PRO D 70 12.46 44.16 22.22
CA PRO D 70 13.07 43.29 21.21
C PRO D 70 12.08 42.72 20.20
N VAL D 71 10.90 42.27 20.65
CA VAL D 71 9.92 41.70 19.71
C VAL D 71 9.35 42.77 18.78
N GLU D 72 9.15 43.96 19.32
CA GLU D 72 8.60 45.06 18.52
C GLU D 72 9.59 45.37 17.41
N ASN D 73 10.84 45.58 17.82
CA ASN D 73 11.95 45.67 16.89
C ASN D 73 12.03 44.55 15.85
N ALA D 74 11.87 43.29 16.27
CA ALA D 74 11.98 42.20 15.33
C ALA D 74 10.80 42.24 14.35
N VAL D 75 9.68 42.80 14.80
CA VAL D 75 8.48 42.88 13.98
C VAL D 75 8.67 43.94 12.91
N THR D 76 9.26 45.07 13.30
CA THR D 76 9.58 46.12 12.36
C THR D 76 10.58 45.63 11.31
N GLU D 77 11.60 44.89 11.73
CA GLU D 77 12.53 44.32 10.75
C GLU D 77 11.81 43.37 9.79
N GLY D 78 11.04 42.44 10.34
CA GLY D 78 10.31 41.47 9.54
C GLY D 78 9.48 42.09 8.42
N THR D 79 8.73 43.13 8.75
CA THR D 79 7.88 43.80 7.76
C THR D 79 8.73 44.60 6.78
N HIS D 80 9.85 45.13 7.24
CA HIS D 80 10.76 45.81 6.33
C HIS D 80 11.16 44.86 5.21
N PHE D 81 11.59 43.66 5.58
CA PHE D 81 12.14 42.70 4.63
C PHE D 81 11.13 41.83 3.88
N PHE D 82 9.99 41.56 4.51
CA PHE D 82 9.03 40.65 3.92
C PHE D 82 7.64 41.27 3.77
N ARG D 83 7.49 42.53 4.15
CA ARG D 83 6.31 43.31 3.85
C ARG D 83 5.05 42.70 4.46
N ASP D 84 3.92 42.83 3.76
CA ASP D 84 2.67 42.25 4.27
C ASP D 84 2.65 40.71 4.21
N ASP D 85 3.75 40.10 3.77
CA ASP D 85 3.90 38.64 3.83
C ASP D 85 4.38 38.19 5.22
N PHE D 86 4.91 39.12 5.99
CA PHE D 86 5.51 38.78 7.28
C PHE D 86 4.45 38.44 8.31
N ARG D 87 4.56 37.24 8.91
CA ARG D 87 3.72 36.86 10.05
C ARG D 87 4.41 35.88 11.02
N VAL D 88 4.17 36.06 12.31
CA VAL D 88 4.63 35.06 13.29
C VAL D 88 3.48 34.61 14.17
N ASP D 89 3.58 33.38 14.66
CA ASP D 89 2.56 32.85 15.55
C ASP D 89 2.71 33.50 16.92
N SER D 90 1.59 33.81 17.54
CA SER D 90 1.63 34.29 18.92
C SER D 90 2.39 33.33 19.82
N ASN D 91 2.48 32.05 19.43
CA ASN D 91 3.27 31.10 20.22
C ASN D 91 4.79 31.34 20.09
N ALA D 92 5.21 31.87 18.94
CA ALA D 92 6.61 32.32 18.76
C ALA D 92 6.91 33.46 19.70
N LYS D 93 6.05 34.47 19.67
CA LYS D 93 6.24 35.67 20.49
C LYS D 93 6.23 35.31 21.97
N ALA D 94 5.30 34.45 22.37
CA ALA D 94 5.21 34.03 23.76
C ALA D 94 6.54 33.43 24.18
N LYS D 95 7.00 32.43 23.43
CA LYS D 95 8.28 31.81 23.72
C LYS D 95 9.43 32.81 23.82
N VAL D 96 9.51 33.72 22.86
CA VAL D 96 10.65 34.63 22.83
C VAL D 96 10.52 35.68 23.94
N ALA D 97 9.30 36.14 24.19
CA ALA D 97 9.14 37.20 25.18
C ALA D 97 9.49 36.67 26.56
N GLY D 98 9.11 35.41 26.81
CA GLY D 98 9.47 34.75 28.06
C GLY D 98 10.98 34.64 28.26
N ASP D 99 11.67 34.09 27.27
CA ASP D 99 13.13 33.96 27.38
C ASP D 99 13.77 35.34 27.53
N ILE D 100 13.26 36.34 26.80
CA ILE D 100 13.76 37.71 26.91
C ILE D 100 13.61 38.28 28.33
N PHE D 101 12.41 38.16 28.91
CA PHE D 101 12.16 38.61 30.28
C PHE D 101 13.18 38.00 31.23
N GLU D 102 13.37 36.69 31.12
CA GLU D 102 14.25 35.96 32.00
C GLU D 102 15.72 36.33 31.81
N ILE D 103 16.16 36.37 30.57
CA ILE D 103 17.54 36.69 30.23
C ILE D 103 17.91 38.12 30.58
N VAL D 104 17.03 39.06 30.27
CA VAL D 104 17.32 40.46 30.55
C VAL D 104 17.38 40.72 32.06
N SER D 105 16.38 40.20 32.77
CA SER D 105 16.35 40.32 34.21
C SER D 105 17.59 39.75 34.89
N SER D 106 18.00 38.53 34.50
CA SER D 106 19.23 37.92 34.99
C SER D 106 20.47 38.77 34.72
N ALA D 107 20.50 39.40 33.55
CA ALA D 107 21.58 40.30 33.20
C ALA D 107 21.56 41.55 34.11
N VAL D 108 20.36 42.02 34.45
CA VAL D 108 20.28 43.17 35.35
C VAL D 108 20.89 42.80 36.69
N MET D 109 20.54 41.61 37.17
CA MET D 109 21.08 41.12 38.41
C MET D 109 22.57 40.83 38.31
N TRP D 110 23.02 40.43 37.13
CA TRP D 110 24.45 40.23 36.89
C TRP D 110 25.21 41.51 37.20
N ASN D 111 24.81 42.63 36.60
CA ASN D 111 25.49 43.88 36.91
C ASN D 111 25.34 44.30 38.36
N CYS D 112 24.22 43.92 38.97
CA CYS D 112 24.03 44.16 40.40
C CYS D 112 25.08 43.45 41.23
N ALA D 113 25.23 42.13 41.02
CA ALA D 113 26.29 41.36 41.68
C ALA D 113 27.65 42.00 41.40
N ALA D 114 27.94 42.31 40.14
CA ALA D 114 29.22 42.93 39.80
C ALA D 114 29.49 44.15 40.71
N ARG D 115 28.52 45.03 40.85
CA ARG D 115 28.69 46.26 41.62
C ARG D 115 28.81 45.93 43.10
N TRP D 116 27.87 45.12 43.60
CA TRP D 116 28.01 44.54 44.95
C TRP D 116 29.42 43.99 45.23
N ASN D 117 29.89 43.07 44.38
CA ASN D 117 31.13 42.36 44.65
C ASN D 117 32.29 43.35 44.70
N SER D 118 32.24 44.32 43.81
CA SER D 118 33.26 45.33 43.75
C SER D 118 33.35 46.05 45.10
N LEU D 119 32.21 46.53 45.59
CA LEU D 119 32.17 47.11 46.92
C LEU D 119 32.70 46.08 47.93
N MET D 120 32.30 44.82 47.79
CA MET D 120 32.74 43.76 48.74
C MET D 120 34.25 43.50 48.84
N VAL D 121 35.03 43.82 47.80
CA VAL D 121 36.47 43.58 47.84
C VAL D 121 37.25 44.85 48.13
N GLY D 122 36.55 45.94 48.37
CA GLY D 122 37.22 47.16 48.78
C GLY D 122 37.39 48.21 47.69
N GLU D 123 36.72 48.02 46.56
CA GLU D 123 36.85 48.94 45.42
C GLU D 123 35.86 50.10 45.43
N GLY D 124 35.05 50.21 46.48
CA GLY D 124 34.08 51.29 46.57
C GLY D 124 32.80 51.03 45.78
N TRP D 125 31.90 52.00 45.82
CA TRP D 125 30.58 51.88 45.20
C TRP D 125 30.52 52.71 43.93
N ARG D 126 30.54 52.02 42.78
CA ARG D 126 30.32 52.67 41.50
C ARG D 126 29.12 53.60 41.61
N SER D 127 29.25 54.79 41.05
CA SER D 127 28.29 55.86 41.33
C SER D 127 27.36 56.18 40.16
N GLN D 128 27.54 55.50 39.03
CA GLN D 128 26.69 55.73 37.87
C GLN D 128 26.14 54.43 37.26
N PRO D 129 24.83 54.38 36.98
CA PRO D 129 23.85 55.40 37.41
C PRO D 129 23.75 55.36 38.92
N ARG D 130 22.97 56.25 39.49
CA ARG D 130 23.00 56.42 40.94
C ARG D 130 22.10 55.46 41.72
N TYR D 131 22.71 54.57 42.47
CA TYR D 131 21.97 53.73 43.39
C TYR D 131 22.41 53.98 44.80
N SER D 132 21.48 53.79 45.73
CA SER D 132 21.77 53.99 47.15
C SER D 132 22.82 52.98 47.60
N ARG D 133 23.81 53.47 48.32
CA ARG D 133 24.98 52.65 48.68
C ARG D 133 24.66 51.67 49.80
N PRO D 134 24.95 50.38 49.59
CA PRO D 134 24.69 49.38 50.65
C PRO D 134 25.40 49.75 51.96
N THR D 135 24.81 49.41 53.10
CA THR D 135 25.34 49.75 54.43
C THR D 135 26.12 48.60 55.10
N LEU D 136 25.97 47.39 54.58
CA LEU D 136 26.69 46.23 55.12
C LEU D 136 28.20 46.46 55.09
N SER D 137 28.93 45.87 56.04
CA SER D 137 30.40 45.97 56.04
C SER D 137 30.99 45.08 54.93
N PRO D 138 31.73 45.72 54.01
CA PRO D 138 32.37 45.01 52.89
C PRO D 138 33.18 43.79 53.38
N SER D 139 32.99 42.65 52.73
CA SER D 139 33.92 41.52 52.86
C SER D 139 33.96 40.73 51.56
N PRO D 140 35.16 40.29 51.14
CA PRO D 140 35.24 39.45 49.94
C PRO D 140 34.40 38.17 50.11
N ARG D 141 34.19 37.76 51.36
CA ARG D 141 33.37 36.58 51.66
C ARG D 141 31.87 36.73 51.42
N ARG D 142 31.43 37.95 51.15
CA ARG D 142 30.02 38.26 50.94
C ARG D 142 29.69 38.51 49.48
N GLN D 143 30.67 38.25 48.62
CA GLN D 143 30.42 38.28 47.19
C GLN D 143 29.49 37.15 46.76
N VAL D 144 28.74 37.40 45.70
CA VAL D 144 27.84 36.39 45.15
C VAL D 144 27.96 36.32 43.64
N ALA D 145 27.57 35.17 43.09
CA ALA D 145 27.48 35.02 41.64
C ALA D 145 26.02 34.79 41.24
N VAL D 146 25.58 35.51 40.22
CA VAL D 146 24.24 35.36 39.67
C VAL D 146 24.31 34.33 38.54
N LEU D 147 23.62 33.22 38.73
CA LEU D 147 23.69 32.11 37.79
C LEU D 147 22.36 31.89 37.04
N ASN D 148 22.28 32.39 35.81
CA ASN D 148 21.19 32.02 34.93
C ASN D 148 21.32 30.56 34.53
N LEU D 149 20.41 29.71 35.03
CA LEU D 149 20.51 28.26 34.84
C LEU D 149 19.90 27.78 33.51
N PRO D 150 20.53 26.79 32.86
CA PRO D 150 20.06 26.41 31.52
C PRO D 150 18.85 25.47 31.54
N ARG D 151 18.17 25.39 30.40
CA ARG D 151 17.13 24.40 30.18
C ARG D 151 17.72 23.01 30.46
N SER D 152 16.92 22.13 31.07
CA SER D 152 17.36 20.79 31.42
C SER D 152 18.25 20.72 32.67
N PHE D 153 18.48 21.85 33.33
CA PHE D 153 19.42 21.84 34.45
C PHE D 153 18.88 21.01 35.60
N ASP D 154 19.78 20.47 36.42
CA ASP D 154 19.44 19.89 37.71
C ASP D 154 20.24 20.68 38.73
N TRP D 155 19.57 21.42 39.61
CA TRP D 155 20.28 22.30 40.55
C TRP D 155 21.19 21.60 41.56
N VAL D 156 20.93 20.33 41.82
CA VAL D 156 21.78 19.56 42.73
C VAL D 156 23.21 19.51 42.19
N SER D 157 23.35 19.62 40.87
CA SER D 157 24.69 19.58 40.30
C SER D 157 25.55 20.76 40.79
N LEU D 158 24.91 21.79 41.34
CA LEU D 158 25.63 22.96 41.87
C LEU D 158 26.40 22.62 43.15
N LEU D 159 25.97 21.57 43.83
CA LEU D 159 26.48 21.32 45.19
C LEU D 159 27.81 20.58 45.23
N VAL D 160 28.58 20.88 46.27
CA VAL D 160 29.82 20.15 46.53
C VAL D 160 29.52 18.66 46.51
N PRO D 161 30.49 17.85 46.04
CA PRO D 161 30.22 16.43 45.84
C PRO D 161 29.79 15.72 47.12
N GLU D 162 30.18 16.22 48.28
CA GLU D 162 29.72 15.63 49.54
C GLU D 162 28.22 15.83 49.74
N SER D 163 27.70 16.98 49.31
CA SER D 163 26.28 17.26 49.47
C SER D 163 25.45 16.49 48.46
N GLN D 164 26.01 16.27 47.28
CA GLN D 164 25.34 15.49 46.26
C GLN D 164 25.24 14.03 46.67
N GLU D 165 26.29 13.53 47.31
CA GLU D 165 26.29 12.14 47.78
C GLU D 165 25.23 11.91 48.86
N VAL D 166 25.05 12.88 49.74
CA VAL D 166 24.01 12.76 50.76
C VAL D 166 22.66 12.61 50.07
N ILE D 167 22.41 13.49 49.10
CA ILE D 167 21.16 13.48 48.33
C ILE D 167 21.01 12.19 47.53
N GLU D 168 22.08 11.74 46.89
CA GLU D 168 22.00 10.52 46.10
C GLU D 168 21.71 9.28 46.97
N GLU D 169 22.36 9.20 48.13
CA GLU D 169 22.07 8.11 49.05
C GLU D 169 20.59 8.11 49.40
N PHE D 170 20.08 9.25 49.87
CA PHE D 170 18.64 9.42 50.09
C PHE D 170 17.78 8.79 48.97
N ARG D 171 18.11 9.11 47.73
CA ARG D 171 17.28 8.69 46.62
C ARG D 171 17.33 7.20 46.31
N ALA D 172 18.51 6.60 46.42
CA ALA D 172 18.65 5.17 46.19
C ALA D 172 17.77 4.39 47.18
N GLY D 173 17.73 4.84 48.43
CA GLY D 173 16.80 4.27 49.38
C GLY D 173 15.38 4.34 48.81
N LEU D 174 14.98 5.53 48.38
CA LEU D 174 13.67 5.71 47.77
C LEU D 174 13.47 4.78 46.58
N ARG D 175 14.53 4.54 45.81
CA ARG D 175 14.41 3.73 44.60
C ARG D 175 14.11 2.26 44.89
N LYS D 176 14.60 1.77 46.02
CA LYS D 176 14.35 0.38 46.43
C LYS D 176 12.88 0.18 46.78
N ASP D 177 12.13 1.28 46.87
CA ASP D 177 10.71 1.21 47.17
C ASP D 177 9.87 1.60 45.96
N GLY D 178 10.54 1.83 44.83
CA GLY D 178 9.87 2.22 43.60
C GLY D 178 9.48 3.69 43.59
N LEU D 179 10.20 4.50 44.37
CA LEU D 179 9.92 5.92 44.44
C LEU D 179 11.11 6.69 43.91
N GLY D 180 10.97 8.00 43.82
CA GLY D 180 12.09 8.86 43.50
C GLY D 180 11.83 10.21 44.13
N LEU D 181 12.79 11.11 44.02
CA LEU D 181 12.52 12.52 44.30
C LEU D 181 13.32 13.39 43.33
N PRO D 182 12.88 13.45 42.06
CA PRO D 182 13.58 14.26 41.04
C PRO D 182 13.63 15.72 41.44
N THR D 183 14.69 16.40 41.02
CA THR D 183 14.86 17.82 41.22
C THR D 183 15.06 18.46 39.86
N SER D 184 14.33 19.52 39.57
CA SER D 184 14.52 20.24 38.34
C SER D 184 15.42 21.41 38.62
N THR D 185 14.90 22.61 38.40
CA THR D 185 15.72 23.81 38.50
C THR D 185 14.86 25.05 38.53
N PRO D 186 15.32 26.09 39.25
CA PRO D 186 14.69 27.40 39.09
C PRO D 186 15.33 28.05 37.85
N ASP D 187 14.91 29.25 37.45
CA ASP D 187 15.55 29.89 36.29
C ASP D 187 16.91 30.45 36.69
N LEU D 188 17.08 30.72 37.98
CA LEU D 188 18.22 31.53 38.42
C LEU D 188 18.51 31.29 39.88
N ALA D 189 19.80 31.21 40.20
CA ALA D 189 20.25 30.98 41.55
C ALA D 189 21.42 31.92 41.84
N VAL D 190 21.33 32.59 42.98
CA VAL D 190 22.39 33.45 43.48
C VAL D 190 23.11 32.67 44.57
N VAL D 191 24.40 32.40 44.35
CA VAL D 191 25.15 31.65 45.35
C VAL D 191 26.33 32.46 45.86
N VAL D 192 26.74 32.16 47.09
CA VAL D 192 27.98 32.73 47.61
C VAL D 192 29.11 32.35 46.68
N LEU D 193 29.92 33.34 46.31
CA LEU D 193 31.05 33.12 45.44
C LEU D 193 32.09 32.26 46.17
N PRO D 194 32.36 31.08 45.63
CA PRO D 194 33.35 30.16 46.19
C PRO D 194 34.67 30.89 46.40
N GLU D 195 35.32 30.60 47.53
CA GLU D 195 36.52 31.30 47.96
C GLU D 195 37.62 31.29 46.90
N GLU D 196 37.80 30.15 46.23
CA GLU D 196 38.78 30.02 45.16
C GLU D 196 38.62 31.06 44.04
N PHE D 197 37.41 31.63 43.91
CA PHE D 197 37.16 32.65 42.90
C PHE D 197 37.03 34.06 43.48
N GLN D 198 37.17 34.20 44.79
CA GLN D 198 36.82 35.48 45.43
C GLN D 198 37.72 36.65 45.04
N ASN D 199 38.76 36.40 44.26
CA ASN D 199 39.59 37.48 43.72
C ASN D 199 39.50 37.67 42.21
N ASP D 200 38.73 36.82 41.53
CA ASP D 200 38.59 36.92 40.08
C ASP D 200 37.75 38.10 39.64
N GLU D 201 38.20 38.80 38.60
CA GLU D 201 37.60 40.07 38.20
C GLU D 201 36.28 39.89 37.44
N MET D 202 36.07 38.75 36.80
CA MET D 202 34.85 38.56 36.00
C MET D 202 33.60 38.71 36.84
N TRP D 203 33.70 38.42 38.13
CA TRP D 203 32.58 38.55 39.05
C TRP D 203 32.27 39.99 39.44
N ARG D 204 33.20 40.90 39.20
CA ARG D 204 33.04 42.26 39.72
C ARG D 204 32.87 43.24 38.59
N GLU D 205 32.81 42.72 37.38
CA GLU D 205 32.78 43.56 36.22
C GLU D 205 31.40 43.59 35.57
N GLU D 206 30.89 44.80 35.39
CA GLU D 206 29.59 44.97 34.74
C GLU D 206 29.76 44.78 33.23
N ILE D 207 28.79 44.11 32.61
CA ILE D 207 28.76 44.03 31.15
C ILE D 207 27.94 45.20 30.60
N ALA D 208 28.28 45.61 29.38
CA ALA D 208 27.74 46.84 28.79
C ALA D 208 26.47 46.60 27.99
N GLY D 209 26.20 45.35 27.66
CA GLY D 209 25.04 45.03 26.84
C GLY D 209 25.05 43.55 26.54
N LEU D 210 23.93 43.04 26.04
CA LEU D 210 23.82 41.63 25.74
C LEU D 210 24.23 41.30 24.33
N THR D 211 25.43 41.74 23.95
CA THR D 211 26.10 41.23 22.75
C THR D 211 26.15 39.74 22.92
N ARG D 212 26.41 39.01 21.83
CA ARG D 212 26.45 37.56 21.92
C ARG D 212 27.58 37.00 22.81
N PRO D 213 28.77 37.61 22.81
CA PRO D 213 29.75 37.00 23.73
C PRO D 213 29.32 37.21 25.19
N ASN D 214 28.67 38.35 25.46
CA ASN D 214 28.11 38.59 26.79
C ASN D 214 26.99 37.66 27.18
N GLN D 215 26.08 37.38 26.24
CA GLN D 215 25.07 36.38 26.49
C GLN D 215 25.75 35.09 26.92
N ILE D 216 26.77 34.68 26.17
CA ILE D 216 27.40 33.37 26.41
C ILE D 216 28.07 33.35 27.77
N LEU D 217 28.64 34.49 28.15
CA LEU D 217 29.33 34.62 29.43
C LEU D 217 28.36 34.41 30.59
N LEU D 218 27.21 35.10 30.50
CA LEU D 218 26.17 35.00 31.54
C LEU D 218 25.50 33.62 31.55
N SER D 219 25.27 33.03 30.36
CA SER D 219 24.54 31.77 30.30
C SER D 219 25.40 30.54 30.58
N GLY D 220 26.74 30.69 30.53
CA GLY D 220 27.67 29.61 30.81
C GLY D 220 28.25 29.62 32.22
N ALA D 221 28.03 30.72 32.93
CA ALA D 221 28.59 30.94 34.26
C ALA D 221 28.34 29.81 35.27
N TYR D 222 27.17 29.16 35.20
CA TYR D 222 26.84 28.07 36.11
C TYR D 222 27.88 26.95 36.03
N GLN D 223 28.54 26.81 34.89
CA GLN D 223 29.53 25.76 34.69
C GLN D 223 30.76 25.98 35.55
N ARG D 224 31.07 27.23 35.83
CA ARG D 224 32.22 27.54 36.67
C ARG D 224 31.96 27.11 38.12
N LEU D 225 30.70 27.13 38.53
CA LEU D 225 30.37 26.96 39.94
C LEU D 225 29.84 25.58 40.28
N GLN D 226 29.55 24.79 39.26
CA GLN D 226 29.11 23.41 39.46
C GLN D 226 30.07 22.67 40.38
N GLY D 227 29.52 21.95 41.35
CA GLY D 227 30.31 21.16 42.27
C GLY D 227 31.02 21.97 43.32
N ARG D 228 30.71 23.27 43.39
CA ARG D 228 31.48 24.19 44.23
C ARG D 228 30.67 24.95 45.29
N VAL D 229 29.35 24.73 45.33
CA VAL D 229 28.48 25.47 46.23
C VAL D 229 28.07 24.63 47.44
N GLN D 230 28.29 25.19 48.62
CA GLN D 230 27.82 24.58 49.86
C GLN D 230 26.30 24.78 49.98
N PRO D 231 25.59 23.83 50.60
CA PRO D 231 24.13 23.92 50.69
C PRO D 231 23.65 25.27 51.24
N GLY D 232 24.34 25.81 52.24
CA GLY D 232 23.87 27.03 52.89
C GLY D 232 24.20 28.24 52.06
N GLU D 233 24.85 28.01 50.92
CA GLU D 233 25.38 29.09 50.10
C GLU D 233 24.51 29.41 48.88
N ILE D 234 23.43 28.66 48.69
CA ILE D 234 22.39 29.03 47.74
C ILE D 234 21.57 30.12 48.42
N SER D 235 21.70 31.34 47.93
CA SER D 235 21.19 32.50 48.65
C SER D 235 19.84 32.98 48.18
N LEU D 236 19.54 32.76 46.91
CA LEU D 236 18.22 33.09 46.37
C LEU D 236 17.96 32.28 45.10
N ALA D 237 16.76 31.72 44.98
CA ALA D 237 16.33 31.13 43.72
C ALA D 237 15.20 31.99 43.17
N VAL D 238 15.23 32.26 41.87
CA VAL D 238 14.24 33.10 41.23
C VAL D 238 13.62 32.35 40.05
N ALA D 239 12.30 32.35 39.96
CA ALA D 239 11.56 31.94 38.77
C ALA D 239 11.00 33.18 38.10
N PHE D 240 11.28 33.34 36.80
CA PHE D 240 10.62 34.39 36.02
C PHE D 240 9.42 33.87 35.22
N LYS D 241 8.27 34.53 35.36
CA LYS D 241 7.14 34.24 34.48
C LYS D 241 6.58 35.57 34.02
N ARG D 242 6.64 35.83 32.72
CA ARG D 242 6.36 37.17 32.27
C ARG D 242 4.90 37.53 32.55
N SER D 243 4.00 36.56 32.37
CA SER D 243 2.63 36.68 32.88
C SER D 243 2.29 35.40 33.61
N LEU D 244 1.21 35.45 34.39
CA LEU D 244 0.74 34.28 35.12
C LEU D 244 -0.61 33.83 34.58
N ARG D 245 -0.91 32.55 34.82
CA ARG D 245 -2.24 31.98 34.68
C ARG D 245 -2.32 31.08 35.88
N SER D 246 -3.52 30.83 36.39
CA SER D 246 -3.63 30.05 37.62
C SER D 246 -3.02 28.66 37.54
N ASP D 247 -2.99 28.07 36.35
CA ASP D 247 -2.38 26.75 36.16
C ASP D 247 -0.83 26.80 36.01
N ARG D 248 -0.31 27.97 35.71
CA ARG D 248 1.13 28.11 35.47
C ARG D 248 1.90 28.55 36.73
N LEU D 249 1.30 28.39 37.91
CA LEU D 249 1.93 28.86 39.16
C LEU D 249 2.77 27.80 39.85
N TYR D 250 2.59 26.56 39.45
CA TYR D 250 2.92 25.45 40.35
C TYR D 250 4.33 24.84 40.25
N GLN D 251 5.03 25.03 39.14
CA GLN D 251 6.40 24.51 39.04
C GLN D 251 7.38 25.14 40.05
N PRO D 252 7.39 26.48 40.15
CA PRO D 252 8.25 27.14 41.15
C PRO D 252 7.82 26.73 42.56
N LEU D 253 6.52 26.76 42.82
CA LEU D 253 6.01 26.37 44.14
C LEU D 253 6.44 24.95 44.53
N TYR D 254 6.20 23.97 43.66
CA TYR D 254 6.65 22.61 43.92
C TYR D 254 8.18 22.52 44.03
N GLU D 255 8.90 23.20 43.16
CA GLU D 255 10.36 23.09 43.22
C GLU D 255 10.92 23.74 44.47
N ALA D 256 10.33 24.86 44.91
CA ALA D 256 10.79 25.50 46.13
C ALA D 256 10.61 24.52 47.29
N ASN D 257 9.51 23.77 47.25
CA ASN D 257 9.26 22.75 48.26
C ASN D 257 10.30 21.62 48.27
N VAL D 258 10.64 21.09 47.10
CA VAL D 258 11.67 20.05 47.04
C VAL D 258 13.02 20.62 47.51
N MET D 259 13.39 21.82 47.07
CA MET D 259 14.64 22.45 47.49
C MET D 259 14.76 22.61 49.00
N GLN D 260 13.68 23.01 49.64
CA GLN D 260 13.73 23.16 51.09
C GLN D 260 13.78 21.82 51.79
N LEU D 261 13.13 20.82 51.21
CA LEU D 261 13.16 19.50 51.80
C LEU D 261 14.60 18.98 51.81
N LEU D 262 15.29 19.09 50.69
CA LEU D 262 16.65 18.57 50.56
C LEU D 262 17.65 19.47 51.30
N LEU D 263 17.62 20.77 51.00
CA LEU D 263 18.58 21.69 51.61
C LEU D 263 18.37 21.83 53.11
N GLU D 264 17.22 22.36 53.52
CA GLU D 264 16.92 22.52 54.94
C GLU D 264 16.74 21.17 55.65
N GLY D 265 16.04 20.24 54.99
CA GLY D 265 15.67 19.00 55.64
C GLY D 265 16.78 17.99 55.80
N LYS D 266 17.52 17.74 54.73
CA LYS D 266 18.53 16.68 54.74
C LYS D 266 19.96 17.21 54.87
N LEU D 267 20.16 18.49 54.53
CA LEU D 267 21.52 19.05 54.48
C LEU D 267 21.73 20.19 55.49
N GLY D 268 20.71 20.43 56.31
CA GLY D 268 20.82 21.39 57.40
C GLY D 268 21.09 22.84 57.02
N ALA D 269 20.70 23.25 55.83
CA ALA D 269 20.78 24.66 55.49
C ALA D 269 19.67 25.43 56.17
N PRO D 270 19.84 26.75 56.29
CA PRO D 270 18.82 27.70 56.76
C PRO D 270 17.72 27.92 55.72
N LYS D 271 16.76 28.77 56.04
CA LYS D 271 15.64 29.03 55.13
C LYS D 271 16.09 29.38 53.71
N VAL D 272 15.71 28.53 52.77
CA VAL D 272 15.97 28.78 51.36
C VAL D 272 15.06 29.83 50.76
N GLU D 273 15.64 30.94 50.33
CA GLU D 273 14.86 32.07 49.83
C GLU D 273 14.50 31.87 48.36
N PHE D 274 13.22 31.85 48.04
CA PHE D 274 12.82 31.52 46.68
C PHE D 274 11.70 32.44 46.29
N GLU D 275 11.92 33.24 45.25
CA GLU D 275 10.90 34.20 44.84
C GLU D 275 10.52 34.06 43.36
N VAL D 276 9.36 34.59 43.01
CA VAL D 276 8.87 34.60 41.65
C VAL D 276 8.72 36.04 41.15
N HIS D 277 9.12 36.32 39.90
CA HIS D 277 8.91 37.63 39.30
C HIS D 277 7.99 37.54 38.12
N THR D 278 7.11 38.52 37.99
CA THR D 278 6.18 38.53 36.88
C THR D 278 5.91 39.96 36.47
N LEU D 279 5.50 40.14 35.22
CA LEU D 279 5.08 41.47 34.78
C LEU D 279 3.55 41.61 34.77
N ALA D 280 2.83 40.54 35.07
CA ALA D 280 1.37 40.60 34.95
C ALA D 280 0.77 39.44 35.70
N PRO D 281 0.43 39.66 36.98
CA PRO D 281 -0.13 38.62 37.84
C PRO D 281 -1.61 38.40 37.56
N GLU D 282 -2.23 39.30 36.80
CA GLU D 282 -3.63 39.17 36.37
C GLU D 282 -4.57 38.85 37.54
N GLY D 283 -4.55 39.72 38.55
CA GLY D 283 -5.39 39.56 39.72
C GLY D 283 -4.60 39.31 41.00
N THR D 284 -5.32 39.01 42.07
CA THR D 284 -4.71 38.81 43.37
C THR D 284 -4.56 37.31 43.65
N ASN D 285 -5.06 36.53 42.70
CA ASN D 285 -5.02 35.07 42.72
C ASN D 285 -3.66 34.48 43.13
N ALA D 286 -2.61 34.86 42.42
CA ALA D 286 -1.31 34.25 42.67
C ALA D 286 -0.65 34.72 43.97
N PHE D 287 -0.97 35.92 44.45
CA PHE D 287 -0.35 36.36 45.69
C PHE D 287 -0.77 35.44 46.84
N VAL D 288 -2.04 35.07 46.86
CA VAL D 288 -2.56 34.15 47.87
C VAL D 288 -2.02 32.71 47.72
N THR D 289 -1.93 32.24 46.49
CA THR D 289 -1.36 30.92 46.20
C THR D 289 0.04 30.83 46.78
N TYR D 290 0.80 31.92 46.63
CA TYR D 290 2.18 31.90 47.07
C TYR D 290 2.39 32.22 48.56
N GLU D 291 1.32 32.22 49.34
CA GLU D 291 1.49 32.33 50.79
C GLU D 291 1.58 30.96 51.41
N ALA D 292 1.58 29.94 50.57
CA ALA D 292 1.61 28.56 51.05
C ALA D 292 2.83 28.27 51.90
N ALA D 293 2.60 27.59 53.03
CA ALA D 293 3.65 27.09 53.89
C ALA D 293 4.44 25.97 53.24
N SER D 294 5.75 25.98 53.43
CA SER D 294 6.59 24.90 52.96
C SER D 294 6.07 23.61 53.53
N LEU D 295 5.85 22.64 52.66
CA LEU D 295 5.13 21.43 53.04
C LEU D 295 5.94 20.56 53.98
N TYR D 296 7.23 20.41 53.70
N TYR D 296 7.22 20.41 53.64
CA TYR D 296 8.04 19.52 54.52
CA TYR D 296 8.17 19.64 54.42
C TYR D 296 8.27 20.06 55.92
C TYR D 296 8.16 20.09 55.87
N GLY D 297 8.38 21.38 56.06
CA GLY D 297 8.46 21.99 57.38
C GLY D 297 7.19 21.76 58.18
N LEU D 298 6.05 22.07 57.56
CA LEU D 298 4.74 21.84 58.15
C LEU D 298 4.65 20.44 58.72
N ALA D 299 4.95 19.47 57.87
CA ALA D 299 4.70 18.07 58.16
C ALA D 299 5.71 17.52 59.18
N GLU D 300 6.81 18.23 59.35
CA GLU D 300 7.82 17.84 60.33
C GLU D 300 7.91 18.90 61.41
N GLY D 301 7.07 18.76 62.44
CA GLY D 301 6.98 19.73 63.51
C GLY D 301 8.32 20.26 64.00
N ARG D 302 9.36 19.42 63.92
CA ARG D 302 10.68 19.75 64.47
C ARG D 302 11.16 21.17 64.16
N SER D 303 10.74 21.70 63.02
CA SER D 303 11.30 22.95 62.50
C SER D 303 10.37 24.16 62.60
N ALA D 304 10.95 25.35 62.46
CA ALA D 304 10.18 26.58 62.31
C ALA D 304 9.57 26.59 60.91
N VAL D 305 8.35 27.09 60.80
CA VAL D 305 7.60 27.03 59.55
C VAL D 305 7.59 28.33 58.75
N HIS D 306 7.88 28.24 57.46
CA HIS D 306 7.93 29.43 56.61
C HIS D 306 7.27 29.20 55.26
N ARG D 307 7.07 30.26 54.49
CA ARG D 307 6.57 30.17 53.12
C ARG D 307 7.54 29.42 52.21
N ALA D 308 6.99 28.59 51.32
CA ALA D 308 7.77 27.97 50.24
C ALA D 308 8.34 29.07 49.34
N ILE D 309 7.47 29.95 48.87
CA ILE D 309 7.84 31.05 48.02
C ILE D 309 7.74 32.32 48.85
N ARG D 310 8.85 33.04 48.95
CA ARG D 310 8.94 34.18 49.88
C ARG D 310 8.17 35.40 49.41
N GLU D 311 8.03 35.57 48.10
CA GLU D 311 7.33 36.74 47.57
C GLU D 311 7.02 36.59 46.10
N LEU D 312 5.90 37.19 45.68
CA LEU D 312 5.64 37.37 44.27
C LEU D 312 5.90 38.83 43.95
N TYR D 313 6.95 39.06 43.19
CA TYR D 313 7.38 40.43 42.95
C TYR D 313 7.10 40.88 41.52
N VAL D 314 6.61 42.11 41.38
CA VAL D 314 6.26 42.68 40.08
C VAL D 314 7.06 43.95 39.77
N PRO D 315 8.20 43.84 39.07
CA PRO D 315 9.04 45.01 38.78
C PRO D 315 8.36 46.06 37.93
N PRO D 316 8.28 47.31 38.40
CA PRO D 316 7.71 48.40 37.58
C PRO D 316 8.70 48.92 36.55
N THR D 317 9.97 48.95 36.94
CA THR D 317 11.03 49.49 36.10
C THR D 317 12.31 48.70 36.35
N ALA D 318 13.24 48.79 35.39
CA ALA D 318 14.49 48.07 35.52
C ALA D 318 15.25 48.51 36.77
N ALA D 319 15.20 49.79 37.06
CA ALA D 319 15.91 50.31 38.24
C ALA D 319 15.30 49.78 39.54
N ASP D 320 14.00 49.56 39.56
CA ASP D 320 13.39 49.05 40.77
C ASP D 320 13.86 47.63 41.03
N LEU D 321 13.99 46.85 39.96
CA LEU D 321 14.57 45.51 40.06
C LEU D 321 15.97 45.60 40.67
N ALA D 322 16.78 46.53 40.17
CA ALA D 322 18.14 46.70 40.68
C ALA D 322 18.12 47.08 42.15
N ARG D 323 17.32 48.10 42.48
CA ARG D 323 17.22 48.58 43.86
C ARG D 323 16.76 47.45 44.78
N ARG D 324 15.84 46.61 44.31
CA ARG D 324 15.31 45.58 45.19
C ARG D 324 16.39 44.55 45.52
N PHE D 325 17.16 44.16 44.51
CA PHE D 325 18.14 43.10 44.68
C PHE D 325 19.30 43.58 45.57
N PHE D 326 19.70 44.84 45.41
CA PHE D 326 20.71 45.45 46.29
C PHE D 326 20.25 45.42 47.76
N ALA D 327 19.01 45.87 48.00
CA ALA D 327 18.45 45.85 49.35
C ALA D 327 18.41 44.43 49.90
N PHE D 328 18.11 43.47 49.04
CA PHE D 328 18.04 42.08 49.47
C PHE D 328 19.41 41.58 49.88
N LEU D 329 20.41 41.92 49.09
CA LEU D 329 21.79 41.50 49.37
C LEU D 329 22.26 42.14 50.67
N ASN D 330 21.99 43.44 50.75
CA ASN D 330 22.43 44.22 51.90
C ASN D 330 21.94 43.57 53.20
N GLU D 331 20.70 43.09 53.19
CA GLU D 331 20.17 42.40 54.36
C GLU D 331 20.60 40.93 54.42
N ARG D 332 20.48 40.21 53.30
CA ARG D 332 20.75 38.76 53.25
C ARG D 332 22.21 38.31 53.48
N MET D 333 23.16 39.13 53.05
CA MET D 333 24.57 38.76 53.17
C MET D 333 25.12 39.01 54.57
N GLU D 334 24.40 39.80 55.35
CA GLU D 334 24.74 40.02 56.74
C GLU D 334 24.81 38.72 57.53
N LEU D 335 24.04 37.72 57.11
CA LEU D 335 24.05 36.40 57.73
C LEU D 335 25.35 35.64 57.41
N VAL D 336 26.16 36.21 56.53
CA VAL D 336 27.43 35.59 56.16
C VAL D 336 28.57 36.27 56.90
N ASN D 337 29.33 35.50 57.66
CA ASN D 337 30.46 36.05 58.39
C ASN D 337 31.49 36.59 57.41
N GLY D 338 31.87 37.86 57.60
CA GLY D 338 32.86 38.49 56.73
C GLY D 338 34.27 37.94 56.90
N PRO E 1 19.95 48.74 17.97
CA PRO E 1 19.91 49.57 19.17
C PRO E 1 18.59 49.40 19.87
N PHE E 2 18.46 49.99 21.05
CA PHE E 2 17.20 49.93 21.78
C PHE E 2 16.11 50.61 20.97
N THR E 3 16.40 51.79 20.43
CA THR E 3 15.48 52.42 19.48
C THR E 3 15.76 51.87 18.09
N TYR E 4 14.69 51.60 17.33
CA TYR E 4 14.91 50.95 16.04
C TYR E 4 15.68 51.83 15.07
N SER E 5 16.56 51.22 14.30
CA SER E 5 17.38 51.95 13.34
C SER E 5 17.48 51.24 11.99
N ILE E 6 16.88 51.83 10.96
CA ILE E 6 16.99 51.31 9.59
C ILE E 6 18.46 51.07 9.20
N GLU E 7 19.31 52.05 9.45
CA GLU E 7 20.71 51.92 9.10
C GLU E 7 21.35 50.71 9.77
N ALA E 8 21.19 50.61 11.09
CA ALA E 8 21.79 49.50 11.84
C ALA E 8 21.29 48.14 11.34
N THR E 9 20.02 48.08 10.98
CA THR E 9 19.44 46.86 10.47
C THR E 9 19.98 46.54 9.08
N ARG E 10 20.35 47.57 8.32
CA ARG E 10 20.90 47.36 6.99
C ARG E 10 22.32 46.80 7.07
N ASN E 11 23.05 47.24 8.10
CA ASN E 11 24.44 46.86 8.28
C ASN E 11 24.68 45.46 8.87
N LEU E 12 23.60 44.77 9.22
CA LEU E 12 23.75 43.48 9.86
C LEU E 12 24.03 42.41 8.84
N ALA E 13 24.93 41.49 9.16
CA ALA E 13 25.08 40.32 8.34
C ALA E 13 23.72 39.64 8.25
N THR E 14 23.50 38.84 7.23
CA THR E 14 22.24 38.15 7.05
C THR E 14 21.96 37.21 8.22
N THR E 15 23.02 36.62 8.75
CA THR E 15 22.93 35.69 9.88
C THR E 15 22.70 36.40 11.22
N GLU E 16 22.89 37.71 11.26
CA GLU E 16 22.71 38.46 12.50
C GLU E 16 21.36 39.18 12.54
N ARG E 17 20.49 38.88 11.59
CA ARG E 17 19.20 39.57 11.49
C ARG E 17 18.16 39.00 12.44
N CYS E 18 17.31 39.87 12.98
CA CYS E 18 16.34 39.44 13.99
C CYS E 18 15.35 38.40 13.49
N ILE E 19 14.93 38.55 12.24
CA ILE E 19 14.04 37.59 11.60
C ILE E 19 14.84 36.73 10.63
N GLN E 20 14.71 35.43 10.75
CA GLN E 20 15.37 34.52 9.84
C GLN E 20 14.33 33.86 8.93
N ASP E 21 14.43 34.16 7.64
CA ASP E 21 13.54 33.57 6.64
C ASP E 21 13.80 32.08 6.50
N ILE E 22 12.96 31.25 7.10
CA ILE E 22 13.15 29.81 6.99
C ILE E 22 12.15 29.15 6.05
N ARG E 23 11.64 29.92 5.10
CA ARG E 23 10.87 29.33 4.01
C ARG E 23 11.83 28.60 3.08
N ASN E 24 11.66 27.28 2.99
CA ASN E 24 12.53 26.41 2.19
C ASN E 24 12.81 26.97 0.79
N ARG E 30 7.61 30.14 -7.23
CA ARG E 30 6.50 30.96 -6.75
C ARG E 30 6.12 30.58 -5.32
N SER E 31 5.17 31.32 -4.75
CA SER E 31 4.71 31.04 -3.39
C SER E 31 3.42 30.23 -3.34
N THR E 32 3.08 29.54 -4.44
CA THR E 32 1.83 28.80 -4.50
C THR E 32 1.85 27.55 -3.60
N GLN E 33 0.82 27.37 -2.77
CA GLN E 33 0.77 26.23 -1.86
C GLN E 33 -0.01 25.03 -2.40
N PHE E 34 -1.16 25.31 -3.01
CA PHE E 34 -2.00 24.28 -3.60
C PHE E 34 -2.28 24.63 -5.07
N GLN E 35 -2.03 23.67 -5.94
CA GLN E 35 -2.21 23.83 -7.37
C GLN E 35 -3.58 23.34 -7.80
N LEU E 36 -4.27 24.16 -8.59
CA LEU E 36 -5.53 23.74 -9.21
C LEU E 36 -5.14 22.90 -10.41
N ALA E 37 -5.37 21.60 -10.36
CA ALA E 37 -4.83 20.73 -11.39
C ALA E 37 -5.88 20.58 -12.48
N GLN E 38 -5.87 21.51 -13.42
CA GLN E 38 -6.99 21.67 -14.34
C GLN E 38 -7.27 20.45 -15.20
N GLN E 39 -6.23 19.77 -15.67
CA GLN E 39 -6.42 18.58 -16.50
C GLN E 39 -7.05 17.45 -15.71
N ASN E 40 -6.52 17.22 -14.51
CA ASN E 40 -7.20 16.32 -13.58
C ASN E 40 -8.65 16.76 -13.33
N MET E 41 -8.85 18.06 -13.17
CA MET E 41 -10.18 18.56 -12.84
C MET E 41 -11.17 18.28 -13.96
N LEU E 42 -10.75 18.45 -15.19
CA LEU E 42 -11.60 18.09 -16.34
C LEU E 42 -11.93 16.62 -16.30
N ALA E 43 -10.91 15.78 -16.14
CA ALA E 43 -11.13 14.33 -16.13
C ALA E 43 -12.11 13.92 -15.04
N TYR E 44 -12.02 14.57 -13.90
CA TYR E 44 -12.85 14.19 -12.77
C TYR E 44 -14.28 14.68 -12.96
N THR E 45 -14.42 15.94 -13.32
CA THR E 45 -15.74 16.54 -13.47
C THR E 45 -16.40 16.15 -14.79
N PHE E 46 -15.63 16.11 -15.87
CA PHE E 46 -16.19 15.78 -17.18
C PHE E 46 -15.69 14.46 -17.76
N GLY E 47 -15.14 13.59 -16.92
CA GLY E 47 -14.69 12.29 -17.40
C GLY E 47 -15.75 11.52 -18.19
N GLU E 48 -17.00 11.72 -17.85
CA GLU E 48 -18.09 10.97 -18.49
C GLU E 48 -19.21 11.84 -19.04
N VAL E 49 -18.94 13.13 -19.16
CA VAL E 49 -20.00 14.06 -19.51
C VAL E 49 -19.49 15.13 -20.46
N ILE E 50 -20.03 15.15 -21.68
CA ILE E 50 -19.87 16.32 -22.53
C ILE E 50 -21.21 17.05 -22.51
N PRO E 51 -21.22 18.26 -21.97
CA PRO E 51 -22.49 18.98 -21.88
C PRO E 51 -23.02 19.20 -23.28
N GLY E 52 -24.33 19.10 -23.44
CA GLY E 52 -24.94 19.12 -24.76
C GLY E 52 -25.16 17.72 -25.31
N PHE E 53 -24.42 16.74 -24.79
CA PHE E 53 -24.48 15.37 -25.32
C PHE E 53 -24.65 14.37 -24.19
N ALA E 54 -25.24 14.84 -23.09
CA ALA E 54 -25.28 14.08 -21.84
C ALA E 54 -26.71 13.93 -21.39
N SER E 55 -26.93 13.96 -20.08
CA SER E 55 -28.28 13.92 -19.54
C SER E 55 -29.00 15.23 -19.86
N ALA E 56 -30.31 15.12 -20.03
CA ALA E 56 -31.17 16.27 -20.26
C ALA E 56 -30.93 17.35 -19.22
N GLY E 57 -30.55 16.93 -18.02
CA GLY E 57 -30.37 17.84 -16.91
C GLY E 57 -29.18 18.73 -17.14
N ILE E 58 -28.06 18.12 -17.50
CA ILE E 58 -26.83 18.88 -17.76
C ILE E 58 -26.94 19.69 -19.07
N ASN E 59 -27.49 19.09 -20.11
CA ASN E 59 -27.64 19.81 -21.39
C ASN E 59 -28.46 21.09 -21.25
N GLY E 60 -29.45 21.07 -20.37
CA GLY E 60 -30.38 22.19 -20.25
C GLY E 60 -30.01 23.14 -19.12
N MET E 61 -29.05 22.70 -18.31
CA MET E 61 -28.56 23.44 -17.16
C MET E 61 -27.86 24.75 -17.55
N ASP E 62 -27.92 25.75 -16.67
CA ASP E 62 -27.23 27.02 -16.91
C ASP E 62 -25.75 26.79 -17.20
N TYR E 63 -25.29 27.27 -18.35
CA TYR E 63 -23.93 26.98 -18.78
C TYR E 63 -22.90 27.54 -17.78
N ARG E 64 -23.19 28.68 -17.17
CA ARG E 64 -22.30 29.22 -16.12
C ARG E 64 -22.06 28.21 -14.98
N ASP E 65 -23.10 27.48 -14.62
CA ASP E 65 -23.00 26.55 -13.50
C ASP E 65 -22.24 25.30 -13.93
N VAL E 66 -22.49 24.88 -15.17
CA VAL E 66 -21.75 23.79 -15.77
C VAL E 66 -20.25 24.08 -15.77
N ILE E 67 -19.87 25.23 -16.32
CA ILE E 67 -18.46 25.63 -16.45
C ILE E 67 -17.82 25.89 -15.08
N GLY E 68 -18.64 26.30 -14.12
CA GLY E 68 -18.18 26.49 -12.75
C GLY E 68 -18.01 25.22 -11.93
N ARG E 69 -18.51 24.09 -12.42
CA ARG E 69 -18.49 22.86 -11.60
C ARG E 69 -17.09 22.34 -11.22
N PRO E 70 -16.16 22.23 -12.19
CA PRO E 70 -14.81 21.76 -11.85
C PRO E 70 -14.15 22.53 -10.70
N VAL E 71 -14.13 23.86 -10.77
CA VAL E 71 -13.57 24.64 -9.68
C VAL E 71 -14.34 24.34 -8.39
N GLU E 72 -15.67 24.25 -8.47
CA GLU E 72 -16.46 23.91 -7.28
C GLU E 72 -16.01 22.56 -6.70
N ASN E 73 -16.02 21.52 -7.52
CA ASN E 73 -15.56 20.21 -7.12
C ASN E 73 -14.16 20.30 -6.49
N ALA E 74 -13.23 20.96 -7.17
CA ALA E 74 -11.87 20.99 -6.66
C ALA E 74 -11.77 21.66 -5.28
N VAL E 75 -12.63 22.63 -5.03
CA VAL E 75 -12.61 23.35 -3.75
C VAL E 75 -13.14 22.43 -2.68
N THR E 76 -14.11 21.61 -3.08
CA THR E 76 -14.68 20.61 -2.19
C THR E 76 -13.57 19.64 -1.79
N GLU E 77 -12.81 19.16 -2.77
CA GLU E 77 -11.71 18.23 -2.51
C GLU E 77 -10.60 18.85 -1.69
N GLY E 78 -10.19 20.06 -2.07
CA GLY E 78 -9.17 20.76 -1.31
C GLY E 78 -9.56 20.89 0.15
N THR E 79 -10.81 21.23 0.39
CA THR E 79 -11.28 21.45 1.74
C THR E 79 -11.36 20.15 2.52
N HIS E 80 -11.53 19.05 1.80
CA HIS E 80 -11.62 17.76 2.44
C HIS E 80 -10.24 17.30 2.90
N PHE E 81 -9.23 17.51 2.06
CA PHE E 81 -7.88 17.05 2.41
C PHE E 81 -7.04 18.02 3.27
N PHE E 82 -7.29 19.31 3.14
CA PHE E 82 -6.43 20.27 3.79
C PHE E 82 -7.19 21.27 4.64
N ARG E 83 -8.50 21.05 4.74
CA ARG E 83 -9.35 21.79 5.67
C ARG E 83 -9.03 23.28 5.75
N ASP E 84 -8.85 23.81 6.96
CA ASP E 84 -8.62 25.24 7.11
C ASP E 84 -7.25 25.73 6.62
N ASP E 85 -6.37 24.82 6.22
CA ASP E 85 -5.14 25.24 5.56
C ASP E 85 -5.39 25.56 4.07
N PHE E 86 -6.45 25.00 3.52
CA PHE E 86 -6.65 25.08 2.07
C PHE E 86 -6.97 26.50 1.61
N ARG E 87 -6.18 26.99 0.67
CA ARG E 87 -6.41 28.29 0.04
C ARG E 87 -5.87 28.37 -1.37
N VAL E 88 -6.66 28.93 -2.28
CA VAL E 88 -6.19 29.23 -3.64
C VAL E 88 -6.48 30.70 -4.01
N ASP E 89 -5.50 31.33 -4.66
CA ASP E 89 -5.57 32.72 -5.12
C ASP E 89 -6.66 32.84 -6.17
N SER E 90 -7.39 33.95 -6.21
CA SER E 90 -8.40 34.13 -7.24
C SER E 90 -7.76 34.08 -8.63
N ASN E 91 -6.47 34.39 -8.72
CA ASN E 91 -5.78 34.40 -10.02
C ASN E 91 -5.63 32.98 -10.51
N ALA E 92 -5.61 32.02 -9.59
CA ALA E 92 -5.53 30.62 -9.97
C ALA E 92 -6.89 30.19 -10.48
N LYS E 93 -7.95 30.65 -9.81
CA LYS E 93 -9.29 30.30 -10.22
C LYS E 93 -9.60 30.95 -11.56
N ALA E 94 -9.21 32.21 -11.69
CA ALA E 94 -9.37 32.94 -12.95
C ALA E 94 -8.69 32.21 -14.10
N LYS E 95 -7.43 31.84 -13.94
CA LYS E 95 -6.76 31.08 -14.98
C LYS E 95 -7.46 29.78 -15.35
N VAL E 96 -7.82 28.98 -14.36
CA VAL E 96 -8.38 27.67 -14.64
C VAL E 96 -9.79 27.73 -15.23
N ALA E 97 -10.62 28.62 -14.69
CA ALA E 97 -11.98 28.75 -15.19
C ALA E 97 -11.99 29.13 -16.65
N GLY E 98 -11.07 30.02 -17.03
CA GLY E 98 -10.95 30.42 -18.42
C GLY E 98 -10.59 29.26 -19.32
N ASP E 99 -9.54 28.53 -18.94
CA ASP E 99 -9.13 27.40 -19.76
C ASP E 99 -10.27 26.38 -19.86
N ILE E 100 -10.97 26.16 -18.76
CA ILE E 100 -12.07 25.19 -18.73
C ILE E 100 -13.23 25.59 -19.65
N PHE E 101 -13.62 26.86 -19.58
CA PHE E 101 -14.66 27.39 -20.44
C PHE E 101 -14.31 27.10 -21.90
N GLU E 102 -13.07 27.41 -22.24
CA GLU E 102 -12.57 27.13 -23.58
C GLU E 102 -12.49 25.63 -23.91
N ILE E 103 -11.92 24.83 -23.04
CA ILE E 103 -11.76 23.41 -23.38
C ILE E 103 -13.11 22.71 -23.45
N VAL E 104 -13.99 23.00 -22.49
CA VAL E 104 -15.32 22.40 -22.48
C VAL E 104 -16.13 22.83 -23.71
N SER E 105 -16.23 24.14 -23.95
CA SER E 105 -16.92 24.59 -25.15
C SER E 105 -16.38 23.96 -26.43
N SER E 106 -15.05 23.89 -26.55
CA SER E 106 -14.45 23.30 -27.73
C SER E 106 -14.84 21.83 -27.89
N ALA E 107 -15.04 21.16 -26.77
CA ALA E 107 -15.42 19.75 -26.83
C ALA E 107 -16.88 19.59 -27.26
N VAL E 108 -17.74 20.50 -26.83
CA VAL E 108 -19.12 20.48 -27.30
C VAL E 108 -19.06 20.56 -28.82
N MET E 109 -18.28 21.51 -29.31
CA MET E 109 -18.17 21.71 -30.75
C MET E 109 -17.56 20.49 -31.43
N TRP E 110 -16.63 19.81 -30.77
CA TRP E 110 -15.98 18.65 -31.35
C TRP E 110 -17.04 17.58 -31.59
N ASN E 111 -17.87 17.34 -30.58
CA ASN E 111 -18.95 16.38 -30.70
C ASN E 111 -20.00 16.80 -31.72
N CYS E 112 -20.29 18.09 -31.80
CA CYS E 112 -21.17 18.59 -32.86
C CYS E 112 -20.63 18.23 -34.23
N ALA E 113 -19.34 18.44 -34.42
CA ALA E 113 -18.68 18.12 -35.69
C ALA E 113 -18.71 16.63 -36.01
N ALA E 114 -18.51 15.77 -35.01
CA ALA E 114 -18.51 14.32 -35.27
C ALA E 114 -19.90 13.90 -35.78
N ARG E 115 -20.95 14.46 -35.20
CA ARG E 115 -22.31 14.15 -35.58
C ARG E 115 -22.65 14.70 -36.98
N TRP E 116 -22.28 15.95 -37.21
CA TRP E 116 -22.33 16.54 -38.54
C TRP E 116 -21.65 15.68 -39.60
N ASN E 117 -20.43 15.21 -39.32
CA ASN E 117 -19.62 14.51 -40.32
C ASN E 117 -20.20 13.13 -40.61
N SER E 118 -20.65 12.46 -39.57
CA SER E 118 -21.30 11.16 -39.68
C SER E 118 -22.46 11.29 -40.66
N LEU E 119 -23.27 12.33 -40.48
CA LEU E 119 -24.33 12.64 -41.44
C LEU E 119 -23.81 12.93 -42.87
N MET E 120 -22.72 13.67 -43.00
CA MET E 120 -22.17 14.06 -44.31
C MET E 120 -21.69 12.87 -45.17
N VAL E 121 -21.20 11.82 -44.50
CA VAL E 121 -20.74 10.62 -45.17
C VAL E 121 -21.82 9.52 -45.29
N GLY E 122 -23.06 9.87 -44.98
CA GLY E 122 -24.18 8.98 -45.28
C GLY E 122 -24.60 8.03 -44.16
N GLU E 123 -24.19 8.30 -42.93
CA GLU E 123 -24.56 7.46 -41.78
C GLU E 123 -25.83 7.95 -41.10
N GLY E 124 -26.53 8.88 -41.71
CA GLY E 124 -27.73 9.41 -41.11
C GLY E 124 -27.46 10.32 -39.91
N TRP E 125 -28.52 10.60 -39.15
CA TRP E 125 -28.49 11.56 -38.06
C TRP E 125 -28.67 10.89 -36.70
N ARG E 126 -27.65 10.93 -35.86
CA ARG E 126 -27.78 10.39 -34.50
C ARG E 126 -28.86 11.14 -33.75
N SER E 127 -29.55 10.46 -32.84
CA SER E 127 -30.77 11.01 -32.27
C SER E 127 -30.75 11.30 -30.75
N GLN E 128 -29.70 10.87 -30.06
CA GLN E 128 -29.58 11.14 -28.62
C GLN E 128 -28.29 11.93 -28.27
N PRO E 129 -28.42 13.07 -27.58
CA PRO E 129 -29.69 13.74 -27.26
C PRO E 129 -30.36 14.23 -28.56
N ARG E 130 -31.55 14.79 -28.44
CA ARG E 130 -32.33 15.13 -29.62
C ARG E 130 -32.05 16.52 -30.15
N TYR E 131 -31.53 16.57 -31.38
CA TYR E 131 -31.35 17.80 -32.12
C TYR E 131 -31.97 17.57 -33.48
N SER E 132 -32.61 18.61 -34.02
CA SER E 132 -33.19 18.53 -35.36
C SER E 132 -32.10 18.28 -36.38
N ARG E 133 -32.41 17.47 -37.38
CA ARG E 133 -31.44 17.13 -38.41
C ARG E 133 -31.23 18.34 -39.32
N PRO E 134 -29.98 18.66 -39.67
CA PRO E 134 -29.76 19.78 -40.60
C PRO E 134 -30.36 19.46 -41.98
N THR E 135 -30.79 20.48 -42.71
CA THR E 135 -31.45 20.27 -43.99
C THR E 135 -30.54 20.23 -45.20
N LEU E 136 -29.34 20.81 -45.07
CA LEU E 136 -28.36 20.85 -46.15
C LEU E 136 -28.07 19.45 -46.75
N SER E 137 -27.96 19.33 -48.07
CA SER E 137 -27.67 17.99 -48.64
C SER E 137 -26.28 17.48 -48.27
N PRO E 138 -26.23 16.29 -47.67
CA PRO E 138 -24.99 15.69 -47.14
C PRO E 138 -23.96 15.44 -48.21
N SER E 139 -22.69 15.60 -47.85
CA SER E 139 -21.58 15.31 -48.71
C SER E 139 -20.34 15.11 -47.87
N PRO E 140 -19.49 14.17 -48.24
CA PRO E 140 -18.21 14.06 -47.54
C PRO E 140 -17.37 15.32 -47.69
N ARG E 141 -17.66 16.15 -48.69
CA ARG E 141 -16.82 17.33 -48.93
C ARG E 141 -17.24 18.47 -48.01
N ARG E 142 -18.29 18.25 -47.23
CA ARG E 142 -18.72 19.26 -46.29
C ARG E 142 -18.43 18.87 -44.85
N GLN E 143 -17.54 17.91 -44.66
CA GLN E 143 -17.12 17.58 -43.31
C GLN E 143 -16.27 18.70 -42.78
N VAL E 144 -16.12 18.75 -41.47
CA VAL E 144 -15.33 19.79 -40.83
C VAL E 144 -14.58 19.23 -39.65
N ALA E 145 -13.47 19.89 -39.34
CA ALA E 145 -12.64 19.56 -38.19
C ALA E 145 -12.69 20.75 -37.26
N VAL E 146 -12.91 20.46 -35.98
CA VAL E 146 -12.90 21.46 -34.94
C VAL E 146 -11.54 21.38 -34.27
N LEU E 147 -10.78 22.49 -34.33
CA LEU E 147 -9.40 22.53 -33.84
C LEU E 147 -9.22 23.48 -32.66
N ASN E 148 -9.05 22.93 -31.47
CA ASN E 148 -8.64 23.73 -30.34
C ASN E 148 -7.15 24.10 -30.51
N LEU E 149 -6.86 25.38 -30.75
CA LEU E 149 -5.50 25.80 -31.04
C LEU E 149 -4.70 26.04 -29.76
N PRO E 150 -3.41 25.64 -29.73
CA PRO E 150 -2.56 25.68 -28.54
C PRO E 150 -2.07 27.09 -28.19
N ARG E 151 -1.62 27.26 -26.95
CA ARG E 151 -0.89 28.48 -26.58
C ARG E 151 0.34 28.60 -27.47
N SER E 152 0.64 29.83 -27.89
CA SER E 152 1.79 30.14 -28.76
C SER E 152 1.56 29.89 -30.27
N PHE E 153 0.36 29.48 -30.65
CA PHE E 153 0.14 29.05 -32.03
C PHE E 153 0.24 30.23 -32.99
N ASP E 154 0.54 29.94 -34.26
CA ASP E 154 0.40 30.94 -35.32
C ASP E 154 -0.55 30.31 -36.31
N TRP E 155 -1.75 30.88 -36.44
CA TRP E 155 -2.79 30.29 -37.29
C TRP E 155 -2.36 30.09 -38.75
N VAL E 156 -1.44 30.93 -39.22
CA VAL E 156 -0.91 30.81 -40.58
C VAL E 156 -0.36 29.41 -40.87
N SER E 157 0.05 28.69 -39.83
CA SER E 157 0.57 27.35 -40.01
C SER E 157 -0.52 26.33 -40.40
N LEU E 158 -1.79 26.74 -40.42
CA LEU E 158 -2.85 25.83 -40.85
C LEU E 158 -2.86 25.74 -42.36
N LEU E 159 -2.38 26.81 -43.01
CA LEU E 159 -2.49 26.94 -44.46
C LEU E 159 -1.58 25.99 -45.25
N VAL E 160 -2.04 25.61 -46.43
CA VAL E 160 -1.17 24.89 -47.35
C VAL E 160 0.05 25.77 -47.64
N PRO E 161 1.23 25.15 -47.83
CA PRO E 161 2.50 25.85 -47.99
C PRO E 161 2.52 26.98 -49.03
N GLU E 162 1.82 26.82 -50.14
CA GLU E 162 1.80 27.88 -51.16
C GLU E 162 1.17 29.15 -50.60
N SER E 163 0.18 28.99 -49.72
CA SER E 163 -0.47 30.13 -49.12
C SER E 163 0.41 30.72 -48.01
N GLN E 164 1.00 29.86 -47.19
CA GLN E 164 1.93 30.36 -46.19
C GLN E 164 3.01 31.17 -46.90
N GLU E 165 3.51 30.64 -48.01
CA GLU E 165 4.59 31.30 -48.75
C GLU E 165 4.16 32.68 -49.23
N VAL E 166 2.93 32.82 -49.72
CA VAL E 166 2.41 34.13 -50.11
C VAL E 166 2.51 35.12 -48.93
N ILE E 167 2.11 34.67 -47.75
CA ILE E 167 2.11 35.55 -46.58
C ILE E 167 3.54 35.87 -46.12
N GLU E 168 4.42 34.89 -46.22
CA GLU E 168 5.78 35.10 -45.74
C GLU E 168 6.62 35.98 -46.68
N GLU E 169 6.27 36.00 -47.95
CA GLU E 169 6.89 36.95 -48.88
C GLU E 169 6.46 38.36 -48.48
N PHE E 170 5.15 38.54 -48.36
CA PHE E 170 4.55 39.81 -47.98
C PHE E 170 5.17 40.41 -46.72
N ARG E 171 5.40 39.57 -45.73
CA ARG E 171 5.94 40.01 -44.45
C ARG E 171 7.44 40.21 -44.51
N ALA E 172 8.13 39.35 -45.26
CA ALA E 172 9.57 39.51 -45.41
C ALA E 172 9.83 40.92 -45.89
N GLY E 173 9.02 41.36 -46.86
CA GLY E 173 9.10 42.71 -47.39
C GLY E 173 8.90 43.74 -46.30
N LEU E 174 7.71 43.76 -45.71
CA LEU E 174 7.45 44.65 -44.58
C LEU E 174 8.65 44.76 -43.63
N ARG E 175 9.17 43.62 -43.18
CA ARG E 175 10.22 43.61 -42.16
C ARG E 175 11.52 44.29 -42.62
N LYS E 176 11.70 44.37 -43.94
CA LYS E 176 12.88 45.04 -44.47
C LYS E 176 12.70 46.55 -44.33
N ASP E 177 11.46 46.99 -44.37
CA ASP E 177 11.15 48.42 -44.23
C ASP E 177 10.90 48.81 -42.78
N GLY E 178 11.32 47.95 -41.86
CA GLY E 178 11.14 48.21 -40.44
C GLY E 178 9.73 47.93 -39.89
N LEU E 179 8.82 47.43 -40.73
CA LEU E 179 7.47 47.12 -40.26
C LEU E 179 7.30 45.61 -40.08
N GLY E 180 6.09 45.18 -39.74
CA GLY E 180 5.77 43.76 -39.69
C GLY E 180 4.27 43.54 -39.76
N LEU E 181 3.84 42.28 -39.82
CA LEU E 181 2.42 41.97 -39.60
C LEU E 181 2.25 40.61 -38.93
N PRO E 182 2.64 40.52 -37.65
CA PRO E 182 2.62 39.27 -36.90
C PRO E 182 1.18 38.78 -36.75
N THR E 183 0.99 37.47 -36.68
CA THR E 183 -0.31 36.90 -36.42
C THR E 183 -0.19 36.00 -35.19
N SER E 184 -1.21 36.03 -34.33
CA SER E 184 -1.26 35.03 -33.26
C SER E 184 -2.28 33.96 -33.62
N THR E 185 -3.48 34.04 -33.05
CA THR E 185 -4.38 32.91 -33.15
C THR E 185 -5.70 33.14 -32.39
N PRO E 186 -6.80 32.60 -32.90
CA PRO E 186 -8.01 32.49 -32.07
C PRO E 186 -7.85 31.24 -31.20
N ASP E 187 -8.75 31.06 -30.26
CA ASP E 187 -8.74 29.86 -29.44
C ASP E 187 -9.07 28.67 -30.28
N LEU E 188 -9.93 28.88 -31.27
CA LEU E 188 -10.46 27.74 -31.98
C LEU E 188 -10.68 28.10 -33.45
N ALA E 189 -10.39 27.14 -34.32
CA ALA E 189 -10.70 27.25 -35.73
C ALA E 189 -11.49 26.02 -36.19
N VAL E 190 -12.61 26.25 -36.87
CA VAL E 190 -13.30 25.18 -37.58
C VAL E 190 -12.86 25.20 -39.04
N VAL E 191 -12.31 24.10 -39.53
CA VAL E 191 -11.85 24.05 -40.92
C VAL E 191 -12.54 22.92 -41.69
N VAL E 192 -12.70 23.11 -43.00
CA VAL E 192 -13.21 22.05 -43.86
C VAL E 192 -12.22 20.91 -43.83
N LEU E 193 -12.71 19.69 -43.64
CA LEU E 193 -11.82 18.53 -43.59
C LEU E 193 -11.10 18.38 -44.92
N PRO E 194 -9.76 18.32 -44.87
CA PRO E 194 -8.93 18.03 -46.04
C PRO E 194 -9.43 16.83 -46.82
N GLU E 195 -9.54 16.99 -48.13
CA GLU E 195 -10.04 15.93 -48.99
C GLU E 195 -9.39 14.59 -48.69
N GLU E 196 -8.09 14.61 -48.40
CA GLU E 196 -7.36 13.37 -48.15
C GLU E 196 -7.94 12.60 -46.98
N PHE E 197 -8.59 13.30 -46.04
CA PHE E 197 -9.03 12.69 -44.79
C PHE E 197 -10.53 12.47 -44.75
N GLN E 198 -11.23 12.79 -45.83
CA GLN E 198 -12.69 12.76 -45.81
C GLN E 198 -13.28 11.35 -45.71
N ASN E 199 -12.42 10.34 -45.69
CA ASN E 199 -12.88 8.98 -45.43
C ASN E 199 -12.32 8.41 -44.13
N ASP E 200 -11.64 9.27 -43.36
CA ASP E 200 -11.06 8.83 -42.10
C ASP E 200 -12.11 8.85 -41.00
N GLU E 201 -12.17 7.76 -40.26
CA GLU E 201 -13.22 7.50 -39.30
C GLU E 201 -13.17 8.37 -38.05
N MET E 202 -11.96 8.73 -37.60
CA MET E 202 -11.85 9.49 -36.36
C MET E 202 -12.69 10.76 -36.31
N TRP E 203 -12.89 11.42 -37.45
CA TRP E 203 -13.62 12.67 -37.50
C TRP E 203 -15.12 12.48 -37.34
N ARG E 204 -15.56 11.23 -37.30
CA ARG E 204 -16.98 10.97 -37.16
C ARG E 204 -17.39 10.54 -35.75
N GLU E 205 -16.42 10.45 -34.85
CA GLU E 205 -16.62 9.85 -33.53
C GLU E 205 -16.78 10.88 -32.43
N GLU E 206 -17.87 10.79 -31.68
CA GLU E 206 -18.06 11.67 -30.53
C GLU E 206 -17.34 11.10 -29.33
N ILE E 207 -16.83 11.96 -28.45
CA ILE E 207 -16.17 11.49 -27.25
C ILE E 207 -17.17 11.44 -26.10
N ALA E 208 -17.02 10.42 -25.25
CA ALA E 208 -17.87 10.26 -24.09
C ALA E 208 -17.60 11.28 -23.00
N GLY E 209 -16.45 11.93 -23.03
CA GLY E 209 -16.08 12.84 -21.94
C GLY E 209 -14.62 13.22 -21.99
N LEU E 210 -14.24 14.19 -21.15
CA LEU E 210 -12.88 14.72 -21.15
C LEU E 210 -11.90 13.96 -20.27
N THR E 211 -11.84 12.64 -20.45
CA THR E 211 -10.71 11.85 -19.97
C THR E 211 -9.44 12.44 -20.56
N ARG E 212 -8.29 12.09 -19.98
CA ARG E 212 -7.00 12.59 -20.46
C ARG E 212 -6.69 12.25 -21.90
N PRO E 213 -6.84 10.97 -22.29
CA PRO E 213 -6.61 10.65 -23.69
C PRO E 213 -7.50 11.46 -24.61
N ASN E 214 -8.75 11.69 -24.23
CA ASN E 214 -9.61 12.53 -25.06
C ASN E 214 -9.22 14.01 -25.03
N GLN E 215 -8.66 14.48 -23.91
CA GLN E 215 -8.18 15.87 -23.85
C GLN E 215 -7.05 16.04 -24.86
N ILE E 216 -6.21 15.03 -24.92
CA ILE E 216 -5.03 15.06 -25.77
C ILE E 216 -5.45 14.99 -27.24
N LEU E 217 -6.40 14.11 -27.55
CA LEU E 217 -6.94 14.02 -28.90
C LEU E 217 -7.36 15.40 -29.41
N LEU E 218 -8.18 16.09 -28.62
CA LEU E 218 -8.73 17.40 -28.98
C LEU E 218 -7.67 18.50 -29.06
N SER E 219 -6.79 18.54 -28.08
CA SER E 219 -5.79 19.60 -28.02
C SER E 219 -4.65 19.37 -29.00
N GLY E 220 -4.55 18.17 -29.53
CA GLY E 220 -3.54 17.82 -30.52
C GLY E 220 -4.03 17.75 -31.96
N ALA E 221 -5.34 17.78 -32.17
CA ALA E 221 -5.90 17.59 -33.53
C ALA E 221 -5.37 18.57 -34.58
N TYR E 222 -5.04 19.79 -34.16
CA TYR E 222 -4.49 20.80 -35.07
C TYR E 222 -3.21 20.30 -35.75
N GLN E 223 -2.43 19.46 -35.07
CA GLN E 223 -1.22 18.89 -35.67
C GLN E 223 -1.53 18.08 -36.92
N ARG E 224 -2.69 17.44 -36.95
CA ARG E 224 -3.07 16.60 -38.08
C ARG E 224 -3.33 17.46 -39.32
N LEU E 225 -3.81 18.69 -39.09
CA LEU E 225 -4.22 19.54 -40.21
C LEU E 225 -3.24 20.62 -40.64
N GLN E 226 -2.21 20.88 -39.85
CA GLN E 226 -1.21 21.88 -40.22
C GLN E 226 -0.72 21.63 -41.63
N GLY E 227 -0.60 22.71 -42.41
CA GLY E 227 -0.12 22.64 -43.77
C GLY E 227 -1.08 22.04 -44.78
N ARG E 228 -2.38 22.00 -44.45
CA ARG E 228 -3.34 21.30 -45.31
C ARG E 228 -4.63 22.08 -45.58
N VAL E 229 -4.80 23.21 -44.93
CA VAL E 229 -6.04 23.97 -45.06
C VAL E 229 -5.89 25.01 -46.18
N GLN E 230 -6.88 25.11 -47.06
CA GLN E 230 -6.89 26.17 -48.06
C GLN E 230 -7.43 27.44 -47.43
N PRO E 231 -6.96 28.60 -47.90
CA PRO E 231 -7.32 29.90 -47.31
C PRO E 231 -8.82 30.03 -47.09
N GLY E 232 -9.65 29.59 -48.03
CA GLY E 232 -11.07 29.70 -47.87
C GLY E 232 -11.74 28.54 -47.15
N GLU E 233 -10.94 27.62 -46.60
CA GLU E 233 -11.49 26.49 -45.85
C GLU E 233 -11.46 26.71 -44.35
N ILE E 234 -10.96 27.87 -43.92
CA ILE E 234 -11.11 28.27 -42.53
C ILE E 234 -12.54 28.79 -42.37
N SER E 235 -13.40 27.96 -41.78
CA SER E 235 -14.84 28.21 -41.78
C SER E 235 -15.34 29.11 -40.65
N LEU E 236 -14.64 29.07 -39.52
CA LEU E 236 -15.06 29.81 -38.34
C LEU E 236 -13.90 29.90 -37.38
N ALA E 237 -13.72 31.08 -36.81
CA ALA E 237 -12.74 31.25 -35.75
C ALA E 237 -13.50 31.67 -34.53
N VAL E 238 -13.13 31.11 -33.38
CA VAL E 238 -13.79 31.47 -32.14
C VAL E 238 -12.76 31.90 -31.11
N ALA E 239 -13.12 32.93 -30.36
CA ALA E 239 -12.41 33.31 -29.16
C ALA E 239 -13.36 33.16 -27.99
N PHE E 240 -12.92 32.47 -26.95
CA PHE E 240 -13.69 32.33 -25.73
C PHE E 240 -13.11 33.26 -24.67
N LYS E 241 -13.98 33.96 -23.96
CA LYS E 241 -13.60 34.79 -22.82
C LYS E 241 -14.70 34.63 -21.81
N ARG E 242 -14.39 34.05 -20.65
CA ARG E 242 -15.46 33.60 -19.76
C ARG E 242 -16.27 34.80 -19.29
N SER E 243 -15.56 35.85 -18.90
CA SER E 243 -16.14 37.18 -18.65
C SER E 243 -15.39 38.23 -19.47
N LEU E 244 -15.97 39.42 -19.57
CA LEU E 244 -15.40 40.50 -20.33
C LEU E 244 -15.07 41.65 -19.39
N ARG E 245 -14.09 42.44 -19.81
CA ARG E 245 -13.79 43.72 -19.22
C ARG E 245 -13.56 44.57 -20.47
N SER E 246 -13.81 45.88 -20.40
CA SER E 246 -13.72 46.73 -21.59
C SER E 246 -12.34 46.67 -22.25
N ASP E 247 -11.31 46.48 -21.43
CA ASP E 247 -9.95 46.35 -21.96
C ASP E 247 -9.62 44.98 -22.56
N ARG E 248 -10.37 43.94 -22.20
CA ARG E 248 -10.02 42.60 -22.64
C ARG E 248 -10.74 42.22 -23.94
N LEU E 249 -11.26 43.21 -24.66
CA LEU E 249 -12.06 42.95 -25.86
C LEU E 249 -11.21 42.92 -27.13
N TYR E 250 -10.03 43.53 -27.08
CA TYR E 250 -9.35 43.89 -28.32
C TYR E 250 -8.47 42.85 -29.03
N GLN E 251 -7.97 41.84 -28.33
CA GLN E 251 -7.16 40.84 -29.03
C GLN E 251 -7.98 40.10 -30.12
N PRO E 252 -9.23 39.71 -29.80
CA PRO E 252 -9.98 39.04 -30.88
C PRO E 252 -10.31 40.02 -31.99
N LEU E 253 -10.64 41.26 -31.64
CA LEU E 253 -11.02 42.26 -32.65
C LEU E 253 -9.81 42.50 -33.56
N TYR E 254 -8.65 42.74 -32.96
CA TYR E 254 -7.44 42.93 -33.76
C TYR E 254 -7.06 41.70 -34.59
N GLU E 255 -7.13 40.52 -33.98
CA GLU E 255 -6.70 39.32 -34.71
C GLU E 255 -7.64 39.02 -35.86
N ALA E 256 -8.93 39.25 -35.64
CA ALA E 256 -9.93 39.07 -36.67
C ALA E 256 -9.58 40.00 -37.83
N ASN E 257 -9.25 41.25 -37.51
CA ASN E 257 -8.88 42.20 -38.55
C ASN E 257 -7.64 41.73 -39.32
N VAL E 258 -6.61 41.29 -38.62
CA VAL E 258 -5.44 40.77 -39.34
C VAL E 258 -5.79 39.55 -40.21
N MET E 259 -6.61 38.65 -39.68
CA MET E 259 -7.06 37.46 -40.40
C MET E 259 -7.77 37.85 -41.70
N GLN E 260 -8.55 38.91 -41.65
CA GLN E 260 -9.31 39.30 -42.82
C GLN E 260 -8.39 39.95 -43.85
N LEU E 261 -7.51 40.82 -43.39
CA LEU E 261 -6.53 41.43 -44.28
C LEU E 261 -5.73 40.38 -45.05
N LEU E 262 -5.33 39.30 -44.38
CA LEU E 262 -4.46 38.36 -45.07
C LEU E 262 -5.27 37.37 -45.88
N LEU E 263 -6.36 36.87 -45.30
CA LEU E 263 -7.17 35.87 -45.97
C LEU E 263 -8.00 36.45 -47.11
N GLU E 264 -8.78 37.48 -46.82
CA GLU E 264 -9.62 38.06 -47.86
C GLU E 264 -8.81 39.02 -48.72
N GLY E 265 -7.95 39.81 -48.08
CA GLY E 265 -7.20 40.84 -48.78
C GLY E 265 -6.05 40.34 -49.64
N LYS E 266 -5.35 39.31 -49.17
CA LYS E 266 -4.17 38.83 -49.89
C LYS E 266 -4.30 37.44 -50.51
N LEU E 267 -5.24 36.61 -50.03
CA LEU E 267 -5.38 35.26 -50.60
C LEU E 267 -6.72 35.06 -51.32
N GLY E 268 -7.59 36.05 -51.23
CA GLY E 268 -8.82 36.06 -52.01
C GLY E 268 -10.04 35.40 -51.40
N ALA E 269 -9.90 34.90 -50.18
CA ALA E 269 -10.99 34.14 -49.57
C ALA E 269 -12.23 34.98 -49.40
N PRO E 270 -13.38 34.30 -49.24
CA PRO E 270 -14.65 34.88 -48.80
C PRO E 270 -14.56 35.40 -47.38
N LYS E 271 -15.63 36.02 -46.90
CA LYS E 271 -15.68 36.63 -45.58
C LYS E 271 -15.31 35.65 -44.48
N VAL E 272 -14.26 35.96 -43.75
CA VAL E 272 -13.84 35.16 -42.61
C VAL E 272 -14.75 35.37 -41.41
N GLU E 273 -15.38 34.30 -40.96
CA GLU E 273 -16.33 34.39 -39.86
C GLU E 273 -15.56 34.26 -38.55
N PHE E 274 -15.66 35.25 -37.67
CA PHE E 274 -14.93 35.22 -36.41
C PHE E 274 -15.92 35.66 -35.34
N GLU E 275 -16.07 34.85 -34.29
CA GLU E 275 -17.03 35.19 -33.24
C GLU E 275 -16.39 35.09 -31.87
N VAL E 276 -16.96 35.81 -30.89
CA VAL E 276 -16.53 35.72 -29.51
C VAL E 276 -17.64 35.11 -28.69
N HIS E 277 -17.28 34.20 -27.79
CA HIS E 277 -18.21 33.65 -26.79
C HIS E 277 -17.81 34.12 -25.40
N THR E 278 -18.80 34.53 -24.61
CA THR E 278 -18.59 34.84 -23.22
C THR E 278 -19.77 34.41 -22.33
N LEU E 279 -19.51 34.15 -21.06
CA LEU E 279 -20.60 33.87 -20.13
C LEU E 279 -21.04 35.13 -19.39
N ALA E 280 -20.23 36.18 -19.45
CA ALA E 280 -20.52 37.40 -18.70
C ALA E 280 -20.04 38.70 -19.37
N PRO E 281 -20.86 39.22 -20.31
CA PRO E 281 -20.55 40.48 -20.99
C PRO E 281 -20.71 41.72 -20.08
N GLU E 282 -21.09 41.53 -18.82
CA GLU E 282 -21.12 42.64 -17.84
C GLU E 282 -21.60 43.96 -18.45
N GLY E 283 -22.75 43.91 -19.14
CA GLY E 283 -23.33 45.07 -19.79
C GLY E 283 -23.50 44.92 -21.29
N THR E 284 -23.89 46.00 -21.96
CA THR E 284 -24.10 46.02 -23.40
C THR E 284 -22.90 46.63 -24.09
N ASN E 285 -21.93 47.05 -23.26
CA ASN E 285 -20.65 47.60 -23.69
C ASN E 285 -20.04 46.88 -24.89
N ALA E 286 -19.63 45.64 -24.65
CA ALA E 286 -18.94 44.86 -25.66
C ALA E 286 -19.74 44.64 -26.95
N PHE E 287 -21.08 44.60 -26.85
CA PHE E 287 -21.84 44.34 -28.07
C PHE E 287 -21.64 45.46 -29.09
N VAL E 288 -21.53 46.69 -28.60
CA VAL E 288 -21.35 47.83 -29.50
C VAL E 288 -19.93 47.83 -30.05
N THR E 289 -18.96 47.56 -29.17
CA THR E 289 -17.58 47.49 -29.58
C THR E 289 -17.46 46.54 -30.77
N TYR E 290 -18.19 45.44 -30.71
CA TYR E 290 -17.98 44.39 -31.69
C TYR E 290 -18.82 44.57 -32.96
N GLU E 291 -19.36 45.77 -33.14
CA GLU E 291 -20.02 46.12 -34.37
C GLU E 291 -19.03 46.70 -35.36
N ALA E 292 -17.78 46.83 -34.93
CA ALA E 292 -16.78 47.46 -35.76
C ALA E 292 -16.61 46.78 -37.12
N ALA E 293 -16.66 47.59 -38.16
CA ALA E 293 -16.25 47.20 -39.50
C ALA E 293 -14.82 46.65 -39.54
N SER E 294 -14.59 45.66 -40.39
CA SER E 294 -13.25 45.23 -40.67
C SER E 294 -12.48 46.35 -41.37
N LEU E 295 -11.34 46.73 -40.80
CA LEU E 295 -10.63 47.95 -41.17
C LEU E 295 -9.97 47.88 -42.54
N TYR E 296 -9.39 46.75 -42.91
N TYR E 296 -9.37 46.73 -42.86
CA TYR E 296 -8.66 46.69 -44.18
CA TYR E 296 -8.70 46.53 -44.13
C TYR E 296 -9.58 46.80 -45.40
C TYR E 296 -9.65 46.88 -45.26
N GLY E 297 -10.68 46.05 -45.41
CA GLY E 297 -11.61 46.13 -46.52
C GLY E 297 -12.39 47.43 -46.55
N LEU E 298 -12.57 48.01 -45.37
CA LEU E 298 -13.23 49.30 -45.25
C LEU E 298 -12.35 50.36 -45.93
N ALA E 299 -11.07 50.32 -45.62
CA ALA E 299 -10.09 51.28 -46.16
C ALA E 299 -9.80 50.98 -47.63
N GLU E 300 -9.65 49.71 -47.95
CA GLU E 300 -9.33 49.28 -49.30
C GLU E 300 -10.41 49.78 -50.25
N GLY E 301 -11.66 49.64 -49.85
CA GLY E 301 -12.79 50.11 -50.62
C GLY E 301 -13.13 49.27 -51.84
N ARG E 302 -12.52 48.09 -51.94
CA ARG E 302 -12.68 47.22 -53.09
C ARG E 302 -13.82 46.20 -52.92
N SER E 303 -14.18 45.91 -51.69
CA SER E 303 -15.16 44.85 -51.41
C SER E 303 -16.30 45.36 -50.53
N ALA E 304 -17.31 44.52 -50.36
CA ALA E 304 -18.41 44.83 -49.46
C ALA E 304 -17.89 44.86 -48.04
N VAL E 305 -18.29 45.87 -47.28
CA VAL E 305 -17.85 45.98 -45.89
C VAL E 305 -18.66 45.05 -44.99
N HIS E 306 -17.97 44.44 -44.03
CA HIS E 306 -18.61 43.55 -43.06
C HIS E 306 -17.96 43.74 -41.69
N ARG E 307 -18.57 43.16 -40.67
CA ARG E 307 -17.98 43.26 -39.33
C ARG E 307 -16.71 42.44 -39.24
N ALA E 308 -15.79 42.88 -38.38
CA ALA E 308 -14.62 42.09 -38.10
C ALA E 308 -15.03 40.83 -37.31
N ILE E 309 -15.91 41.04 -36.34
CA ILE E 309 -16.42 40.01 -35.44
C ILE E 309 -17.91 39.85 -35.68
N ARG E 310 -18.34 38.69 -36.15
CA ARG E 310 -19.71 38.51 -36.62
C ARG E 310 -20.73 38.58 -35.49
N GLU E 311 -20.36 38.11 -34.30
CA GLU E 311 -21.31 38.09 -33.19
C GLU E 311 -20.64 37.92 -31.81
N LEU E 312 -21.26 38.48 -30.79
CA LEU E 312 -20.87 38.22 -29.43
C LEU E 312 -21.96 37.31 -28.86
N TYR E 313 -21.61 36.06 -28.63
CA TYR E 313 -22.60 35.07 -28.25
C TYR E 313 -22.48 34.67 -26.77
N VAL E 314 -23.59 34.72 -26.06
CA VAL E 314 -23.67 34.29 -24.65
C VAL E 314 -24.46 32.98 -24.56
N PRO E 315 -23.78 31.82 -24.53
CA PRO E 315 -24.54 30.56 -24.48
C PRO E 315 -25.31 30.40 -23.16
N PRO E 316 -26.66 30.33 -23.22
CA PRO E 316 -27.42 30.13 -21.98
C PRO E 316 -27.23 28.71 -21.43
N THR E 317 -27.19 27.73 -22.32
CA THR E 317 -26.95 26.34 -21.96
C THR E 317 -26.07 25.67 -22.99
N ALA E 318 -25.57 24.50 -22.62
CA ALA E 318 -24.73 23.72 -23.53
C ALA E 318 -25.52 23.26 -24.76
N ALA E 319 -26.82 23.01 -24.61
CA ALA E 319 -27.56 22.57 -25.77
C ALA E 319 -27.76 23.72 -26.73
N ASP E 320 -27.78 24.94 -26.21
CA ASP E 320 -27.93 26.08 -27.10
C ASP E 320 -26.68 26.26 -27.95
N LEU E 321 -25.52 26.05 -27.33
CA LEU E 321 -24.25 26.12 -28.04
C LEU E 321 -24.24 25.11 -29.19
N ALA E 322 -24.63 23.87 -28.91
CA ALA E 322 -24.67 22.83 -29.94
C ALA E 322 -25.69 23.18 -31.02
N ARG E 323 -26.91 23.54 -30.61
CA ARG E 323 -27.92 23.89 -31.60
C ARG E 323 -27.42 25.00 -32.51
N ARG E 324 -26.82 26.02 -31.92
CA ARG E 324 -26.35 27.15 -32.69
C ARG E 324 -25.23 26.74 -33.65
N PHE E 325 -24.31 25.90 -33.18
CA PHE E 325 -23.26 25.43 -34.07
C PHE E 325 -23.81 24.62 -35.25
N PHE E 326 -24.80 23.78 -34.98
CA PHE E 326 -25.48 23.03 -36.03
C PHE E 326 -26.10 23.92 -37.08
N ALA E 327 -26.77 24.99 -36.64
CA ALA E 327 -27.35 25.97 -37.54
C ALA E 327 -26.29 26.73 -38.34
N PHE E 328 -25.17 27.05 -37.70
CA PHE E 328 -24.08 27.71 -38.42
C PHE E 328 -23.60 26.81 -39.56
N LEU E 329 -23.30 25.55 -39.24
CA LEU E 329 -22.84 24.61 -40.24
C LEU E 329 -23.86 24.48 -41.37
N ASN E 330 -25.13 24.39 -41.03
CA ASN E 330 -26.15 24.13 -42.02
C ASN E 330 -26.08 25.20 -43.10
N GLU E 331 -25.79 26.42 -42.68
CA GLU E 331 -25.74 27.59 -43.53
C GLU E 331 -24.36 27.78 -44.15
N ARG E 332 -23.35 27.83 -43.29
CA ARG E 332 -21.98 28.08 -43.73
C ARG E 332 -21.46 27.07 -44.75
N MET E 333 -21.78 25.79 -44.58
CA MET E 333 -21.20 24.75 -45.46
C MET E 333 -21.93 24.63 -46.81
N GLU E 334 -22.93 25.46 -47.01
CA GLU E 334 -23.62 25.49 -48.27
C GLU E 334 -22.74 26.18 -49.29
N LEU E 335 -21.86 27.05 -48.82
CA LEU E 335 -20.95 27.73 -49.72
C LEU E 335 -19.91 26.74 -50.24
N VAL E 336 -19.95 25.52 -49.73
CA VAL E 336 -19.03 24.47 -50.17
C VAL E 336 -19.74 23.50 -51.10
N ASN E 337 -19.22 23.35 -52.31
CA ASN E 337 -19.79 22.45 -53.29
C ASN E 337 -19.81 21.01 -52.78
N GLY E 338 -20.98 20.37 -52.86
CA GLY E 338 -21.10 18.97 -52.50
C GLY E 338 -20.20 18.08 -53.32
N PRO F 1 -23.54 14.75 14.13
CA PRO F 1 -23.26 13.44 14.72
C PRO F 1 -21.75 13.25 14.81
N PHE F 2 -21.32 12.08 15.26
CA PHE F 2 -19.89 11.82 15.38
C PHE F 2 -19.21 11.93 14.03
N THR F 3 -19.78 11.25 13.02
CA THR F 3 -19.33 11.43 11.65
C THR F 3 -20.01 12.66 11.12
N TYR F 4 -19.25 13.56 10.51
CA TYR F 4 -19.84 14.80 10.04
C TYR F 4 -21.01 14.56 9.07
N SER F 5 -22.07 15.35 9.22
CA SER F 5 -23.25 15.24 8.37
C SER F 5 -23.71 16.61 7.92
N ILE F 6 -23.56 16.85 6.61
CA ILE F 6 -23.88 18.14 6.01
C ILE F 6 -25.29 18.62 6.34
N GLU F 7 -26.27 17.72 6.23
CA GLU F 7 -27.66 18.10 6.47
C GLU F 7 -27.90 18.40 7.94
N ALA F 8 -27.41 17.55 8.83
CA ALA F 8 -27.52 17.78 10.26
C ALA F 8 -27.03 19.18 10.63
N THR F 9 -25.98 19.64 9.95
CA THR F 9 -25.43 20.98 10.19
C THR F 9 -26.34 22.06 9.60
N ARG F 10 -27.01 21.73 8.51
CA ARG F 10 -28.00 22.63 7.93
C ARG F 10 -29.17 22.81 8.89
N ASN F 11 -29.57 21.71 9.54
CA ASN F 11 -30.74 21.71 10.42
C ASN F 11 -30.54 22.40 11.77
N LEU F 12 -29.37 22.97 12.01
CA LEU F 12 -29.07 23.61 13.29
C LEU F 12 -29.49 25.06 13.30
N ALA F 13 -30.12 25.50 14.40
CA ALA F 13 -30.32 26.93 14.61
C ALA F 13 -28.94 27.57 14.67
N THR F 14 -28.86 28.85 14.33
CA THR F 14 -27.56 29.51 14.33
C THR F 14 -26.91 29.55 15.73
N THR F 15 -27.73 29.52 16.77
CA THR F 15 -27.20 29.46 18.13
C THR F 15 -26.70 28.04 18.50
N GLU F 16 -27.00 27.07 17.64
CA GLU F 16 -26.64 25.69 17.89
C GLU F 16 -25.39 25.32 17.11
N ARG F 17 -24.94 26.23 16.26
CA ARG F 17 -23.80 25.99 15.39
C ARG F 17 -22.48 25.90 16.16
N CYS F 18 -21.60 25.05 15.66
CA CYS F 18 -20.28 24.83 16.25
C CYS F 18 -19.37 26.04 16.08
N ILE F 19 -19.50 26.73 14.95
CA ILE F 19 -18.80 28.00 14.80
C ILE F 19 -19.75 29.16 14.99
N GLN F 20 -19.44 30.01 15.96
CA GLN F 20 -20.15 31.28 16.12
C GLN F 20 -19.35 32.40 15.49
N ASP F 21 -19.92 33.06 14.50
CA ASP F 21 -19.28 34.20 13.85
C ASP F 21 -19.51 35.47 14.66
N ILE F 22 -18.44 36.09 15.16
CA ILE F 22 -18.59 37.27 16.00
C ILE F 22 -17.96 38.52 15.41
N ARG F 23 -17.80 38.53 14.08
CA ARG F 23 -17.24 39.68 13.41
C ARG F 23 -18.18 40.87 13.42
N ASN F 24 -19.49 40.60 13.37
CA ASN F 24 -20.47 41.64 13.14
C ASN F 24 -20.16 42.35 11.83
N ALA F 25 -19.86 41.55 10.80
CA ALA F 25 -19.38 42.06 9.52
C ALA F 25 -20.51 42.50 8.59
N PRO F 26 -20.45 43.76 8.14
CA PRO F 26 -21.36 44.33 7.14
C PRO F 26 -21.58 43.36 5.99
N VAL F 27 -22.82 43.19 5.55
CA VAL F 27 -23.08 42.39 4.35
C VAL F 27 -22.85 43.26 3.13
N ARG F 28 -21.92 42.85 2.27
CA ARG F 28 -21.56 43.64 1.10
C ARG F 28 -21.27 42.73 -0.09
N ASN F 29 -21.48 43.26 -1.29
CA ASN F 29 -21.18 42.50 -2.50
C ASN F 29 -19.69 42.14 -2.60
N ARG F 30 -18.84 43.10 -2.25
CA ARG F 30 -17.40 42.84 -2.28
C ARG F 30 -16.90 42.40 -0.92
N SER F 31 -15.87 41.55 -0.93
CA SER F 31 -15.29 41.02 0.29
C SER F 31 -14.15 41.88 0.83
N THR F 32 -13.85 42.99 0.15
CA THR F 32 -12.73 43.87 0.52
C THR F 32 -12.73 44.30 2.00
N GLN F 33 -11.56 44.33 2.63
CA GLN F 33 -11.50 44.71 4.04
C GLN F 33 -10.78 46.04 4.25
N PHE F 34 -9.78 46.27 3.42
CA PHE F 34 -9.10 47.55 3.43
C PHE F 34 -8.99 48.06 2.01
N GLN F 35 -9.08 49.37 1.85
CA GLN F 35 -8.93 49.97 0.53
C GLN F 35 -7.60 50.68 0.38
N LEU F 36 -6.98 50.44 -0.76
CA LEU F 36 -5.80 51.20 -1.15
C LEU F 36 -6.32 52.52 -1.66
N ALA F 37 -6.24 53.57 -0.85
CA ALA F 37 -6.80 54.87 -1.24
C ALA F 37 -5.82 55.59 -2.14
N GLN F 38 -5.95 55.40 -3.46
CA GLN F 38 -4.87 55.80 -4.37
C GLN F 38 -4.66 57.30 -4.42
N GLN F 39 -5.72 58.09 -4.30
CA GLN F 39 -5.53 59.55 -4.35
C GLN F 39 -4.79 60.04 -3.10
N ASN F 40 -5.13 59.50 -1.93
CA ASN F 40 -4.37 59.78 -0.71
C ASN F 40 -2.91 59.31 -0.82
N MET F 41 -2.71 58.18 -1.46
CA MET F 41 -1.36 57.63 -1.62
C MET F 41 -0.51 58.52 -2.53
N LEU F 42 -1.14 59.06 -3.57
CA LEU F 42 -0.46 60.02 -4.46
C LEU F 42 -0.15 61.32 -3.71
N ALA F 43 -1.08 61.78 -2.88
CA ALA F 43 -0.84 63.03 -2.14
C ALA F 43 0.24 62.84 -1.07
N TYR F 44 0.32 61.63 -0.51
CA TYR F 44 1.28 61.34 0.56
C TYR F 44 2.69 61.10 0.00
N THR F 45 2.78 60.37 -1.10
CA THR F 45 4.08 59.99 -1.62
C THR F 45 4.65 61.08 -2.56
N PHE F 46 3.77 61.68 -3.35
CA PHE F 46 4.17 62.68 -4.34
C PHE F 46 3.55 64.04 -4.09
N GLY F 47 3.01 64.24 -2.89
CA GLY F 47 2.49 65.55 -2.50
C GLY F 47 3.43 66.70 -2.78
N GLU F 48 4.74 66.46 -2.68
CA GLU F 48 5.71 67.51 -2.94
C GLU F 48 6.77 67.08 -3.95
N VAL F 49 6.53 65.95 -4.61
CA VAL F 49 7.49 65.43 -5.58
C VAL F 49 6.86 65.02 -6.92
N ILE F 50 7.27 65.73 -7.98
CA ILE F 50 7.06 65.28 -9.35
C ILE F 50 8.37 64.70 -9.85
N PRO F 51 8.43 63.38 -9.98
CA PRO F 51 9.65 62.69 -10.39
C PRO F 51 10.17 63.31 -11.68
N GLY F 52 11.47 63.56 -11.76
CA GLY F 52 12.05 64.20 -12.92
C GLY F 52 12.11 65.71 -12.76
N PHE F 53 11.51 66.20 -11.68
CA PHE F 53 11.45 67.63 -11.43
C PHE F 53 11.70 67.91 -9.96
N ALA F 54 12.26 66.91 -9.28
CA ALA F 54 12.53 66.98 -7.87
C ALA F 54 14.04 66.89 -7.69
N SER F 55 14.47 66.17 -6.65
CA SER F 55 15.90 65.96 -6.37
C SER F 55 16.58 65.06 -7.39
N ALA F 56 17.91 65.21 -7.53
CA ALA F 56 18.65 64.42 -8.48
C ALA F 56 18.44 62.95 -8.23
N GLY F 57 18.45 62.60 -6.95
CA GLY F 57 18.31 61.22 -6.52
C GLY F 57 17.01 60.61 -6.98
N ILE F 58 15.92 61.34 -6.85
CA ILE F 58 14.63 60.83 -7.31
C ILE F 58 14.59 60.79 -8.82
N ASN F 59 15.12 61.83 -9.45
CA ASN F 59 15.11 61.95 -10.90
C ASN F 59 15.83 60.83 -11.64
N GLY F 60 16.93 60.36 -11.06
CA GLY F 60 17.73 59.31 -11.68
C GLY F 60 17.52 57.98 -10.99
N MET F 61 16.54 57.91 -10.11
CA MET F 61 16.22 56.66 -9.45
C MET F 61 15.54 55.73 -10.48
N ASP F 62 15.77 54.42 -10.39
CA ASP F 62 15.07 53.47 -11.25
C ASP F 62 13.58 53.79 -11.21
N TYR F 63 13.00 54.05 -12.38
CA TYR F 63 11.59 54.42 -12.44
C TYR F 63 10.66 53.38 -11.78
N ARG F 64 10.95 52.10 -11.96
CA ARG F 64 10.19 51.05 -11.26
C ARG F 64 10.03 51.34 -9.76
N ASP F 65 11.10 51.86 -9.15
CA ASP F 65 11.12 52.02 -7.70
C ASP F 65 10.32 53.27 -7.30
N VAL F 66 10.35 54.29 -8.14
CA VAL F 66 9.53 55.48 -7.94
C VAL F 66 8.04 55.14 -7.98
N ILE F 67 7.65 54.46 -9.05
CA ILE F 67 6.26 54.08 -9.28
C ILE F 67 5.78 53.07 -8.21
N GLY F 68 6.72 52.30 -7.69
CA GLY F 68 6.41 51.35 -6.63
C GLY F 68 6.26 51.96 -5.24
N ARG F 69 6.76 53.19 -5.05
CA ARG F 69 6.83 53.79 -3.72
C ARG F 69 5.48 54.00 -3.02
N PRO F 70 4.51 54.58 -3.74
CA PRO F 70 3.20 54.76 -3.09
C PRO F 70 2.64 53.46 -2.49
N VAL F 71 2.63 52.38 -3.24
CA VAL F 71 2.09 51.13 -2.70
C VAL F 71 2.95 50.58 -1.56
N GLU F 72 4.26 50.78 -1.63
CA GLU F 72 5.14 50.39 -0.54
C GLU F 72 4.89 51.22 0.73
N ASN F 73 4.70 52.53 0.57
CA ASN F 73 4.34 53.37 1.70
C ASN F 73 3.01 52.92 2.30
N ALA F 74 2.05 52.57 1.44
CA ALA F 74 0.72 52.16 1.90
C ALA F 74 0.76 50.86 2.69
N VAL F 75 1.53 49.90 2.21
CA VAL F 75 1.69 48.64 2.92
C VAL F 75 2.31 48.91 4.29
N THR F 76 3.33 49.78 4.34
CA THR F 76 3.98 50.08 5.61
C THR F 76 2.98 50.71 6.58
N GLU F 77 2.18 51.64 6.09
CA GLU F 77 1.11 52.22 6.89
C GLU F 77 0.16 51.11 7.33
N GLY F 78 -0.20 50.24 6.40
CA GLY F 78 -1.20 49.21 6.67
C GLY F 78 -0.76 48.22 7.74
N THR F 79 0.47 47.73 7.63
CA THR F 79 0.99 46.79 8.59
C THR F 79 1.21 47.49 9.94
N HIS F 80 1.47 48.79 9.90
CA HIS F 80 1.65 49.55 11.12
C HIS F 80 0.38 49.62 11.96
N PHE F 81 -0.75 49.96 11.34
CA PHE F 81 -1.98 50.16 12.09
C PHE F 81 -2.79 48.90 12.35
N PHE F 82 -2.67 47.91 11.48
CA PHE F 82 -3.54 46.75 11.58
C PHE F 82 -2.76 45.44 11.71
N ARG F 83 -1.43 45.54 11.75
CA ARG F 83 -0.56 44.38 11.97
C ARG F 83 -0.97 43.17 11.14
N ASP F 84 -1.13 42.02 11.80
CA ASP F 84 -1.47 40.80 11.07
C ASP F 84 -2.93 40.73 10.62
N ASP F 85 -3.69 41.79 10.88
CA ASP F 85 -5.03 41.89 10.32
C ASP F 85 -4.99 42.42 8.88
N PHE F 86 -3.87 43.03 8.52
CA PHE F 86 -3.76 43.67 7.22
C PHE F 86 -3.65 42.68 6.06
N ARG F 87 -4.63 42.75 5.16
CA ARG F 87 -4.61 41.91 3.96
C ARG F 87 -5.27 42.66 2.81
N VAL F 88 -4.58 42.79 1.68
CA VAL F 88 -5.17 43.32 0.46
C VAL F 88 -4.91 42.40 -0.73
N ASP F 89 -5.94 42.21 -1.55
CA ASP F 89 -5.86 41.34 -2.71
C ASP F 89 -4.83 41.87 -3.71
N SER F 90 -4.08 40.98 -4.34
CA SER F 90 -3.14 41.37 -5.40
C SER F 90 -3.79 42.20 -6.50
N ASN F 91 -5.10 42.03 -6.67
CA ASN F 91 -5.85 42.80 -7.66
C ASN F 91 -6.02 44.27 -7.27
N ALA F 92 -6.08 44.54 -5.97
CA ALA F 92 -6.05 45.90 -5.46
C ALA F 92 -4.71 46.56 -5.78
N LYS F 93 -3.63 45.86 -5.45
CA LYS F 93 -2.30 46.33 -5.81
C LYS F 93 -2.18 46.54 -7.30
N ALA F 94 -2.77 45.63 -8.07
CA ALA F 94 -2.69 45.66 -9.52
C ALA F 94 -3.34 46.93 -10.03
N LYS F 95 -4.59 47.15 -9.63
CA LYS F 95 -5.33 48.29 -10.14
C LYS F 95 -4.64 49.60 -9.79
N VAL F 96 -4.19 49.71 -8.55
CA VAL F 96 -3.61 50.97 -8.09
C VAL F 96 -2.24 51.24 -8.70
N ALA F 97 -1.37 50.23 -8.72
CA ALA F 97 -0.07 50.37 -9.32
C ALA F 97 -0.25 50.87 -10.75
N GLY F 98 -1.25 50.35 -11.46
CA GLY F 98 -1.48 50.78 -12.82
C GLY F 98 -1.89 52.23 -12.92
N ASP F 99 -2.89 52.62 -12.15
CA ASP F 99 -3.37 54.00 -12.18
C ASP F 99 -2.27 54.99 -11.80
N ILE F 100 -1.44 54.59 -10.84
CA ILE F 100 -0.33 55.41 -10.37
C ILE F 100 0.78 55.60 -11.41
N PHE F 101 1.18 54.50 -12.05
CA PHE F 101 2.11 54.53 -13.16
C PHE F 101 1.62 55.54 -14.15
N GLU F 102 0.33 55.47 -14.47
CA GLU F 102 -0.23 56.36 -15.48
C GLU F 102 -0.33 57.82 -15.01
N ILE F 103 -0.91 58.03 -13.85
CA ILE F 103 -1.13 59.40 -13.37
C ILE F 103 0.22 60.13 -13.15
N VAL F 104 1.16 59.45 -12.53
CA VAL F 104 2.50 60.01 -12.30
C VAL F 104 3.23 60.31 -13.60
N SER F 105 3.22 59.36 -14.53
CA SER F 105 3.88 59.60 -15.81
C SER F 105 3.25 60.79 -16.52
N SER F 106 1.92 60.90 -16.43
CA SER F 106 1.23 62.05 -17.02
C SER F 106 1.59 63.37 -16.36
N ALA F 107 1.81 63.34 -15.05
CA ALA F 107 2.19 64.54 -14.31
C ALA F 107 3.62 64.95 -14.69
N VAL F 108 4.51 63.98 -14.86
CA VAL F 108 5.82 64.28 -15.41
C VAL F 108 5.71 65.02 -16.74
N MET F 109 4.89 64.50 -17.66
CA MET F 109 4.71 65.15 -18.95
C MET F 109 4.01 66.51 -18.83
N TRP F 110 3.12 66.63 -17.85
CA TRP F 110 2.43 67.91 -17.64
C TRP F 110 3.50 68.99 -17.39
N ASN F 111 4.44 68.68 -16.51
CA ASN F 111 5.52 69.65 -16.25
C ASN F 111 6.44 69.91 -17.44
N CYS F 112 6.69 68.91 -18.26
CA CYS F 112 7.49 69.14 -19.45
C CYS F 112 6.78 70.14 -20.35
N ALA F 113 5.47 69.97 -20.49
CA ALA F 113 4.71 70.85 -21.35
C ALA F 113 4.73 72.28 -20.80
N ALA F 114 4.66 72.41 -19.48
CA ALA F 114 4.62 73.75 -18.91
C ALA F 114 5.95 74.47 -19.18
N ARG F 115 7.05 73.75 -18.96
CA ARG F 115 8.40 74.29 -19.22
C ARG F 115 8.58 74.63 -20.69
N TRP F 116 8.24 73.68 -21.56
CA TRP F 116 8.18 73.91 -23.01
C TRP F 116 7.33 75.13 -23.40
N ASN F 117 6.12 75.20 -22.87
CA ASN F 117 5.23 76.31 -23.20
C ASN F 117 5.84 77.64 -22.78
N SER F 118 6.44 77.63 -21.59
CA SER F 118 7.08 78.84 -21.06
C SER F 118 8.15 79.35 -22.02
N LEU F 119 8.95 78.45 -22.59
CA LEU F 119 9.93 78.81 -23.61
C LEU F 119 9.20 79.37 -24.84
N MET F 120 8.21 78.62 -25.33
CA MET F 120 7.52 79.00 -26.57
C MET F 120 6.90 80.41 -26.57
N VAL F 121 6.46 80.90 -25.42
CA VAL F 121 5.90 82.26 -25.38
C VAL F 121 6.96 83.33 -25.06
N GLY F 122 8.21 82.92 -24.91
CA GLY F 122 9.29 83.86 -24.70
C GLY F 122 9.66 84.14 -23.26
N GLU F 123 9.24 83.27 -22.35
CA GLU F 123 9.58 83.43 -20.94
C GLU F 123 10.79 82.59 -20.52
N GLY F 124 11.52 82.06 -21.50
CA GLY F 124 12.80 81.42 -21.24
C GLY F 124 12.77 79.97 -20.77
N TRP F 125 13.94 79.37 -20.81
CA TRP F 125 14.13 77.98 -20.41
C TRP F 125 14.55 77.90 -18.93
N ARG F 126 13.75 77.20 -18.15
CA ARG F 126 14.04 76.95 -16.74
C ARG F 126 15.18 75.96 -16.61
N SER F 127 15.82 75.95 -15.43
CA SER F 127 17.09 75.24 -15.24
C SER F 127 17.10 74.23 -14.11
N GLN F 128 16.03 74.16 -13.34
CA GLN F 128 15.99 73.25 -12.20
C GLN F 128 14.87 72.21 -12.27
N PRO F 129 15.21 70.96 -12.65
CA PRO F 129 16.56 70.49 -12.95
C PRO F 129 17.02 70.85 -14.35
N ARG F 130 18.21 70.36 -14.71
CA ARG F 130 18.83 70.71 -15.98
C ARG F 130 18.44 69.79 -17.14
N TYR F 131 17.72 70.37 -18.10
CA TYR F 131 17.41 69.70 -19.35
C TYR F 131 17.96 70.50 -20.53
N SER F 132 18.37 69.78 -21.55
CA SER F 132 18.80 70.37 -22.80
C SER F 132 17.76 71.35 -23.32
N ARG F 133 18.19 72.57 -23.59
CA ARG F 133 17.34 73.63 -24.13
C ARG F 133 16.97 73.34 -25.57
N PRO F 134 15.66 73.37 -25.88
CA PRO F 134 15.21 72.98 -27.22
C PRO F 134 15.71 73.96 -28.26
N THR F 135 16.06 73.45 -29.42
CA THR F 135 16.62 74.30 -30.46
C THR F 135 15.57 74.78 -31.42
N LEU F 136 14.34 74.28 -31.28
CA LEU F 136 13.24 74.67 -32.14
C LEU F 136 12.92 76.15 -31.95
N SER F 137 12.60 76.84 -33.03
CA SER F 137 12.24 78.26 -32.95
C SER F 137 10.96 78.52 -32.12
N PRO F 138 11.09 79.34 -31.07
CA PRO F 138 9.97 79.65 -30.18
C PRO F 138 8.83 80.37 -30.87
N SER F 139 7.61 79.93 -30.58
CA SER F 139 6.40 80.62 -31.01
C SER F 139 5.26 80.23 -30.09
N PRO F 140 4.37 81.18 -29.78
CA PRO F 140 3.27 80.80 -28.88
C PRO F 140 2.33 79.79 -29.55
N ARG F 141 2.35 79.72 -30.87
CA ARG F 141 1.52 78.77 -31.62
C ARG F 141 2.02 77.34 -31.51
N ARG F 142 3.11 77.14 -30.79
CA ARG F 142 3.68 75.81 -30.60
C ARG F 142 3.54 75.30 -29.18
N GLN F 143 2.67 75.93 -28.41
CA GLN F 143 2.36 75.42 -27.09
C GLN F 143 1.57 74.12 -27.27
N VAL F 144 1.64 73.24 -26.28
CA VAL F 144 0.89 71.99 -26.35
C VAL F 144 0.21 71.81 -25.03
N ALA F 145 -0.85 71.01 -25.01
CA ALA F 145 -1.51 70.68 -23.76
C ALA F 145 -1.43 69.18 -23.54
N VAL F 146 -1.07 68.77 -22.33
CA VAL F 146 -0.97 67.36 -21.97
C VAL F 146 -2.27 66.94 -21.28
N LEU F 147 -3.04 66.10 -21.97
CA LEU F 147 -4.36 65.68 -21.52
C LEU F 147 -4.41 64.26 -21.00
N ASN F 148 -4.36 64.09 -19.68
CA ASN F 148 -4.66 62.78 -19.12
C ASN F 148 -6.15 62.56 -19.30
N LEU F 149 -6.53 61.58 -20.10
CA LEU F 149 -7.95 61.36 -20.44
C LEU F 149 -8.65 60.42 -19.44
N PRO F 150 -9.94 60.66 -19.15
CA PRO F 150 -10.63 59.94 -18.09
C PRO F 150 -11.13 58.56 -18.54
N ARG F 151 -11.40 57.67 -17.59
CA ARG F 151 -12.15 56.45 -17.90
C ARG F 151 -13.45 56.82 -18.61
N SER F 152 -13.77 56.06 -19.67
CA SER F 152 -15.00 56.24 -20.45
C SER F 152 -14.84 57.21 -21.62
N PHE F 153 -13.68 57.84 -21.76
CA PHE F 153 -13.51 58.89 -22.75
C PHE F 153 -13.65 58.42 -24.21
N ASP F 154 -14.04 59.35 -25.08
CA ASP F 154 -14.10 59.11 -26.51
C ASP F 154 -13.28 60.22 -27.13
N TRP F 155 -12.12 59.87 -27.67
CA TRP F 155 -11.21 60.89 -28.14
C TRP F 155 -11.77 61.74 -29.27
N VAL F 156 -12.70 61.23 -30.04
CA VAL F 156 -13.31 62.08 -31.07
C VAL F 156 -13.85 63.39 -30.45
N SER F 157 -14.23 63.33 -29.18
CA SER F 157 -14.85 64.48 -28.55
C SER F 157 -13.88 65.66 -28.38
N LEU F 158 -12.60 65.43 -28.67
CA LEU F 158 -11.62 66.50 -28.61
C LEU F 158 -11.70 67.37 -29.85
N LEU F 159 -12.10 66.76 -30.96
CA LEU F 159 -12.04 67.41 -32.26
C LEU F 159 -13.03 68.56 -32.38
N VAL F 160 -12.72 69.48 -33.28
CA VAL F 160 -13.59 70.63 -33.52
C VAL F 160 -14.87 70.10 -34.18
N PRO F 161 -16.01 70.76 -33.93
CA PRO F 161 -17.32 70.28 -34.40
C PRO F 161 -17.33 69.77 -35.85
N GLU F 162 -16.76 70.53 -36.78
CA GLU F 162 -16.80 70.17 -38.19
C GLU F 162 -15.99 68.91 -38.48
N SER F 163 -15.02 68.60 -37.62
CA SER F 163 -14.27 67.36 -37.79
C SER F 163 -15.10 66.17 -37.32
N GLN F 164 -15.79 66.35 -36.20
CA GLN F 164 -16.67 65.32 -35.68
C GLN F 164 -17.78 64.99 -36.67
N GLU F 165 -18.31 66.01 -37.33
CA GLU F 165 -19.38 65.83 -38.30
C GLU F 165 -18.94 64.96 -39.47
N VAL F 166 -17.73 65.19 -39.98
CA VAL F 166 -17.22 64.30 -41.01
C VAL F 166 -17.26 62.86 -40.52
N ILE F 167 -16.79 62.65 -39.29
CA ILE F 167 -16.70 61.31 -38.74
C ILE F 167 -18.10 60.73 -38.56
N GLU F 168 -19.01 61.56 -38.07
CA GLU F 168 -20.39 61.12 -37.90
C GLU F 168 -21.05 60.76 -39.23
N GLU F 169 -20.72 61.50 -40.28
CA GLU F 169 -21.34 61.26 -41.58
C GLU F 169 -20.90 59.90 -42.06
N PHE F 170 -19.61 59.64 -41.90
CA PHE F 170 -18.98 58.37 -42.26
C PHE F 170 -19.57 57.17 -41.51
N ARG F 171 -19.88 57.35 -40.24
CA ARG F 171 -20.51 56.30 -39.45
C ARG F 171 -21.96 56.06 -39.86
N ALA F 172 -22.66 57.15 -40.20
CA ALA F 172 -24.04 57.03 -40.68
C ALA F 172 -24.07 56.11 -41.90
N GLY F 173 -23.15 56.33 -42.83
CA GLY F 173 -23.03 55.49 -43.98
C GLY F 173 -22.80 54.02 -43.64
N LEU F 174 -22.02 53.77 -42.59
CA LEU F 174 -21.74 52.41 -42.15
C LEU F 174 -22.94 51.82 -41.45
N ARG F 175 -23.64 52.68 -40.73
CA ARG F 175 -24.68 52.27 -39.79
C ARG F 175 -25.91 51.73 -40.51
N LYS F 176 -26.16 52.20 -41.72
CA LYS F 176 -27.30 51.71 -42.49
C LYS F 176 -26.97 50.33 -43.04
N ASP F 177 -25.68 49.98 -42.99
CA ASP F 177 -25.25 48.65 -43.40
C ASP F 177 -25.10 47.73 -42.19
N GLY F 178 -25.57 48.19 -41.04
CA GLY F 178 -25.47 47.43 -39.80
C GLY F 178 -24.08 47.45 -39.18
N LEU F 179 -23.24 48.39 -39.62
CA LEU F 179 -21.88 48.47 -39.12
C LEU F 179 -21.68 49.66 -38.20
N GLY F 180 -20.50 49.73 -37.63
CA GLY F 180 -20.09 50.87 -36.83
C GLY F 180 -18.57 50.91 -36.86
N LEU F 181 -18.02 51.94 -36.23
CA LEU F 181 -16.59 52.06 -36.03
C LEU F 181 -16.40 52.88 -34.79
N PRO F 182 -16.67 52.29 -33.62
CA PRO F 182 -16.57 53.08 -32.41
C PRO F 182 -15.12 53.46 -32.17
N THR F 183 -14.94 54.47 -31.33
CA THR F 183 -13.62 54.88 -30.91
C THR F 183 -13.63 54.91 -29.40
N SER F 184 -12.54 54.43 -28.80
CA SER F 184 -12.39 54.54 -27.35
C SER F 184 -11.40 55.68 -27.08
N THR F 185 -10.25 55.39 -26.52
CA THR F 185 -9.32 56.44 -26.05
C THR F 185 -7.95 55.88 -25.70
N PRO F 186 -6.89 56.70 -25.90
CA PRO F 186 -5.60 56.36 -25.32
C PRO F 186 -5.62 56.82 -23.87
N ASP F 187 -4.59 56.51 -23.09
CA ASP F 187 -4.53 57.09 -21.75
C ASP F 187 -4.35 58.61 -21.78
N LEU F 188 -3.68 59.08 -22.83
CA LEU F 188 -3.18 60.44 -22.80
C LEU F 188 -3.08 60.96 -24.22
N ALA F 189 -3.36 62.24 -24.38
CA ALA F 189 -3.14 62.85 -25.67
C ALA F 189 -2.35 64.13 -25.46
N VAL F 190 -1.35 64.36 -26.30
CA VAL F 190 -0.71 65.66 -26.33
C VAL F 190 -1.27 66.38 -27.55
N VAL F 191 -1.89 67.53 -27.33
CA VAL F 191 -2.48 68.28 -28.44
C VAL F 191 -1.91 69.69 -28.49
N VAL F 192 -1.79 70.25 -29.69
CA VAL F 192 -1.44 71.66 -29.86
C VAL F 192 -2.46 72.56 -29.16
N LEU F 193 -1.99 73.59 -28.47
CA LEU F 193 -2.88 74.46 -27.73
C LEU F 193 -3.67 75.31 -28.72
N PRO F 194 -5.00 75.34 -28.54
CA PRO F 194 -5.90 76.18 -29.36
C PRO F 194 -5.56 77.66 -29.22
N GLU F 195 -5.53 78.35 -30.35
CA GLU F 195 -5.27 79.79 -30.39
C GLU F 195 -5.84 80.52 -29.17
N GLU F 196 -7.10 80.28 -28.88
CA GLU F 196 -7.77 80.95 -27.78
C GLU F 196 -7.01 80.89 -26.46
N PHE F 197 -6.37 79.75 -26.18
CA PHE F 197 -5.70 79.57 -24.88
C PHE F 197 -4.23 79.95 -24.86
N GLN F 198 -3.69 80.45 -25.97
CA GLN F 198 -2.25 80.62 -26.05
C GLN F 198 -1.69 81.71 -25.11
N ASN F 199 -2.59 82.46 -24.47
CA ASN F 199 -2.21 83.49 -23.52
C ASN F 199 -2.53 83.11 -22.09
N ASP F 200 -3.00 81.89 -21.89
CA ASP F 200 -3.44 81.48 -20.56
C ASP F 200 -2.30 80.87 -19.73
N GLU F 201 -2.06 81.49 -18.57
CA GLU F 201 -0.93 81.14 -17.71
C GLU F 201 -0.90 79.70 -17.23
N MET F 202 -2.05 79.09 -16.99
CA MET F 202 -2.10 77.76 -16.38
C MET F 202 -1.28 76.74 -17.16
N TRP F 203 -1.09 77.00 -18.45
CA TRP F 203 -0.47 76.02 -19.31
C TRP F 203 1.04 76.08 -19.17
N ARG F 204 1.52 77.17 -18.56
CA ARG F 204 2.94 77.41 -18.39
C ARG F 204 3.46 77.08 -16.99
N GLU F 205 2.56 76.77 -16.08
CA GLU F 205 2.93 76.56 -14.68
C GLU F 205 3.20 75.10 -14.31
N GLU F 206 4.39 74.82 -13.80
CA GLU F 206 4.71 73.48 -13.33
C GLU F 206 4.04 73.24 -11.99
N ILE F 207 3.63 72.01 -11.74
CA ILE F 207 3.06 71.69 -10.43
C ILE F 207 4.14 71.20 -9.49
N ALA F 208 3.97 71.47 -8.20
CA ALA F 208 4.99 71.15 -7.21
C ALA F 208 4.85 69.70 -6.81
N GLY F 209 3.66 69.16 -7.00
CA GLY F 209 3.37 67.81 -6.57
C GLY F 209 1.93 67.45 -6.80
N LEU F 210 1.61 66.18 -6.58
CA LEU F 210 0.26 65.66 -6.81
C LEU F 210 -0.60 65.79 -5.57
N THR F 211 -0.65 66.99 -5.00
CA THR F 211 -1.64 67.26 -3.97
C THR F 211 -3.00 67.04 -4.63
N ARG F 212 -4.04 66.93 -3.82
CA ARG F 212 -5.36 66.64 -4.36
C ARG F 212 -5.85 67.70 -5.36
N PRO F 213 -5.67 69.00 -5.04
CA PRO F 213 -6.03 70.06 -6.00
C PRO F 213 -5.28 69.90 -7.34
N ASN F 214 -3.99 69.61 -7.27
CA ASN F 214 -3.22 69.38 -8.50
C ASN F 214 -3.66 68.11 -9.28
N GLN F 215 -3.97 67.03 -8.56
CA GLN F 215 -4.50 65.84 -9.20
C GLN F 215 -5.67 66.24 -10.09
N ILE F 216 -6.63 66.97 -9.49
CA ILE F 216 -7.82 67.41 -10.18
C ILE F 216 -7.53 68.33 -11.36
N LEU F 217 -6.60 69.27 -11.18
CA LEU F 217 -6.24 70.16 -12.28
C LEU F 217 -5.87 69.34 -13.49
N LEU F 218 -4.94 68.39 -13.29
CA LEU F 218 -4.45 67.57 -14.39
C LEU F 218 -5.54 66.66 -14.98
N SER F 219 -6.24 65.91 -14.13
CA SER F 219 -7.27 64.97 -14.60
C SER F 219 -8.51 65.64 -15.20
N GLY F 220 -8.70 66.91 -14.86
CA GLY F 220 -9.79 67.68 -15.41
C GLY F 220 -9.42 68.52 -16.62
N ALA F 221 -8.12 68.58 -16.96
CA ALA F 221 -7.67 69.47 -18.04
C ALA F 221 -8.31 69.24 -19.40
N TYR F 222 -8.62 67.98 -19.72
CA TYR F 222 -9.21 67.65 -21.02
C TYR F 222 -10.55 68.36 -21.24
N GLN F 223 -11.27 68.63 -20.17
CA GLN F 223 -12.59 69.29 -20.30
C GLN F 223 -12.51 70.65 -21.01
N ARG F 224 -11.41 71.37 -20.76
CA ARG F 224 -11.15 72.67 -21.41
C ARG F 224 -10.96 72.58 -22.92
N LEU F 225 -10.39 71.47 -23.38
CA LEU F 225 -10.05 71.34 -24.78
C LEU F 225 -11.04 70.58 -25.66
N GLN F 226 -11.92 69.80 -25.06
CA GLN F 226 -13.02 69.16 -25.81
C GLN F 226 -13.64 70.10 -26.82
N GLY F 227 -13.77 69.62 -28.05
CA GLY F 227 -14.32 70.40 -29.13
C GLY F 227 -13.46 71.53 -29.67
N ARG F 228 -12.16 71.55 -29.31
CA ARG F 228 -11.30 72.67 -29.72
C ARG F 228 -10.03 72.27 -30.47
N VAL F 229 -9.89 70.98 -30.78
CA VAL F 229 -8.66 70.48 -31.37
C VAL F 229 -8.83 70.13 -32.84
N GLN F 230 -8.02 70.71 -33.72
CA GLN F 230 -8.06 70.33 -35.12
C GLN F 230 -7.42 68.94 -35.27
N PRO F 231 -7.86 68.17 -36.28
CA PRO F 231 -7.39 66.80 -36.51
C PRO F 231 -5.89 66.66 -36.49
N GLY F 232 -5.19 67.50 -37.26
CA GLY F 232 -3.75 67.44 -37.30
C GLY F 232 -3.07 67.95 -36.04
N GLU F 233 -3.84 68.51 -35.11
CA GLU F 233 -3.27 69.04 -33.86
C GLU F 233 -3.14 67.99 -32.75
N ILE F 234 -3.55 66.75 -33.03
CA ILE F 234 -3.35 65.67 -32.06
C ILE F 234 -1.96 65.08 -32.26
N SER F 235 -1.03 65.48 -31.40
CA SER F 235 0.38 65.34 -31.69
C SER F 235 0.98 64.04 -31.21
N LEU F 236 0.52 63.57 -30.06
CA LEU F 236 1.03 62.33 -29.49
C LEU F 236 -0.02 61.65 -28.61
N ALA F 237 -0.21 60.35 -28.83
CA ALA F 237 -1.06 59.55 -27.94
C ALA F 237 -0.18 58.61 -27.18
N VAL F 238 -0.51 58.34 -25.92
CA VAL F 238 0.26 57.37 -25.13
C VAL F 238 -0.66 56.38 -24.46
N ALA F 239 -0.28 55.11 -24.47
CA ALA F 239 -0.91 54.12 -23.61
C ALA F 239 0.11 53.72 -22.57
N PHE F 240 -0.28 53.75 -21.29
CA PHE F 240 0.57 53.32 -20.18
C PHE F 240 0.12 51.92 -19.74
N LYS F 241 1.06 50.99 -19.66
CA LYS F 241 0.78 49.67 -19.11
C LYS F 241 1.97 49.25 -18.28
N ARG F 242 1.80 49.18 -16.96
CA ARG F 242 2.91 48.99 -16.04
C ARG F 242 3.68 47.72 -16.39
N SER F 243 2.97 46.65 -16.63
CA SER F 243 3.60 45.45 -17.15
C SER F 243 2.78 44.91 -18.31
N LEU F 244 3.37 44.00 -19.06
CA LEU F 244 2.72 43.43 -20.24
C LEU F 244 2.43 41.95 -20.03
N ARG F 245 1.40 41.48 -20.72
CA ARG F 245 1.11 40.08 -20.94
C ARG F 245 0.74 40.02 -22.41
N SER F 246 0.96 38.88 -23.05
CA SER F 246 0.74 38.75 -24.49
C SER F 246 -0.69 39.10 -24.89
N ASP F 247 -1.65 38.89 -23.99
CA ASP F 247 -3.04 39.22 -24.26
C ASP F 247 -3.43 40.64 -23.84
N ARG F 248 -2.58 41.37 -23.13
CA ARG F 248 -2.97 42.74 -22.75
C ARG F 248 -2.38 43.84 -23.68
N LEU F 249 -2.00 43.44 -24.88
CA LEU F 249 -1.27 44.36 -25.79
C LEU F 249 -2.15 45.12 -26.80
N TYR F 250 -3.35 44.59 -27.06
CA TYR F 250 -4.11 44.95 -28.27
C TYR F 250 -4.99 46.20 -28.24
N GLN F 251 -5.44 46.60 -27.07
CA GLN F 251 -6.26 47.80 -27.04
C GLN F 251 -5.53 49.01 -27.67
N PRO F 252 -4.26 49.24 -27.30
CA PRO F 252 -3.60 50.39 -27.93
C PRO F 252 -3.28 50.13 -29.39
N LEU F 253 -2.93 48.90 -29.73
CA LEU F 253 -2.66 48.59 -31.13
C LEU F 253 -3.92 48.81 -31.99
N TYR F 254 -5.05 48.28 -31.54
CA TYR F 254 -6.30 48.52 -32.25
C TYR F 254 -6.68 50.00 -32.29
N GLU F 255 -6.60 50.69 -31.17
CA GLU F 255 -7.06 52.07 -31.18
C GLU F 255 -6.17 52.95 -32.07
N ALA F 256 -4.86 52.73 -32.01
CA ALA F 256 -3.92 53.42 -32.89
C ALA F 256 -4.32 53.25 -34.35
N ASN F 257 -4.70 52.03 -34.72
CA ASN F 257 -5.17 51.76 -36.09
C ASN F 257 -6.45 52.52 -36.50
N VAL F 258 -7.47 52.49 -35.66
CA VAL F 258 -8.67 53.29 -35.87
C VAL F 258 -8.34 54.78 -35.90
N MET F 259 -7.46 55.23 -35.01
CA MET F 259 -7.04 56.62 -35.01
C MET F 259 -6.39 56.98 -36.33
N GLN F 260 -5.57 56.08 -36.85
CA GLN F 260 -4.93 56.33 -38.13
C GLN F 260 -5.90 56.34 -39.30
N LEU F 261 -6.81 55.36 -39.34
CA LEU F 261 -7.83 55.35 -40.39
C LEU F 261 -8.57 56.66 -40.47
N LEU F 262 -9.07 57.14 -39.33
CA LEU F 262 -9.88 58.34 -39.26
C LEU F 262 -9.10 59.66 -39.48
N LEU F 263 -8.07 59.89 -38.66
CA LEU F 263 -7.34 61.16 -38.68
C LEU F 263 -6.51 61.34 -39.95
N GLU F 264 -5.71 60.34 -40.29
CA GLU F 264 -4.95 60.33 -41.53
C GLU F 264 -5.87 60.15 -42.72
N GLY F 265 -6.61 59.05 -42.73
CA GLY F 265 -7.42 58.67 -43.87
C GLY F 265 -8.64 59.52 -44.15
N LYS F 266 -9.40 59.89 -43.12
CA LYS F 266 -10.62 60.64 -43.37
C LYS F 266 -10.45 62.14 -43.20
N LEU F 267 -9.49 62.57 -42.38
CA LEU F 267 -9.39 63.99 -42.05
C LEU F 267 -8.08 64.64 -42.48
N GLY F 268 -7.26 63.89 -43.20
CA GLY F 268 -6.05 64.44 -43.80
C GLY F 268 -4.95 64.88 -42.84
N ALA F 269 -4.85 64.25 -41.67
CA ALA F 269 -3.83 64.61 -40.69
C ALA F 269 -2.48 63.98 -41.03
N PRO F 270 -1.39 64.49 -40.43
CA PRO F 270 -0.12 63.81 -40.66
C PRO F 270 -0.05 62.55 -39.81
N LYS F 271 1.02 61.77 -40.01
CA LYS F 271 1.30 60.58 -39.22
C LYS F 271 0.82 60.73 -37.78
N VAL F 272 -0.05 59.82 -37.35
CA VAL F 272 -0.46 59.77 -35.95
C VAL F 272 0.59 59.04 -35.12
N GLU F 273 1.15 59.75 -34.14
CA GLU F 273 2.16 59.17 -33.26
C GLU F 273 1.47 58.61 -32.01
N PHE F 274 1.59 57.30 -31.81
CA PHE F 274 0.93 56.64 -30.69
C PHE F 274 2.01 55.73 -30.16
N GLU F 275 2.28 55.79 -28.85
CA GLU F 275 3.31 54.97 -28.26
C GLU F 275 2.79 54.30 -26.99
N VAL F 276 3.42 53.19 -26.62
CA VAL F 276 3.11 52.50 -25.39
C VAL F 276 4.28 52.60 -24.43
N HIS F 277 4.03 52.87 -23.14
CA HIS F 277 5.05 52.88 -22.11
C HIS F 277 4.78 51.75 -21.13
N THR F 278 5.82 50.98 -20.83
CA THR F 278 5.71 49.93 -19.84
C THR F 278 6.93 49.90 -18.93
N LEU F 279 6.79 49.32 -17.75
CA LEU F 279 7.94 49.12 -16.86
C LEU F 279 8.43 47.69 -16.92
N ALA F 280 7.63 46.82 -17.54
CA ALA F 280 7.93 45.39 -17.51
C ALA F 280 7.38 44.64 -18.71
N PRO F 281 8.13 44.68 -19.82
CA PRO F 281 7.69 44.05 -21.06
C PRO F 281 8.01 42.55 -21.07
N GLU F 282 8.87 42.09 -20.15
CA GLU F 282 9.29 40.68 -20.14
C GLU F 282 8.11 39.77 -20.45
N GLY F 283 8.32 38.90 -21.45
CA GLY F 283 7.24 38.37 -22.26
C GLY F 283 7.38 39.20 -23.53
N THR F 284 8.56 39.04 -24.14
CA THR F 284 9.17 40.10 -24.94
C THR F 284 8.90 40.06 -26.44
N ASN F 285 7.85 39.36 -26.81
CA ASN F 285 7.39 39.53 -28.16
C ASN F 285 6.54 40.78 -28.28
N ALA F 286 6.44 41.57 -27.21
CA ALA F 286 5.72 42.83 -27.34
C ALA F 286 6.49 43.80 -28.22
N PHE F 287 7.81 43.73 -28.24
CA PHE F 287 8.55 44.60 -29.16
C PHE F 287 8.26 44.18 -30.61
N VAL F 288 8.36 42.89 -30.86
CA VAL F 288 7.97 42.30 -32.15
C VAL F 288 6.52 42.65 -32.52
N THR F 289 5.60 42.33 -31.61
CA THR F 289 4.18 42.63 -31.75
C THR F 289 3.93 44.07 -32.14
N TYR F 290 4.58 45.00 -31.45
CA TYR F 290 4.31 46.40 -31.71
C TYR F 290 5.04 46.93 -32.94
N GLU F 291 5.69 46.04 -33.69
CA GLU F 291 6.29 46.45 -34.98
C GLU F 291 5.29 46.43 -36.12
N ALA F 292 4.03 46.16 -35.78
CA ALA F 292 3.01 45.92 -36.80
C ALA F 292 2.68 47.15 -37.63
N ALA F 293 2.59 46.95 -38.94
CA ALA F 293 2.23 48.00 -39.87
C ALA F 293 0.80 48.44 -39.66
N SER F 294 0.56 49.73 -39.80
CA SER F 294 -0.79 50.26 -39.75
C SER F 294 -1.61 49.49 -40.78
N LEU F 295 -2.85 49.15 -40.40
CA LEU F 295 -3.72 48.40 -41.30
C LEU F 295 -4.31 49.32 -42.38
N TYR F 296 -4.59 50.56 -42.00
CA TYR F 296 -5.04 51.56 -42.93
C TYR F 296 -3.97 51.72 -44.01
N GLY F 297 -2.71 51.83 -43.58
CA GLY F 297 -1.59 51.99 -44.48
C GLY F 297 -1.38 50.83 -45.44
N LEU F 298 -1.52 49.61 -44.93
CA LEU F 298 -1.39 48.44 -45.78
C LEU F 298 -2.48 48.44 -46.84
N ALA F 299 -3.66 48.90 -46.46
CA ALA F 299 -4.78 48.92 -47.39
C ALA F 299 -4.66 50.04 -48.42
N GLU F 300 -4.09 51.18 -48.04
CA GLU F 300 -3.84 52.25 -49.02
C GLU F 300 -2.82 51.75 -50.05
N GLY F 301 -2.12 50.67 -49.70
CA GLY F 301 -1.15 50.08 -50.61
C GLY F 301 0.01 50.97 -51.05
N ARG F 302 0.07 52.20 -50.55
CA ARG F 302 1.13 53.13 -50.94
C ARG F 302 2.49 52.81 -50.34
N SER F 303 3.48 53.65 -50.67
CA SER F 303 4.82 53.52 -50.10
C SER F 303 4.86 54.20 -48.73
N ALA F 304 5.95 53.99 -48.00
CA ALA F 304 6.16 54.68 -46.71
C ALA F 304 5.02 54.45 -45.72
N VAL F 305 4.54 53.21 -45.62
CA VAL F 305 3.58 52.85 -44.60
C VAL F 305 4.31 52.87 -43.26
N HIS F 306 3.67 53.37 -42.21
CA HIS F 306 4.32 53.34 -40.91
C HIS F 306 3.66 52.36 -39.94
N ARG F 307 4.33 52.10 -38.82
CA ARG F 307 3.75 51.29 -37.75
C ARG F 307 2.50 51.94 -37.17
N ALA F 308 1.57 51.12 -36.69
CA ALA F 308 0.44 51.62 -35.92
C ALA F 308 0.97 52.22 -34.63
N ILE F 309 1.85 51.50 -33.94
CA ILE F 309 2.49 51.96 -32.71
C ILE F 309 3.98 52.31 -32.99
N ARG F 310 4.37 53.57 -32.74
CA ARG F 310 5.70 54.09 -33.07
C ARG F 310 6.82 53.52 -32.20
N GLU F 311 6.53 53.26 -30.94
CA GLU F 311 7.55 52.68 -30.08
C GLU F 311 6.89 52.08 -28.87
N LEU F 312 7.49 51.01 -28.36
CA LEU F 312 7.20 50.55 -27.02
C LEU F 312 8.35 51.03 -26.15
N TYR F 313 8.09 51.98 -25.27
CA TYR F 313 9.17 52.62 -24.52
C TYR F 313 9.22 52.12 -23.08
N VAL F 314 10.42 51.82 -22.57
CA VAL F 314 10.62 51.38 -21.18
C VAL F 314 11.49 52.42 -20.44
N PRO F 315 10.86 53.40 -19.79
CA PRO F 315 11.58 54.49 -19.12
C PRO F 315 12.46 53.95 -18.00
N PRO F 316 13.79 54.15 -18.09
CA PRO F 316 14.75 53.75 -17.06
C PRO F 316 14.55 54.60 -15.82
N THR F 317 14.32 55.89 -16.04
CA THR F 317 14.22 56.83 -14.94
C THR F 317 13.22 57.91 -15.32
N ALA F 318 12.72 58.65 -14.32
CA ALA F 318 11.81 59.76 -14.62
C ALA F 318 12.51 60.83 -15.44
N ALA F 319 13.80 61.04 -15.20
CA ALA F 319 14.56 62.02 -15.94
C ALA F 319 14.50 61.70 -17.43
N ASP F 320 14.71 60.42 -17.74
CA ASP F 320 14.79 59.95 -19.12
C ASP F 320 13.43 60.09 -19.82
N LEU F 321 12.37 59.83 -19.07
CA LEU F 321 11.01 60.11 -19.56
C LEU F 321 10.93 61.57 -20.02
N ALA F 322 11.40 62.49 -19.17
CA ALA F 322 11.38 63.94 -19.47
C ALA F 322 12.17 64.28 -20.73
N ARG F 323 13.44 63.87 -20.76
CA ARG F 323 14.30 64.11 -21.91
C ARG F 323 13.66 63.59 -23.19
N ARG F 324 13.13 62.38 -23.13
CA ARG F 324 12.53 61.82 -24.35
C ARG F 324 11.37 62.68 -24.87
N PHE F 325 10.52 63.12 -23.94
CA PHE F 325 9.34 63.90 -24.30
C PHE F 325 9.78 65.24 -24.87
N PHE F 326 10.73 65.89 -24.20
CA PHE F 326 11.29 67.15 -24.73
C PHE F 326 11.87 66.93 -26.11
N ALA F 327 12.57 65.81 -26.30
CA ALA F 327 13.19 65.55 -27.59
C ALA F 327 12.12 65.40 -28.66
N PHE F 328 11.03 64.73 -28.28
CA PHE F 328 9.92 64.54 -29.19
C PHE F 328 9.31 65.87 -29.62
N LEU F 329 9.09 66.76 -28.66
CA LEU F 329 8.51 68.06 -28.99
C LEU F 329 9.42 68.90 -29.89
N ASN F 330 10.72 68.90 -29.60
CA ASN F 330 11.67 69.65 -30.45
C ASN F 330 11.44 69.27 -31.90
N GLU F 331 11.19 67.98 -32.14
CA GLU F 331 11.07 67.47 -33.49
C GLU F 331 9.65 67.64 -34.04
N ARG F 332 8.65 67.09 -33.35
CA ARG F 332 7.27 67.16 -33.81
C ARG F 332 6.71 68.57 -34.06
N MET F 333 7.02 69.52 -33.17
CA MET F 333 6.41 70.86 -33.27
C MET F 333 7.00 71.68 -34.41
N GLU F 334 7.96 71.08 -35.09
CA GLU F 334 8.51 71.62 -36.32
C GLU F 334 7.39 71.71 -37.36
N LEU F 335 6.51 70.71 -37.34
CA LEU F 335 5.40 70.62 -38.28
C LEU F 335 4.37 71.73 -38.09
N VAL F 336 4.53 72.52 -37.04
CA VAL F 336 3.58 73.58 -36.76
C VAL F 336 4.20 74.92 -37.10
N ASN F 337 3.60 75.62 -38.07
CA ASN F 337 4.09 76.94 -38.44
C ASN F 337 4.15 77.84 -37.24
N GLY F 338 5.33 78.39 -36.98
CA GLY F 338 5.54 79.31 -35.88
C GLY F 338 4.78 80.63 -36.05
N PRO G 1 10.49 -61.04 1.42
CA PRO G 1 11.10 -61.38 2.71
C PRO G 1 11.08 -60.15 3.61
N PHE G 2 11.52 -60.30 4.85
CA PHE G 2 11.55 -59.18 5.79
C PHE G 2 12.36 -58.04 5.19
N THR G 3 13.55 -58.36 4.69
CA THR G 3 14.33 -57.40 3.93
C THR G 3 13.85 -57.46 2.49
N TYR G 4 13.56 -56.31 1.90
CA TYR G 4 13.09 -56.28 0.52
C TYR G 4 14.03 -57.02 -0.41
N SER G 5 13.45 -57.79 -1.33
CA SER G 5 14.21 -58.50 -2.35
C SER G 5 13.67 -58.18 -3.73
N ILE G 6 14.48 -57.54 -4.57
CA ILE G 6 14.02 -57.26 -5.92
C ILE G 6 13.62 -58.55 -6.63
N GLU G 7 14.40 -59.59 -6.40
CA GLU G 7 14.15 -60.90 -7.00
C GLU G 7 12.80 -61.46 -6.57
N ALA G 8 12.61 -61.61 -5.26
CA ALA G 8 11.40 -62.23 -4.72
C ALA G 8 10.13 -61.53 -5.20
N THR G 9 10.22 -60.22 -5.41
CA THR G 9 9.06 -59.44 -5.83
C THR G 9 8.74 -59.71 -7.29
N ARG G 10 9.76 -59.65 -8.13
CA ARG G 10 9.63 -59.98 -9.55
C ARG G 10 8.95 -61.32 -9.76
N ASN G 11 9.30 -62.28 -8.91
CA ASN G 11 8.78 -63.64 -9.02
C ASN G 11 7.41 -63.83 -8.40
N LEU G 12 6.72 -62.72 -8.13
CA LEU G 12 5.39 -62.78 -7.54
C LEU G 12 4.33 -62.72 -8.64
N ALA G 13 3.35 -63.60 -8.57
CA ALA G 13 2.18 -63.47 -9.44
C ALA G 13 1.56 -62.11 -9.19
N THR G 14 0.95 -61.52 -10.20
CA THR G 14 0.46 -60.16 -10.06
C THR G 14 -0.60 -60.05 -8.95
N THR G 15 -1.35 -61.13 -8.76
CA THR G 15 -2.35 -61.17 -7.70
C THR G 15 -1.70 -61.28 -6.31
N GLU G 16 -0.40 -61.53 -6.29
CA GLU G 16 0.31 -61.66 -5.02
C GLU G 16 1.11 -60.40 -4.69
N ARG G 17 1.22 -59.50 -5.65
CA ARG G 17 1.92 -58.25 -5.42
C ARG G 17 1.34 -57.49 -4.23
N CYS G 18 2.18 -56.66 -3.62
CA CYS G 18 1.83 -55.91 -2.43
C CYS G 18 0.94 -54.73 -2.77
N ILE G 19 1.22 -54.14 -3.92
CA ILE G 19 0.42 -53.06 -4.47
C ILE G 19 -0.43 -53.59 -5.63
N GLN G 20 -1.74 -53.39 -5.56
CA GLN G 20 -2.62 -53.71 -6.66
C GLN G 20 -3.02 -52.43 -7.37
N ASP G 21 -2.65 -52.29 -8.65
CA ASP G 21 -3.07 -51.13 -9.43
C ASP G 21 -4.53 -51.30 -9.84
N ILE G 22 -5.38 -50.34 -9.50
CA ILE G 22 -6.81 -50.47 -9.78
C ILE G 22 -7.38 -49.27 -10.51
N ARG G 23 -6.55 -48.62 -11.30
CA ARG G 23 -7.01 -47.50 -12.08
C ARG G 23 -7.74 -47.97 -13.34
N ASN G 24 -7.40 -49.18 -13.80
CA ASN G 24 -7.78 -49.61 -15.15
C ASN G 24 -7.41 -48.53 -16.12
N ALA G 25 -6.13 -48.15 -16.10
CA ALA G 25 -5.63 -47.10 -16.96
C ALA G 25 -5.33 -47.65 -18.35
N PRO G 26 -5.90 -47.02 -19.39
CA PRO G 26 -5.60 -47.39 -20.77
C PRO G 26 -4.11 -47.33 -21.01
N VAL G 27 -3.51 -48.40 -21.50
CA VAL G 27 -2.09 -48.39 -21.82
C VAL G 27 -1.83 -47.48 -23.03
N ARG G 28 -1.18 -46.35 -22.76
CA ARG G 28 -0.87 -45.36 -23.79
C ARG G 28 0.62 -45.10 -23.83
N ASN G 29 1.09 -44.53 -24.94
CA ASN G 29 2.50 -44.19 -25.08
C ASN G 29 2.83 -42.86 -24.41
N ARG G 30 1.81 -42.01 -24.25
CA ARG G 30 1.94 -40.80 -23.45
C ARG G 30 1.26 -41.02 -22.11
N SER G 31 1.64 -40.20 -21.12
CA SER G 31 1.01 -40.27 -19.81
C SER G 31 0.11 -39.07 -19.54
N THR G 32 -0.07 -38.20 -20.55
CA THR G 32 -0.97 -37.06 -20.42
C THR G 32 -2.31 -37.47 -19.81
N GLN G 33 -2.82 -36.68 -18.88
CA GLN G 33 -4.14 -36.95 -18.29
C GLN G 33 -5.17 -35.88 -18.66
N PHE G 34 -4.70 -34.65 -18.79
CA PHE G 34 -5.53 -33.57 -19.26
C PHE G 34 -4.78 -32.84 -20.35
N GLN G 35 -5.47 -32.55 -21.43
CA GLN G 35 -4.92 -31.85 -22.58
C GLN G 35 -5.40 -30.40 -22.57
N LEU G 36 -4.48 -29.47 -22.84
CA LEU G 36 -4.81 -28.06 -22.99
C LEU G 36 -5.30 -27.89 -24.42
N ALA G 37 -6.60 -27.67 -24.59
CA ALA G 37 -7.17 -27.60 -25.91
C ALA G 37 -6.90 -26.20 -26.48
N GLN G 38 -5.77 -26.07 -27.16
CA GLN G 38 -5.26 -24.74 -27.48
C GLN G 38 -6.20 -23.94 -28.37
N GLN G 39 -6.79 -24.61 -29.37
CA GLN G 39 -7.76 -23.94 -30.24
C GLN G 39 -9.01 -23.47 -29.50
N ASN G 40 -9.52 -24.30 -28.60
CA ASN G 40 -10.66 -23.93 -27.77
C ASN G 40 -10.34 -22.76 -26.86
N MET G 41 -9.11 -22.78 -26.35
CA MET G 41 -8.59 -21.72 -25.48
C MET G 41 -8.55 -20.40 -26.21
N LEU G 42 -8.07 -20.40 -27.45
CA LEU G 42 -8.09 -19.18 -28.27
C LEU G 42 -9.52 -18.67 -28.51
N ALA G 43 -10.44 -19.57 -28.84
CA ALA G 43 -11.81 -19.15 -29.12
C ALA G 43 -12.46 -18.64 -27.83
N TYR G 44 -12.20 -19.32 -26.71
CA TYR G 44 -12.74 -18.91 -25.43
C TYR G 44 -12.20 -17.55 -24.96
N THR G 45 -10.87 -17.41 -24.91
CA THR G 45 -10.26 -16.18 -24.41
C THR G 45 -10.27 -15.02 -25.41
N PHE G 46 -10.05 -15.31 -26.69
CA PHE G 46 -9.92 -14.26 -27.70
C PHE G 46 -11.01 -14.29 -28.78
N GLY G 47 -12.06 -15.06 -28.52
CA GLY G 47 -13.15 -15.18 -29.46
C GLY G 47 -13.74 -13.83 -29.87
N GLU G 48 -13.71 -12.85 -28.97
CA GLU G 48 -14.25 -11.53 -29.26
C GLU G 48 -13.20 -10.44 -29.09
N VAL G 49 -11.94 -10.85 -28.98
CA VAL G 49 -10.88 -9.88 -28.73
C VAL G 49 -9.62 -10.13 -29.52
N ILE G 50 -9.25 -9.16 -30.36
CA ILE G 50 -7.91 -9.12 -30.92
C ILE G 50 -7.18 -7.95 -30.24
N PRO G 51 -6.26 -8.27 -29.33
CA PRO G 51 -5.44 -7.28 -28.59
C PRO G 51 -4.86 -6.27 -29.55
N GLY G 52 -5.03 -4.99 -29.23
CA GLY G 52 -4.57 -3.91 -30.09
C GLY G 52 -5.71 -3.42 -30.95
N PHE G 53 -6.76 -4.23 -31.04
CA PHE G 53 -7.94 -3.83 -31.78
C PHE G 53 -9.19 -3.97 -30.90
N ALA G 54 -8.98 -3.93 -29.59
CA ALA G 54 -10.05 -4.18 -28.64
C ALA G 54 -10.24 -2.96 -27.75
N SER G 55 -10.67 -3.18 -26.51
CA SER G 55 -10.77 -2.09 -25.54
C SER G 55 -9.41 -1.43 -25.28
N ALA G 56 -9.45 -0.18 -24.84
CA ALA G 56 -8.22 0.56 -24.56
C ALA G 56 -7.40 -0.15 -23.47
N GLY G 57 -8.10 -0.72 -22.49
CA GLY G 57 -7.45 -1.43 -21.41
C GLY G 57 -6.66 -2.65 -21.90
N ILE G 58 -7.27 -3.43 -22.78
CA ILE G 58 -6.58 -4.60 -23.32
C ILE G 58 -5.44 -4.19 -24.23
N ASN G 59 -5.64 -3.15 -25.02
CA ASN G 59 -4.59 -2.71 -25.93
C ASN G 59 -3.33 -2.26 -25.20
N GLY G 60 -3.48 -1.68 -24.00
CA GLY G 60 -2.33 -1.14 -23.28
C GLY G 60 -1.79 -2.06 -22.21
N MET G 61 -2.46 -3.18 -22.03
CA MET G 61 -2.08 -4.16 -21.03
C MET G 61 -0.70 -4.73 -21.38
N ASP G 62 0.14 -4.93 -20.37
CA ASP G 62 1.37 -5.68 -20.52
C ASP G 62 1.12 -6.88 -21.45
N TYR G 63 1.74 -6.89 -22.62
CA TYR G 63 1.50 -7.96 -23.59
C TYR G 63 1.68 -9.33 -22.95
N ARG G 64 2.68 -9.45 -22.08
CA ARG G 64 2.92 -10.72 -21.37
C ARG G 64 1.66 -11.27 -20.69
N ASP G 65 0.89 -10.37 -20.08
CA ASP G 65 -0.35 -10.78 -19.41
C ASP G 65 -1.42 -11.18 -20.42
N VAL G 66 -1.50 -10.47 -21.54
CA VAL G 66 -2.44 -10.79 -22.59
C VAL G 66 -2.13 -12.20 -23.09
N ILE G 67 -0.86 -12.45 -23.39
CA ILE G 67 -0.45 -13.75 -23.92
C ILE G 67 -0.63 -14.88 -22.91
N GLY G 68 -0.59 -14.56 -21.63
CA GLY G 68 -0.72 -15.54 -20.56
C GLY G 68 -2.16 -15.85 -20.19
N ARG G 69 -3.08 -15.00 -20.63
CA ARG G 69 -4.47 -15.19 -20.22
C ARG G 69 -5.10 -16.55 -20.61
N PRO G 70 -4.83 -17.08 -21.82
CA PRO G 70 -5.51 -18.34 -22.20
C PRO G 70 -5.15 -19.54 -21.32
N VAL G 71 -3.89 -19.71 -20.99
CA VAL G 71 -3.51 -20.80 -20.10
C VAL G 71 -4.05 -20.54 -18.69
N GLU G 72 -4.07 -19.28 -18.26
CA GLU G 72 -4.64 -18.98 -16.96
C GLU G 72 -6.14 -19.32 -16.99
N ASN G 73 -6.86 -18.83 -17.99
CA ASN G 73 -8.25 -19.19 -18.18
C ASN G 73 -8.46 -20.72 -18.18
N ALA G 74 -7.59 -21.45 -18.87
CA ALA G 74 -7.73 -22.90 -18.96
C ALA G 74 -7.49 -23.56 -17.62
N VAL G 75 -6.47 -23.09 -16.90
CA VAL G 75 -6.16 -23.65 -15.59
C VAL G 75 -7.33 -23.45 -14.63
N THR G 76 -7.91 -22.24 -14.68
CA THR G 76 -9.12 -21.93 -13.90
C THR G 76 -10.25 -22.90 -14.23
N GLU G 77 -10.37 -23.26 -15.50
CA GLU G 77 -11.41 -24.18 -15.95
C GLU G 77 -11.09 -25.58 -15.47
N GLY G 78 -9.82 -25.96 -15.56
CA GLY G 78 -9.37 -27.26 -15.06
C GLY G 78 -9.56 -27.46 -13.56
N THR G 79 -9.24 -26.45 -12.77
CA THR G 79 -9.41 -26.56 -11.31
C THR G 79 -10.90 -26.65 -10.94
N HIS G 80 -11.72 -25.88 -11.64
CA HIS G 80 -13.16 -25.89 -11.41
C HIS G 80 -13.77 -27.29 -11.55
N PHE G 81 -13.44 -27.98 -12.64
CA PHE G 81 -14.07 -29.27 -12.96
C PHE G 81 -13.38 -30.48 -12.36
N PHE G 82 -12.09 -30.37 -12.08
CA PHE G 82 -11.34 -31.51 -11.61
C PHE G 82 -10.56 -31.19 -10.33
N ARG G 83 -10.70 -29.95 -9.87
CA ARG G 83 -10.08 -29.51 -8.62
C ARG G 83 -8.69 -30.13 -8.37
N ASP G 84 -8.60 -30.83 -7.24
CA ASP G 84 -7.40 -31.53 -6.82
C ASP G 84 -6.75 -32.35 -7.93
N ASP G 85 -7.57 -33.04 -8.70
CA ASP G 85 -7.08 -33.98 -9.71
C ASP G 85 -6.47 -33.34 -10.95
N PHE G 86 -6.72 -32.05 -11.16
CA PHE G 86 -6.18 -31.37 -12.32
C PHE G 86 -4.66 -31.20 -12.26
N ARG G 87 -4.01 -31.44 -13.39
CA ARG G 87 -2.56 -31.52 -13.46
C ARG G 87 -2.10 -31.61 -14.91
N VAL G 88 -1.36 -30.60 -15.36
CA VAL G 88 -0.66 -30.69 -16.63
C VAL G 88 0.83 -30.39 -16.43
N ASP G 89 1.66 -31.02 -17.24
CA ASP G 89 3.11 -30.85 -17.20
C ASP G 89 3.51 -29.42 -17.60
N SER G 90 4.64 -28.91 -17.09
CA SER G 90 5.11 -27.59 -17.56
C SER G 90 5.42 -27.59 -19.07
N ASN G 91 5.78 -28.76 -19.61
CA ASN G 91 5.99 -28.87 -21.05
C ASN G 91 4.73 -28.68 -21.89
N ALA G 92 3.56 -28.99 -21.31
CA ALA G 92 2.29 -28.71 -21.99
C ALA G 92 2.02 -27.21 -22.04
N LYS G 93 2.19 -26.53 -20.91
CA LYS G 93 1.98 -25.09 -20.87
C LYS G 93 3.00 -24.37 -21.76
N ALA G 94 4.22 -24.90 -21.79
CA ALA G 94 5.27 -24.36 -22.65
C ALA G 94 4.81 -24.38 -24.10
N LYS G 95 4.43 -25.57 -24.56
CA LYS G 95 4.03 -25.75 -25.96
C LYS G 95 2.89 -24.81 -26.33
N VAL G 96 1.87 -24.75 -25.49
CA VAL G 96 0.70 -23.90 -25.78
C VAL G 96 0.98 -22.40 -25.69
N ALA G 97 1.73 -21.97 -24.67
CA ALA G 97 2.06 -20.55 -24.52
C ALA G 97 2.69 -20.03 -25.80
N GLY G 98 3.62 -20.79 -26.35
CA GLY G 98 4.31 -20.41 -27.58
C GLY G 98 3.41 -20.35 -28.79
N ASP G 99 2.60 -21.38 -28.99
CA ASP G 99 1.67 -21.32 -30.10
C ASP G 99 0.73 -20.12 -29.91
N ILE G 100 0.24 -19.92 -28.69
CA ILE G 100 -0.59 -18.75 -28.34
C ILE G 100 0.09 -17.42 -28.71
N PHE G 101 1.33 -17.24 -28.23
CA PHE G 101 2.07 -16.02 -28.50
C PHE G 101 2.14 -15.81 -30.00
N GLU G 102 2.46 -16.87 -30.73
CA GLU G 102 2.57 -16.75 -32.17
C GLU G 102 1.24 -16.45 -32.86
N ILE G 103 0.22 -17.25 -32.60
CA ILE G 103 -1.06 -17.11 -33.32
C ILE G 103 -1.71 -15.74 -33.08
N VAL G 104 -1.64 -15.26 -31.84
CA VAL G 104 -2.25 -14.00 -31.48
C VAL G 104 -1.51 -12.82 -32.13
N SER G 105 -0.18 -12.82 -32.02
CA SER G 105 0.63 -11.80 -32.66
C SER G 105 0.38 -11.71 -34.17
N SER G 106 0.26 -12.85 -34.82
CA SER G 106 -0.02 -12.85 -36.26
C SER G 106 -1.40 -12.26 -36.56
N ALA G 107 -2.36 -12.53 -35.68
CA ALA G 107 -3.71 -11.99 -35.83
C ALA G 107 -3.70 -10.47 -35.65
N VAL G 108 -2.95 -9.99 -34.65
CA VAL G 108 -2.73 -8.55 -34.53
C VAL G 108 -2.16 -8.03 -35.86
N MET G 109 -1.14 -8.71 -36.38
CA MET G 109 -0.60 -8.26 -37.65
C MET G 109 -1.62 -8.39 -38.79
N TRP G 110 -2.39 -9.47 -38.80
CA TRP G 110 -3.46 -9.65 -39.80
C TRP G 110 -4.38 -8.42 -39.85
N ASN G 111 -4.83 -7.94 -38.70
CA ASN G 111 -5.68 -6.75 -38.66
C ASN G 111 -4.98 -5.44 -39.06
N CYS G 112 -3.70 -5.29 -38.73
CA CYS G 112 -2.98 -4.13 -39.24
C CYS G 112 -3.03 -4.15 -40.76
N ALA G 113 -2.75 -5.32 -41.31
CA ALA G 113 -2.76 -5.51 -42.76
C ALA G 113 -4.10 -5.13 -43.36
N ALA G 114 -5.19 -5.59 -42.76
CA ALA G 114 -6.50 -5.27 -43.31
C ALA G 114 -6.71 -3.76 -43.26
N ARG G 115 -6.34 -3.12 -42.16
CA ARG G 115 -6.47 -1.67 -42.03
C ARG G 115 -5.57 -0.93 -43.03
N TRP G 116 -4.30 -1.32 -43.10
CA TRP G 116 -3.39 -0.78 -44.11
C TRP G 116 -3.98 -0.92 -45.51
N ASN G 117 -4.38 -2.13 -45.87
CA ASN G 117 -4.88 -2.40 -47.21
C ASN G 117 -6.08 -1.52 -47.54
N SER G 118 -7.01 -1.44 -46.60
CA SER G 118 -8.17 -0.56 -46.69
C SER G 118 -7.75 0.87 -47.03
N LEU G 119 -6.71 1.35 -46.36
CA LEU G 119 -6.12 2.64 -46.69
C LEU G 119 -5.62 2.68 -48.15
N MET G 120 -4.87 1.65 -48.52
CA MET G 120 -4.19 1.60 -49.81
C MET G 120 -5.12 1.70 -51.02
N VAL G 121 -6.31 1.12 -50.89
CA VAL G 121 -7.28 1.12 -52.00
C VAL G 121 -8.23 2.31 -51.95
N GLY G 122 -7.96 3.25 -51.04
CA GLY G 122 -8.70 4.51 -50.99
C GLY G 122 -9.91 4.57 -50.08
N GLU G 123 -9.99 3.71 -49.07
CA GLU G 123 -11.14 3.70 -48.16
C GLU G 123 -10.89 4.52 -46.90
N GLY G 124 -9.74 5.17 -46.83
CA GLY G 124 -9.36 5.95 -45.67
C GLY G 124 -8.75 5.15 -44.54
N TRP G 125 -8.51 5.87 -43.44
CA TRP G 125 -7.89 5.32 -42.24
C TRP G 125 -8.93 5.12 -41.14
N ARG G 126 -9.11 3.86 -40.73
CA ARG G 126 -10.03 3.50 -39.64
C ARG G 126 -9.49 3.90 -38.27
N SER G 127 -10.38 4.07 -37.30
CA SER G 127 -9.99 4.23 -35.91
C SER G 127 -10.47 3.00 -35.17
N GLN G 128 -10.87 3.13 -33.93
CA GLN G 128 -11.27 1.94 -33.16
C GLN G 128 -10.17 0.88 -33.14
N PRO G 129 -9.04 1.17 -32.49
CA PRO G 129 -8.68 2.42 -31.84
C PRO G 129 -7.90 3.27 -32.82
N ARG G 130 -7.39 4.41 -32.38
CA ARG G 130 -6.66 5.30 -33.26
C ARG G 130 -5.19 4.90 -33.30
N TYR G 131 -4.63 4.88 -34.50
CA TYR G 131 -3.20 4.73 -34.70
C TYR G 131 -2.74 5.89 -35.60
N SER G 132 -1.44 6.18 -35.60
CA SER G 132 -0.88 7.21 -36.47
C SER G 132 -1.14 6.86 -37.93
N ARG G 133 -1.73 7.80 -38.65
CA ARG G 133 -2.01 7.62 -40.06
C ARG G 133 -0.72 7.54 -40.87
N PRO G 134 -0.57 6.49 -41.68
CA PRO G 134 0.56 6.32 -42.59
C PRO G 134 0.66 7.50 -43.55
N THR G 135 1.87 7.84 -43.95
CA THR G 135 2.09 9.00 -44.81
C THR G 135 2.39 8.59 -46.24
N LEU G 136 2.79 7.34 -46.43
CA LEU G 136 3.03 6.82 -47.77
C LEU G 136 1.80 7.08 -48.63
N SER G 137 1.98 7.33 -49.93
CA SER G 137 0.83 7.57 -50.79
C SER G 137 0.10 6.26 -51.11
N PRO G 138 -1.23 6.24 -50.91
CA PRO G 138 -2.01 5.03 -51.15
C PRO G 138 -1.88 4.50 -52.57
N SER G 139 -1.84 3.18 -52.69
CA SER G 139 -1.94 2.52 -53.98
C SER G 139 -2.36 1.09 -53.74
N PRO G 140 -3.26 0.58 -54.58
CA PRO G 140 -3.66 -0.81 -54.36
C PRO G 140 -2.46 -1.74 -54.50
N ARG G 141 -1.50 -1.39 -55.35
CA ARG G 141 -0.32 -2.22 -55.54
C ARG G 141 0.55 -2.27 -54.26
N ARG G 142 0.18 -1.49 -53.26
CA ARG G 142 0.95 -1.45 -52.02
C ARG G 142 0.27 -2.25 -50.89
N GLN G 143 -0.64 -3.11 -51.27
CA GLN G 143 -1.34 -3.94 -50.30
C GLN G 143 -0.45 -5.10 -49.88
N VAL G 144 -0.67 -5.63 -48.67
CA VAL G 144 0.13 -6.76 -48.21
C VAL G 144 -0.76 -7.87 -47.70
N ALA G 145 -0.22 -9.07 -47.60
CA ALA G 145 -0.89 -10.15 -46.94
C ALA G 145 -0.01 -10.74 -45.83
N VAL G 146 -0.58 -10.90 -44.65
CA VAL G 146 0.08 -11.54 -43.53
C VAL G 146 -0.20 -13.01 -43.51
N LEU G 147 0.85 -13.80 -43.67
CA LEU G 147 0.73 -15.24 -43.72
C LEU G 147 1.34 -15.92 -42.51
N ASN G 148 0.51 -16.37 -41.59
CA ASN G 148 0.98 -17.27 -40.56
C ASN G 148 1.32 -18.59 -41.26
N LEU G 149 2.56 -19.01 -41.17
CA LEU G 149 2.96 -20.23 -41.87
C LEU G 149 2.86 -21.48 -41.01
N PRO G 150 2.48 -22.61 -41.62
CA PRO G 150 2.23 -23.81 -40.84
C PRO G 150 3.49 -24.56 -40.46
N ARG G 151 3.37 -25.45 -39.49
CA ARG G 151 4.38 -26.45 -39.21
C ARG G 151 4.70 -27.21 -40.49
N SER G 152 5.99 -27.50 -40.68
CA SER G 152 6.47 -28.30 -41.79
C SER G 152 6.62 -27.55 -43.11
N PHE G 153 6.25 -26.28 -43.12
CA PHE G 153 6.23 -25.49 -44.35
C PHE G 153 7.62 -25.33 -44.95
N ASP G 154 7.66 -25.11 -46.27
CA ASP G 154 8.89 -24.71 -46.95
C ASP G 154 8.63 -23.38 -47.67
N TRP G 155 9.31 -22.30 -47.24
CA TRP G 155 9.02 -20.96 -47.76
C TRP G 155 9.25 -20.73 -49.25
N VAL G 156 10.17 -21.49 -49.83
CA VAL G 156 10.39 -21.46 -51.28
C VAL G 156 9.06 -21.69 -52.00
N SER G 157 8.15 -22.42 -51.38
CA SER G 157 6.90 -22.79 -52.04
C SER G 157 5.95 -21.60 -52.22
N LEU G 158 6.31 -20.46 -51.63
CA LEU G 158 5.54 -19.24 -51.74
C LEU G 158 5.79 -18.56 -53.08
N LEU G 159 6.98 -18.82 -53.63
CA LEU G 159 7.49 -18.07 -54.78
C LEU G 159 6.85 -18.52 -56.10
N VAL G 160 6.91 -17.65 -57.10
CA VAL G 160 6.47 -17.97 -58.45
C VAL G 160 7.39 -19.03 -59.08
N PRO G 161 6.80 -19.98 -59.81
CA PRO G 161 7.52 -21.15 -60.32
C PRO G 161 8.81 -20.83 -61.05
N GLU G 162 8.84 -19.71 -61.76
CA GLU G 162 10.05 -19.30 -62.46
C GLU G 162 11.20 -19.21 -61.47
N SER G 163 10.89 -18.74 -60.27
CA SER G 163 11.91 -18.56 -59.24
C SER G 163 12.24 -19.88 -58.55
N GLN G 164 11.24 -20.70 -58.28
CA GLN G 164 11.49 -22.02 -57.70
C GLN G 164 12.44 -22.82 -58.60
N GLU G 165 12.31 -22.63 -59.91
CA GLU G 165 13.15 -23.35 -60.85
C GLU G 165 14.59 -22.89 -60.77
N VAL G 166 14.80 -21.58 -60.58
CA VAL G 166 16.16 -21.09 -60.38
C VAL G 166 16.77 -21.77 -59.16
N ILE G 167 16.00 -21.84 -58.08
CA ILE G 167 16.50 -22.48 -56.87
C ILE G 167 16.70 -23.97 -57.09
N GLU G 168 15.83 -24.58 -57.89
CA GLU G 168 15.97 -26.00 -58.15
C GLU G 168 17.27 -26.32 -58.90
N GLU G 169 17.58 -25.52 -59.91
CA GLU G 169 18.79 -25.75 -60.70
C GLU G 169 20.01 -25.59 -59.81
N PHE G 170 20.00 -24.53 -59.01
CA PHE G 170 21.09 -24.30 -58.07
C PHE G 170 21.27 -25.49 -57.14
N ARG G 171 20.17 -26.02 -56.62
CA ARG G 171 20.22 -27.17 -55.72
C ARG G 171 20.66 -28.46 -56.43
N ALA G 172 20.28 -28.58 -57.70
CA ALA G 172 20.70 -29.73 -58.51
C ALA G 172 22.22 -29.74 -58.65
N GLY G 173 22.79 -28.56 -58.84
CA GLY G 173 24.22 -28.40 -58.91
C GLY G 173 24.90 -28.88 -57.64
N LEU G 174 24.25 -28.65 -56.50
CA LEU G 174 24.80 -29.07 -55.22
C LEU G 174 24.69 -30.58 -55.01
N ARG G 175 23.61 -31.17 -55.45
CA ARG G 175 23.43 -32.61 -55.29
C ARG G 175 24.48 -33.42 -56.04
N LYS G 176 25.06 -32.82 -57.09
CA LYS G 176 26.14 -33.47 -57.81
C LYS G 176 27.25 -33.79 -56.81
N ASP G 177 27.53 -32.82 -55.95
CA ASP G 177 28.62 -32.90 -54.98
C ASP G 177 28.20 -33.53 -53.65
N GLY G 178 26.97 -34.06 -53.60
CA GLY G 178 26.45 -34.65 -52.37
C GLY G 178 26.13 -33.63 -51.30
N LEU G 179 25.84 -32.40 -51.73
CA LEU G 179 25.47 -31.33 -50.81
C LEU G 179 24.00 -30.98 -50.99
N GLY G 180 23.50 -30.11 -50.13
CA GLY G 180 22.15 -29.58 -50.29
C GLY G 180 22.06 -28.17 -49.74
N LEU G 181 20.89 -27.55 -49.89
CA LEU G 181 20.59 -26.28 -49.21
C LEU G 181 19.11 -26.24 -48.85
N PRO G 182 18.71 -27.04 -47.86
CA PRO G 182 17.33 -27.03 -47.40
C PRO G 182 16.88 -25.66 -46.90
N THR G 183 15.62 -25.36 -47.17
CA THR G 183 15.02 -24.17 -46.62
C THR G 183 13.88 -24.67 -45.76
N SER G 184 13.62 -24.03 -44.64
CA SER G 184 12.45 -24.41 -43.86
C SER G 184 11.51 -23.24 -43.91
N THR G 185 11.37 -22.52 -42.81
CA THR G 185 10.39 -21.45 -42.73
C THR G 185 10.52 -20.58 -41.49
N PRO G 186 10.21 -19.28 -41.63
CA PRO G 186 9.96 -18.44 -40.46
C PRO G 186 8.53 -18.73 -39.98
N ASP G 187 8.11 -18.19 -38.84
CA ASP G 187 6.73 -18.35 -38.40
C ASP G 187 5.76 -17.64 -39.30
N LEU G 188 6.21 -16.52 -39.84
CA LEU G 188 5.29 -15.61 -40.48
C LEU G 188 5.99 -14.87 -41.60
N ALA G 189 5.22 -14.56 -42.63
CA ALA G 189 5.75 -13.81 -43.74
C ALA G 189 4.73 -12.78 -44.17
N VAL G 190 5.19 -11.56 -44.38
CA VAL G 190 4.38 -10.50 -44.95
C VAL G 190 4.81 -10.42 -46.38
N VAL G 191 3.85 -10.56 -47.29
CA VAL G 191 4.16 -10.53 -48.71
C VAL G 191 3.30 -9.46 -49.37
N VAL G 192 3.84 -8.82 -50.40
CA VAL G 192 3.02 -7.90 -51.18
C VAL G 192 1.89 -8.71 -51.82
N LEU G 193 0.68 -8.16 -51.81
CA LEU G 193 -0.49 -8.85 -52.36
C LEU G 193 -0.37 -8.94 -53.88
N PRO G 194 -0.48 -10.17 -54.43
CA PRO G 194 -0.43 -10.39 -55.88
C PRO G 194 -1.43 -9.51 -56.62
N GLU G 195 -1.02 -8.97 -57.77
CA GLU G 195 -1.91 -8.12 -58.57
C GLU G 195 -3.31 -8.71 -58.69
N GLU G 196 -3.37 -10.02 -58.90
CA GLU G 196 -4.63 -10.70 -59.18
C GLU G 196 -5.54 -10.80 -57.94
N PHE G 197 -5.06 -10.36 -56.79
CA PHE G 197 -5.88 -10.34 -55.59
C PHE G 197 -6.13 -8.92 -55.11
N GLN G 198 -5.62 -7.93 -55.84
CA GLN G 198 -5.68 -6.57 -55.30
C GLN G 198 -7.07 -5.93 -55.26
N ASN G 199 -8.09 -6.66 -55.74
CA ASN G 199 -9.47 -6.18 -55.66
C ASN G 199 -10.32 -7.06 -54.74
N ASP G 200 -9.74 -8.13 -54.22
CA ASP G 200 -10.48 -9.05 -53.36
C ASP G 200 -10.53 -8.53 -51.92
N GLU G 201 -11.74 -8.32 -51.43
CA GLU G 201 -11.95 -7.63 -50.16
C GLU G 201 -11.57 -8.41 -48.90
N MET G 202 -11.35 -9.73 -49.00
CA MET G 202 -11.05 -10.45 -47.76
C MET G 202 -9.80 -9.88 -47.11
N TRP G 203 -8.91 -9.33 -47.93
CA TRP G 203 -7.62 -8.84 -47.44
C TRP G 203 -7.72 -7.50 -46.71
N ARG G 204 -8.89 -6.87 -46.73
CA ARG G 204 -9.03 -5.65 -45.97
C ARG G 204 -10.11 -5.69 -44.91
N GLU G 205 -10.57 -6.88 -44.57
CA GLU G 205 -11.55 -7.05 -43.50
C GLU G 205 -10.88 -7.46 -42.21
N GLU G 206 -11.08 -6.66 -41.16
CA GLU G 206 -10.54 -7.00 -39.86
C GLU G 206 -11.34 -8.13 -39.20
N ILE G 207 -10.67 -9.03 -38.49
CA ILE G 207 -11.43 -10.03 -37.74
C ILE G 207 -11.76 -9.54 -36.35
N ALA G 208 -12.94 -9.93 -35.86
CA ALA G 208 -13.36 -9.51 -34.53
C ALA G 208 -12.80 -10.39 -33.44
N GLY G 209 -12.35 -11.60 -33.79
CA GLY G 209 -11.77 -12.46 -32.77
C GLY G 209 -11.29 -13.80 -33.30
N LEU G 210 -10.50 -14.52 -32.49
CA LEU G 210 -10.01 -15.82 -32.88
C LEU G 210 -11.04 -16.92 -32.59
N THR G 211 -12.22 -16.78 -33.20
CA THR G 211 -13.18 -17.88 -33.26
C THR G 211 -12.56 -18.95 -34.16
N ARG G 212 -13.03 -20.19 -34.07
CA ARG G 212 -12.36 -21.25 -34.81
C ARG G 212 -12.38 -20.99 -36.34
N PRO G 213 -13.51 -20.52 -36.88
CA PRO G 213 -13.45 -20.21 -38.32
C PRO G 213 -12.42 -19.13 -38.68
N ASN G 214 -12.21 -18.19 -37.77
CA ASN G 214 -11.24 -17.12 -38.04
C ASN G 214 -9.82 -17.64 -37.89
N GLN G 215 -9.61 -18.53 -36.92
CA GLN G 215 -8.34 -19.22 -36.79
C GLN G 215 -8.01 -19.87 -38.12
N ILE G 216 -9.00 -20.53 -38.71
CA ILE G 216 -8.78 -21.29 -39.93
C ILE G 216 -8.51 -20.40 -41.15
N LEU G 217 -9.20 -19.26 -41.20
CA LEU G 217 -8.97 -18.28 -42.25
C LEU G 217 -7.53 -17.80 -42.25
N LEU G 218 -7.03 -17.47 -41.07
CA LEU G 218 -5.70 -16.92 -40.89
C LEU G 218 -4.60 -17.97 -41.09
N SER G 219 -4.79 -19.16 -40.55
CA SER G 219 -3.77 -20.20 -40.70
C SER G 219 -3.77 -20.80 -42.11
N GLY G 220 -4.86 -20.60 -42.84
CA GLY G 220 -5.00 -21.17 -44.18
C GLY G 220 -4.61 -20.23 -45.32
N ALA G 221 -4.42 -18.96 -44.98
CA ALA G 221 -4.18 -17.93 -46.00
C ALA G 221 -2.97 -18.19 -46.88
N TYR G 222 -1.93 -18.81 -46.32
CA TYR G 222 -0.70 -19.05 -47.09
C TYR G 222 -1.00 -19.90 -48.33
N GLN G 223 -1.99 -20.79 -48.20
CA GLN G 223 -2.38 -21.65 -49.32
C GLN G 223 -2.81 -20.82 -50.53
N ARG G 224 -3.45 -19.69 -50.27
CA ARG G 224 -3.90 -18.83 -51.36
C ARG G 224 -2.74 -18.18 -52.10
N LEU G 225 -1.63 -17.99 -51.42
CA LEU G 225 -0.53 -17.26 -52.03
C LEU G 225 0.58 -18.11 -52.60
N GLN G 226 0.56 -19.41 -52.28
CA GLN G 226 1.64 -20.27 -52.74
C GLN G 226 1.72 -20.19 -54.25
N GLY G 227 2.93 -19.92 -54.75
CA GLY G 227 3.18 -19.93 -56.18
C GLY G 227 3.00 -18.59 -56.87
N ARG G 228 2.63 -17.59 -56.08
CA ARG G 228 2.26 -16.28 -56.63
C ARG G 228 3.17 -15.11 -56.25
N VAL G 229 4.21 -15.39 -55.47
CA VAL G 229 5.03 -14.31 -54.91
C VAL G 229 6.38 -14.10 -55.59
N GLN G 230 6.64 -12.87 -56.02
CA GLN G 230 7.93 -12.53 -56.57
C GLN G 230 8.95 -12.45 -55.45
N PRO G 231 10.19 -12.86 -55.73
CA PRO G 231 11.29 -12.87 -54.74
C PRO G 231 11.44 -11.55 -53.99
N GLY G 232 11.24 -10.44 -54.68
CA GLY G 232 11.42 -9.15 -54.03
C GLY G 232 10.17 -8.73 -53.26
N GLU G 233 9.15 -9.60 -53.25
CA GLU G 233 7.86 -9.28 -52.63
C GLU G 233 7.65 -9.94 -51.26
N ILE G 234 8.65 -10.67 -50.78
CA ILE G 234 8.64 -11.11 -49.38
C ILE G 234 9.23 -9.96 -48.59
N SER G 235 8.37 -9.19 -47.91
CA SER G 235 8.78 -7.91 -47.37
C SER G 235 9.14 -7.96 -45.91
N LEU G 236 8.62 -8.94 -45.19
CA LEU G 236 9.04 -9.16 -43.81
C LEU G 236 8.82 -10.59 -43.38
N ALA G 237 9.81 -11.16 -42.70
CA ALA G 237 9.64 -12.44 -42.02
C ALA G 237 9.81 -12.21 -40.53
N VAL G 238 9.04 -12.95 -39.74
CA VAL G 238 9.08 -12.83 -38.30
C VAL G 238 9.18 -14.21 -37.69
N ALA G 239 10.01 -14.33 -36.65
CA ALA G 239 10.01 -15.52 -35.82
C ALA G 239 9.63 -15.14 -34.41
N PHE G 240 8.73 -15.92 -33.81
CA PHE G 240 8.22 -15.67 -32.48
C PHE G 240 8.85 -16.65 -31.50
N LYS G 241 9.34 -16.14 -30.37
CA LYS G 241 9.81 -17.01 -29.31
C LYS G 241 9.36 -16.34 -28.03
N ARG G 242 8.47 -16.99 -27.27
CA ARG G 242 7.86 -16.27 -26.15
C ARG G 242 8.98 -15.87 -25.19
N SER G 243 9.92 -16.78 -24.98
CA SER G 243 11.13 -16.49 -24.19
C SER G 243 12.36 -17.00 -24.88
N LEU G 244 13.52 -16.48 -24.51
CA LEU G 244 14.75 -16.94 -25.10
C LEU G 244 15.61 -17.79 -24.15
N ARG G 245 16.35 -18.73 -24.72
CA ARG G 245 17.51 -19.34 -24.06
C ARG G 245 18.67 -19.29 -25.05
N SER G 246 19.91 -19.17 -24.58
CA SER G 246 21.04 -18.97 -25.48
C SER G 246 21.11 -20.00 -26.59
N ASP G 247 20.67 -21.23 -26.33
CA ASP G 247 20.70 -22.27 -27.35
C ASP G 247 19.53 -22.22 -28.34
N ARG G 248 18.46 -21.49 -28.01
CA ARG G 248 17.26 -21.47 -28.86
C ARG G 248 17.20 -20.24 -29.77
N LEU G 249 18.36 -19.67 -30.08
CA LEU G 249 18.39 -18.42 -30.85
C LEU G 249 18.65 -18.66 -32.33
N TYR G 250 19.12 -19.86 -32.64
CA TYR G 250 19.84 -20.07 -33.89
C TYR G 250 19.02 -20.50 -35.10
N GLN G 251 17.80 -20.97 -34.88
CA GLN G 251 16.98 -21.31 -36.02
C GLN G 251 16.62 -20.06 -36.84
N PRO G 252 16.11 -18.99 -36.20
CA PRO G 252 15.85 -17.79 -37.01
C PRO G 252 17.12 -17.19 -37.65
N LEU G 253 18.24 -17.20 -36.95
CA LEU G 253 19.46 -16.59 -37.47
C LEU G 253 19.94 -17.35 -38.71
N TYR G 254 19.96 -18.67 -38.61
CA TYR G 254 20.37 -19.48 -39.76
C TYR G 254 19.42 -19.35 -40.96
N GLU G 255 18.12 -19.40 -40.70
CA GLU G 255 17.17 -19.35 -41.80
C GLU G 255 17.21 -17.98 -42.49
N ALA G 256 17.34 -16.91 -41.72
CA ALA G 256 17.50 -15.59 -42.32
C ALA G 256 18.69 -15.60 -43.28
N ASN G 257 19.78 -16.22 -42.86
CA ASN G 257 20.98 -16.30 -43.70
C ASN G 257 20.71 -17.04 -45.01
N VAL G 258 19.99 -18.16 -44.93
CA VAL G 258 19.73 -18.94 -46.14
C VAL G 258 18.75 -18.18 -47.03
N MET G 259 17.88 -17.40 -46.41
CA MET G 259 16.91 -16.61 -47.17
C MET G 259 17.60 -15.47 -47.91
N GLN G 260 18.58 -14.86 -47.27
CA GLN G 260 19.29 -13.76 -47.89
C GLN G 260 20.22 -14.25 -48.99
N LEU G 261 20.85 -15.40 -48.76
CA LEU G 261 21.63 -16.03 -49.81
C LEU G 261 20.80 -16.35 -51.05
N LEU G 262 19.65 -17.01 -50.87
CA LEU G 262 18.82 -17.37 -52.02
C LEU G 262 18.08 -16.18 -52.64
N LEU G 263 17.53 -15.31 -51.81
CA LEU G 263 16.70 -14.21 -52.31
C LEU G 263 17.55 -13.08 -52.86
N GLU G 264 18.54 -12.66 -52.09
CA GLU G 264 19.38 -11.52 -52.48
C GLU G 264 20.44 -11.97 -53.46
N GLY G 265 21.06 -13.11 -53.16
CA GLY G 265 22.18 -13.62 -53.93
C GLY G 265 21.81 -14.28 -55.24
N LYS G 266 20.87 -15.22 -55.19
CA LYS G 266 20.47 -15.98 -56.38
C LYS G 266 19.28 -15.39 -57.14
N LEU G 267 18.48 -14.54 -56.48
CA LEU G 267 17.27 -14.02 -57.12
C LEU G 267 17.19 -12.49 -57.19
N GLY G 268 18.22 -11.82 -56.72
CA GLY G 268 18.35 -10.38 -56.90
C GLY G 268 17.33 -9.51 -56.20
N ALA G 269 16.80 -10.01 -55.08
CA ALA G 269 15.88 -9.21 -54.26
C ALA G 269 16.64 -8.23 -53.38
N PRO G 270 15.98 -7.12 -53.01
CA PRO G 270 16.55 -6.19 -52.03
C PRO G 270 16.74 -6.89 -50.68
N LYS G 271 17.38 -6.19 -49.75
CA LYS G 271 17.62 -6.70 -48.40
C LYS G 271 16.39 -7.41 -47.83
N VAL G 272 16.58 -8.65 -47.39
CA VAL G 272 15.53 -9.40 -46.72
C VAL G 272 15.36 -8.97 -45.26
N GLU G 273 14.16 -8.52 -44.90
CA GLU G 273 13.88 -8.09 -43.54
C GLU G 273 13.34 -9.24 -42.67
N PHE G 274 14.16 -9.70 -41.73
CA PHE G 274 13.79 -10.84 -40.89
C PHE G 274 14.02 -10.43 -39.43
N GLU G 275 12.96 -10.45 -38.63
CA GLU G 275 13.07 -10.05 -37.23
C GLU G 275 12.58 -11.11 -36.28
N VAL G 276 12.97 -10.99 -35.01
CA VAL G 276 12.54 -11.95 -34.01
C VAL G 276 11.74 -11.22 -32.92
N HIS G 277 10.65 -11.83 -32.44
CA HIS G 277 9.89 -11.26 -31.31
C HIS G 277 9.99 -12.14 -30.08
N THR G 278 10.11 -11.52 -28.91
CA THR G 278 10.08 -12.27 -27.66
C THR G 278 9.46 -11.44 -26.54
N LEU G 279 8.95 -12.13 -25.53
CA LEU G 279 8.39 -11.47 -24.35
C LEU G 279 9.43 -11.45 -23.24
N ALA G 280 10.48 -12.27 -23.38
CA ALA G 280 11.41 -12.49 -22.27
C ALA G 280 12.81 -12.89 -22.73
N PRO G 281 13.62 -11.88 -23.10
CA PRO G 281 15.00 -12.05 -23.61
C PRO G 281 16.00 -12.52 -22.56
N GLU G 282 15.64 -12.47 -21.28
CA GLU G 282 16.48 -13.02 -20.20
C GLU G 282 17.95 -12.59 -20.31
N GLY G 283 18.19 -11.30 -20.20
CA GLY G 283 19.54 -10.77 -20.37
C GLY G 283 19.73 -9.98 -21.65
N THR G 284 21.00 -9.79 -22.04
CA THR G 284 21.32 -9.02 -23.23
C THR G 284 22.11 -9.84 -24.25
N ASN G 285 22.35 -11.11 -23.93
CA ASN G 285 23.13 -11.97 -24.80
C ASN G 285 22.51 -12.04 -26.19
N ALA G 286 21.20 -12.22 -26.24
CA ALA G 286 20.50 -12.34 -27.52
C ALA G 286 20.62 -11.10 -28.40
N PHE G 287 20.60 -9.90 -27.80
CA PHE G 287 20.69 -8.67 -28.58
C PHE G 287 22.04 -8.62 -29.30
N VAL G 288 23.11 -9.00 -28.59
CA VAL G 288 24.44 -9.07 -29.16
C VAL G 288 24.50 -10.15 -30.24
N THR G 289 23.90 -11.29 -29.98
CA THR G 289 23.93 -12.40 -30.93
C THR G 289 23.27 -12.01 -32.26
N TYR G 290 22.15 -11.29 -32.18
CA TYR G 290 21.38 -10.94 -33.37
C TYR G 290 21.93 -9.70 -34.08
N GLU G 291 23.12 -9.29 -33.69
CA GLU G 291 23.86 -8.24 -34.38
C GLU G 291 24.64 -8.87 -35.52
N ALA G 292 24.64 -10.20 -35.58
CA ALA G 292 25.49 -10.91 -36.52
C ALA G 292 25.27 -10.45 -37.96
N ALA G 293 26.35 -10.25 -38.69
CA ALA G 293 26.24 -9.92 -40.11
C ALA G 293 25.75 -11.11 -40.95
N SER G 294 24.93 -10.81 -41.95
CA SER G 294 24.53 -11.83 -42.93
C SER G 294 25.78 -12.42 -43.58
N LEU G 295 25.98 -13.73 -43.40
CA LEU G 295 27.15 -14.41 -43.91
C LEU G 295 27.28 -14.25 -45.42
N TYR G 296 26.14 -14.26 -46.11
CA TYR G 296 26.16 -14.00 -47.53
C TYR G 296 26.74 -12.62 -47.81
N GLY G 297 26.26 -11.63 -47.06
CA GLY G 297 26.70 -10.26 -47.21
C GLY G 297 28.19 -10.07 -46.99
N LEU G 298 28.78 -10.92 -46.17
CA LEU G 298 30.20 -10.82 -45.90
C LEU G 298 31.01 -11.42 -47.05
N ALA G 299 30.58 -12.57 -47.52
CA ALA G 299 31.29 -13.25 -48.59
C ALA G 299 31.27 -12.46 -49.89
N GLU G 300 30.30 -11.56 -50.04
CA GLU G 300 30.11 -10.84 -51.30
C GLU G 300 30.48 -9.36 -51.24
N GLY G 301 31.27 -8.91 -52.21
CA GLY G 301 31.63 -7.51 -52.32
C GLY G 301 30.87 -6.84 -53.46
N VAL G 305 26.95 -5.04 -46.80
CA VAL G 305 26.63 -5.97 -45.73
C VAL G 305 25.63 -5.39 -44.73
N HIS G 306 24.67 -6.22 -44.31
CA HIS G 306 23.67 -5.81 -43.33
C HIS G 306 23.43 -6.95 -42.35
N ARG G 307 22.64 -6.72 -41.31
CA ARG G 307 22.40 -7.78 -40.34
C ARG G 307 21.54 -8.90 -40.92
N ALA G 308 21.85 -10.13 -40.53
CA ALA G 308 20.99 -11.25 -40.85
C ALA G 308 19.61 -11.05 -40.20
N ILE G 309 19.60 -10.68 -38.93
CA ILE G 309 18.37 -10.44 -38.21
C ILE G 309 18.31 -8.95 -37.91
N ARG G 310 17.31 -8.29 -38.48
CA ARG G 310 17.21 -6.84 -38.41
C ARG G 310 17.06 -6.33 -36.97
N GLU G 311 16.32 -7.07 -36.13
CA GLU G 311 16.02 -6.59 -34.80
C GLU G 311 15.45 -7.69 -33.92
N LEU G 312 15.86 -7.69 -32.65
CA LEU G 312 15.17 -8.46 -31.64
C LEU G 312 14.19 -7.51 -30.93
N TYR G 313 12.89 -7.70 -31.18
CA TYR G 313 11.84 -6.82 -30.65
C TYR G 313 11.15 -7.43 -29.44
N VAL G 314 10.85 -6.60 -28.45
CA VAL G 314 10.17 -7.04 -27.23
C VAL G 314 8.90 -6.20 -27.00
N PRO G 315 7.75 -6.65 -27.54
CA PRO G 315 6.51 -5.86 -27.48
C PRO G 315 6.00 -5.61 -26.08
N PRO G 316 5.89 -4.34 -25.65
CA PRO G 316 5.38 -4.06 -24.31
C PRO G 316 3.88 -4.32 -24.23
N THR G 317 3.18 -3.91 -25.28
CA THR G 317 1.73 -4.00 -25.34
C THR G 317 1.37 -4.41 -26.77
N ALA G 318 0.14 -4.87 -26.95
CA ALA G 318 -0.35 -5.21 -28.30
C ALA G 318 -0.47 -3.95 -29.13
N ALA G 319 -0.74 -2.83 -28.50
CA ALA G 319 -0.82 -1.58 -29.28
C ALA G 319 0.54 -1.21 -29.86
N ASP G 320 1.60 -1.46 -29.11
CA ASP G 320 2.96 -1.15 -29.59
C ASP G 320 3.30 -2.05 -30.75
N LEU G 321 2.83 -3.30 -30.71
CA LEU G 321 3.15 -4.25 -31.76
C LEU G 321 2.52 -3.72 -33.02
N ALA G 322 1.28 -3.27 -32.91
CA ALA G 322 0.56 -2.74 -34.06
C ALA G 322 1.19 -1.44 -34.54
N ARG G 323 1.55 -0.56 -33.61
CA ARG G 323 2.21 0.68 -33.97
C ARG G 323 3.46 0.41 -34.80
N ARG G 324 4.25 -0.54 -34.31
CA ARG G 324 5.53 -0.86 -34.92
C ARG G 324 5.38 -1.38 -36.34
N PHE G 325 4.34 -2.19 -36.55
CA PHE G 325 4.10 -2.79 -37.85
C PHE G 325 3.60 -1.75 -38.86
N PHE G 326 2.68 -0.89 -38.43
CA PHE G 326 2.21 0.17 -39.33
C PHE G 326 3.40 1.01 -39.77
N ALA G 327 4.29 1.33 -38.84
CA ALA G 327 5.44 2.18 -39.14
C ALA G 327 6.42 1.50 -40.07
N PHE G 328 6.57 0.19 -39.93
CA PHE G 328 7.44 -0.58 -40.82
C PHE G 328 6.85 -0.58 -42.23
N LEU G 329 5.55 -0.81 -42.33
CA LEU G 329 4.88 -0.78 -43.61
C LEU G 329 5.07 0.57 -44.28
N ASN G 330 4.98 1.64 -43.49
CA ASN G 330 5.06 2.99 -44.03
C ASN G 330 6.35 3.22 -44.80
N GLU G 331 7.43 2.62 -44.31
CA GLU G 331 8.73 2.77 -44.97
C GLU G 331 9.01 1.68 -46.00
N ARG G 332 8.77 0.42 -45.63
CA ARG G 332 9.07 -0.69 -46.52
C ARG G 332 8.26 -0.68 -47.83
N MET G 333 7.07 -0.10 -47.81
CA MET G 333 6.21 -0.16 -49.00
C MET G 333 6.47 0.99 -49.96
N GLU G 334 7.34 1.92 -49.56
CA GLU G 334 7.77 2.97 -50.50
C GLU G 334 8.59 2.32 -51.60
N LEU G 335 9.24 1.22 -51.28
CA LEU G 335 10.06 0.51 -52.25
C LEU G 335 9.22 -0.06 -53.39
N VAL G 336 7.90 0.05 -53.23
CA VAL G 336 6.98 -0.51 -54.20
C VAL G 336 6.32 0.61 -55.00
N ASN G 337 6.25 0.43 -56.31
CA ASN G 337 5.65 1.43 -57.19
C ASN G 337 4.14 1.51 -57.02
N GLY G 338 3.63 2.74 -56.95
CA GLY G 338 2.21 2.99 -56.82
C GLY G 338 1.37 2.40 -57.94
N PRO H 1 -19.11 -14.09 2.72
CA PRO H 1 -20.48 -14.28 3.20
C PRO H 1 -20.87 -15.74 3.02
N PHE H 2 -22.15 -16.04 3.10
CA PHE H 2 -22.57 -17.43 3.04
C PHE H 2 -22.51 -17.95 1.61
N THR H 3 -23.01 -17.17 0.67
CA THR H 3 -22.80 -17.48 -0.74
C THR H 3 -21.48 -16.83 -1.13
N TYR H 4 -20.61 -17.57 -1.80
CA TYR H 4 -19.30 -17.03 -2.11
C TYR H 4 -19.38 -15.76 -2.97
N SER H 5 -18.65 -14.72 -2.56
CA SER H 5 -18.53 -13.50 -3.35
C SER H 5 -17.07 -13.11 -3.55
N ILE H 6 -16.69 -12.92 -4.81
CA ILE H 6 -15.32 -12.54 -5.16
C ILE H 6 -14.96 -11.15 -4.64
N GLU H 7 -15.95 -10.27 -4.61
CA GLU H 7 -15.76 -8.94 -4.06
C GLU H 7 -15.41 -9.06 -2.59
N ALA H 8 -16.26 -9.75 -1.83
CA ALA H 8 -16.01 -9.93 -0.40
C ALA H 8 -14.59 -10.43 -0.19
N THR H 9 -14.23 -11.49 -0.91
CA THR H 9 -12.93 -12.12 -0.73
C THR H 9 -11.77 -11.17 -1.03
N ARG H 10 -11.92 -10.38 -2.09
CA ARG H 10 -10.83 -9.51 -2.51
C ARG H 10 -10.60 -8.40 -1.48
N ASN H 11 -11.66 -8.05 -0.76
CA ASN H 11 -11.61 -7.00 0.25
C ASN H 11 -11.08 -7.44 1.60
N LEU H 12 -10.55 -8.66 1.70
CA LEU H 12 -10.04 -9.14 2.98
C LEU H 12 -8.56 -8.88 3.10
N ALA H 13 -8.13 -8.44 4.28
CA ALA H 13 -6.72 -8.44 4.58
C ALA H 13 -6.22 -9.86 4.38
N THR H 14 -4.91 -10.02 4.17
CA THR H 14 -4.38 -11.35 3.90
C THR H 14 -4.59 -12.27 5.10
N THR H 15 -4.46 -11.71 6.31
CA THR H 15 -4.60 -12.50 7.53
C THR H 15 -6.05 -12.88 7.83
N GLU H 16 -6.96 -12.46 6.96
CA GLU H 16 -8.37 -12.77 7.14
C GLU H 16 -8.87 -13.78 6.11
N ARG H 17 -8.03 -14.09 5.13
CA ARG H 17 -8.41 -15.00 4.06
C ARG H 17 -8.59 -16.43 4.59
N CYS H 18 -9.52 -17.16 3.99
CA CYS H 18 -9.87 -18.51 4.46
C CYS H 18 -8.73 -19.49 4.32
N ILE H 19 -7.79 -19.19 3.44
CA ILE H 19 -6.66 -20.08 3.21
C ILE H 19 -5.41 -19.29 3.49
N GLN H 20 -4.54 -19.86 4.32
CA GLN H 20 -3.26 -19.23 4.61
C GLN H 20 -2.13 -19.98 3.90
N ASP H 21 -1.49 -19.30 2.96
CA ASP H 21 -0.31 -19.85 2.29
C ASP H 21 0.82 -19.93 3.32
N ILE H 22 1.19 -21.14 3.71
CA ILE H 22 2.24 -21.33 4.70
C ILE H 22 3.38 -22.13 4.13
N ARG H 23 3.65 -21.87 2.85
CA ARG H 23 4.79 -22.46 2.16
C ARG H 23 6.06 -21.69 2.52
N ASN H 24 7.17 -22.40 2.67
CA ASN H 24 8.43 -21.74 2.92
C ASN H 24 8.80 -20.88 1.72
N ALA H 25 9.48 -19.75 1.97
CA ALA H 25 9.94 -18.89 0.89
C ALA H 25 10.90 -19.67 -0.02
N PRO H 26 10.81 -19.44 -1.34
CA PRO H 26 11.64 -20.11 -2.36
C PRO H 26 13.12 -20.05 -2.05
N VAL H 27 13.83 -21.13 -2.36
CA VAL H 27 15.27 -21.18 -2.22
C VAL H 27 15.92 -20.66 -3.50
N ARG H 28 16.45 -19.44 -3.43
CA ARG H 28 17.03 -18.79 -4.60
C ARG H 28 16.06 -18.85 -5.77
N ASN H 29 14.79 -18.60 -5.48
CA ASN H 29 13.78 -18.34 -6.50
C ASN H 29 13.11 -19.58 -7.13
N ARG H 30 13.53 -20.77 -6.72
CA ARG H 30 12.95 -21.98 -7.33
C ARG H 30 12.17 -22.84 -6.36
N SER H 31 11.30 -23.69 -6.93
CA SER H 31 10.45 -24.58 -6.16
C SER H 31 11.08 -25.96 -5.97
N THR H 32 12.20 -26.21 -6.63
CA THR H 32 12.88 -27.50 -6.57
C THR H 32 12.93 -28.10 -5.16
N GLN H 33 12.60 -29.38 -5.05
CA GLN H 33 12.67 -30.08 -3.77
C GLN H 33 13.89 -30.97 -3.69
N PHE H 34 14.05 -31.81 -4.70
CA PHE H 34 15.16 -32.74 -4.75
C PHE H 34 16.04 -32.44 -5.95
N GLN H 35 17.33 -32.26 -5.69
CA GLN H 35 18.30 -31.91 -6.73
C GLN H 35 19.01 -33.13 -7.30
N LEU H 36 19.11 -33.20 -8.63
CA LEU H 36 19.92 -34.21 -9.31
C LEU H 36 21.37 -33.71 -9.35
N ALA H 37 22.23 -34.35 -8.57
CA ALA H 37 23.60 -33.87 -8.40
C ALA H 37 24.49 -34.51 -9.45
N GLN H 38 24.56 -33.90 -10.64
CA GLN H 38 25.20 -34.59 -11.76
C GLN H 38 26.67 -34.95 -11.48
N GLN H 39 27.41 -34.10 -10.79
CA GLN H 39 28.82 -34.44 -10.52
C GLN H 39 28.94 -35.64 -9.59
N ASN H 40 28.06 -35.71 -8.60
CA ASN H 40 28.02 -36.86 -7.70
C ASN H 40 27.56 -38.11 -8.44
N MET H 41 26.59 -37.95 -9.35
CA MET H 41 26.07 -39.10 -10.09
C MET H 41 27.12 -39.64 -11.03
N LEU H 42 27.87 -38.75 -11.67
CA LEU H 42 28.95 -39.18 -12.56
C LEU H 42 30.02 -39.93 -11.77
N ALA H 43 30.29 -39.49 -10.56
CA ALA H 43 31.33 -40.12 -9.73
C ALA H 43 30.86 -41.47 -9.22
N TYR H 44 29.57 -41.57 -8.94
CA TYR H 44 29.03 -42.83 -8.44
C TYR H 44 28.97 -43.82 -9.58
N THR H 45 28.28 -43.46 -10.66
CA THR H 45 28.07 -44.43 -11.72
C THR H 45 29.32 -44.76 -12.53
N PHE H 46 30.14 -43.76 -12.82
CA PHE H 46 31.30 -43.97 -13.67
C PHE H 46 32.65 -43.81 -12.93
N GLY H 47 32.61 -43.77 -11.60
CA GLY H 47 33.82 -43.61 -10.81
C GLY H 47 34.95 -44.56 -11.18
N GLU H 48 34.60 -45.78 -11.55
CA GLU H 48 35.59 -46.78 -11.93
C GLU H 48 35.44 -47.20 -13.37
N VAL H 49 34.60 -46.52 -14.13
CA VAL H 49 34.33 -46.96 -15.51
C VAL H 49 34.33 -45.86 -16.53
N ILE H 50 35.18 -46.03 -17.54
CA ILE H 50 35.09 -45.20 -18.74
C ILE H 50 34.65 -46.13 -19.89
N PRO H 51 33.43 -45.93 -20.41
CA PRO H 51 32.89 -46.86 -21.41
C PRO H 51 33.74 -46.88 -22.67
N GLY H 52 33.95 -48.06 -23.24
CA GLY H 52 34.86 -48.24 -24.36
C GLY H 52 36.20 -48.75 -23.85
N PHE H 53 36.51 -48.43 -22.60
CA PHE H 53 37.79 -48.78 -22.01
C PHE H 53 37.56 -49.57 -20.73
N ALA H 54 36.38 -50.17 -20.62
CA ALA H 54 36.02 -50.92 -19.42
C ALA H 54 35.80 -52.38 -19.78
N SER H 55 34.83 -53.01 -19.12
CA SER H 55 34.49 -54.40 -19.39
C SER H 55 33.78 -54.56 -20.74
N ALA H 56 33.88 -55.75 -21.32
CA ALA H 56 33.29 -56.03 -22.62
C ALA H 56 31.80 -55.72 -22.63
N GLY H 57 31.11 -56.10 -21.57
CA GLY H 57 29.69 -55.84 -21.47
C GLY H 57 29.48 -54.36 -21.73
N ILE H 58 29.96 -53.56 -20.80
CA ILE H 58 29.85 -52.11 -20.85
C ILE H 58 30.27 -51.52 -22.21
N ASN H 59 31.38 -52.02 -22.75
CA ASN H 59 31.91 -51.45 -23.98
C ASN H 59 30.99 -51.67 -25.18
N GLY H 60 30.29 -52.81 -25.16
CA GLY H 60 29.41 -53.18 -26.24
C GLY H 60 27.93 -53.00 -25.91
N MET H 61 27.65 -52.48 -24.72
CA MET H 61 26.27 -52.20 -24.31
C MET H 61 25.64 -51.07 -25.15
N ASP H 62 24.35 -51.20 -25.47
CA ASP H 62 23.54 -50.10 -25.99
C ASP H 62 23.95 -48.77 -25.34
N TYR H 63 24.45 -47.84 -26.13
CA TYR H 63 25.03 -46.64 -25.54
C TYR H 63 23.95 -45.81 -24.83
N ARG H 64 22.71 -45.93 -25.29
CA ARG H 64 21.60 -45.25 -24.62
C ARG H 64 21.44 -45.71 -23.17
N ASP H 65 21.63 -47.01 -22.91
CA ASP H 65 21.48 -47.48 -21.55
C ASP H 65 22.70 -47.09 -20.73
N VAL H 66 23.84 -46.91 -21.38
CA VAL H 66 25.04 -46.47 -20.67
C VAL H 66 24.78 -45.07 -20.16
N ILE H 67 24.48 -44.16 -21.09
CA ILE H 67 24.19 -42.78 -20.77
C ILE H 67 23.05 -42.63 -19.77
N GLY H 68 22.08 -43.53 -19.83
CA GLY H 68 20.94 -43.48 -18.92
C GLY H 68 21.14 -43.99 -17.49
N ARG H 69 22.21 -44.76 -17.28
CA ARG H 69 22.44 -45.39 -15.97
C ARG H 69 22.51 -44.37 -14.81
N PRO H 70 23.24 -43.26 -14.98
CA PRO H 70 23.34 -42.34 -13.85
C PRO H 70 22.00 -41.81 -13.33
N VAL H 71 21.06 -41.49 -14.22
CA VAL H 71 19.76 -40.98 -13.76
C VAL H 71 18.97 -42.11 -13.10
N GLU H 72 19.02 -43.27 -13.73
CA GLU H 72 18.45 -44.50 -13.20
C GLU H 72 18.99 -44.78 -11.78
N ASN H 73 20.30 -44.71 -11.60
CA ASN H 73 20.90 -44.87 -10.28
C ASN H 73 20.50 -43.78 -9.28
N ALA H 74 20.47 -42.54 -9.72
CA ALA H 74 20.08 -41.45 -8.83
C ALA H 74 18.63 -41.59 -8.37
N VAL H 75 17.79 -42.19 -9.21
CA VAL H 75 16.38 -42.32 -8.87
C VAL H 75 16.25 -43.43 -7.84
N THR H 76 16.88 -44.56 -8.13
CA THR H 76 16.98 -45.63 -7.16
C THR H 76 17.39 -45.04 -5.81
N GLU H 77 18.45 -44.24 -5.79
CA GLU H 77 18.89 -43.64 -4.53
C GLU H 77 17.87 -42.70 -3.93
N GLY H 78 17.22 -41.91 -4.77
CA GLY H 78 16.19 -41.00 -4.30
C GLY H 78 15.04 -41.76 -3.66
N THR H 79 14.67 -42.90 -4.26
CA THR H 79 13.58 -43.72 -3.75
C THR H 79 13.93 -44.31 -2.38
N HIS H 80 15.20 -44.62 -2.20
CA HIS H 80 15.67 -45.20 -0.95
C HIS H 80 15.50 -44.24 0.21
N PHE H 81 16.02 -43.03 0.06
CA PHE H 81 15.98 -42.07 1.14
C PHE H 81 14.64 -41.36 1.28
N PHE H 82 13.93 -41.17 0.16
CA PHE H 82 12.76 -40.31 0.22
C PHE H 82 11.45 -41.00 -0.15
N ARG H 83 11.53 -42.26 -0.54
CA ARG H 83 10.34 -43.10 -0.68
C ARG H 83 9.34 -42.57 -1.72
N ASP H 84 8.05 -42.57 -1.36
CA ASP H 84 7.02 -42.06 -2.27
C ASP H 84 6.95 -40.53 -2.24
N ASP H 85 7.86 -39.92 -1.48
CA ASP H 85 7.97 -38.47 -1.51
C ASP H 85 8.94 -38.03 -2.60
N PHE H 86 9.77 -38.94 -3.09
CA PHE H 86 10.79 -38.55 -4.05
C PHE H 86 10.25 -38.27 -5.44
N ARG H 87 10.55 -37.08 -5.95
CA ARG H 87 10.12 -36.67 -7.28
C ARG H 87 11.00 -35.58 -7.88
N VAL H 88 11.34 -35.76 -9.17
CA VAL H 88 12.05 -34.72 -9.92
C VAL H 88 11.32 -34.38 -11.22
N ASP H 89 11.37 -33.10 -11.61
CA ASP H 89 10.75 -32.59 -12.84
C ASP H 89 11.48 -33.17 -14.04
N SER H 90 10.77 -33.40 -15.14
CA SER H 90 11.46 -33.96 -16.30
C SER H 90 12.50 -32.98 -16.87
N ASN H 91 12.34 -31.69 -16.61
CA ASN H 91 13.31 -30.71 -17.08
C ASN H 91 14.65 -30.87 -16.38
N ALA H 92 14.66 -31.50 -15.21
CA ALA H 92 15.90 -31.76 -14.48
C ALA H 92 16.56 -33.02 -15.02
N LYS H 93 15.77 -34.07 -15.23
CA LYS H 93 16.31 -35.27 -15.83
C LYS H 93 16.89 -34.95 -17.22
N ALA H 94 16.24 -34.02 -17.92
CA ALA H 94 16.67 -33.62 -19.25
C ALA H 94 17.97 -32.82 -19.22
N LYS H 95 18.05 -31.83 -18.33
CA LYS H 95 19.30 -31.10 -18.14
C LYS H 95 20.45 -32.05 -17.85
N VAL H 96 20.28 -32.90 -16.84
CA VAL H 96 21.35 -33.78 -16.43
C VAL H 96 21.67 -34.85 -17.48
N ALA H 97 20.65 -35.44 -18.08
CA ALA H 97 20.91 -36.49 -19.07
C ALA H 97 21.78 -35.94 -20.20
N GLY H 98 21.55 -34.69 -20.59
CA GLY H 98 22.33 -34.07 -21.65
C GLY H 98 23.78 -33.85 -21.26
N ASP H 99 24.01 -33.22 -20.12
CA ASP H 99 25.39 -32.99 -19.67
C ASP H 99 26.13 -34.32 -19.53
N ILE H 100 25.43 -35.34 -19.03
CA ILE H 100 26.04 -36.67 -18.93
C ILE H 100 26.45 -37.25 -20.29
N PHE H 101 25.58 -37.13 -21.29
CA PHE H 101 25.88 -37.64 -22.62
C PHE H 101 27.17 -36.99 -23.10
N GLU H 102 27.27 -35.69 -22.88
CA GLU H 102 28.41 -34.91 -23.33
C GLU H 102 29.67 -35.24 -22.53
N ILE H 103 29.59 -35.13 -21.21
CA ILE H 103 30.74 -35.36 -20.37
C ILE H 103 31.27 -36.77 -20.58
N VAL H 104 30.38 -37.77 -20.60
CA VAL H 104 30.82 -39.15 -20.79
C VAL H 104 31.46 -39.39 -22.16
N SER H 105 30.81 -38.96 -23.23
CA SER H 105 31.40 -39.12 -24.57
C SER H 105 32.76 -38.42 -24.69
N SER H 106 32.88 -37.25 -24.08
CA SER H 106 34.14 -36.51 -24.13
C SER H 106 35.24 -37.23 -23.38
N ALA H 107 34.85 -38.03 -22.39
CA ALA H 107 35.77 -38.84 -21.62
C ALA H 107 36.22 -40.06 -22.41
N VAL H 108 35.30 -40.72 -23.11
CA VAL H 108 35.69 -41.81 -23.99
C VAL H 108 36.73 -41.28 -24.96
N MET H 109 36.45 -40.12 -25.56
CA MET H 109 37.39 -39.51 -26.51
C MET H 109 38.72 -39.10 -25.84
N TRP H 110 38.66 -38.62 -24.59
CA TRP H 110 39.90 -38.32 -23.86
C TRP H 110 40.80 -39.54 -23.81
N ASN H 111 40.29 -40.65 -23.28
CA ASN H 111 41.05 -41.89 -23.35
C ASN H 111 41.54 -42.27 -24.73
N CYS H 112 40.69 -42.12 -25.75
CA CYS H 112 41.14 -42.42 -27.11
C CYS H 112 42.37 -41.58 -27.43
N ALA H 113 42.27 -40.29 -27.16
CA ALA H 113 43.39 -39.39 -27.40
C ALA H 113 44.61 -39.86 -26.60
N ALA H 114 44.40 -40.36 -25.39
CA ALA H 114 45.52 -40.89 -24.60
C ALA H 114 46.21 -42.07 -25.29
N ARG H 115 45.44 -43.09 -25.67
CA ARG H 115 45.97 -44.28 -26.32
C ARG H 115 46.71 -43.89 -27.59
N TRP H 116 46.12 -42.96 -28.34
CA TRP H 116 46.71 -42.47 -29.57
C TRP H 116 48.03 -41.75 -29.32
N ASN H 117 48.06 -40.90 -28.30
CA ASN H 117 49.24 -40.08 -28.04
C ASN H 117 50.39 -40.96 -27.61
N SER H 118 50.07 -41.95 -26.80
CA SER H 118 51.04 -42.91 -26.33
C SER H 118 51.70 -43.58 -27.55
N LEU H 119 50.89 -44.09 -28.47
CA LEU H 119 51.41 -44.63 -29.71
C LEU H 119 52.28 -43.62 -30.43
N MET H 120 51.85 -42.36 -30.46
CA MET H 120 52.56 -41.37 -31.26
C MET H 120 53.99 -41.10 -30.76
N VAL H 121 54.22 -41.30 -29.47
CA VAL H 121 55.53 -40.96 -28.91
C VAL H 121 56.42 -42.17 -28.82
N GLY H 122 55.91 -43.33 -29.26
CA GLY H 122 56.76 -44.48 -29.43
C GLY H 122 56.56 -45.54 -28.36
N GLU H 123 55.53 -45.37 -27.54
CA GLU H 123 55.27 -46.30 -26.46
C GLU H 123 54.44 -47.49 -26.88
N GLY H 124 54.10 -47.55 -28.17
CA GLY H 124 53.27 -48.65 -28.66
C GLY H 124 51.77 -48.50 -28.41
N TRP H 125 51.03 -49.52 -28.81
CA TRP H 125 49.58 -49.49 -28.81
C TRP H 125 49.03 -50.37 -27.70
N ARG H 126 48.31 -49.76 -26.76
CA ARG H 126 47.76 -50.53 -25.64
C ARG H 126 46.70 -51.50 -26.11
N SER H 127 46.70 -52.69 -25.52
CA SER H 127 45.99 -53.83 -26.10
C SER H 127 44.66 -54.14 -25.43
N GLN H 128 44.35 -53.45 -24.34
CA GLN H 128 43.14 -53.78 -23.59
C GLN H 128 42.27 -52.56 -23.26
N PRO H 129 41.03 -52.55 -23.77
CA PRO H 129 40.47 -53.58 -24.64
C PRO H 129 41.13 -53.51 -26.01
N ARG H 130 40.81 -54.46 -26.89
CA ARG H 130 41.43 -54.48 -28.21
C ARG H 130 40.71 -53.60 -29.23
N TYR H 131 41.47 -52.69 -29.84
CA TYR H 131 41.01 -51.88 -30.96
C TYR H 131 42.10 -52.02 -32.02
N SER H 132 41.74 -51.96 -33.30
CA SER H 132 42.77 -52.12 -34.31
C SER H 132 43.84 -51.03 -34.16
N ARG H 133 45.07 -51.38 -34.51
CA ARG H 133 46.19 -50.46 -34.38
C ARG H 133 46.21 -49.50 -35.57
N PRO H 134 46.19 -48.19 -35.29
CA PRO H 134 46.36 -47.17 -36.32
C PRO H 134 47.53 -47.50 -37.26
N THR H 135 47.38 -47.19 -38.55
CA THR H 135 48.43 -47.43 -39.53
C THR H 135 49.25 -46.17 -39.83
N LEU H 136 48.81 -45.03 -39.30
CA LEU H 136 49.57 -43.79 -39.48
C LEU H 136 50.91 -43.92 -38.77
N SER H 137 51.98 -43.44 -39.41
CA SER H 137 53.30 -43.53 -38.79
C SER H 137 53.44 -42.55 -37.62
N PRO H 138 53.72 -43.10 -36.43
CA PRO H 138 53.75 -42.40 -35.16
C PRO H 138 54.69 -41.21 -35.19
N SER H 139 54.24 -40.09 -34.65
CA SER H 139 55.09 -38.94 -34.43
C SER H 139 54.57 -38.11 -33.28
N PRO H 140 55.48 -37.69 -32.39
CA PRO H 140 55.11 -36.81 -31.28
C PRO H 140 54.34 -35.61 -31.80
N ARG H 141 54.64 -35.21 -33.03
CA ARG H 141 54.01 -34.03 -33.61
C ARG H 141 52.54 -34.26 -34.05
N ARG H 142 52.09 -35.51 -33.98
CA ARG H 142 50.73 -35.85 -34.39
C ARG H 142 49.84 -36.16 -33.20
N GLN H 143 50.27 -35.73 -32.02
CA GLN H 143 49.48 -35.89 -30.81
C GLN H 143 48.39 -34.85 -30.81
N VAL H 144 47.32 -35.15 -30.09
CA VAL H 144 46.20 -34.25 -30.00
C VAL H 144 45.71 -34.12 -28.57
N ALA H 145 44.94 -33.06 -28.31
CA ALA H 145 44.22 -32.92 -27.05
C ALA H 145 42.71 -32.86 -27.26
N VAL H 146 41.97 -33.58 -26.43
CA VAL H 146 40.51 -33.51 -26.42
C VAL H 146 40.05 -32.50 -25.37
N LEU H 147 39.39 -31.43 -25.81
CA LEU H 147 39.03 -30.33 -24.94
C LEU H 147 37.52 -30.21 -24.77
N ASN H 148 37.01 -30.67 -23.63
CA ASN H 148 35.60 -30.47 -23.29
C ASN H 148 35.42 -28.99 -22.94
N LEU H 149 34.67 -28.26 -23.75
CA LEU H 149 34.66 -26.81 -23.64
C LEU H 149 33.58 -26.29 -22.70
N PRO H 150 33.89 -25.26 -21.91
CA PRO H 150 32.97 -24.83 -20.85
C PRO H 150 31.71 -24.10 -21.33
N ARG H 151 30.71 -24.05 -20.47
CA ARG H 151 29.60 -23.14 -20.66
C ARG H 151 30.15 -21.74 -20.73
N SER H 152 29.61 -20.94 -21.64
CA SER H 152 30.04 -19.56 -21.84
C SER H 152 31.31 -19.42 -22.70
N PHE H 153 31.97 -20.53 -23.02
CA PHE H 153 33.19 -20.46 -23.80
C PHE H 153 33.06 -19.71 -25.14
N ASP H 154 34.17 -19.13 -25.57
CA ASP H 154 34.28 -18.59 -26.92
C ASP H 154 35.43 -19.32 -27.57
N TRP H 155 35.20 -20.03 -28.66
CA TRP H 155 36.26 -20.83 -29.24
C TRP H 155 37.42 -19.97 -29.76
N VAL H 156 37.19 -18.68 -30.01
CA VAL H 156 38.24 -17.84 -30.57
C VAL H 156 39.44 -17.77 -29.60
N SER H 157 39.15 -17.92 -28.31
CA SER H 157 40.16 -17.77 -27.25
C SER H 157 41.16 -18.93 -27.23
N LEU H 158 40.89 -19.96 -28.03
CA LEU H 158 41.84 -21.06 -28.19
C LEU H 158 43.00 -20.67 -29.12
N LEU H 159 42.73 -19.70 -29.98
CA LEU H 159 43.65 -19.35 -31.05
C LEU H 159 44.82 -18.56 -30.52
N VAL H 160 46.01 -18.86 -31.03
CA VAL H 160 47.20 -18.06 -30.75
C VAL H 160 46.88 -16.58 -30.99
N PRO H 161 47.48 -15.70 -30.19
CA PRO H 161 47.11 -14.28 -30.11
C PRO H 161 47.09 -13.58 -31.46
N GLU H 162 47.95 -14.00 -32.40
CA GLU H 162 48.05 -13.35 -33.70
C GLU H 162 46.88 -13.71 -34.61
N SER H 163 46.31 -14.89 -34.39
CA SER H 163 45.11 -15.27 -35.12
C SER H 163 43.90 -14.54 -34.57
N GLN H 164 43.87 -14.36 -33.25
CA GLN H 164 42.78 -13.65 -32.62
C GLN H 164 42.81 -12.20 -33.05
N GLU H 165 44.01 -11.69 -33.30
CA GLU H 165 44.17 -10.29 -33.70
C GLU H 165 43.60 -10.05 -35.09
N VAL H 166 43.75 -11.04 -35.98
CA VAL H 166 43.16 -10.95 -37.32
C VAL H 166 41.64 -10.87 -37.24
N ILE H 167 41.07 -11.68 -36.34
CA ILE H 167 39.64 -11.70 -36.18
C ILE H 167 39.16 -10.40 -35.54
N GLU H 168 39.82 -9.98 -34.48
CA GLU H 168 39.41 -8.75 -33.82
C GLU H 168 39.44 -7.54 -34.75
N GLU H 169 40.40 -7.53 -35.68
CA GLU H 169 40.48 -6.42 -36.63
C GLU H 169 39.31 -6.51 -37.60
N PHE H 170 39.03 -7.72 -38.06
CA PHE H 170 37.86 -7.97 -38.90
C PHE H 170 36.58 -7.45 -38.22
N ARG H 171 36.33 -7.91 -37.01
CA ARG H 171 35.15 -7.50 -36.26
C ARG H 171 35.08 -5.99 -36.03
N ALA H 172 36.25 -5.36 -35.91
CA ALA H 172 36.30 -3.92 -35.67
C ALA H 172 35.71 -3.17 -36.86
N GLY H 173 35.99 -3.68 -38.05
CA GLY H 173 35.46 -3.09 -39.26
C GLY H 173 33.96 -3.22 -39.30
N LEU H 174 33.46 -4.35 -38.79
CA LEU H 174 32.03 -4.61 -38.79
C LEU H 174 31.26 -3.72 -37.80
N ARG H 175 31.84 -3.48 -36.63
CA ARG H 175 31.11 -2.74 -35.63
C ARG H 175 31.20 -1.22 -35.86
N LYS H 176 31.88 -0.82 -36.91
CA LYS H 176 31.87 0.59 -37.32
C LYS H 176 30.60 0.79 -38.15
N ASP H 177 29.99 -0.32 -38.56
CA ASP H 177 28.72 -0.30 -39.27
C ASP H 177 27.59 -0.88 -38.43
N GLY H 178 27.79 -0.96 -37.12
CA GLY H 178 26.79 -1.55 -36.25
C GLY H 178 26.50 -3.01 -36.59
N LEU H 179 27.52 -3.71 -37.06
CA LEU H 179 27.41 -5.14 -37.29
C LEU H 179 28.28 -5.87 -36.29
N GLY H 180 28.23 -7.19 -36.36
CA GLY H 180 29.13 -8.01 -35.58
C GLY H 180 29.30 -9.36 -36.23
N LEU H 181 30.10 -10.20 -35.62
CA LEU H 181 30.13 -11.62 -35.96
C LEU H 181 30.57 -12.40 -34.74
N PRO H 182 29.71 -12.44 -33.72
CA PRO H 182 30.01 -13.18 -32.48
C PRO H 182 30.30 -14.64 -32.77
N THR H 183 31.10 -15.28 -31.92
CA THR H 183 31.36 -16.71 -31.99
C THR H 183 31.02 -17.32 -30.65
N SER H 184 30.42 -18.51 -30.64
CA SER H 184 30.16 -19.19 -29.38
C SER H 184 31.12 -20.34 -29.20
N THR H 185 30.67 -21.56 -29.44
CA THR H 185 31.52 -22.70 -29.15
C THR H 185 30.84 -24.03 -29.42
N PRO H 186 31.61 -25.01 -29.91
CA PRO H 186 31.05 -26.37 -29.93
C PRO H 186 31.10 -26.90 -28.50
N ASP H 187 30.65 -28.13 -28.26
CA ASP H 187 30.81 -28.70 -26.93
C ASP H 187 32.21 -29.19 -26.75
N LEU H 188 32.83 -29.55 -27.87
CA LEU H 188 34.12 -30.22 -27.84
C LEU H 188 34.99 -29.84 -29.02
N ALA H 189 36.27 -29.61 -28.75
CA ALA H 189 37.28 -29.42 -29.79
C ALA H 189 38.42 -30.39 -29.56
N VAL H 190 38.85 -31.06 -30.63
CA VAL H 190 40.06 -31.85 -30.63
C VAL H 190 41.06 -31.00 -31.41
N VAL H 191 42.16 -30.61 -30.75
CA VAL H 191 43.23 -29.83 -31.34
C VAL H 191 44.57 -30.58 -31.28
N VAL H 192 45.48 -30.26 -32.20
CA VAL H 192 46.82 -30.88 -32.18
C VAL H 192 47.56 -30.42 -30.91
N LEU H 193 48.36 -31.30 -30.29
CA LEU H 193 49.07 -30.89 -29.07
C LEU H 193 50.11 -29.80 -29.35
N PRO H 194 49.98 -28.63 -28.71
CA PRO H 194 51.04 -27.65 -28.93
C PRO H 194 52.40 -28.28 -28.59
N GLU H 195 53.44 -27.82 -29.28
CA GLU H 195 54.78 -28.40 -29.13
C GLU H 195 55.33 -28.35 -27.70
N GLU H 196 55.04 -27.28 -26.99
CA GLU H 196 55.51 -27.15 -25.61
C GLU H 196 55.03 -28.31 -24.74
N PHE H 197 53.90 -28.92 -25.12
CA PHE H 197 53.29 -29.96 -24.28
C PHE H 197 53.55 -31.36 -24.79
N GLN H 198 54.24 -31.49 -25.92
CA GLN H 198 54.36 -32.79 -26.59
C GLN H 198 55.11 -33.89 -25.82
N ASN H 199 55.76 -33.55 -24.71
CA ASN H 199 56.32 -34.58 -23.84
C ASN H 199 55.59 -34.75 -22.52
N ASP H 200 54.54 -33.96 -22.30
CA ASP H 200 53.81 -33.96 -21.05
C ASP H 200 52.94 -35.21 -20.91
N GLU H 201 53.18 -35.98 -19.86
CA GLU H 201 52.58 -37.31 -19.68
C GLU H 201 51.05 -37.31 -19.46
N MET H 202 50.52 -36.17 -19.05
CA MET H 202 49.10 -36.07 -18.79
C MET H 202 48.25 -36.41 -20.03
N TRP H 203 48.76 -36.12 -21.21
CA TRP H 203 47.97 -36.29 -22.43
C TRP H 203 48.07 -37.72 -22.97
N ARG H 204 48.80 -38.57 -22.28
CA ARG H 204 49.01 -39.93 -22.76
C ARG H 204 48.50 -40.91 -21.72
N GLU H 205 47.87 -40.38 -20.69
CA GLU H 205 47.43 -41.21 -19.60
C GLU H 205 45.93 -41.42 -19.68
N GLU H 206 45.50 -42.68 -19.81
CA GLU H 206 44.08 -42.99 -19.83
C GLU H 206 43.55 -42.90 -18.39
N ILE H 207 42.40 -42.28 -18.20
CA ILE H 207 41.81 -42.17 -16.86
C ILE H 207 40.98 -43.41 -16.56
N ALA H 208 40.72 -43.67 -15.29
CA ALA H 208 40.08 -44.91 -14.90
C ALA H 208 38.58 -44.77 -14.68
N GLY H 209 38.11 -43.54 -14.57
CA GLY H 209 36.71 -43.32 -14.24
C GLY H 209 36.48 -41.85 -14.09
N LEU H 210 35.24 -41.47 -13.82
CA LEU H 210 34.87 -40.07 -13.68
C LEU H 210 34.76 -39.68 -12.22
N THR H 211 35.77 -40.03 -11.42
CA THR H 211 35.89 -39.45 -10.09
C THR H 211 35.94 -37.95 -10.27
N ARG H 212 35.60 -37.18 -9.23
CA ARG H 212 35.58 -35.73 -9.38
C ARG H 212 36.91 -35.09 -9.83
N PRO H 213 38.07 -35.62 -9.36
CA PRO H 213 39.36 -35.06 -9.80
C PRO H 213 39.53 -35.21 -11.31
N ASN H 214 39.14 -36.36 -11.80
CA ASN H 214 39.14 -36.60 -13.25
C ASN H 214 38.16 -35.69 -14.00
N GLN H 215 36.99 -35.47 -13.41
CA GLN H 215 36.02 -34.58 -14.02
C GLN H 215 36.66 -33.22 -14.18
N ILE H 216 37.32 -32.79 -13.10
CA ILE H 216 37.98 -31.49 -13.08
C ILE H 216 39.19 -31.51 -14.03
N LEU H 217 39.88 -32.65 -14.12
CA LEU H 217 41.00 -32.75 -15.05
C LEU H 217 40.53 -32.57 -16.52
N LEU H 218 39.45 -33.27 -16.89
CA LEU H 218 38.91 -33.15 -18.25
C LEU H 218 38.23 -31.79 -18.51
N SER H 219 37.41 -31.35 -17.57
CA SER H 219 36.69 -30.09 -17.79
C SER H 219 37.56 -28.84 -17.78
N GLY H 220 38.79 -28.96 -17.27
CA GLY H 220 39.66 -27.80 -17.17
C GLY H 220 40.78 -27.75 -18.21
N ALA H 221 40.92 -28.83 -18.97
CA ALA H 221 41.99 -28.92 -19.95
C ALA H 221 42.03 -27.76 -20.95
N TYR H 222 40.88 -27.27 -21.36
CA TYR H 222 40.87 -26.20 -22.36
C TYR H 222 41.67 -25.01 -21.86
N GLN H 223 41.85 -24.91 -20.54
CA GLN H 223 42.53 -23.75 -20.00
C GLN H 223 44.02 -23.80 -20.35
N ARG H 224 44.58 -24.99 -20.35
CA ARG H 224 45.99 -25.18 -20.67
C ARG H 224 46.34 -24.86 -22.12
N LEU H 225 45.33 -24.90 -22.98
CA LEU H 225 45.59 -24.73 -24.42
C LEU H 225 45.20 -23.38 -24.93
N GLN H 226 44.41 -22.64 -24.15
CA GLN H 226 43.94 -21.34 -24.59
C GLN H 226 45.10 -20.47 -25.06
N GLY H 227 44.92 -19.85 -26.21
CA GLY H 227 45.93 -18.96 -26.77
C GLY H 227 47.16 -19.68 -27.30
N ARG H 228 47.05 -20.99 -27.57
CA ARG H 228 48.18 -21.75 -28.07
C ARG H 228 47.91 -22.57 -29.33
N VAL H 229 46.72 -22.43 -29.91
CA VAL H 229 46.37 -23.25 -31.07
C VAL H 229 46.41 -22.42 -32.34
N GLN H 230 47.07 -22.95 -33.36
CA GLN H 230 47.12 -22.31 -34.67
C GLN H 230 45.78 -22.61 -35.36
N PRO H 231 45.33 -21.68 -36.20
CA PRO H 231 44.02 -21.79 -36.85
C PRO H 231 43.80 -23.12 -37.55
N GLY H 232 44.88 -23.76 -38.00
CA GLY H 232 44.79 -24.99 -38.74
C GLY H 232 44.97 -26.22 -37.87
N GLU H 233 45.14 -26.04 -36.57
CA GLU H 233 45.30 -27.16 -35.66
C GLU H 233 44.00 -27.55 -34.95
N ILE H 234 42.92 -26.84 -35.27
CA ILE H 234 41.59 -27.21 -34.80
C ILE H 234 41.08 -28.34 -35.70
N SER H 235 41.20 -29.56 -35.21
CA SER H 235 41.09 -30.74 -36.07
C SER H 235 39.68 -31.29 -36.18
N LEU H 236 38.92 -31.16 -35.10
CA LEU H 236 37.55 -31.65 -35.06
C LEU H 236 36.74 -30.90 -34.02
N ALA H 237 35.54 -30.48 -34.40
CA ALA H 237 34.60 -29.91 -33.45
C ALA H 237 33.42 -30.85 -33.35
N VAL H 238 32.87 -30.97 -32.15
CA VAL H 238 31.73 -31.86 -31.94
C VAL H 238 30.67 -31.17 -31.10
N ALA H 239 29.42 -31.30 -31.53
CA ALA H 239 28.27 -30.88 -30.74
C ALA H 239 27.53 -32.14 -30.31
N PHE H 240 27.18 -32.23 -29.02
CA PHE H 240 26.43 -33.37 -28.47
C PHE H 240 24.98 -32.99 -28.20
N LYS H 241 24.04 -33.83 -28.65
CA LYS H 241 22.61 -33.60 -28.41
C LYS H 241 21.95 -34.92 -28.17
N ARG H 242 21.58 -35.20 -26.92
CA ARG H 242 21.17 -36.55 -26.60
C ARG H 242 20.03 -37.01 -27.52
N SER H 243 19.00 -36.17 -27.63
CA SER H 243 17.93 -36.32 -28.61
C SER H 243 17.85 -35.06 -29.46
N LEU H 244 17.14 -35.17 -30.58
CA LEU H 244 16.95 -34.05 -31.51
C LEU H 244 15.48 -33.63 -31.56
N ARG H 245 15.26 -32.38 -31.91
CA ARG H 245 13.93 -31.92 -32.29
C ARG H 245 14.25 -31.04 -33.49
N SER H 246 13.28 -30.73 -34.32
CA SER H 246 13.60 -30.04 -35.57
C SER H 246 14.08 -28.62 -35.28
N ASP H 247 13.64 -28.05 -34.18
CA ASP H 247 14.04 -26.71 -33.79
C ASP H 247 15.37 -26.70 -33.02
N ARG H 248 15.84 -27.85 -32.56
CA ARG H 248 17.11 -27.92 -31.81
C ARG H 248 18.34 -28.35 -32.66
N LEU H 249 18.30 -28.07 -33.96
CA LEU H 249 19.35 -28.54 -34.85
C LEU H 249 20.32 -27.42 -35.21
N TYR H 250 19.90 -26.17 -35.03
CA TYR H 250 20.59 -25.04 -35.68
C TYR H 250 21.83 -24.39 -35.05
N GLN H 251 21.97 -24.48 -33.74
CA GLN H 251 23.17 -23.92 -33.10
C GLN H 251 24.48 -24.54 -33.65
N PRO H 252 24.56 -25.88 -33.73
CA PRO H 252 25.84 -26.40 -34.23
C PRO H 252 25.99 -26.14 -35.71
N LEU H 253 24.89 -26.09 -36.45
CA LEU H 253 24.96 -25.80 -37.88
C LEU H 253 25.40 -24.36 -38.13
N TYR H 254 24.81 -23.41 -37.39
CA TYR H 254 25.19 -22.01 -37.52
C TYR H 254 26.65 -21.82 -37.09
N GLU H 255 27.04 -22.44 -36.00
CA GLU H 255 28.36 -22.22 -35.45
C GLU H 255 29.44 -22.73 -36.40
N ALA H 256 29.20 -23.90 -36.99
CA ALA H 256 30.11 -24.47 -37.96
C ALA H 256 30.32 -23.51 -39.12
N ASN H 257 29.25 -22.89 -39.60
CA ASN H 257 29.36 -21.91 -40.66
C ASN H 257 30.28 -20.75 -40.28
N VAL H 258 30.09 -20.20 -39.10
CA VAL H 258 30.96 -19.14 -38.62
C VAL H 258 32.40 -19.62 -38.46
N MET H 259 32.56 -20.83 -37.92
CA MET H 259 33.90 -21.41 -37.78
C MET H 259 34.57 -21.54 -39.14
N GLN H 260 33.80 -21.92 -40.15
CA GLN H 260 34.39 -22.05 -41.48
C GLN H 260 34.73 -20.70 -42.09
N LEU H 261 33.87 -19.72 -41.89
CA LEU H 261 34.11 -18.37 -42.41
C LEU H 261 35.42 -17.83 -41.86
N LEU H 262 35.59 -17.90 -40.54
CA LEU H 262 36.79 -17.37 -39.91
C LEU H 262 38.03 -18.25 -40.15
N LEU H 263 37.96 -19.53 -39.80
CA LEU H 263 39.11 -20.41 -39.99
C LEU H 263 39.51 -20.54 -41.46
N GLU H 264 38.62 -21.04 -42.30
CA GLU H 264 38.93 -21.20 -43.71
C GLU H 264 39.01 -19.82 -44.39
N GLY H 265 37.94 -19.05 -44.30
CA GLY H 265 37.87 -17.74 -44.93
C GLY H 265 39.03 -16.83 -44.62
N LYS H 266 39.13 -16.43 -43.36
CA LYS H 266 40.07 -15.37 -42.97
C LYS H 266 41.45 -15.85 -42.52
N LEU H 267 41.57 -17.11 -42.13
CA LEU H 267 42.82 -17.57 -41.52
C LEU H 267 43.50 -18.68 -42.32
N GLY H 268 42.98 -18.96 -43.52
CA GLY H 268 43.59 -19.87 -44.45
C GLY H 268 43.63 -21.34 -44.08
N ALA H 269 42.97 -21.70 -42.98
CA ALA H 269 42.98 -23.08 -42.53
C ALA H 269 42.29 -24.01 -43.52
N PRO H 270 42.62 -25.30 -43.44
CA PRO H 270 41.96 -26.33 -44.24
C PRO H 270 40.50 -26.48 -43.82
N LYS H 271 39.81 -27.43 -44.43
CA LYS H 271 38.40 -27.71 -44.14
C LYS H 271 38.14 -27.97 -42.66
N VAL H 272 37.34 -27.13 -42.02
CA VAL H 272 36.93 -27.34 -40.63
C VAL H 272 35.97 -28.54 -40.51
N GLU H 273 36.38 -29.56 -39.77
CA GLU H 273 35.58 -30.77 -39.56
C GLU H 273 34.69 -30.64 -38.31
N PHE H 274 33.37 -30.62 -38.51
CA PHE H 274 32.45 -30.36 -37.42
C PHE H 274 31.31 -31.39 -37.49
N GLU H 275 31.19 -32.24 -36.47
CA GLU H 275 30.13 -33.24 -36.48
C GLU H 275 29.19 -33.10 -35.29
N VAL H 276 28.00 -33.68 -35.44
CA VAL H 276 27.01 -33.72 -34.37
C VAL H 276 26.78 -35.17 -33.93
N HIS H 277 26.75 -35.41 -32.62
CA HIS H 277 26.37 -36.73 -32.07
C HIS H 277 25.03 -36.68 -31.37
N THR H 278 24.23 -37.71 -31.58
CA THR H 278 22.96 -37.86 -30.87
C THR H 278 22.73 -39.34 -30.58
N LEU H 279 21.92 -39.61 -29.56
CA LEU H 279 21.48 -40.97 -29.27
C LEU H 279 20.11 -41.23 -29.91
N ALA H 280 19.34 -40.18 -30.18
CA ALA H 280 17.99 -40.34 -30.70
C ALA H 280 17.55 -39.20 -31.63
N PRO H 281 17.70 -39.40 -32.94
CA PRO H 281 17.20 -38.39 -33.88
C PRO H 281 15.70 -38.34 -33.75
N GLU H 282 15.13 -39.29 -33.01
CA GLU H 282 13.70 -39.41 -32.86
C GLU H 282 13.11 -39.43 -34.25
N GLY H 283 12.10 -38.62 -34.47
CA GLY H 283 11.54 -38.48 -35.80
C GLY H 283 11.74 -37.07 -36.29
N THR H 284 12.98 -36.74 -36.64
CA THR H 284 13.29 -35.46 -37.24
C THR H 284 13.93 -35.76 -38.59
N ASN H 285 13.95 -34.76 -39.46
CA ASN H 285 14.61 -34.94 -40.74
C ASN H 285 16.06 -34.46 -40.67
N ALA H 286 16.76 -34.84 -39.60
CA ALA H 286 18.06 -34.23 -39.29
C ALA H 286 19.17 -34.60 -40.27
N PHE H 287 19.07 -35.76 -40.90
CA PHE H 287 20.11 -36.16 -41.83
C PHE H 287 20.12 -35.29 -43.08
N VAL H 288 18.94 -34.82 -43.48
CA VAL H 288 18.81 -33.95 -44.65
C VAL H 288 19.25 -32.53 -44.29
N THR H 289 18.83 -32.09 -43.11
CA THR H 289 19.23 -30.76 -42.63
C THR H 289 20.75 -30.60 -42.61
N TYR H 290 21.46 -31.64 -42.16
CA TYR H 290 22.91 -31.57 -42.03
C TYR H 290 23.65 -31.95 -43.30
N GLU H 291 22.95 -31.91 -44.42
CA GLU H 291 23.56 -32.08 -45.73
C GLU H 291 23.91 -30.70 -46.28
N ALA H 292 23.58 -29.66 -45.52
CA ALA H 292 23.68 -28.29 -46.01
C ALA H 292 25.11 -27.81 -46.27
N ALA H 293 25.32 -27.29 -47.47
CA ALA H 293 26.61 -26.74 -47.88
C ALA H 293 27.00 -25.57 -46.98
N SER H 294 28.28 -25.49 -46.64
CA SER H 294 28.80 -24.33 -45.92
C SER H 294 28.46 -23.07 -46.67
N LEU H 295 27.95 -22.07 -45.96
CA LEU H 295 27.44 -20.86 -46.60
C LEU H 295 28.55 -19.93 -47.11
N TYR H 296 29.68 -19.87 -46.40
N TYR H 296 29.63 -19.87 -46.34
CA TYR H 296 30.70 -18.91 -46.82
CA TYR H 296 30.83 -19.11 -46.67
C TYR H 296 31.47 -19.32 -48.09
C TYR H 296 31.26 -19.37 -48.09
N GLY H 297 31.66 -20.62 -48.32
CA GLY H 297 32.30 -21.06 -49.55
C GLY H 297 31.32 -21.23 -50.69
N LEU H 298 30.04 -21.11 -50.39
CA LEU H 298 29.04 -21.14 -51.45
C LEU H 298 29.12 -19.83 -52.16
N ALA H 299 29.29 -18.76 -51.39
CA ALA H 299 29.56 -17.44 -51.95
C ALA H 299 31.06 -17.27 -52.15
N GLU H 300 31.65 -18.17 -52.95
CA GLU H 300 33.09 -18.15 -53.21
C GLU H 300 33.40 -18.73 -54.59
N GLY H 301 33.57 -20.04 -54.67
CA GLY H 301 33.87 -20.71 -55.93
N ALA H 304 36.16 -24.62 -53.51
CA ALA H 304 35.62 -25.96 -53.31
C ALA H 304 34.69 -26.00 -52.11
N VAL H 305 33.43 -26.35 -52.36
CA VAL H 305 32.41 -26.27 -51.31
C VAL H 305 32.13 -27.62 -50.66
N HIS H 306 32.04 -27.60 -49.33
CA HIS H 306 31.80 -28.81 -48.56
C HIS H 306 30.65 -28.58 -47.59
N ARG H 307 30.17 -29.65 -46.96
CA ARG H 307 29.14 -29.53 -45.95
C ARG H 307 29.59 -28.65 -44.77
N ALA H 308 28.64 -27.93 -44.17
CA ALA H 308 28.96 -27.20 -42.96
C ALA H 308 29.20 -28.22 -41.83
N ILE H 309 28.32 -29.21 -41.74
CA ILE H 309 28.43 -30.27 -40.74
C ILE H 309 28.75 -31.56 -41.48
N ARG H 310 29.80 -32.24 -41.06
CA ARG H 310 30.38 -33.32 -41.84
C ARG H 310 29.59 -34.62 -41.72
N GLU H 311 28.92 -34.80 -40.60
CA GLU H 311 28.13 -36.01 -40.39
C GLU H 311 27.27 -35.88 -39.13
N LEU H 312 26.10 -36.49 -39.17
CA LEU H 312 25.31 -36.68 -37.96
C LEU H 312 25.52 -38.11 -37.54
N TYR H 313 26.07 -38.31 -36.35
CA TYR H 313 26.51 -39.63 -35.91
C TYR H 313 25.70 -40.10 -34.72
N VAL H 314 25.30 -41.36 -34.74
CA VAL H 314 24.46 -41.99 -33.74
C VAL H 314 25.17 -43.21 -33.19
N PRO H 315 26.04 -43.01 -32.19
CA PRO H 315 26.85 -44.12 -31.69
C PRO H 315 26.01 -45.25 -31.12
N PRO H 316 26.16 -46.49 -31.62
CA PRO H 316 25.42 -47.64 -31.06
C PRO H 316 25.97 -48.04 -29.70
N THR H 317 27.29 -47.98 -29.56
CA THR H 317 27.98 -48.40 -28.34
C THR H 317 29.18 -47.49 -28.06
N ALA H 318 29.64 -47.50 -26.81
CA ALA H 318 30.85 -46.74 -26.48
C ALA H 318 31.99 -47.23 -27.34
N ALA H 319 32.04 -48.55 -27.58
CA ALA H 319 33.12 -49.11 -28.39
C ALA H 319 33.14 -48.54 -29.80
N ASP H 320 31.96 -48.38 -30.41
CA ASP H 320 31.90 -47.83 -31.76
C ASP H 320 32.37 -46.40 -31.79
N LEU H 321 32.02 -45.64 -30.75
CA LEU H 321 32.47 -44.26 -30.62
C LEU H 321 33.99 -44.22 -30.61
N ALA H 322 34.60 -45.14 -29.86
CA ALA H 322 36.07 -45.19 -29.78
C ALA H 322 36.65 -45.57 -31.14
N ARG H 323 36.16 -46.66 -31.72
CA ARG H 323 36.57 -47.06 -33.07
C ARG H 323 36.51 -45.92 -34.08
N ARG H 324 35.44 -45.14 -34.02
CA ARG H 324 35.24 -44.09 -35.01
C ARG H 324 36.31 -43.00 -34.87
N PHE H 325 36.53 -42.56 -33.64
CA PHE H 325 37.48 -41.50 -33.38
C PHE H 325 38.90 -41.96 -33.74
N PHE H 326 39.25 -43.18 -33.39
CA PHE H 326 40.56 -43.71 -33.80
C PHE H 326 40.69 -43.66 -35.30
N ALA H 327 39.61 -44.03 -35.99
CA ALA H 327 39.64 -44.10 -37.45
C ALA H 327 39.82 -42.69 -37.99
N PHE H 328 39.08 -41.75 -37.41
CA PHE H 328 39.16 -40.37 -37.83
C PHE H 328 40.59 -39.82 -37.67
N LEU H 329 41.19 -40.07 -36.52
CA LEU H 329 42.54 -39.55 -36.25
C LEU H 329 43.54 -40.10 -37.28
N ASN H 330 43.47 -41.41 -37.49
CA ASN H 330 44.32 -42.09 -38.45
C ASN H 330 44.30 -41.39 -39.81
N GLU H 331 43.12 -40.93 -40.24
CA GLU H 331 43.05 -40.21 -41.49
C GLU H 331 43.41 -38.73 -41.35
N ARG H 332 42.73 -38.01 -40.46
CA ARG H 332 42.92 -36.56 -40.34
C ARG H 332 44.32 -36.09 -39.96
N MET H 333 45.03 -36.90 -39.17
CA MET H 333 46.37 -36.51 -38.71
C MET H 333 47.45 -36.74 -39.77
N GLU H 334 47.05 -37.26 -40.93
CA GLU H 334 47.97 -37.40 -42.04
C GLU H 334 48.34 -36.02 -42.56
N LEU H 335 47.41 -35.08 -42.42
CA LEU H 335 47.64 -33.70 -42.84
C LEU H 335 48.73 -33.02 -42.00
N VAL H 336 49.22 -33.70 -40.97
CA VAL H 336 50.20 -33.10 -40.08
C VAL H 336 51.60 -33.66 -40.32
N ASN H 337 52.55 -32.78 -40.60
CA ASN H 337 53.95 -33.19 -40.81
C ASN H 337 54.50 -33.88 -39.57
N GLY H 338 54.93 -35.12 -39.74
CA GLY H 338 55.53 -35.89 -38.67
C GLY H 338 56.69 -35.20 -37.96
CA CA Q . -17.01 -33.77 19.37
CA CA R . -15.52 -26.86 21.90
CA CA S . -6.94 -31.06 30.63
CA CA T . -7.73 -52.15 17.78
CA CA U . -8.81 -58.98 14.44
CA CA V . -21.83 -57.72 14.84
CA CA W . -6.76 19.51 33.55
CA CA X . -14.25 20.41 34.99
CA CA Y . -12.02 29.85 43.74
CA CA Z . 10.57 30.71 33.97
CA CA AA . 17.85 30.13 31.77
CA CA BA . 18.19 17.17 32.40
CA CA CA . -9.48 33.11 -25.09
CA CA DA . -6.56 26.34 -26.76
CA CA EA . -3.45 52.11 -19.76
CA CA FA . -6.51 58.64 -17.03
CA CA GA . -18.14 56.52 -23.05
CA CA HA . 8.62 -19.64 -33.45
CA CA IA . 2.30 -21.07 -37.57
CA CA JA . 25.43 -29.78 -26.72
CA CA KA . 31.14 -28.78 -21.80
CA CA LA . 30.72 -15.80 -22.93
#